data_7VCV
#
_entry.id   7VCV
#
_cell.length_a   1.00
_cell.length_b   1.00
_cell.length_c   1.00
_cell.angle_alpha   90.00
_cell.angle_beta   90.00
_cell.angle_gamma   90.00
#
_symmetry.space_group_name_H-M   'P 1'
#
loop_
_entity.id
_entity.type
_entity.pdbx_description
1 polymer 'Transitional endoplasmic reticulum ATPase'
2 non-polymer 'PHOSPHOTHIOPHOSPHORIC ACID-ADENYLATE ESTER'
3 non-polymer 'MAGNESIUM ION'
#
_entity_poly.entity_id   1
_entity_poly.type   'polypeptide(L)'
_entity_poly.pdbx_seq_one_letter_code
;MASGADSKGDDLSTAILKQKNRPNRLIVDEAINEDNSVVSLSQPKMDELQLFRGDTVLLKGKKRREAVCIVLSDDTCSDE
KIRMNRVVRNNLRVRLGDVISIQPCPDVKYGKRIHVLPIDDTVEGITGNLFEVYLKPYFLEAYRPIRKGDIFLVRGGMRA
VEFKVVETDPSPYCIVAPDTVIHCEGEPIKREDEEESLNEVGYDDIGGCRKQLAQIKEMVELPLRHPALFKAIGVKPPRG
ILLYGPPGTGKTLIARAVANETGAFFFLINGPEIMSKLAGESESNLRKAFEEAEKNAPAIIFIDELDAIAPKREKTHGEV
ERRIVSQLLTLMDGLKQRAHVIVMAATNRPNSIDPALRRFGRFDREVDIGIPDATGRLEILQIHTKNMKLADDVDLEQVA
NETHGHVGADLAALCSEAALQAIRKKMDLIDLEDETIDAEVMNSLAVTMDDFRWALSQSNPSALRETVVEVPQVTWEDIG
GLEDVKRELQELVQYPVEHPDKFLKFGMTPSKGVLFYGPPGCGKTLLAKAIANECQANFISIKGPELLTMWFGESEANVR
EIFDKARQAAPCVLFFDELDSIAKARGGNIGDGGGAADRVINQILTEMDGMSTKKNVFIIGATNRPDIIDPAILRPGRLD
QLIYIPLPDEKSRVAILKANLRKSPVAKDVDLEFLAKMTNGFSGADLTEICQRACKLAIRESIESEIRRERERQTNPSAM
EVEEDDPVPEIRRDHFEEAMRFARRSVSDNDIRKYEMFAQTLQQSRGFGSFRFPSGNQGGAGPSQGSGGGTGGSVYTEDN
DDDLYGHHHHHH
;
_entity_poly.pdbx_strand_id   A,F,E,D,C,B
#
loop_
_chem_comp.id
_chem_comp.type
_chem_comp.name
_chem_comp.formula
AGS non-polymer 'PHOSPHOTHIOPHOSPHORIC ACID-ADENYLATE ESTER' 'C10 H16 N5 O12 P3 S'
MG non-polymer 'MAGNESIUM ION' 'Mg 2'
#
# COMPACT_ATOMS: atom_id res chain seq x y z
N LEU A 12 -48.15 -21.22 -11.02
CA LEU A 12 -47.68 -21.67 -12.32
C LEU A 12 -46.19 -21.46 -12.47
N SER A 13 -45.55 -21.09 -11.36
CA SER A 13 -44.11 -20.83 -11.38
C SER A 13 -43.32 -22.12 -11.53
N THR A 14 -43.87 -23.23 -11.04
CA THR A 14 -43.26 -24.55 -11.20
C THR A 14 -44.09 -25.45 -12.10
N ALA A 15 -44.75 -24.88 -13.10
CA ALA A 15 -45.65 -25.65 -13.95
C ALA A 15 -44.93 -26.54 -14.94
N ILE A 16 -43.63 -26.32 -15.18
CA ILE A 16 -42.92 -27.14 -16.15
C ILE A 16 -42.49 -28.47 -15.55
N LEU A 17 -42.59 -28.63 -14.23
CA LEU A 17 -42.24 -29.88 -13.56
C LEU A 17 -43.42 -30.81 -13.39
N LYS A 18 -44.49 -30.62 -14.15
CA LYS A 18 -45.65 -31.51 -14.07
C LYS A 18 -45.52 -32.61 -15.12
N GLN A 19 -45.97 -33.82 -14.74
CA GLN A 19 -45.64 -34.98 -15.57
C GLN A 19 -46.60 -35.16 -16.75
N LYS A 20 -47.80 -34.58 -16.69
CA LYS A 20 -48.76 -34.55 -17.80
C LYS A 20 -49.17 -35.96 -18.24
N ASN A 21 -49.97 -36.61 -17.40
CA ASN A 21 -50.42 -37.98 -17.68
C ASN A 21 -51.30 -38.04 -18.93
N ARG A 22 -51.02 -39.03 -19.76
CA ARG A 22 -51.55 -39.24 -21.10
C ARG A 22 -52.03 -40.68 -21.23
N PRO A 23 -52.86 -41.00 -22.27
CA PRO A 23 -53.29 -42.38 -22.48
C PRO A 23 -52.20 -43.42 -22.71
N ASN A 24 -51.01 -43.00 -23.17
CA ASN A 24 -49.90 -43.92 -23.37
C ASN A 24 -48.95 -43.98 -22.19
N ARG A 25 -49.41 -43.59 -21.00
CA ARG A 25 -48.59 -43.65 -19.80
C ARG A 25 -48.88 -44.95 -19.06
N LEU A 26 -47.83 -45.64 -18.67
CA LEU A 26 -47.92 -46.97 -18.10
C LEU A 26 -47.11 -47.01 -16.81
N ILE A 27 -47.79 -47.27 -15.69
CA ILE A 27 -47.15 -47.38 -14.39
C ILE A 27 -46.70 -48.83 -14.21
N VAL A 28 -45.51 -49.03 -13.65
CA VAL A 28 -44.98 -50.37 -13.52
C VAL A 28 -45.68 -51.10 -12.39
N ASP A 29 -45.60 -52.43 -12.44
CA ASP A 29 -46.11 -53.30 -11.39
C ASP A 29 -45.34 -54.62 -11.51
N GLU A 30 -45.51 -55.48 -10.51
CA GLU A 30 -44.80 -56.76 -10.48
C GLU A 30 -45.40 -57.73 -11.49
N ALA A 31 -44.54 -58.46 -12.20
CA ALA A 31 -44.96 -59.47 -13.15
C ALA A 31 -44.54 -60.85 -12.70
N ILE A 32 -45.39 -61.84 -12.98
CA ILE A 32 -45.14 -63.22 -12.54
C ILE A 32 -44.47 -64.09 -13.60
N ASN A 33 -44.19 -63.53 -14.77
CA ASN A 33 -43.49 -64.29 -15.81
C ASN A 33 -41.99 -64.15 -15.64
N GLU A 34 -41.30 -65.29 -15.57
CA GLU A 34 -39.84 -65.28 -15.47
C GLU A 34 -39.16 -65.00 -16.80
N ASP A 35 -39.91 -64.96 -17.89
CA ASP A 35 -39.34 -64.60 -19.18
C ASP A 35 -39.00 -63.11 -19.19
N ASN A 36 -37.84 -62.80 -19.79
CA ASN A 36 -37.28 -61.46 -19.76
C ASN A 36 -37.59 -60.67 -21.02
N SER A 37 -38.71 -60.97 -21.67
CA SER A 37 -39.15 -60.19 -22.83
C SER A 37 -40.66 -60.00 -22.81
N VAL A 38 -41.26 -59.97 -21.62
CA VAL A 38 -42.71 -59.94 -21.48
C VAL A 38 -43.13 -58.53 -21.05
N VAL A 39 -44.28 -58.09 -21.56
CA VAL A 39 -45.03 -56.99 -20.99
C VAL A 39 -46.45 -57.48 -20.77
N SER A 40 -47.19 -56.76 -19.93
CA SER A 40 -48.58 -57.08 -19.65
C SER A 40 -49.42 -55.89 -20.06
N LEU A 41 -50.15 -56.02 -21.17
CA LEU A 41 -51.07 -54.98 -21.60
C LEU A 41 -52.47 -55.55 -21.79
N SER A 42 -53.45 -54.71 -21.48
CA SER A 42 -54.85 -55.05 -21.64
C SER A 42 -55.27 -54.92 -23.10
N GLN A 43 -56.38 -55.56 -23.43
CA GLN A 43 -56.91 -55.57 -24.79
C GLN A 43 -57.39 -54.20 -25.28
N PRO A 44 -58.08 -53.35 -24.49
CA PRO A 44 -58.33 -52.00 -25.01
C PRO A 44 -57.08 -51.15 -25.15
N LYS A 45 -56.00 -51.47 -24.43
CA LYS A 45 -54.75 -50.76 -24.63
C LYS A 45 -54.12 -51.11 -25.97
N MET A 46 -54.16 -52.40 -26.34
CA MET A 46 -53.60 -52.81 -27.62
C MET A 46 -54.49 -52.41 -28.79
N ASP A 47 -55.81 -52.40 -28.60
CA ASP A 47 -56.71 -51.85 -29.61
C ASP A 47 -56.73 -50.34 -29.61
N GLU A 48 -56.15 -49.70 -28.58
CA GLU A 48 -56.14 -48.25 -28.47
C GLU A 48 -54.99 -47.64 -29.27
N LEU A 49 -53.77 -48.10 -29.00
CA LEU A 49 -52.58 -47.64 -29.70
C LEU A 49 -52.30 -48.44 -30.98
N GLN A 50 -53.28 -49.25 -31.41
CA GLN A 50 -53.19 -50.12 -32.60
C GLN A 50 -52.01 -51.09 -32.47
N LEU A 51 -51.78 -51.57 -31.26
CA LEU A 51 -50.70 -52.52 -31.00
C LEU A 51 -51.21 -53.90 -31.36
N PHE A 52 -50.77 -54.44 -32.48
CA PHE A 52 -51.14 -55.79 -32.86
C PHE A 52 -50.25 -56.76 -32.10
N ARG A 53 -50.71 -58.00 -31.98
CA ARG A 53 -50.02 -58.98 -31.16
C ARG A 53 -48.70 -59.38 -31.78
N GLY A 54 -47.61 -59.20 -31.04
CA GLY A 54 -46.28 -59.46 -31.53
C GLY A 54 -45.51 -58.25 -31.95
N ASP A 55 -46.03 -57.05 -31.72
CA ASP A 55 -45.31 -55.82 -32.02
C ASP A 55 -44.17 -55.60 -31.04
N THR A 56 -43.24 -54.76 -31.46
CA THR A 56 -42.10 -54.35 -30.66
C THR A 56 -42.24 -52.85 -30.38
N VAL A 57 -42.48 -52.51 -29.14
CA VAL A 57 -42.68 -51.12 -28.76
C VAL A 57 -41.36 -50.55 -28.26
N LEU A 58 -41.29 -49.23 -28.21
CA LEU A 58 -40.10 -48.52 -27.76
C LEU A 58 -40.40 -47.91 -26.40
N LEU A 59 -39.84 -48.50 -25.35
CA LEU A 59 -40.09 -48.09 -23.97
C LEU A 59 -39.03 -47.08 -23.55
N LYS A 60 -39.47 -46.00 -22.91
CA LYS A 60 -38.57 -44.92 -22.50
C LYS A 60 -38.64 -44.75 -20.99
N GLY A 61 -37.50 -44.82 -20.33
CA GLY A 61 -37.46 -44.65 -18.89
C GLY A 61 -36.80 -43.37 -18.45
N LYS A 62 -35.90 -43.47 -17.47
CA LYS A 62 -35.24 -42.33 -16.87
C LYS A 62 -33.77 -42.33 -17.24
N LYS A 63 -33.18 -41.13 -17.23
CA LYS A 63 -31.76 -40.88 -17.58
C LYS A 63 -31.42 -41.40 -18.98
N ARG A 64 -32.36 -41.23 -19.90
CA ARG A 64 -32.26 -41.57 -21.32
C ARG A 64 -32.03 -43.05 -21.59
N ARG A 65 -32.27 -43.92 -20.63
CA ARG A 65 -32.23 -45.35 -20.87
C ARG A 65 -33.51 -45.77 -21.59
N GLU A 66 -33.37 -46.68 -22.54
CA GLU A 66 -34.52 -47.22 -23.26
C GLU A 66 -34.49 -48.74 -23.24
N ALA A 67 -35.58 -49.32 -23.72
CA ALA A 67 -35.72 -50.77 -23.81
C ALA A 67 -36.77 -51.10 -24.86
N VAL A 68 -36.67 -52.30 -25.40
CA VAL A 68 -37.65 -52.86 -26.33
C VAL A 68 -38.03 -54.26 -25.89
N CYS A 69 -39.31 -54.57 -25.99
CA CYS A 69 -39.82 -55.90 -25.71
C CYS A 69 -40.95 -56.20 -26.70
N ILE A 70 -41.12 -57.47 -27.00
CA ILE A 70 -42.25 -57.92 -27.80
C ILE A 70 -43.50 -57.96 -26.92
N VAL A 71 -44.62 -57.51 -27.48
CA VAL A 71 -45.83 -57.25 -26.69
C VAL A 71 -46.68 -58.52 -26.65
N LEU A 72 -47.34 -58.73 -25.51
CA LEU A 72 -48.29 -59.82 -25.33
C LEU A 72 -49.60 -59.25 -24.81
N SER A 73 -50.68 -60.01 -24.99
CA SER A 73 -52.01 -59.58 -24.57
C SER A 73 -52.36 -60.27 -23.24
N ASP A 74 -51.83 -59.71 -22.15
CA ASP A 74 -52.13 -60.18 -20.81
C ASP A 74 -53.36 -59.42 -20.32
N ASP A 75 -54.53 -60.05 -20.45
CA ASP A 75 -55.81 -59.37 -20.24
C ASP A 75 -56.18 -59.22 -18.77
N THR A 76 -55.47 -59.86 -17.85
CA THR A 76 -55.69 -59.62 -16.43
C THR A 76 -54.94 -58.39 -15.92
N CYS A 77 -54.22 -57.69 -16.80
CA CYS A 77 -53.62 -56.42 -16.44
C CYS A 77 -54.65 -55.31 -16.45
N SER A 78 -54.35 -54.23 -15.72
CA SER A 78 -55.24 -53.09 -15.67
C SER A 78 -54.91 -52.10 -16.79
N ASP A 79 -55.89 -51.24 -17.10
CA ASP A 79 -55.75 -50.27 -18.17
C ASP A 79 -54.77 -49.14 -17.85
N GLU A 80 -54.41 -48.98 -16.57
CA GLU A 80 -53.58 -47.88 -16.12
C GLU A 80 -52.18 -48.30 -15.71
N LYS A 81 -51.86 -49.59 -15.78
CA LYS A 81 -50.58 -50.09 -15.32
C LYS A 81 -49.94 -51.00 -16.35
N ILE A 82 -48.75 -51.48 -16.03
CA ILE A 82 -48.03 -52.48 -16.82
C ILE A 82 -47.20 -53.30 -15.85
N ARG A 83 -46.90 -54.54 -16.23
CA ARG A 83 -46.19 -55.47 -15.35
C ARG A 83 -44.93 -55.99 -16.06
N MET A 84 -43.80 -55.91 -15.36
CA MET A 84 -42.51 -56.32 -15.90
C MET A 84 -41.65 -56.83 -14.75
N ASN A 85 -40.53 -57.46 -15.10
CA ASN A 85 -39.65 -58.09 -14.11
C ASN A 85 -38.60 -57.09 -13.61
N ARG A 86 -37.58 -57.60 -12.92
CA ARG A 86 -36.51 -56.73 -12.44
C ARG A 86 -35.51 -56.41 -13.54
N VAL A 87 -35.45 -57.23 -14.59
CA VAL A 87 -34.46 -57.03 -15.64
C VAL A 87 -34.78 -55.77 -16.44
N VAL A 88 -36.05 -55.59 -16.80
CA VAL A 88 -36.44 -54.41 -17.55
C VAL A 88 -36.41 -53.18 -16.65
N ARG A 89 -36.78 -53.34 -15.37
CA ARG A 89 -36.75 -52.23 -14.43
C ARG A 89 -35.35 -51.83 -14.01
N ASN A 90 -34.36 -52.68 -14.22
CA ASN A 90 -32.97 -52.22 -14.11
C ASN A 90 -32.42 -51.76 -15.44
N ASN A 91 -33.03 -52.15 -16.56
CA ASN A 91 -32.61 -51.58 -17.83
C ASN A 91 -33.28 -50.24 -18.12
N LEU A 92 -34.28 -49.84 -17.33
CA LEU A 92 -34.95 -48.57 -17.50
C LEU A 92 -34.82 -47.65 -16.30
N ARG A 93 -34.11 -48.08 -15.25
CA ARG A 93 -33.71 -47.25 -14.11
C ARG A 93 -34.91 -46.68 -13.36
N VAL A 94 -35.98 -47.46 -13.22
CA VAL A 94 -37.19 -47.01 -12.55
C VAL A 94 -37.40 -47.82 -11.28
N ARG A 95 -38.15 -47.25 -10.36
CA ARG A 95 -38.57 -47.93 -9.15
C ARG A 95 -39.98 -48.45 -9.34
N LEU A 96 -40.55 -48.99 -8.27
CA LEU A 96 -41.92 -49.49 -8.30
C LEU A 96 -42.88 -48.34 -8.04
N GLY A 97 -43.58 -47.91 -9.08
CA GLY A 97 -44.45 -46.76 -8.98
C GLY A 97 -43.93 -45.55 -9.73
N ASP A 98 -43.38 -45.77 -10.92
CA ASP A 98 -42.89 -44.70 -11.78
C ASP A 98 -43.40 -44.89 -13.20
N VAL A 99 -43.73 -43.78 -13.86
CA VAL A 99 -44.33 -43.84 -15.19
C VAL A 99 -43.26 -44.11 -16.24
N ILE A 100 -43.67 -44.78 -17.32
CA ILE A 100 -42.80 -45.12 -18.44
C ILE A 100 -43.59 -44.94 -19.72
N SER A 101 -43.06 -44.12 -20.63
CA SER A 101 -43.71 -43.91 -21.92
C SER A 101 -43.57 -45.14 -22.80
N ILE A 102 -44.56 -45.35 -23.65
CA ILE A 102 -44.53 -46.42 -24.64
C ILE A 102 -44.68 -45.79 -26.02
N GLN A 103 -44.00 -46.36 -27.00
CA GLN A 103 -44.08 -45.85 -28.35
C GLN A 103 -44.09 -47.01 -29.34
N PRO A 104 -45.12 -47.11 -30.18
CA PRO A 104 -45.13 -48.16 -31.22
C PRO A 104 -44.12 -47.84 -32.33
N CYS A 105 -43.01 -48.57 -32.31
CA CYS A 105 -41.94 -48.40 -33.29
C CYS A 105 -41.68 -49.74 -33.95
N PRO A 106 -42.40 -50.05 -35.03
CA PRO A 106 -42.22 -51.35 -35.69
C PRO A 106 -41.15 -51.33 -36.77
N ASP A 107 -40.30 -50.30 -36.77
CA ASP A 107 -39.23 -50.17 -37.76
C ASP A 107 -38.16 -51.22 -37.46
N VAL A 108 -38.38 -52.41 -37.98
CA VAL A 108 -37.54 -53.57 -37.68
C VAL A 108 -36.56 -53.78 -38.82
N LYS A 109 -35.28 -53.74 -38.50
CA LYS A 109 -34.22 -54.21 -39.38
C LYS A 109 -33.33 -55.17 -38.61
N TYR A 110 -32.82 -56.18 -39.30
CA TYR A 110 -32.02 -57.21 -38.66
C TYR A 110 -30.59 -56.75 -38.48
N GLY A 111 -29.90 -57.42 -37.56
CA GLY A 111 -28.52 -57.12 -37.28
C GLY A 111 -27.56 -57.99 -38.08
N LYS A 112 -26.36 -57.47 -38.29
CA LYS A 112 -25.31 -58.20 -38.99
C LYS A 112 -24.45 -59.01 -38.01
N ARG A 113 -23.84 -58.35 -37.04
CA ARG A 113 -23.10 -58.99 -35.97
C ARG A 113 -23.49 -58.36 -34.65
N ILE A 114 -23.74 -59.19 -33.65
CA ILE A 114 -23.88 -58.74 -32.29
C ILE A 114 -22.68 -59.21 -31.49
N HIS A 115 -22.50 -58.64 -30.30
CA HIS A 115 -21.31 -58.96 -29.50
C HIS A 115 -21.68 -58.85 -28.03
N VAL A 116 -21.94 -60.00 -27.40
CA VAL A 116 -22.22 -60.04 -25.97
C VAL A 116 -20.90 -60.14 -25.23
N LEU A 117 -20.92 -59.80 -23.94
CA LEU A 117 -19.78 -59.87 -23.05
C LEU A 117 -20.30 -60.25 -21.66
N PRO A 118 -19.72 -61.26 -21.04
CA PRO A 118 -20.17 -61.66 -19.69
C PRO A 118 -19.61 -60.74 -18.62
N ILE A 119 -20.07 -60.98 -17.39
CA ILE A 119 -19.55 -60.30 -16.21
C ILE A 119 -18.81 -61.33 -15.37
N ASP A 120 -17.56 -61.03 -15.02
CA ASP A 120 -16.58 -62.05 -14.66
C ASP A 120 -16.80 -62.68 -13.29
N ASP A 121 -17.36 -61.94 -12.32
CA ASP A 121 -17.49 -62.45 -10.96
C ASP A 121 -18.48 -63.60 -10.85
N THR A 122 -19.51 -63.60 -11.70
CA THR A 122 -20.40 -64.74 -11.80
C THR A 122 -19.84 -65.83 -12.70
N VAL A 123 -18.95 -65.48 -13.62
CA VAL A 123 -18.28 -66.48 -14.44
C VAL A 123 -17.23 -67.24 -13.63
N GLU A 124 -16.55 -66.55 -12.71
CA GLU A 124 -15.64 -67.24 -11.80
C GLU A 124 -16.42 -68.12 -10.82
N GLY A 125 -15.72 -69.09 -10.25
CA GLY A 125 -16.37 -70.28 -9.75
C GLY A 125 -16.09 -71.41 -10.71
N ILE A 126 -17.03 -71.70 -11.61
CA ILE A 126 -16.75 -72.54 -12.76
C ILE A 126 -17.18 -71.80 -14.02
N THR A 127 -16.34 -71.88 -15.06
CA THR A 127 -16.65 -71.30 -16.36
C THR A 127 -17.11 -72.38 -17.35
N GLY A 128 -16.28 -73.39 -17.57
CA GLY A 128 -16.62 -74.44 -18.51
C GLY A 128 -16.47 -73.95 -19.94
N ASN A 129 -17.51 -74.17 -20.74
CA ASN A 129 -17.58 -73.67 -22.10
C ASN A 129 -18.71 -72.64 -22.13
N LEU A 130 -18.40 -71.43 -22.59
CA LEU A 130 -19.39 -70.36 -22.50
C LEU A 130 -20.41 -70.43 -23.63
N PHE A 131 -19.96 -70.75 -24.84
CA PHE A 131 -20.81 -70.58 -26.02
C PHE A 131 -21.90 -71.64 -26.08
N GLU A 132 -21.52 -72.91 -26.23
CA GLU A 132 -22.49 -73.98 -26.47
C GLU A 132 -23.33 -74.33 -25.25
N VAL A 133 -22.99 -73.80 -24.08
CA VAL A 133 -23.74 -74.06 -22.86
C VAL A 133 -24.58 -72.84 -22.46
N TYR A 134 -24.09 -71.64 -22.74
CA TYR A 134 -24.74 -70.40 -22.31
C TYR A 134 -25.48 -69.67 -23.42
N LEU A 135 -24.89 -69.56 -24.61
CA LEU A 135 -25.47 -68.75 -25.67
C LEU A 135 -26.34 -69.54 -26.63
N LYS A 136 -26.27 -70.87 -26.58
CA LYS A 136 -27.07 -71.67 -27.51
C LYS A 136 -28.57 -71.65 -27.22
N PRO A 137 -29.08 -72.10 -26.06
CA PRO A 137 -30.53 -72.37 -26.00
C PRO A 137 -31.40 -71.14 -25.81
N TYR A 138 -30.81 -69.95 -25.69
CA TYR A 138 -31.57 -68.72 -25.45
C TYR A 138 -31.74 -67.87 -26.71
N PHE A 139 -30.85 -68.02 -27.69
CA PHE A 139 -30.85 -67.22 -28.91
C PHE A 139 -31.38 -67.95 -30.13
N LEU A 140 -31.20 -69.27 -30.20
CA LEU A 140 -31.58 -70.03 -31.39
C LEU A 140 -33.09 -70.15 -31.47
N GLU A 141 -33.66 -69.54 -32.53
CA GLU A 141 -35.09 -69.51 -32.82
C GLU A 141 -35.88 -68.89 -31.66
N ALA A 142 -35.55 -67.64 -31.36
CA ALA A 142 -36.25 -66.90 -30.31
C ALA A 142 -36.67 -65.51 -30.79
N TYR A 143 -35.87 -64.93 -31.70
CA TYR A 143 -36.05 -63.57 -32.23
C TYR A 143 -36.12 -62.51 -31.12
N ARG A 144 -35.31 -62.65 -30.08
CA ARG A 144 -35.44 -61.79 -28.91
C ARG A 144 -34.76 -60.45 -29.16
N PRO A 145 -35.45 -59.33 -28.97
CA PRO A 145 -34.84 -58.02 -29.27
C PRO A 145 -33.91 -57.56 -28.18
N ILE A 146 -32.92 -56.76 -28.58
CA ILE A 146 -31.96 -56.17 -27.64
C ILE A 146 -31.71 -54.72 -28.03
N ARG A 147 -31.39 -53.92 -27.03
CA ARG A 147 -30.83 -52.59 -27.23
C ARG A 147 -29.34 -52.64 -26.92
N LYS A 148 -28.57 -51.79 -27.60
CA LYS A 148 -27.13 -51.71 -27.39
C LYS A 148 -26.86 -51.20 -25.97
N GLY A 149 -26.49 -52.13 -25.08
CA GLY A 149 -26.25 -51.79 -23.69
C GLY A 149 -27.20 -52.44 -22.70
N ASP A 150 -27.70 -53.63 -23.03
CA ASP A 150 -28.63 -54.33 -22.15
C ASP A 150 -27.90 -55.37 -21.32
N ILE A 151 -28.44 -55.64 -20.13
CA ILE A 151 -27.92 -56.67 -19.24
C ILE A 151 -29.05 -57.68 -19.07
N PHE A 152 -28.87 -58.87 -19.64
CA PHE A 152 -29.88 -59.91 -19.62
C PHE A 152 -29.28 -61.16 -19.00
N LEU A 153 -30.17 -62.04 -18.53
CA LEU A 153 -29.78 -63.18 -17.73
C LEU A 153 -30.20 -64.48 -18.42
N VAL A 154 -29.26 -65.42 -18.48
CA VAL A 154 -29.48 -66.74 -19.08
C VAL A 154 -29.19 -67.77 -17.99
N ARG A 155 -30.13 -68.68 -17.75
CA ARG A 155 -29.94 -69.75 -16.79
C ARG A 155 -29.36 -71.00 -17.45
N GLY A 156 -28.27 -70.82 -18.18
CA GLY A 156 -27.60 -71.94 -18.83
C GLY A 156 -26.27 -72.27 -18.18
N GLY A 157 -26.20 -72.17 -16.86
CA GLY A 157 -24.96 -72.44 -16.14
C GLY A 157 -25.18 -72.90 -14.72
N MET A 158 -24.33 -72.43 -13.80
CA MET A 158 -24.48 -72.84 -12.41
C MET A 158 -25.51 -71.97 -11.68
N ARG A 159 -25.51 -70.67 -11.95
CA ARG A 159 -26.35 -69.68 -11.29
C ARG A 159 -26.42 -68.46 -12.20
N ALA A 160 -26.80 -67.32 -11.65
CA ALA A 160 -27.09 -66.13 -12.44
C ALA A 160 -25.83 -65.53 -13.08
N VAL A 161 -25.62 -65.83 -14.37
CA VAL A 161 -24.49 -65.33 -15.14
C VAL A 161 -25.04 -64.40 -16.21
N GLU A 162 -24.72 -63.11 -16.11
CA GLU A 162 -25.33 -62.08 -16.92
C GLU A 162 -24.43 -61.70 -18.08
N PHE A 163 -25.05 -61.19 -19.15
CA PHE A 163 -24.37 -60.87 -20.39
C PHE A 163 -24.61 -59.40 -20.75
N LYS A 164 -23.71 -58.84 -21.55
CA LYS A 164 -23.81 -57.42 -21.89
C LYS A 164 -23.48 -57.19 -23.35
N VAL A 165 -24.43 -56.62 -24.08
CA VAL A 165 -24.31 -56.40 -25.52
C VAL A 165 -23.67 -55.04 -25.75
N VAL A 166 -22.42 -55.04 -26.19
CA VAL A 166 -21.63 -53.83 -26.30
C VAL A 166 -21.50 -53.35 -27.74
N GLU A 167 -20.90 -54.15 -28.61
CA GLU A 167 -20.65 -53.77 -29.99
C GLU A 167 -21.77 -54.32 -30.87
N THR A 168 -22.48 -53.43 -31.57
CA THR A 168 -23.59 -53.82 -32.42
C THR A 168 -23.70 -52.76 -33.51
N ASP A 169 -23.99 -53.20 -34.75
CA ASP A 169 -24.13 -52.25 -35.85
C ASP A 169 -25.49 -51.57 -35.87
N PRO A 170 -26.64 -52.25 -35.65
CA PRO A 170 -27.87 -51.47 -35.39
C PRO A 170 -27.81 -50.82 -34.01
N SER A 171 -27.79 -49.49 -33.99
CA SER A 171 -27.64 -48.71 -32.77
C SER A 171 -28.92 -48.49 -31.96
N PRO A 172 -30.13 -48.12 -32.55
CA PRO A 172 -31.30 -48.01 -31.66
C PRO A 172 -31.73 -49.31 -31.02
N TYR A 173 -32.06 -50.33 -31.83
CA TYR A 173 -32.33 -51.69 -31.38
C TYR A 173 -32.43 -52.57 -32.62
N CYS A 174 -32.59 -53.87 -32.39
CA CYS A 174 -32.67 -54.85 -33.46
C CYS A 174 -33.27 -56.14 -32.91
N ILE A 175 -34.01 -56.85 -33.77
CA ILE A 175 -34.47 -58.19 -33.47
C ILE A 175 -33.42 -59.16 -34.00
N VAL A 176 -32.80 -59.92 -33.08
CA VAL A 176 -31.69 -60.78 -33.43
C VAL A 176 -32.26 -62.03 -34.09
N ALA A 177 -32.00 -62.19 -35.38
CA ALA A 177 -32.31 -63.43 -36.07
C ALA A 177 -31.30 -64.50 -35.67
N PRO A 178 -31.66 -65.79 -35.80
CA PRO A 178 -30.67 -66.85 -35.54
C PRO A 178 -29.48 -66.86 -36.48
N ASP A 179 -29.57 -66.19 -37.64
CA ASP A 179 -28.44 -66.10 -38.55
C ASP A 179 -27.45 -65.01 -38.15
N THR A 180 -27.79 -64.16 -37.17
CA THR A 180 -26.90 -63.09 -36.73
C THR A 180 -25.72 -63.69 -35.98
N VAL A 181 -24.52 -63.26 -36.32
CA VAL A 181 -23.29 -63.91 -35.86
C VAL A 181 -23.05 -63.55 -34.40
N ILE A 182 -22.95 -64.56 -33.55
CA ILE A 182 -22.79 -64.40 -32.11
C ILE A 182 -21.37 -64.81 -31.74
N HIS A 183 -20.67 -63.93 -31.01
CA HIS A 183 -19.31 -64.17 -30.58
C HIS A 183 -19.24 -64.33 -29.06
N CYS A 184 -18.16 -64.95 -28.61
CA CYS A 184 -17.90 -65.12 -27.18
C CYS A 184 -16.43 -64.92 -26.85
N GLU A 185 -15.64 -64.36 -27.78
CA GLU A 185 -14.19 -64.27 -27.63
C GLU A 185 -13.74 -63.08 -26.79
N GLY A 186 -14.64 -62.15 -26.47
CA GLY A 186 -14.24 -60.89 -25.89
C GLY A 186 -13.82 -61.01 -24.43
N GLU A 187 -13.66 -59.83 -23.82
CA GLU A 187 -13.21 -59.75 -22.44
C GLU A 187 -14.38 -59.52 -21.50
N PRO A 188 -14.41 -60.20 -20.35
CA PRO A 188 -15.51 -60.00 -19.40
C PRO A 188 -15.41 -58.64 -18.71
N ILE A 189 -16.52 -58.27 -18.07
CA ILE A 189 -16.69 -56.97 -17.44
C ILE A 189 -16.71 -57.18 -15.92
N LYS A 190 -16.19 -56.20 -15.18
CA LYS A 190 -16.18 -56.29 -13.73
C LYS A 190 -17.54 -55.88 -13.14
N ARG A 191 -17.75 -56.22 -11.88
CA ARG A 191 -18.96 -55.82 -11.14
C ARG A 191 -18.92 -54.33 -10.81
N GLU A 192 -17.73 -53.80 -10.52
CA GLU A 192 -17.58 -52.39 -10.22
C GLU A 192 -17.90 -51.52 -11.44
N ASP A 193 -17.66 -52.03 -12.64
CA ASP A 193 -17.90 -51.24 -13.85
C ASP A 193 -19.39 -50.97 -14.08
N GLU A 194 -20.25 -51.88 -13.65
CA GLU A 194 -21.67 -51.59 -13.71
C GLU A 194 -22.16 -50.86 -12.47
N GLU A 195 -21.67 -51.26 -11.29
CA GLU A 195 -22.18 -50.66 -10.06
C GLU A 195 -21.72 -49.22 -9.86
N GLU A 196 -20.67 -48.78 -10.57
CA GLU A 196 -20.33 -47.37 -10.57
C GLU A 196 -21.23 -46.60 -11.53
N SER A 197 -21.63 -47.23 -12.63
CA SER A 197 -22.51 -46.60 -13.60
C SER A 197 -23.97 -46.64 -13.20
N LEU A 198 -24.32 -47.35 -12.13
CA LEU A 198 -25.63 -47.26 -11.53
C LEU A 198 -25.75 -46.08 -10.56
N ASN A 199 -24.66 -45.33 -10.38
CA ASN A 199 -24.67 -44.19 -9.46
C ASN A 199 -24.63 -42.89 -10.25
N GLU A 200 -25.32 -42.86 -11.37
CA GLU A 200 -25.47 -41.62 -12.11
C GLU A 200 -26.56 -40.78 -11.46
N VAL A 201 -26.65 -39.52 -11.89
CA VAL A 201 -27.43 -38.50 -11.21
C VAL A 201 -28.57 -38.06 -12.12
N GLY A 202 -29.79 -38.02 -11.57
CA GLY A 202 -30.93 -37.52 -12.29
C GLY A 202 -31.57 -36.38 -11.51
N TYR A 203 -32.86 -36.17 -11.74
CA TYR A 203 -33.57 -35.15 -10.97
C TYR A 203 -34.10 -35.70 -9.67
N ASP A 204 -33.88 -36.98 -9.40
CA ASP A 204 -34.34 -37.55 -8.15
C ASP A 204 -33.22 -37.63 -7.15
N ASP A 205 -32.10 -36.99 -7.45
CA ASP A 205 -31.01 -36.95 -6.48
C ASP A 205 -30.80 -35.55 -5.98
N ILE A 206 -31.73 -34.65 -6.29
CA ILE A 206 -31.64 -33.28 -5.83
C ILE A 206 -32.81 -32.97 -4.92
N GLY A 207 -32.51 -32.60 -3.69
CA GLY A 207 -33.58 -32.28 -2.77
C GLY A 207 -33.48 -30.87 -2.27
N GLY A 208 -34.62 -30.21 -2.10
CA GLY A 208 -34.63 -28.89 -1.51
C GLY A 208 -34.50 -27.75 -2.49
N CYS A 209 -34.49 -28.03 -3.79
CA CYS A 209 -34.30 -27.03 -4.82
C CYS A 209 -35.33 -27.14 -5.92
N ARG A 210 -36.62 -27.22 -5.58
CA ARG A 210 -37.65 -27.38 -6.59
C ARG A 210 -37.86 -26.08 -7.37
N LYS A 211 -37.87 -24.96 -6.65
CA LYS A 211 -38.19 -23.67 -7.25
C LYS A 211 -37.08 -23.23 -8.20
N GLN A 212 -35.85 -23.68 -7.97
CA GLN A 212 -34.77 -23.31 -8.87
C GLN A 212 -34.66 -24.27 -10.05
N LEU A 213 -35.04 -25.53 -9.87
CA LEU A 213 -35.06 -26.45 -11.00
C LEU A 213 -36.13 -26.07 -12.01
N ALA A 214 -37.22 -25.48 -11.53
CA ALA A 214 -38.21 -24.93 -12.46
C ALA A 214 -37.61 -23.86 -13.36
N GLN A 215 -36.86 -22.93 -12.79
CA GLN A 215 -36.26 -21.85 -13.58
C GLN A 215 -35.21 -22.38 -14.54
N ILE A 216 -34.42 -23.36 -14.12
CA ILE A 216 -33.38 -23.85 -15.00
C ILE A 216 -33.99 -24.65 -16.16
N LYS A 217 -35.11 -25.34 -15.94
CA LYS A 217 -35.73 -26.01 -17.07
C LYS A 217 -36.44 -25.04 -18.01
N GLU A 218 -36.93 -23.91 -17.48
CA GLU A 218 -37.47 -22.89 -18.36
C GLU A 218 -36.38 -22.20 -19.17
N MET A 219 -35.18 -22.08 -18.63
CA MET A 219 -34.14 -21.34 -19.32
C MET A 219 -33.31 -22.18 -20.26
N VAL A 220 -33.11 -23.47 -19.99
CA VAL A 220 -32.11 -24.26 -20.71
C VAL A 220 -32.74 -25.37 -21.54
N GLU A 221 -33.66 -26.14 -20.98
CA GLU A 221 -34.23 -27.25 -21.73
C GLU A 221 -35.21 -26.76 -22.79
N LEU A 222 -36.05 -25.80 -22.44
CA LEU A 222 -37.08 -25.35 -23.37
C LEU A 222 -36.57 -24.59 -24.60
N PRO A 223 -35.58 -23.68 -24.55
CA PRO A 223 -35.11 -23.09 -25.80
C PRO A 223 -34.22 -23.98 -26.64
N LEU A 224 -33.92 -25.20 -26.20
CA LEU A 224 -33.17 -26.13 -27.04
C LEU A 224 -34.04 -27.23 -27.63
N ARG A 225 -35.15 -27.57 -26.98
CA ARG A 225 -36.03 -28.56 -27.58
C ARG A 225 -36.96 -27.92 -28.60
N HIS A 226 -37.41 -26.70 -28.35
CA HIS A 226 -38.39 -26.04 -29.21
C HIS A 226 -37.94 -24.63 -29.55
N PRO A 227 -37.02 -24.46 -30.50
CA PRO A 227 -36.65 -23.10 -30.92
C PRO A 227 -37.74 -22.37 -31.68
N ALA A 228 -38.70 -23.12 -32.24
CA ALA A 228 -39.74 -22.53 -33.07
C ALA A 228 -40.67 -21.62 -32.28
N LEU A 229 -40.95 -21.97 -31.02
CA LEU A 229 -41.82 -21.12 -30.19
C LEU A 229 -41.19 -19.77 -29.93
N PHE A 230 -39.91 -19.76 -29.56
CA PHE A 230 -39.22 -18.52 -29.28
C PHE A 230 -39.01 -17.71 -30.53
N LYS A 231 -38.88 -18.36 -31.68
CA LYS A 231 -38.82 -17.59 -32.91
C LYS A 231 -40.20 -17.06 -33.30
N ALA A 232 -41.26 -17.78 -32.94
CA ALA A 232 -42.60 -17.38 -33.38
C ALA A 232 -43.12 -16.22 -32.55
N ILE A 233 -43.01 -16.31 -31.23
CA ILE A 233 -43.56 -15.25 -30.38
C ILE A 233 -42.63 -14.04 -30.31
N GLY A 234 -41.40 -14.17 -30.79
CA GLY A 234 -40.50 -13.03 -30.96
C GLY A 234 -39.55 -12.77 -29.80
N VAL A 235 -38.91 -13.80 -29.29
CA VAL A 235 -38.15 -13.76 -28.05
C VAL A 235 -36.74 -14.25 -28.30
N LYS A 236 -35.75 -13.48 -27.85
CA LYS A 236 -34.47 -14.16 -27.96
C LYS A 236 -34.09 -14.81 -26.64
N PRO A 237 -33.70 -16.08 -26.68
CA PRO A 237 -33.41 -16.81 -25.45
C PRO A 237 -32.05 -16.39 -24.91
N PRO A 238 -31.82 -16.55 -23.60
CA PRO A 238 -30.57 -16.05 -23.03
C PRO A 238 -29.42 -16.96 -23.36
N ARG A 239 -28.21 -16.41 -23.22
CA ARG A 239 -27.00 -17.11 -23.59
C ARG A 239 -26.16 -17.48 -22.39
N GLY A 240 -26.36 -16.85 -21.25
CA GLY A 240 -25.56 -17.12 -20.08
C GLY A 240 -26.42 -17.21 -18.84
N ILE A 241 -26.17 -18.23 -18.04
CA ILE A 241 -26.84 -18.40 -16.76
C ILE A 241 -25.76 -18.56 -15.72
N LEU A 242 -25.87 -17.84 -14.62
CA LEU A 242 -24.86 -17.91 -13.56
C LEU A 242 -25.53 -18.45 -12.31
N LEU A 243 -25.17 -19.65 -11.90
CA LEU A 243 -25.62 -20.21 -10.63
C LEU A 243 -24.66 -19.71 -9.56
N TYR A 244 -25.16 -19.36 -8.40
CA TYR A 244 -24.28 -19.01 -7.30
C TYR A 244 -24.88 -19.40 -5.97
N GLY A 245 -24.06 -19.45 -4.94
CA GLY A 245 -24.50 -19.86 -3.63
C GLY A 245 -23.34 -19.97 -2.68
N PRO A 246 -23.57 -20.47 -1.48
CA PRO A 246 -22.47 -20.76 -0.57
C PRO A 246 -21.78 -22.04 -0.98
N PRO A 247 -20.63 -22.36 -0.39
CA PRO A 247 -19.99 -23.64 -0.70
C PRO A 247 -20.78 -24.81 -0.16
N GLY A 248 -20.92 -25.84 -0.97
CA GLY A 248 -21.53 -27.07 -0.53
C GLY A 248 -22.99 -27.22 -0.83
N THR A 249 -23.59 -26.32 -1.60
CA THR A 249 -25.03 -26.33 -1.78
C THR A 249 -25.50 -27.03 -3.03
N GLY A 250 -24.64 -27.78 -3.71
CA GLY A 250 -25.12 -28.58 -4.82
C GLY A 250 -25.24 -27.85 -6.14
N LYS A 251 -24.14 -27.30 -6.65
CA LYS A 251 -24.17 -26.66 -7.95
C LYS A 251 -23.60 -27.57 -9.02
N THR A 252 -22.50 -28.26 -8.70
CA THR A 252 -21.96 -29.29 -9.58
C THR A 252 -22.92 -30.46 -9.71
N LEU A 253 -23.74 -30.69 -8.69
CA LEU A 253 -24.74 -31.75 -8.75
C LEU A 253 -25.84 -31.42 -9.74
N ILE A 254 -26.34 -30.19 -9.74
CA ILE A 254 -27.32 -29.76 -10.74
C ILE A 254 -26.70 -29.76 -12.13
N ALA A 255 -25.40 -29.48 -12.21
CA ALA A 255 -24.68 -29.58 -13.47
C ALA A 255 -24.70 -31.00 -14.02
N ARG A 256 -24.30 -31.98 -13.22
CA ARG A 256 -24.30 -33.36 -13.68
C ARG A 256 -25.71 -33.89 -13.91
N ALA A 257 -26.71 -33.32 -13.24
CA ALA A 257 -28.08 -33.75 -13.49
C ALA A 257 -28.54 -33.31 -14.86
N VAL A 258 -28.20 -32.08 -15.26
CA VAL A 258 -28.58 -31.65 -16.59
C VAL A 258 -27.71 -32.37 -17.63
N ALA A 259 -26.51 -32.76 -17.24
CA ALA A 259 -25.61 -33.50 -18.14
C ALA A 259 -26.11 -34.90 -18.41
N ASN A 260 -26.91 -35.45 -17.51
CA ASN A 260 -27.43 -36.80 -17.72
C ASN A 260 -28.84 -36.79 -18.25
N GLU A 261 -29.57 -35.70 -18.07
CA GLU A 261 -30.87 -35.66 -18.73
C GLU A 261 -30.79 -35.20 -20.17
N THR A 262 -30.27 -33.99 -20.38
CA THR A 262 -30.94 -33.01 -21.26
C THR A 262 -31.09 -33.47 -22.71
N GLY A 263 -30.32 -34.44 -23.15
CA GLY A 263 -30.40 -34.80 -24.55
C GLY A 263 -29.76 -33.81 -25.48
N ALA A 264 -28.86 -32.99 -24.97
CA ALA A 264 -28.02 -32.12 -25.78
C ALA A 264 -26.58 -32.54 -25.60
N PHE A 265 -25.72 -32.07 -26.47
CA PHE A 265 -24.30 -32.29 -26.29
C PHE A 265 -23.81 -31.50 -25.09
N PHE A 266 -23.03 -32.14 -24.23
CA PHE A 266 -22.59 -31.51 -22.99
C PHE A 266 -21.08 -31.47 -23.01
N PHE A 267 -20.50 -30.33 -22.67
CA PHE A 267 -19.06 -30.22 -22.55
C PHE A 267 -18.75 -29.53 -21.23
N LEU A 268 -17.71 -29.97 -20.54
CA LEU A 268 -17.40 -29.50 -19.21
C LEU A 268 -16.03 -28.84 -19.19
N ILE A 269 -15.93 -27.69 -18.55
CA ILE A 269 -14.67 -26.98 -18.36
C ILE A 269 -14.50 -26.76 -16.88
N ASN A 270 -13.35 -27.13 -16.34
CA ASN A 270 -13.03 -26.82 -14.95
C ASN A 270 -12.17 -25.58 -14.89
N GLY A 271 -12.28 -24.83 -13.79
CA GLY A 271 -11.40 -23.71 -13.57
C GLY A 271 -9.95 -24.06 -13.32
N PRO A 272 -9.63 -24.85 -12.30
CA PRO A 272 -8.24 -25.20 -12.06
C PRO A 272 -7.58 -26.02 -13.15
N GLU A 273 -8.34 -26.79 -13.90
CA GLU A 273 -7.74 -27.56 -14.97
C GLU A 273 -7.28 -26.68 -16.12
N ILE A 274 -8.01 -25.60 -16.38
CA ILE A 274 -7.55 -24.64 -17.38
C ILE A 274 -6.37 -23.86 -16.86
N MET A 275 -6.44 -23.41 -15.61
CA MET A 275 -5.40 -22.50 -15.13
C MET A 275 -4.15 -23.24 -14.68
N SER A 276 -4.16 -24.57 -14.69
CA SER A 276 -2.98 -25.28 -14.25
C SER A 276 -2.03 -25.55 -15.39
N LYS A 277 -2.43 -25.24 -16.60
CA LYS A 277 -1.62 -25.60 -17.74
C LYS A 277 -0.71 -24.46 -18.14
N LEU A 278 0.24 -24.78 -19.01
CA LEU A 278 1.28 -23.86 -19.43
C LEU A 278 0.66 -22.74 -20.26
N ALA A 279 1.36 -21.61 -20.33
CA ALA A 279 0.82 -20.45 -21.01
C ALA A 279 0.72 -20.70 -22.51
N GLY A 280 -0.43 -20.39 -23.09
CA GLY A 280 -0.68 -20.66 -24.47
C GLY A 280 -1.33 -21.98 -24.75
N GLU A 281 -1.37 -22.88 -23.77
CA GLU A 281 -2.14 -24.11 -23.89
C GLU A 281 -3.53 -23.96 -23.31
N SER A 282 -3.72 -23.01 -22.39
CA SER A 282 -5.04 -22.83 -21.79
C SER A 282 -5.99 -22.10 -22.73
N GLU A 283 -5.48 -21.14 -23.51
CA GLU A 283 -6.32 -20.48 -24.50
C GLU A 283 -6.74 -21.44 -25.60
N SER A 284 -5.86 -22.39 -25.92
CA SER A 284 -6.23 -23.38 -26.91
C SER A 284 -7.32 -24.31 -26.41
N ASN A 285 -7.35 -24.58 -25.10
CA ASN A 285 -8.43 -25.42 -24.57
C ASN A 285 -9.75 -24.69 -24.55
N LEU A 286 -9.75 -23.38 -24.26
CA LEU A 286 -11.00 -22.62 -24.39
C LEU A 286 -11.50 -22.57 -25.83
N ARG A 287 -10.60 -22.33 -26.79
CA ARG A 287 -11.04 -22.25 -28.18
C ARG A 287 -11.54 -23.59 -28.68
N LYS A 288 -10.90 -24.69 -28.28
CA LYS A 288 -11.36 -26.00 -28.72
C LYS A 288 -12.69 -26.36 -28.10
N ALA A 289 -12.95 -25.90 -26.86
CA ALA A 289 -14.24 -26.14 -26.25
C ALA A 289 -15.35 -25.47 -27.03
N PHE A 290 -15.18 -24.19 -27.38
CA PHE A 290 -16.29 -23.54 -28.06
C PHE A 290 -16.41 -24.00 -29.51
N GLU A 291 -15.29 -24.42 -30.13
CA GLU A 291 -15.39 -24.90 -31.51
C GLU A 291 -16.05 -26.27 -31.58
N GLU A 292 -15.78 -27.14 -30.61
CA GLU A 292 -16.48 -28.42 -30.60
C GLU A 292 -17.94 -28.26 -30.23
N ALA A 293 -18.28 -27.24 -29.45
CA ALA A 293 -19.68 -27.07 -29.10
C ALA A 293 -20.48 -26.45 -30.24
N GLU A 294 -19.89 -25.53 -30.98
CA GLU A 294 -20.61 -24.94 -32.11
C GLU A 294 -20.61 -25.87 -33.30
N LYS A 295 -19.63 -26.77 -33.38
CA LYS A 295 -19.56 -27.74 -34.46
C LYS A 295 -20.65 -28.80 -34.33
N ASN A 296 -20.90 -29.24 -33.10
CA ASN A 296 -21.88 -30.27 -32.81
C ASN A 296 -23.27 -29.67 -32.67
N ALA A 297 -24.10 -30.42 -31.97
CA ALA A 297 -25.53 -30.24 -31.87
C ALA A 297 -25.91 -28.95 -31.12
N PRO A 298 -27.20 -28.70 -30.90
CA PRO A 298 -27.59 -27.97 -29.69
C PRO A 298 -26.80 -28.44 -28.48
N ALA A 299 -26.11 -27.50 -27.84
CA ALA A 299 -25.08 -27.86 -26.87
C ALA A 299 -25.26 -27.08 -25.59
N ILE A 300 -24.50 -27.47 -24.57
CA ILE A 300 -24.39 -26.76 -23.31
C ILE A 300 -22.92 -26.76 -22.94
N ILE A 301 -22.40 -25.63 -22.48
CA ILE A 301 -21.05 -25.56 -21.97
C ILE A 301 -21.12 -25.18 -20.50
N PHE A 302 -20.59 -26.01 -19.62
CA PHE A 302 -20.62 -25.70 -18.20
C PHE A 302 -19.22 -25.33 -17.76
N ILE A 303 -19.04 -24.10 -17.30
CA ILE A 303 -17.76 -23.61 -16.82
C ILE A 303 -17.80 -23.60 -15.31
N ASP A 304 -17.15 -24.56 -14.70
CA ASP A 304 -17.25 -24.76 -13.26
C ASP A 304 -16.13 -24.01 -12.58
N GLU A 305 -16.45 -23.35 -11.47
CA GLU A 305 -15.56 -22.42 -10.77
C GLU A 305 -15.06 -21.32 -11.71
N LEU A 306 -15.99 -20.44 -12.07
CA LEU A 306 -15.69 -19.35 -12.98
C LEU A 306 -14.75 -18.34 -12.34
N ASP A 307 -14.79 -18.19 -11.03
CA ASP A 307 -13.99 -17.16 -10.37
C ASP A 307 -12.54 -17.60 -10.19
N ALA A 308 -12.17 -18.75 -10.73
CA ALA A 308 -10.77 -19.12 -10.75
C ALA A 308 -10.10 -18.70 -12.04
N ILE A 309 -10.89 -18.56 -13.12
CA ILE A 309 -10.29 -18.18 -14.40
C ILE A 309 -10.64 -16.77 -14.80
N ALA A 310 -11.46 -16.06 -14.05
CA ALA A 310 -11.79 -14.66 -14.37
C ALA A 310 -12.07 -13.83 -13.14
N PRO A 311 -11.04 -13.43 -12.39
CA PRO A 311 -11.26 -12.54 -11.25
C PRO A 311 -11.25 -11.10 -11.70
N LYS A 312 -11.40 -10.21 -10.73
CA LYS A 312 -11.34 -8.77 -11.02
C LYS A 312 -9.92 -8.37 -11.40
N ARG A 313 -9.81 -7.39 -12.28
CA ARG A 313 -8.50 -7.03 -12.81
C ARG A 313 -7.76 -6.07 -11.88
N GLU A 314 -8.30 -5.84 -10.68
CA GLU A 314 -7.49 -5.24 -9.63
C GLU A 314 -6.72 -6.31 -8.87
N LYS A 315 -7.21 -7.55 -8.92
CA LYS A 315 -6.55 -8.64 -8.20
C LYS A 315 -5.55 -9.34 -9.11
N THR A 316 -5.80 -9.27 -10.41
CA THR A 316 -4.98 -10.00 -11.37
C THR A 316 -3.66 -9.28 -11.58
N HIS A 317 -2.54 -10.02 -11.47
CA HIS A 317 -1.23 -9.41 -11.61
C HIS A 317 -0.52 -9.85 -12.87
N GLY A 318 -0.92 -10.94 -13.48
CA GLY A 318 -0.16 -11.45 -14.58
C GLY A 318 -0.51 -10.76 -15.87
N GLU A 319 0.19 -11.10 -16.94
CA GLU A 319 -0.29 -10.78 -18.26
C GLU A 319 -1.11 -11.93 -18.81
N VAL A 320 -0.74 -13.16 -18.47
CA VAL A 320 -1.39 -14.33 -19.02
C VAL A 320 -2.82 -14.47 -18.47
N GLU A 321 -3.04 -14.03 -17.24
CA GLU A 321 -4.37 -14.16 -16.68
C GLU A 321 -5.33 -13.12 -17.25
N ARG A 322 -4.83 -11.92 -17.55
CA ARG A 322 -5.64 -10.95 -18.25
C ARG A 322 -5.90 -11.36 -19.67
N ARG A 323 -4.98 -12.12 -20.26
CA ARG A 323 -5.23 -12.63 -21.60
C ARG A 323 -6.29 -13.71 -21.59
N ILE A 324 -6.37 -14.49 -20.52
CA ILE A 324 -7.41 -15.52 -20.46
C ILE A 324 -8.79 -14.89 -20.24
N VAL A 325 -8.86 -13.83 -19.45
CA VAL A 325 -10.15 -13.15 -19.27
C VAL A 325 -10.62 -12.51 -20.58
N SER A 326 -9.70 -11.88 -21.32
CA SER A 326 -10.09 -11.26 -22.58
C SER A 326 -10.45 -12.28 -23.65
N GLN A 327 -9.79 -13.44 -23.63
CA GLN A 327 -10.15 -14.54 -24.52
C GLN A 327 -11.56 -15.03 -24.25
N LEU A 328 -11.93 -15.15 -22.98
CA LEU A 328 -13.28 -15.60 -22.65
C LEU A 328 -14.34 -14.58 -23.07
N LEU A 329 -14.05 -13.28 -22.93
CA LEU A 329 -15.01 -12.27 -23.39
C LEU A 329 -15.22 -12.32 -24.90
N THR A 330 -14.12 -12.45 -25.64
CA THR A 330 -14.22 -12.58 -27.09
C THR A 330 -14.98 -13.82 -27.52
N LEU A 331 -14.80 -14.94 -26.82
CA LEU A 331 -15.52 -16.15 -27.21
C LEU A 331 -17.00 -16.08 -26.85
N MET A 332 -17.34 -15.40 -25.75
CA MET A 332 -18.74 -15.21 -25.39
C MET A 332 -19.47 -14.32 -26.38
N ASP A 333 -18.77 -13.35 -26.97
CA ASP A 333 -19.46 -12.46 -27.89
C ASP A 333 -19.66 -13.09 -29.26
N GLY A 334 -18.98 -14.20 -29.54
CA GLY A 334 -19.14 -14.84 -30.83
C GLY A 334 -20.38 -15.70 -30.96
N LEU A 335 -21.05 -15.98 -29.85
CA LEU A 335 -22.28 -16.75 -29.87
C LEU A 335 -23.40 -15.96 -30.53
N LYS A 336 -23.98 -16.52 -31.58
CA LYS A 336 -25.06 -15.89 -32.31
C LYS A 336 -26.34 -16.70 -32.14
N GLN A 337 -27.47 -16.10 -32.55
CA GLN A 337 -28.78 -16.74 -32.43
C GLN A 337 -28.86 -18.02 -33.27
N ARG A 338 -28.08 -18.08 -34.35
CA ARG A 338 -28.03 -19.25 -35.21
C ARG A 338 -27.42 -20.45 -34.50
N ALA A 339 -26.57 -20.23 -33.50
CA ALA A 339 -25.66 -21.27 -33.03
C ALA A 339 -26.32 -22.34 -32.17
N HIS A 340 -27.34 -21.98 -31.38
CA HIS A 340 -28.01 -22.87 -30.40
C HIS A 340 -27.05 -23.40 -29.34
N VAL A 341 -26.31 -22.50 -28.69
CA VAL A 341 -25.38 -22.87 -27.64
C VAL A 341 -25.73 -22.06 -26.40
N ILE A 342 -25.92 -22.75 -25.29
CA ILE A 342 -26.16 -22.12 -24.00
C ILE A 342 -24.88 -22.31 -23.18
N VAL A 343 -24.40 -21.25 -22.55
CA VAL A 343 -23.23 -21.31 -21.68
C VAL A 343 -23.74 -21.08 -20.28
N MET A 344 -23.40 -21.94 -19.35
CA MET A 344 -23.79 -21.69 -17.97
C MET A 344 -22.62 -21.95 -17.04
N ALA A 345 -22.52 -21.19 -15.97
CA ALA A 345 -21.34 -21.19 -15.14
C ALA A 345 -21.75 -21.22 -13.69
N ALA A 346 -20.82 -21.60 -12.82
CA ALA A 346 -21.14 -21.77 -11.42
C ALA A 346 -20.03 -21.16 -10.58
N THR A 347 -20.41 -20.46 -9.53
CA THR A 347 -19.41 -19.85 -8.68
C THR A 347 -19.98 -19.77 -7.28
N ASN A 348 -19.12 -19.50 -6.32
CA ASN A 348 -19.58 -19.23 -4.97
C ASN A 348 -19.13 -17.89 -4.45
N ARG A 349 -18.39 -17.14 -5.24
CA ARG A 349 -18.00 -15.77 -4.94
C ARG A 349 -18.52 -14.87 -6.04
N PRO A 350 -19.82 -14.55 -6.03
CA PRO A 350 -20.43 -13.83 -7.15
C PRO A 350 -20.04 -12.37 -7.27
N ASN A 351 -19.27 -11.84 -6.34
CA ASN A 351 -18.81 -10.46 -6.42
C ASN A 351 -17.32 -10.36 -6.64
N SER A 352 -16.66 -11.46 -6.93
CA SER A 352 -15.27 -11.41 -7.34
C SER A 352 -15.11 -11.71 -8.81
N ILE A 353 -16.18 -11.92 -9.51
CA ILE A 353 -16.13 -12.05 -10.96
C ILE A 353 -15.96 -10.65 -11.54
N ASP A 354 -15.12 -10.56 -12.57
CA ASP A 354 -14.90 -9.37 -13.37
C ASP A 354 -16.24 -8.79 -13.84
N PRO A 355 -16.51 -7.50 -13.59
CA PRO A 355 -17.85 -6.98 -13.88
C PRO A 355 -18.19 -6.89 -15.33
N ALA A 356 -17.21 -7.06 -16.23
CA ALA A 356 -17.50 -7.02 -17.65
C ALA A 356 -18.20 -8.29 -18.09
N LEU A 357 -18.10 -9.36 -17.31
CA LEU A 357 -18.78 -10.61 -17.67
C LEU A 357 -20.23 -10.61 -17.28
N ARG A 358 -20.64 -9.75 -16.38
CA ARG A 358 -22.01 -9.80 -15.90
C ARG A 358 -22.92 -8.82 -16.61
N ARG A 359 -22.57 -8.38 -17.81
CA ARG A 359 -23.36 -7.39 -18.49
C ARG A 359 -24.33 -8.04 -19.45
N PHE A 360 -24.94 -7.23 -20.28
CA PHE A 360 -26.00 -7.70 -21.14
C PHE A 360 -25.40 -8.45 -22.32
N GLY A 361 -25.92 -9.63 -22.58
CA GLY A 361 -25.39 -10.45 -23.64
C GLY A 361 -24.38 -11.46 -23.22
N ARG A 362 -23.90 -11.43 -21.97
CA ARG A 362 -22.92 -12.40 -21.53
C ARG A 362 -23.43 -13.32 -20.42
N PHE A 363 -23.64 -12.82 -19.20
CA PHE A 363 -24.08 -13.65 -18.08
C PHE A 363 -25.18 -12.91 -17.35
N ASP A 364 -26.21 -12.54 -18.10
CA ASP A 364 -27.22 -11.63 -17.59
C ASP A 364 -28.23 -12.30 -16.67
N ARG A 365 -28.54 -13.57 -16.88
CA ARG A 365 -29.45 -14.28 -15.97
C ARG A 365 -28.66 -14.80 -14.78
N GLU A 366 -29.30 -14.84 -13.61
CA GLU A 366 -28.67 -15.35 -12.40
C GLU A 366 -29.68 -16.15 -11.60
N VAL A 367 -29.30 -17.34 -11.17
CA VAL A 367 -30.13 -18.22 -10.38
C VAL A 367 -29.46 -18.45 -9.06
N ASP A 368 -30.14 -18.17 -7.97
CA ASP A 368 -29.55 -18.22 -6.64
C ASP A 368 -29.93 -19.52 -5.95
N ILE A 369 -29.02 -20.49 -5.97
CA ILE A 369 -29.13 -21.68 -5.14
C ILE A 369 -28.81 -21.21 -3.73
N GLY A 370 -29.63 -21.58 -2.75
CA GLY A 370 -29.48 -21.06 -1.42
C GLY A 370 -29.37 -22.13 -0.35
N ILE A 371 -29.29 -21.67 0.90
CA ILE A 371 -29.26 -22.57 2.05
C ILE A 371 -30.64 -23.14 2.28
N PRO A 372 -30.79 -24.45 2.51
CA PRO A 372 -32.14 -25.02 2.58
C PRO A 372 -32.78 -24.79 3.94
N ASP A 373 -34.11 -24.81 3.95
CA ASP A 373 -34.88 -24.81 5.19
C ASP A 373 -35.20 -26.23 5.62
N ALA A 374 -36.04 -26.36 6.64
CA ALA A 374 -36.31 -27.64 7.30
C ALA A 374 -36.96 -28.67 6.39
N THR A 375 -37.87 -28.20 5.53
CA THR A 375 -38.48 -29.08 4.55
C THR A 375 -37.46 -29.56 3.53
N GLY A 376 -36.48 -28.71 3.22
CA GLY A 376 -35.41 -29.15 2.34
C GLY A 376 -34.46 -30.12 2.99
N ARG A 377 -34.15 -29.90 4.27
CA ARG A 377 -33.21 -30.78 4.95
C ARG A 377 -33.77 -32.16 5.12
N LEU A 378 -35.08 -32.28 5.30
CA LEU A 378 -35.70 -33.60 5.35
C LEU A 378 -35.54 -34.34 4.02
N GLU A 379 -35.65 -33.64 2.89
CA GLU A 379 -35.53 -34.32 1.60
C GLU A 379 -34.09 -34.71 1.32
N ILE A 380 -33.13 -33.90 1.74
CA ILE A 380 -31.73 -34.27 1.57
C ILE A 380 -31.37 -35.48 2.41
N LEU A 381 -31.88 -35.54 3.64
CA LEU A 381 -31.62 -36.70 4.49
C LEU A 381 -32.28 -37.96 3.94
N GLN A 382 -33.48 -37.84 3.38
CA GLN A 382 -34.13 -39.01 2.82
C GLN A 382 -33.46 -39.48 1.54
N ILE A 383 -32.78 -38.59 0.82
CA ILE A 383 -32.00 -39.06 -0.32
C ILE A 383 -30.74 -39.76 0.14
N HIS A 384 -30.03 -39.20 1.11
CA HIS A 384 -28.74 -39.79 1.47
C HIS A 384 -28.86 -41.09 2.24
N THR A 385 -29.95 -41.29 2.97
CA THR A 385 -30.06 -42.54 3.72
C THR A 385 -30.87 -43.60 3.00
N LYS A 386 -30.82 -43.67 1.67
CA LYS A 386 -31.63 -44.67 0.98
C LYS A 386 -30.86 -45.97 0.80
N ASN A 387 -29.57 -45.98 1.16
CA ASN A 387 -28.82 -47.23 1.06
C ASN A 387 -28.39 -47.73 2.43
N MET A 388 -28.40 -46.85 3.43
CA MET A 388 -28.15 -47.27 4.79
C MET A 388 -29.33 -48.10 5.30
N LYS A 389 -29.06 -48.91 6.32
CA LYS A 389 -30.08 -49.74 6.94
C LYS A 389 -30.42 -49.15 8.28
N LEU A 390 -31.51 -48.41 8.34
CA LEU A 390 -31.89 -47.68 9.55
C LEU A 390 -32.65 -48.61 10.47
N ALA A 391 -32.48 -48.41 11.77
CA ALA A 391 -33.34 -49.08 12.73
C ALA A 391 -34.71 -48.40 12.75
N ASP A 392 -35.65 -49.01 13.45
CA ASP A 392 -37.01 -48.46 13.51
C ASP A 392 -37.11 -47.25 14.41
N ASP A 393 -36.07 -46.97 15.17
CA ASP A 393 -36.11 -45.88 16.13
C ASP A 393 -35.94 -44.53 15.43
N VAL A 394 -35.35 -44.54 14.24
CA VAL A 394 -34.83 -43.30 13.67
C VAL A 394 -35.94 -42.47 13.07
N ASP A 395 -36.11 -41.25 13.59
CA ASP A 395 -37.09 -40.29 13.13
C ASP A 395 -36.33 -39.17 12.44
N LEU A 396 -36.45 -39.08 11.12
CA LEU A 396 -35.64 -38.11 10.39
C LEU A 396 -36.18 -36.70 10.52
N GLU A 397 -37.42 -36.52 10.96
CA GLU A 397 -37.95 -35.17 11.08
C GLU A 397 -37.38 -34.46 12.30
N GLN A 398 -37.07 -35.22 13.35
CA GLN A 398 -36.39 -34.64 14.51
C GLN A 398 -34.98 -34.20 14.15
N VAL A 399 -34.28 -35.01 13.38
CA VAL A 399 -32.94 -34.64 12.92
C VAL A 399 -33.01 -33.45 12.00
N ALA A 400 -34.02 -33.38 11.14
CA ALA A 400 -34.13 -32.26 10.22
C ALA A 400 -34.51 -30.98 10.94
N ASN A 401 -35.12 -31.09 12.11
CA ASN A 401 -35.40 -29.88 12.88
C ASN A 401 -34.18 -29.44 13.68
N GLU A 402 -33.33 -30.39 14.07
CA GLU A 402 -32.24 -30.01 14.99
C GLU A 402 -31.00 -29.51 14.25
N THR A 403 -30.91 -29.75 12.94
CA THR A 403 -29.78 -29.28 12.14
C THR A 403 -30.10 -27.89 11.59
N HIS A 404 -29.38 -26.89 12.06
CA HIS A 404 -29.82 -25.51 11.84
C HIS A 404 -29.02 -24.81 10.74
N GLY A 405 -27.70 -24.82 10.82
CA GLY A 405 -26.89 -24.14 9.85
C GLY A 405 -26.28 -25.02 8.79
N HIS A 406 -26.83 -26.19 8.57
CA HIS A 406 -26.24 -27.18 7.69
C HIS A 406 -26.64 -26.92 6.25
N VAL A 407 -25.76 -27.28 5.32
CA VAL A 407 -26.02 -27.33 3.89
C VAL A 407 -25.90 -28.80 3.51
N GLY A 408 -26.05 -29.09 2.23
CA GLY A 408 -26.18 -30.49 1.80
C GLY A 408 -24.98 -31.37 2.10
N ALA A 409 -23.77 -30.83 1.95
CA ALA A 409 -22.59 -31.63 2.22
C ALA A 409 -22.43 -31.88 3.71
N ASP A 410 -22.94 -30.98 4.55
CA ASP A 410 -22.91 -31.21 5.98
C ASP A 410 -23.85 -32.33 6.38
N LEU A 411 -24.97 -32.49 5.68
CA LEU A 411 -25.87 -33.58 6.00
C LEU A 411 -25.30 -34.91 5.52
N ALA A 412 -24.56 -34.88 4.43
CA ALA A 412 -23.84 -36.09 4.02
C ALA A 412 -22.78 -36.50 5.05
N ALA A 413 -22.04 -35.54 5.57
CA ALA A 413 -21.04 -35.86 6.58
C ALA A 413 -21.69 -36.29 7.90
N LEU A 414 -22.89 -35.80 8.18
CA LEU A 414 -23.64 -36.23 9.35
C LEU A 414 -24.01 -37.71 9.26
N CYS A 415 -24.54 -38.13 8.11
CA CYS A 415 -24.88 -39.54 7.94
C CYS A 415 -23.66 -40.44 8.02
N SER A 416 -22.54 -39.99 7.44
CA SER A 416 -21.32 -40.79 7.51
C SER A 416 -20.79 -40.95 8.93
N GLU A 417 -20.80 -39.87 9.71
CA GLU A 417 -20.32 -39.96 11.08
C GLU A 417 -21.22 -40.81 11.96
N ALA A 418 -22.54 -40.79 11.69
CA ALA A 418 -23.45 -41.68 12.41
C ALA A 418 -23.15 -43.14 12.15
N ALA A 419 -22.90 -43.50 10.88
CA ALA A 419 -22.64 -44.91 10.63
C ALA A 419 -21.28 -45.35 11.15
N LEU A 420 -20.31 -44.45 11.22
CA LEU A 420 -19.03 -44.82 11.84
C LEU A 420 -19.18 -45.02 13.35
N GLN A 421 -20.06 -44.26 13.99
CA GLN A 421 -20.36 -44.51 15.41
C GLN A 421 -21.02 -45.86 15.60
N ALA A 422 -21.89 -46.25 14.66
CA ALA A 422 -22.50 -47.58 14.72
C ALA A 422 -21.47 -48.69 14.53
N ILE A 423 -20.41 -48.41 13.77
CA ILE A 423 -19.31 -49.38 13.68
C ILE A 423 -18.55 -49.47 15.00
N ARG A 424 -18.23 -48.33 15.61
CA ARG A 424 -17.44 -48.32 16.85
C ARG A 424 -18.15 -49.02 18.00
N LYS A 425 -19.48 -49.02 18.01
CA LYS A 425 -20.15 -49.80 19.04
C LYS A 425 -20.02 -51.31 18.83
N LYS A 426 -19.59 -51.75 17.66
CA LYS A 426 -19.49 -53.15 17.29
C LYS A 426 -18.01 -53.53 17.14
N MET A 427 -17.18 -53.04 18.03
CA MET A 427 -15.74 -53.11 17.82
C MET A 427 -15.10 -54.34 18.46
N ASP A 428 -15.71 -54.89 19.50
CA ASP A 428 -15.15 -56.06 20.18
C ASP A 428 -15.19 -57.33 19.33
N LEU A 429 -16.00 -57.36 18.27
CA LEU A 429 -16.01 -58.46 17.32
C LEU A 429 -15.12 -58.19 16.10
N ILE A 430 -15.14 -56.96 15.58
CA ILE A 430 -14.36 -56.62 14.40
C ILE A 430 -12.89 -56.50 14.78
N ASP A 431 -12.03 -57.20 14.06
CA ASP A 431 -10.59 -57.15 14.29
C ASP A 431 -9.91 -56.44 13.13
N LEU A 432 -9.06 -55.47 13.44
CA LEU A 432 -8.21 -54.87 12.43
C LEU A 432 -7.09 -55.82 12.01
N GLU A 433 -6.71 -56.73 12.90
CA GLU A 433 -5.59 -57.63 12.65
C GLU A 433 -5.90 -58.70 11.61
N ASP A 434 -7.16 -59.06 11.43
CA ASP A 434 -7.52 -60.24 10.65
C ASP A 434 -7.53 -59.91 9.16
N GLU A 435 -8.06 -60.84 8.37
CA GLU A 435 -8.23 -60.61 6.94
C GLU A 435 -9.63 -60.17 6.58
N THR A 436 -10.65 -60.83 7.12
CA THR A 436 -12.02 -60.55 6.73
C THR A 436 -12.92 -60.58 7.95
N ILE A 437 -14.16 -60.17 7.75
CA ILE A 437 -15.14 -59.97 8.82
C ILE A 437 -16.27 -60.98 8.62
N ASP A 438 -16.81 -61.48 9.74
CA ASP A 438 -17.95 -62.40 9.69
C ASP A 438 -19.16 -61.73 9.04
N ALA A 439 -19.90 -62.51 8.26
CA ALA A 439 -21.04 -61.98 7.52
C ALA A 439 -22.20 -61.62 8.44
N GLU A 440 -22.30 -62.28 9.59
CA GLU A 440 -23.31 -61.88 10.56
C GLU A 440 -22.98 -60.52 11.19
N VAL A 441 -21.69 -60.20 11.31
CA VAL A 441 -21.30 -58.89 11.80
C VAL A 441 -21.59 -57.82 10.75
N MET A 442 -21.39 -58.14 9.48
CA MET A 442 -21.81 -57.21 8.43
C MET A 442 -23.32 -57.18 8.25
N ASN A 443 -24.05 -58.12 8.83
CA ASN A 443 -25.49 -58.07 8.76
C ASN A 443 -26.12 -57.46 9.99
N SER A 444 -25.39 -57.41 11.10
CA SER A 444 -25.88 -56.84 12.35
C SER A 444 -25.56 -55.35 12.49
N LEU A 445 -25.44 -54.64 11.38
CA LEU A 445 -25.19 -53.20 11.39
C LEU A 445 -26.49 -52.48 11.08
N ALA A 446 -26.96 -51.68 12.04
CA ALA A 446 -28.16 -50.89 11.85
C ALA A 446 -28.03 -49.64 12.68
N VAL A 447 -28.22 -48.49 12.07
CA VAL A 447 -27.91 -47.21 12.69
C VAL A 447 -29.13 -46.75 13.49
N THR A 448 -28.94 -46.46 14.77
CA THR A 448 -30.02 -46.09 15.66
C THR A 448 -29.98 -44.60 15.93
N MET A 449 -31.00 -44.12 16.64
CA MET A 449 -31.14 -42.70 16.92
C MET A 449 -30.07 -42.19 17.89
N ASP A 450 -29.50 -43.09 18.69
CA ASP A 450 -28.39 -42.70 19.56
C ASP A 450 -27.16 -42.31 18.75
N ASP A 451 -26.97 -42.95 17.59
CA ASP A 451 -25.88 -42.61 16.70
C ASP A 451 -26.08 -41.25 16.07
N PHE A 452 -27.31 -40.95 15.64
CA PHE A 452 -27.58 -39.63 15.08
C PHE A 452 -27.49 -38.54 16.13
N ARG A 453 -27.74 -38.86 17.40
CA ARG A 453 -27.51 -37.84 18.42
C ARG A 453 -26.02 -37.63 18.71
N TRP A 454 -25.21 -38.69 18.62
CA TRP A 454 -23.77 -38.49 18.71
C TRP A 454 -23.24 -37.65 17.56
N ALA A 455 -23.63 -38.01 16.33
CA ALA A 455 -23.13 -37.34 15.15
C ALA A 455 -23.61 -35.90 15.10
N LEU A 456 -24.79 -35.64 15.59
CA LEU A 456 -25.29 -34.28 15.65
C LEU A 456 -24.68 -33.49 16.79
N SER A 457 -24.20 -34.16 17.82
CA SER A 457 -23.46 -33.47 18.86
C SER A 457 -22.09 -33.05 18.39
N GLN A 458 -21.48 -33.81 17.48
CA GLN A 458 -20.11 -33.54 17.09
C GLN A 458 -19.95 -32.58 15.92
N SER A 459 -21.00 -32.32 15.14
CA SER A 459 -20.82 -31.67 13.85
C SER A 459 -20.71 -30.16 14.02
N ASN A 460 -19.71 -29.58 13.37
CA ASN A 460 -19.59 -28.13 13.31
C ASN A 460 -19.95 -27.69 11.90
N PRO A 461 -21.09 -27.06 11.68
CA PRO A 461 -21.53 -26.73 10.33
C PRO A 461 -20.79 -25.52 9.78
N SER A 462 -21.15 -25.17 8.55
CA SER A 462 -20.42 -24.18 7.77
C SER A 462 -21.16 -22.86 7.64
N ALA A 463 -22.48 -22.90 7.56
CA ALA A 463 -23.28 -21.72 7.24
C ALA A 463 -23.94 -21.12 8.47
N LEU A 464 -23.26 -21.09 9.61
CA LEU A 464 -23.82 -20.44 10.78
C LEU A 464 -23.77 -18.92 10.67
N ARG A 465 -22.82 -18.39 9.90
CA ARG A 465 -22.58 -16.96 9.87
C ARG A 465 -23.19 -16.34 8.61
N GLU A 466 -24.28 -16.95 8.17
CA GLU A 466 -25.03 -16.48 7.01
C GLU A 466 -26.31 -15.85 7.52
N THR A 467 -26.99 -15.09 6.67
CA THR A 467 -28.26 -14.53 7.08
C THR A 467 -29.39 -15.44 6.63
N VAL A 468 -30.30 -15.74 7.55
CA VAL A 468 -31.39 -16.67 7.34
C VAL A 468 -32.54 -15.92 6.70
N VAL A 469 -33.02 -16.40 5.56
CA VAL A 469 -34.15 -15.81 4.86
C VAL A 469 -35.21 -16.90 4.78
N GLU A 470 -36.12 -16.94 5.74
CA GLU A 470 -37.13 -17.98 5.76
C GLU A 470 -38.46 -17.38 6.15
N VAL A 471 -39.51 -18.18 6.05
CA VAL A 471 -40.80 -17.81 6.66
C VAL A 471 -40.78 -18.27 8.12
N PRO A 472 -41.12 -17.42 9.08
CA PRO A 472 -40.93 -17.79 10.49
C PRO A 472 -42.01 -18.73 10.97
N GLN A 473 -41.87 -19.17 12.22
CA GLN A 473 -42.79 -20.12 12.81
C GLN A 473 -43.62 -19.52 13.94
N VAL A 474 -43.38 -18.27 14.32
CA VAL A 474 -44.16 -17.66 15.39
C VAL A 474 -45.52 -17.26 14.84
N THR A 475 -46.58 -17.81 15.42
CA THR A 475 -47.94 -17.43 15.05
C THR A 475 -48.38 -16.25 15.89
N TRP A 476 -49.66 -15.89 15.77
CA TRP A 476 -50.20 -14.87 16.68
C TRP A 476 -50.36 -15.44 18.09
N GLU A 477 -50.46 -16.76 18.19
CA GLU A 477 -50.89 -17.40 19.42
C GLU A 477 -49.78 -17.35 20.47
N ASP A 478 -48.54 -17.14 20.05
CA ASP A 478 -47.45 -17.08 21.01
C ASP A 478 -47.43 -15.74 21.73
N ILE A 479 -48.15 -14.74 21.22
CA ILE A 479 -48.12 -13.42 21.82
C ILE A 479 -49.36 -13.21 22.67
N GLY A 480 -49.17 -12.68 23.86
CA GLY A 480 -50.30 -12.33 24.71
C GLY A 480 -50.49 -10.83 24.81
N GLY A 481 -51.71 -10.36 24.67
CA GLY A 481 -51.95 -8.95 24.67
C GLY A 481 -51.66 -8.36 23.31
N LEU A 482 -51.68 -7.02 23.28
CA LEU A 482 -51.38 -6.22 22.08
C LEU A 482 -52.28 -6.60 20.91
N GLU A 483 -53.57 -6.32 21.05
CA GLU A 483 -54.53 -6.75 20.04
C GLU A 483 -54.86 -5.62 19.07
N ASP A 484 -54.80 -4.38 19.57
CA ASP A 484 -55.04 -3.23 18.72
C ASP A 484 -53.93 -3.08 17.69
N VAL A 485 -52.69 -3.41 18.09
CA VAL A 485 -51.60 -3.34 17.12
C VAL A 485 -51.66 -4.51 16.17
N LYS A 486 -52.32 -5.61 16.57
CA LYS A 486 -52.54 -6.67 15.60
C LYS A 486 -53.49 -6.23 14.52
N ARG A 487 -54.54 -5.53 14.93
CA ARG A 487 -55.50 -5.03 13.95
C ARG A 487 -54.88 -3.95 13.07
N GLU A 488 -53.95 -3.18 13.63
CA GLU A 488 -53.30 -2.14 12.83
C GLU A 488 -52.27 -2.71 11.87
N LEU A 489 -51.47 -3.69 12.32
CA LEU A 489 -50.42 -4.25 11.46
C LEU A 489 -51.02 -5.05 10.32
N GLN A 490 -52.17 -5.69 10.54
CA GLN A 490 -52.86 -6.32 9.41
C GLN A 490 -53.22 -5.30 8.35
N GLU A 491 -53.67 -4.12 8.77
CA GLU A 491 -54.13 -3.11 7.83
C GLU A 491 -52.95 -2.43 7.14
N LEU A 492 -51.78 -2.43 7.78
CA LEU A 492 -50.64 -1.80 7.14
C LEU A 492 -49.95 -2.74 6.17
N VAL A 493 -49.85 -4.02 6.50
CA VAL A 493 -49.09 -4.95 5.67
C VAL A 493 -49.96 -5.70 4.69
N GLN A 494 -51.02 -6.34 5.15
CA GLN A 494 -51.64 -7.42 4.40
C GLN A 494 -52.49 -6.90 3.24
N TYR A 495 -53.14 -5.75 3.39
CA TYR A 495 -54.02 -5.30 2.31
C TYR A 495 -53.35 -4.78 1.04
N PRO A 496 -52.19 -4.10 1.05
CA PRO A 496 -51.55 -3.80 -0.24
C PRO A 496 -51.04 -5.02 -0.97
N VAL A 497 -50.82 -6.14 -0.29
CA VAL A 497 -50.50 -7.37 -1.01
C VAL A 497 -51.77 -7.99 -1.57
N GLU A 498 -52.82 -8.09 -0.75
CA GLU A 498 -54.01 -8.85 -1.11
C GLU A 498 -54.98 -8.07 -1.98
N HIS A 499 -55.07 -6.75 -1.80
CA HIS A 499 -56.03 -5.93 -2.52
C HIS A 499 -55.28 -4.76 -3.14
N PRO A 500 -54.74 -4.93 -4.33
CA PRO A 500 -53.97 -3.84 -4.92
C PRO A 500 -54.85 -2.74 -5.46
N ASP A 501 -55.96 -3.13 -6.06
CA ASP A 501 -56.78 -2.21 -6.84
C ASP A 501 -57.60 -1.28 -5.98
N LYS A 502 -57.83 -1.65 -4.71
CA LYS A 502 -58.61 -0.84 -3.80
C LYS A 502 -57.83 0.40 -3.36
N PHE A 503 -56.52 0.40 -3.56
CA PHE A 503 -55.71 1.60 -3.41
C PHE A 503 -55.69 2.43 -4.69
N LEU A 504 -56.14 1.85 -5.80
CA LEU A 504 -56.27 2.57 -7.06
C LEU A 504 -57.64 3.20 -7.24
N LYS A 505 -58.66 2.73 -6.51
CA LYS A 505 -59.93 3.43 -6.49
C LYS A 505 -59.76 4.82 -5.93
N PHE A 506 -59.19 4.93 -4.75
CA PHE A 506 -58.82 6.21 -4.18
C PHE A 506 -57.42 6.56 -4.71
N GLY A 507 -56.86 7.65 -4.23
CA GLY A 507 -55.56 8.05 -4.75
C GLY A 507 -54.44 7.79 -3.77
N MET A 508 -54.60 6.79 -2.92
CA MET A 508 -53.65 6.59 -1.84
C MET A 508 -52.57 5.60 -2.25
N THR A 509 -51.33 6.01 -2.07
CA THR A 509 -50.19 5.10 -2.10
C THR A 509 -49.93 4.62 -0.68
N PRO A 510 -49.80 3.32 -0.46
CA PRO A 510 -49.57 2.82 0.88
C PRO A 510 -48.20 3.19 1.40
N SER A 511 -48.07 3.19 2.72
CA SER A 511 -46.79 3.50 3.32
C SER A 511 -45.94 2.25 3.38
N LYS A 512 -44.67 2.43 3.73
CA LYS A 512 -43.74 1.32 3.78
C LYS A 512 -43.13 1.06 5.14
N GLY A 513 -43.14 2.02 6.04
CA GLY A 513 -42.41 1.92 7.28
C GLY A 513 -43.31 1.85 8.50
N VAL A 514 -42.82 1.18 9.54
CA VAL A 514 -43.40 1.16 10.88
C VAL A 514 -42.22 1.26 11.84
N LEU A 515 -42.36 2.05 12.90
CA LEU A 515 -41.39 2.00 13.99
C LEU A 515 -42.12 1.59 15.25
N PHE A 516 -41.57 0.62 15.97
CA PHE A 516 -42.03 0.29 17.31
C PHE A 516 -41.02 0.82 18.31
N TYR A 517 -41.48 1.51 19.34
CA TYR A 517 -40.55 1.90 20.40
C TYR A 517 -41.25 1.78 21.75
N GLY A 518 -40.45 1.67 22.80
CA GLY A 518 -40.98 1.51 24.12
C GLY A 518 -39.95 1.05 25.14
N PRO A 519 -40.43 0.53 26.26
CA PRO A 519 -39.54 0.00 27.29
C PRO A 519 -38.99 -1.35 26.85
N PRO A 520 -37.93 -1.85 27.51
CA PRO A 520 -37.44 -3.19 27.17
C PRO A 520 -38.42 -4.29 27.54
N GLY A 521 -38.21 -5.46 26.96
CA GLY A 521 -38.95 -6.66 27.30
C GLY A 521 -40.42 -6.69 26.95
N CYS A 522 -40.90 -5.69 26.25
CA CYS A 522 -42.34 -5.54 26.06
C CYS A 522 -42.91 -6.42 24.96
N GLY A 523 -42.07 -7.02 24.12
CA GLY A 523 -42.56 -7.92 23.08
C GLY A 523 -42.62 -7.38 21.67
N LYS A 524 -41.53 -6.78 21.20
CA LYS A 524 -41.59 -6.12 19.90
C LYS A 524 -41.16 -7.05 18.75
N THR A 525 -40.24 -7.99 19.02
CA THR A 525 -39.72 -8.87 17.97
C THR A 525 -40.77 -9.89 17.52
N LEU A 526 -41.58 -10.35 18.45
CA LEU A 526 -42.51 -11.43 18.15
C LEU A 526 -43.63 -10.96 17.25
N LEU A 527 -44.00 -9.67 17.34
CA LEU A 527 -45.03 -9.13 16.45
C LEU A 527 -44.54 -9.09 15.01
N ALA A 528 -43.29 -8.69 14.83
CA ALA A 528 -42.72 -8.60 13.49
C ALA A 528 -42.56 -9.98 12.88
N LYS A 529 -42.27 -10.99 13.69
CA LYS A 529 -42.26 -12.34 13.12
C LYS A 529 -43.67 -12.83 12.84
N ALA A 530 -44.63 -12.43 13.66
CA ALA A 530 -45.98 -12.97 13.54
C ALA A 530 -46.71 -12.43 12.33
N ILE A 531 -46.45 -11.18 11.97
CA ILE A 531 -47.09 -10.63 10.78
C ILE A 531 -46.52 -11.28 9.51
N ALA A 532 -45.24 -11.64 9.55
CA ALA A 532 -44.64 -12.35 8.42
C ALA A 532 -45.20 -13.75 8.30
N ASN A 533 -45.48 -14.39 9.43
CA ASN A 533 -46.15 -15.68 9.38
C ASN A 533 -47.58 -15.54 8.87
N GLU A 534 -48.24 -14.43 9.19
CA GLU A 534 -49.61 -14.23 8.74
C GLU A 534 -49.68 -14.03 7.24
N CYS A 535 -48.78 -13.21 6.68
CA CYS A 535 -48.85 -12.89 5.26
C CYS A 535 -48.12 -13.88 4.36
N GLN A 536 -47.44 -14.88 4.94
CA GLN A 536 -46.59 -15.85 4.23
C GLN A 536 -45.51 -15.16 3.41
N ALA A 537 -44.71 -14.37 4.09
CA ALA A 537 -43.62 -13.61 3.48
C ALA A 537 -42.30 -14.04 4.10
N ASN A 538 -41.21 -13.70 3.42
CA ASN A 538 -39.90 -14.00 3.96
C ASN A 538 -39.59 -13.02 5.08
N PHE A 539 -38.51 -13.27 5.81
CA PHE A 539 -38.22 -12.48 6.99
C PHE A 539 -36.72 -12.39 7.18
N ILE A 540 -36.15 -11.22 6.94
CA ILE A 540 -34.74 -10.96 7.15
C ILE A 540 -34.62 -10.13 8.42
N SER A 541 -33.76 -10.55 9.33
CA SER A 541 -33.59 -9.86 10.60
C SER A 541 -32.17 -9.34 10.71
N ILE A 542 -32.03 -8.07 11.09
CA ILE A 542 -30.75 -7.39 11.19
C ILE A 542 -30.64 -6.87 12.62
N LYS A 543 -29.45 -6.89 13.18
CA LYS A 543 -29.18 -6.27 14.47
C LYS A 543 -28.03 -5.29 14.34
N GLY A 544 -28.19 -4.11 14.96
CA GLY A 544 -27.13 -3.13 15.07
C GLY A 544 -25.78 -3.60 15.53
N PRO A 545 -25.69 -4.53 16.51
CA PRO A 545 -24.41 -5.23 16.75
C PRO A 545 -23.85 -5.94 15.55
N GLU A 546 -24.71 -6.53 14.72
CA GLU A 546 -24.26 -7.26 13.54
C GLU A 546 -23.84 -6.30 12.43
N LEU A 547 -24.21 -5.02 12.55
CA LEU A 547 -23.95 -4.08 11.48
C LEU A 547 -22.84 -3.10 11.85
N LEU A 548 -22.49 -3.03 13.13
CA LEU A 548 -21.27 -2.35 13.53
C LEU A 548 -20.08 -3.28 13.41
N THR A 549 -20.32 -4.58 13.46
CA THR A 549 -19.32 -5.56 13.05
C THR A 549 -19.48 -5.80 11.55
N MET A 550 -18.36 -6.08 10.86
CA MET A 550 -18.31 -6.28 9.40
C MET A 550 -18.78 -5.04 8.63
N TRP A 551 -18.61 -3.87 9.23
CA TRP A 551 -18.57 -2.63 8.50
C TRP A 551 -17.16 -2.06 8.41
N PHE A 552 -16.38 -2.18 9.48
CA PHE A 552 -15.05 -1.59 9.52
C PHE A 552 -14.12 -2.26 8.49
N GLY A 553 -14.42 -3.51 8.11
CA GLY A 553 -13.65 -4.15 7.07
C GLY A 553 -14.18 -3.87 5.67
N GLU A 554 -15.51 -3.85 5.51
CA GLU A 554 -16.14 -3.52 4.23
C GLU A 554 -17.03 -2.31 4.45
N SER A 555 -16.54 -1.14 4.05
CA SER A 555 -17.08 0.12 4.56
C SER A 555 -18.35 0.54 3.83
N GLU A 556 -18.59 0.03 2.62
CA GLU A 556 -19.75 0.48 1.87
C GLU A 556 -20.67 -0.63 1.40
N ALA A 557 -20.24 -1.89 1.42
CA ALA A 557 -20.97 -2.91 0.68
C ALA A 557 -22.10 -3.50 1.50
N ASN A 558 -22.00 -3.45 2.83
CA ASN A 558 -22.81 -4.29 3.71
C ASN A 558 -24.29 -3.93 3.63
N VAL A 559 -24.60 -2.65 3.72
CA VAL A 559 -26.01 -2.25 3.77
C VAL A 559 -26.62 -2.29 2.37
N ARG A 560 -25.79 -2.15 1.33
CA ARG A 560 -26.31 -2.40 -0.02
C ARG A 560 -26.62 -3.88 -0.23
N GLU A 561 -25.82 -4.78 0.36
CA GLU A 561 -26.05 -6.21 0.19
C GLU A 561 -27.33 -6.63 0.88
N ILE A 562 -27.62 -6.07 2.06
CA ILE A 562 -28.85 -6.41 2.77
C ILE A 562 -30.08 -6.00 1.97
N PHE A 563 -30.10 -4.77 1.45
CA PHE A 563 -31.26 -4.33 0.71
C PHE A 563 -31.39 -5.01 -0.64
N ASP A 564 -30.27 -5.38 -1.26
CA ASP A 564 -30.37 -6.14 -2.50
C ASP A 564 -30.92 -7.54 -2.25
N LYS A 565 -30.56 -8.15 -1.14
CA LYS A 565 -31.06 -9.47 -0.82
C LYS A 565 -32.52 -9.43 -0.45
N ALA A 566 -32.95 -8.34 0.19
CA ALA A 566 -34.37 -8.18 0.50
C ALA A 566 -35.18 -7.87 -0.75
N ARG A 567 -34.59 -7.17 -1.71
CA ARG A 567 -35.29 -6.92 -2.96
C ARG A 567 -35.40 -8.19 -3.78
N GLN A 568 -34.39 -9.03 -3.72
CA GLN A 568 -34.40 -10.28 -4.47
C GLN A 568 -35.40 -11.26 -3.90
N ALA A 569 -35.55 -11.30 -2.58
CA ALA A 569 -36.47 -12.25 -1.99
C ALA A 569 -37.85 -11.71 -1.70
N ALA A 570 -38.37 -10.79 -2.53
CA ALA A 570 -39.65 -10.16 -2.25
C ALA A 570 -40.80 -11.15 -2.46
N PRO A 571 -41.91 -11.02 -1.71
CA PRO A 571 -42.28 -10.10 -0.63
C PRO A 571 -41.68 -10.48 0.70
N CYS A 572 -41.09 -9.52 1.42
CA CYS A 572 -40.52 -9.82 2.71
C CYS A 572 -40.63 -8.62 3.61
N VAL A 573 -40.63 -8.87 4.91
CA VAL A 573 -40.52 -7.82 5.90
C VAL A 573 -39.07 -7.77 6.34
N LEU A 574 -38.47 -6.60 6.23
CA LEU A 574 -37.07 -6.41 6.57
C LEU A 574 -36.99 -5.75 7.92
N PHE A 575 -36.63 -6.51 8.93
CA PHE A 575 -36.76 -6.09 10.31
C PHE A 575 -35.43 -5.64 10.83
N PHE A 576 -35.26 -4.33 10.97
CA PHE A 576 -34.14 -3.76 11.70
C PHE A 576 -34.47 -3.82 13.17
N ASP A 577 -33.45 -3.83 14.00
CA ASP A 577 -33.63 -4.08 15.41
C ASP A 577 -32.43 -3.53 16.16
N GLU A 578 -32.65 -3.19 17.42
CA GLU A 578 -31.61 -2.74 18.35
C GLU A 578 -30.91 -1.48 17.84
N LEU A 579 -31.69 -0.45 17.50
CA LEU A 579 -31.11 0.75 16.89
C LEU A 579 -30.34 1.59 17.90
N ASP A 580 -30.50 1.28 19.19
CA ASP A 580 -29.81 2.05 20.21
C ASP A 580 -28.31 1.81 20.21
N SER A 581 -27.86 0.65 19.71
CA SER A 581 -26.42 0.40 19.69
C SER A 581 -25.73 1.27 18.66
N ILE A 582 -26.36 1.47 17.51
CA ILE A 582 -25.85 2.41 16.52
C ILE A 582 -25.94 3.82 17.06
N ALA A 583 -27.06 4.14 17.71
CA ALA A 583 -27.27 5.49 18.18
C ALA A 583 -26.38 5.83 19.36
N LYS A 584 -25.88 4.82 20.07
CA LYS A 584 -25.14 5.08 21.30
C LYS A 584 -23.65 4.82 21.10
N ALA A 585 -23.28 4.16 19.99
CA ALA A 585 -21.88 4.06 19.61
C ALA A 585 -21.48 5.19 18.68
N ARG A 586 -22.47 5.84 18.05
CA ARG A 586 -22.12 6.96 17.20
C ARG A 586 -22.74 8.28 17.69
N GLY A 587 -24.00 8.25 18.13
CA GLY A 587 -24.63 9.48 18.59
C GLY A 587 -24.36 9.82 20.04
N GLY A 588 -24.10 8.81 20.87
CA GLY A 588 -23.59 9.10 22.21
C GLY A 588 -24.67 9.11 23.27
N ASN A 589 -24.23 9.12 24.53
CA ASN A 589 -25.18 9.02 25.66
C ASN A 589 -25.80 10.37 25.98
N ILE A 590 -24.99 11.33 26.43
CA ILE A 590 -25.45 12.68 26.74
C ILE A 590 -25.20 13.63 25.59
N GLY A 591 -24.95 13.11 24.40
CA GLY A 591 -24.43 13.89 23.31
C GLY A 591 -22.92 13.99 23.39
N ASP A 592 -22.32 14.17 22.22
CA ASP A 592 -20.87 14.28 22.10
C ASP A 592 -20.57 15.02 20.80
N GLY A 593 -19.33 14.90 20.34
CA GLY A 593 -18.96 15.52 19.08
C GLY A 593 -19.59 14.86 17.87
N GLY A 594 -20.07 13.63 18.03
CA GLY A 594 -20.77 12.97 16.95
C GLY A 594 -22.16 13.56 16.77
N GLY A 595 -22.78 13.22 15.63
CA GLY A 595 -24.08 13.78 15.32
C GLY A 595 -25.23 12.96 15.86
N ALA A 596 -26.44 13.53 15.74
CA ALA A 596 -27.65 12.74 15.90
C ALA A 596 -27.86 11.86 14.67
N ALA A 597 -27.34 12.29 13.53
CA ALA A 597 -27.26 11.41 12.38
C ALA A 597 -26.00 10.55 12.46
N ASP A 598 -26.15 9.28 12.13
CA ASP A 598 -25.09 8.30 12.25
C ASP A 598 -24.78 7.72 10.88
N ARG A 599 -23.51 7.33 10.67
CA ARG A 599 -23.04 6.95 9.33
C ARG A 599 -23.79 5.73 8.78
N VAL A 600 -23.97 4.72 9.62
CA VAL A 600 -24.73 3.55 9.23
C VAL A 600 -26.18 3.92 8.99
N ILE A 601 -26.75 4.74 9.86
CA ILE A 601 -28.15 5.10 9.68
C ILE A 601 -28.30 6.09 8.53
N ASN A 602 -27.21 6.77 8.17
CA ASN A 602 -27.21 7.61 6.98
C ASN A 602 -27.33 6.78 5.73
N GLN A 603 -26.49 5.75 5.61
CA GLN A 603 -26.54 4.89 4.44
C GLN A 603 -27.83 4.08 4.39
N ILE A 604 -28.43 3.81 5.56
CA ILE A 604 -29.75 3.19 5.60
C ILE A 604 -30.81 4.11 5.02
N LEU A 605 -30.75 5.40 5.33
CA LEU A 605 -31.72 6.33 4.77
C LEU A 605 -31.56 6.48 3.27
N THR A 606 -30.31 6.49 2.80
CA THR A 606 -30.06 6.54 1.36
C THR A 606 -30.62 5.33 0.65
N GLU A 607 -30.46 4.14 1.24
CA GLU A 607 -30.98 2.94 0.61
C GLU A 607 -32.49 2.87 0.69
N MET A 608 -33.08 3.53 1.69
CA MET A 608 -34.52 3.43 1.87
C MET A 608 -35.24 4.41 0.95
N ASP A 609 -34.57 5.48 0.54
CA ASP A 609 -35.18 6.39 -0.42
C ASP A 609 -35.32 5.76 -1.79
N GLY A 610 -34.24 5.20 -2.32
CA GLY A 610 -34.28 4.64 -3.66
C GLY A 610 -34.85 3.24 -3.72
N MET A 611 -36.09 3.10 -3.29
CA MET A 611 -36.77 1.81 -3.28
C MET A 611 -38.13 1.93 -3.94
N SER A 612 -38.32 1.17 -5.01
CA SER A 612 -39.51 1.31 -5.86
C SER A 612 -40.71 0.63 -5.22
N THR A 613 -41.87 1.27 -5.38
CA THR A 613 -43.09 0.82 -4.72
C THR A 613 -43.72 -0.39 -5.39
N LYS A 614 -43.28 -0.74 -6.60
CA LYS A 614 -43.76 -1.96 -7.25
C LYS A 614 -43.34 -3.19 -6.48
N LYS A 615 -42.19 -3.13 -5.82
CA LYS A 615 -41.79 -4.16 -4.90
C LYS A 615 -42.69 -4.16 -3.67
N ASN A 616 -42.72 -5.30 -2.98
CA ASN A 616 -43.47 -5.41 -1.75
C ASN A 616 -42.55 -5.64 -0.57
N VAL A 617 -41.48 -4.88 -0.50
CA VAL A 617 -40.58 -4.94 0.64
C VAL A 617 -41.05 -3.95 1.67
N PHE A 618 -41.27 -4.42 2.89
CA PHE A 618 -41.84 -3.65 3.97
C PHE A 618 -40.83 -3.58 5.10
N ILE A 619 -40.60 -2.40 5.66
CA ILE A 619 -39.52 -2.17 6.61
C ILE A 619 -40.09 -1.87 7.98
N ILE A 620 -39.58 -2.53 9.01
CA ILE A 620 -40.05 -2.38 10.39
C ILE A 620 -38.84 -2.11 11.27
N GLY A 621 -38.94 -1.13 12.16
CA GLY A 621 -37.84 -0.84 13.05
C GLY A 621 -38.19 -1.07 14.51
N ALA A 622 -37.20 -0.99 15.39
CA ALA A 622 -37.41 -1.15 16.82
C ALA A 622 -36.27 -0.51 17.59
N THR A 623 -36.60 0.26 18.62
CA THR A 623 -35.61 0.79 19.54
C THR A 623 -36.25 0.97 20.91
N ASN A 624 -35.41 0.91 21.94
CA ASN A 624 -35.88 1.17 23.29
C ASN A 624 -35.18 2.36 23.94
N ARG A 625 -34.51 3.18 23.14
CA ARG A 625 -33.91 4.43 23.58
C ARG A 625 -34.38 5.52 22.62
N PRO A 626 -35.62 5.98 22.73
CA PRO A 626 -36.15 6.86 21.67
C PRO A 626 -35.67 8.31 21.74
N ASP A 627 -34.73 8.65 22.62
CA ASP A 627 -34.33 10.04 22.72
C ASP A 627 -33.15 10.36 21.82
N ILE A 628 -32.18 9.44 21.71
CA ILE A 628 -31.01 9.67 20.88
C ILE A 628 -31.22 9.19 19.45
N ILE A 629 -32.47 8.93 19.06
CA ILE A 629 -32.76 8.51 17.70
C ILE A 629 -32.46 9.65 16.74
N ASP A 630 -32.09 9.29 15.51
CA ASP A 630 -31.85 10.29 14.48
C ASP A 630 -33.18 10.96 14.11
N PRO A 631 -33.22 12.29 14.00
CA PRO A 631 -34.44 12.91 13.48
C PRO A 631 -34.67 12.64 12.01
N ALA A 632 -33.60 12.32 11.27
CA ALA A 632 -33.72 12.19 9.82
C ALA A 632 -34.36 10.87 9.43
N ILE A 633 -34.43 9.91 10.36
CA ILE A 633 -35.18 8.68 10.11
C ILE A 633 -36.65 8.99 9.94
N LEU A 634 -37.17 9.83 10.79
CA LEU A 634 -38.60 10.11 10.81
C LEU A 634 -38.85 11.28 9.87
N ARG A 635 -39.45 10.98 8.72
CA ARG A 635 -39.90 11.96 7.69
C ARG A 635 -40.84 11.22 6.75
N PRO A 636 -41.92 11.80 6.17
CA PRO A 636 -42.76 11.04 5.22
C PRO A 636 -41.97 10.44 4.06
N GLY A 637 -42.32 9.21 3.70
CA GLY A 637 -41.57 8.45 2.73
C GLY A 637 -40.50 7.57 3.31
N ARG A 638 -40.46 7.43 4.63
CA ARG A 638 -39.54 6.63 5.40
C ARG A 638 -40.35 6.01 6.50
N LEU A 639 -39.72 5.64 7.61
CA LEU A 639 -40.43 5.06 8.76
C LEU A 639 -41.43 6.08 9.29
N ASP A 640 -42.71 5.88 8.97
CA ASP A 640 -43.76 6.84 9.28
C ASP A 640 -44.58 6.49 10.50
N GLN A 641 -45.19 5.32 10.50
CA GLN A 641 -46.23 5.02 11.46
C GLN A 641 -45.68 4.72 12.84
N LEU A 642 -45.44 5.73 13.66
CA LEU A 642 -44.90 5.52 15.00
C LEU A 642 -45.91 4.79 15.87
N ILE A 643 -45.51 3.67 16.46
CA ILE A 643 -46.34 2.94 17.40
C ILE A 643 -45.54 2.74 18.69
N TYR A 644 -46.05 3.27 19.79
CA TYR A 644 -45.48 3.08 21.11
C TYR A 644 -46.07 1.80 21.70
N ILE A 645 -45.20 0.88 22.12
CA ILE A 645 -45.65 -0.39 22.73
C ILE A 645 -45.41 -0.30 24.23
N PRO A 646 -46.46 -0.33 25.06
CA PRO A 646 -46.33 0.00 26.47
C PRO A 646 -46.08 -1.24 27.32
N LEU A 647 -46.02 -1.02 28.63
CA LEU A 647 -45.98 -2.15 29.57
C LEU A 647 -47.35 -2.83 29.57
N PRO A 648 -47.41 -4.16 29.76
CA PRO A 648 -48.68 -4.85 29.63
C PRO A 648 -49.56 -4.63 30.86
N ASP A 649 -50.88 -4.68 30.64
CA ASP A 649 -51.85 -4.60 31.72
C ASP A 649 -52.03 -5.97 32.37
N GLU A 650 -52.90 -6.06 33.37
CA GLU A 650 -52.96 -7.28 34.16
C GLU A 650 -53.64 -8.42 33.40
N LYS A 651 -54.60 -8.10 32.53
CA LYS A 651 -55.15 -9.14 31.66
C LYS A 651 -54.17 -9.49 30.57
N SER A 652 -53.37 -8.51 30.13
CA SER A 652 -52.25 -8.80 29.24
C SER A 652 -51.21 -9.67 29.95
N ARG A 653 -51.03 -9.48 31.26
CA ARG A 653 -50.09 -10.32 31.99
C ARG A 653 -50.61 -11.73 32.17
N VAL A 654 -51.93 -11.88 32.32
CA VAL A 654 -52.52 -13.22 32.35
C VAL A 654 -52.36 -13.90 31.00
N ALA A 655 -52.52 -13.15 29.90
CA ALA A 655 -52.34 -13.73 28.57
C ALA A 655 -50.89 -14.13 28.32
N ILE A 656 -49.93 -13.33 28.77
CA ILE A 656 -48.50 -13.66 28.67
C ILE A 656 -48.18 -14.94 29.44
N LEU A 657 -48.69 -15.06 30.67
CA LEU A 657 -48.40 -16.25 31.47
C LEU A 657 -49.12 -17.47 30.93
N LYS A 658 -50.25 -17.31 30.26
CA LYS A 658 -50.84 -18.43 29.54
C LYS A 658 -50.00 -18.79 28.32
N ALA A 659 -49.30 -17.80 27.76
CA ALA A 659 -48.51 -18.05 26.56
C ALA A 659 -47.24 -18.82 26.86
N ASN A 660 -46.52 -18.46 27.94
CA ASN A 660 -45.25 -19.12 28.22
C ASN A 660 -45.42 -20.55 28.71
N LEU A 661 -46.57 -20.86 29.31
CA LEU A 661 -46.78 -22.11 30.04
C LEU A 661 -47.36 -23.23 29.21
N ARG A 662 -47.25 -23.19 27.88
CA ARG A 662 -47.95 -24.18 27.08
C ARG A 662 -47.09 -25.42 26.85
N LYS A 663 -45.77 -25.27 26.91
CA LYS A 663 -44.91 -26.44 26.70
C LYS A 663 -44.84 -27.31 27.94
N SER A 664 -44.87 -26.70 29.12
CA SER A 664 -44.71 -27.54 30.30
C SER A 664 -46.08 -27.86 30.90
N PRO A 665 -46.26 -29.06 31.43
CA PRO A 665 -47.53 -29.39 32.09
C PRO A 665 -47.55 -28.85 33.51
N VAL A 666 -48.63 -28.14 33.85
CA VAL A 666 -48.85 -27.66 35.21
C VAL A 666 -50.16 -28.24 35.73
N ALA A 667 -50.39 -28.06 37.02
CA ALA A 667 -51.53 -28.65 37.70
C ALA A 667 -52.71 -27.69 37.71
N LYS A 668 -53.77 -28.11 38.37
CA LYS A 668 -55.00 -27.34 38.47
C LYS A 668 -55.06 -26.50 39.73
N ASP A 669 -54.03 -26.55 40.57
CA ASP A 669 -53.98 -25.81 41.83
C ASP A 669 -53.47 -24.39 41.64
N VAL A 670 -52.98 -24.06 40.47
CA VAL A 670 -52.31 -22.79 40.23
C VAL A 670 -53.35 -21.74 39.82
N ASP A 671 -53.14 -20.50 40.30
CA ASP A 671 -53.96 -19.36 39.93
C ASP A 671 -53.07 -18.33 39.25
N LEU A 672 -53.41 -18.00 38.00
CA LEU A 672 -52.61 -17.04 37.26
C LEU A 672 -53.07 -15.61 37.49
N GLU A 673 -54.32 -15.41 37.91
CA GLU A 673 -54.86 -14.06 38.08
C GLU A 673 -54.22 -13.37 39.27
N PHE A 674 -54.13 -14.07 40.40
CA PHE A 674 -53.42 -13.55 41.57
C PHE A 674 -51.95 -13.32 41.27
N LEU A 675 -51.37 -14.20 40.45
CA LEU A 675 -49.95 -14.10 40.13
C LEU A 675 -49.67 -12.90 39.22
N ALA A 676 -50.63 -12.51 38.39
CA ALA A 676 -50.49 -11.27 37.66
C ALA A 676 -50.85 -10.04 38.49
N LYS A 677 -51.70 -10.21 39.50
CA LYS A 677 -52.02 -9.10 40.41
C LYS A 677 -50.90 -8.82 41.40
N MET A 678 -49.94 -9.74 41.55
CA MET A 678 -48.76 -9.44 42.35
C MET A 678 -47.76 -8.57 41.58
N THR A 679 -47.58 -8.82 40.29
CA THR A 679 -46.60 -8.09 39.47
C THR A 679 -47.19 -6.76 39.03
N ASN A 680 -46.40 -5.69 39.11
CA ASN A 680 -46.87 -4.35 38.74
C ASN A 680 -46.17 -3.77 37.52
N GLY A 681 -44.85 -3.58 37.58
CA GLY A 681 -44.06 -3.09 36.47
C GLY A 681 -43.32 -4.17 35.72
N PHE A 682 -43.78 -5.41 35.84
CA PHE A 682 -43.07 -6.55 35.31
C PHE A 682 -43.45 -6.80 33.86
N SER A 683 -42.45 -6.95 33.00
CA SER A 683 -42.59 -7.10 31.57
C SER A 683 -42.90 -8.55 31.22
N GLY A 684 -42.81 -8.87 29.92
CA GLY A 684 -42.96 -10.26 29.52
C GLY A 684 -41.72 -11.07 29.81
N ALA A 685 -40.54 -10.43 29.76
CA ALA A 685 -39.30 -11.11 30.09
C ALA A 685 -39.25 -11.52 31.54
N ASP A 686 -39.83 -10.70 32.41
CA ASP A 686 -39.85 -11.02 33.84
C ASP A 686 -40.80 -12.17 34.15
N LEU A 687 -41.94 -12.20 33.47
CA LEU A 687 -42.87 -13.29 33.67
C LEU A 687 -42.33 -14.60 33.11
N THR A 688 -41.54 -14.51 32.02
CA THR A 688 -40.89 -15.70 31.50
C THR A 688 -39.78 -16.16 32.45
N GLU A 689 -39.11 -15.21 33.11
CA GLU A 689 -38.12 -15.53 34.12
C GLU A 689 -38.74 -16.27 35.29
N ILE A 690 -39.93 -15.85 35.71
CA ILE A 690 -40.65 -16.53 36.81
C ILE A 690 -41.01 -17.96 36.42
N CYS A 691 -41.56 -18.16 35.23
CA CYS A 691 -41.91 -19.51 34.78
C CYS A 691 -40.68 -20.41 34.66
N GLN A 692 -39.56 -19.84 34.21
CA GLN A 692 -38.34 -20.62 34.04
C GLN A 692 -37.75 -20.99 35.39
N ARG A 693 -37.84 -20.08 36.37
CA ARG A 693 -37.44 -20.38 37.75
C ARG A 693 -38.26 -21.53 38.33
N ALA A 694 -39.56 -21.53 38.07
CA ALA A 694 -40.42 -22.60 38.58
C ALA A 694 -40.06 -23.95 37.97
N CYS A 695 -39.77 -23.97 36.67
CA CYS A 695 -39.40 -25.24 36.04
C CYS A 695 -38.06 -25.74 36.57
N LYS A 696 -37.15 -24.83 36.89
CA LYS A 696 -35.87 -25.26 37.42
C LYS A 696 -36.00 -25.84 38.83
N LEU A 697 -36.90 -25.28 39.64
CA LEU A 697 -37.15 -25.85 40.97
C LEU A 697 -37.76 -27.23 40.88
N ALA A 698 -38.68 -27.43 39.93
CA ALA A 698 -39.27 -28.76 39.76
C ALA A 698 -38.23 -29.80 39.34
N ILE A 699 -37.28 -29.40 38.49
CA ILE A 699 -36.25 -30.34 38.05
C ILE A 699 -35.31 -30.69 39.20
N ARG A 700 -35.04 -29.71 40.08
CA ARG A 700 -34.23 -29.99 41.26
C ARG A 700 -34.89 -31.05 42.16
N GLU A 701 -36.19 -30.88 42.44
CA GLU A 701 -36.90 -31.87 43.26
C GLU A 701 -36.93 -33.25 42.60
N SER A 702 -37.07 -33.30 41.27
CA SER A 702 -37.09 -34.58 40.59
C SER A 702 -35.77 -35.32 40.70
N ILE A 703 -34.65 -34.61 40.56
CA ILE A 703 -33.35 -35.28 40.60
C ILE A 703 -33.03 -35.72 42.02
N GLU A 704 -33.37 -34.89 43.01
CA GLU A 704 -33.14 -35.26 44.41
C GLU A 704 -33.99 -36.46 44.83
N SER A 705 -35.22 -36.56 44.31
CA SER A 705 -36.05 -37.73 44.60
C SER A 705 -35.47 -38.99 43.99
N GLU A 706 -34.97 -38.91 42.75
CA GLU A 706 -34.35 -40.08 42.15
C GLU A 706 -33.09 -40.52 42.89
N ILE A 707 -32.35 -39.56 43.45
CA ILE A 707 -31.16 -39.92 44.24
C ILE A 707 -31.55 -40.64 45.52
N ARG A 708 -32.63 -40.20 46.18
CA ARG A 708 -33.10 -40.93 47.37
C ARG A 708 -33.58 -42.34 47.03
N ARG A 709 -34.25 -42.52 45.88
CA ARG A 709 -34.67 -43.86 45.49
C ARG A 709 -33.49 -44.78 45.19
N GLU A 710 -32.48 -44.27 44.49
CA GLU A 710 -31.32 -45.09 44.17
C GLU A 710 -30.50 -45.43 45.40
N ARG A 711 -30.42 -44.51 46.37
CA ARG A 711 -29.71 -44.83 47.61
C ARG A 711 -30.49 -45.83 48.47
N GLU A 712 -31.83 -45.75 48.44
CA GLU A 712 -32.63 -46.75 49.15
C GLU A 712 -32.51 -48.13 48.52
N ARG A 713 -32.45 -48.21 47.18
CA ARG A 713 -32.18 -49.48 46.52
C ARG A 713 -30.77 -49.98 46.80
N GLN A 714 -29.81 -49.07 46.98
CA GLN A 714 -28.47 -49.49 47.39
C GLN A 714 -28.46 -50.00 48.82
N THR A 715 -29.37 -49.50 49.67
CA THR A 715 -29.39 -49.89 51.08
C THR A 715 -29.80 -51.35 51.25
N ASN A 716 -30.83 -51.80 50.52
CA ASN A 716 -31.29 -53.18 50.58
C ASN A 716 -31.31 -53.77 49.17
N PRO A 717 -30.14 -54.12 48.61
CA PRO A 717 -30.12 -54.59 47.22
C PRO A 717 -30.47 -56.06 47.11
N SER A 718 -30.72 -56.71 48.24
CA SER A 718 -31.10 -58.12 48.24
C SER A 718 -32.48 -58.36 47.66
N ALA A 719 -33.42 -57.44 47.88
CA ALA A 719 -34.77 -57.58 47.33
C ALA A 719 -34.93 -56.81 46.02
N MET A 720 -34.78 -55.48 46.08
CA MET A 720 -34.99 -54.54 44.96
C MET A 720 -36.36 -54.78 44.31
N GLU A 721 -37.41 -54.51 45.08
CA GLU A 721 -38.76 -54.93 44.71
C GLU A 721 -39.78 -53.80 44.70
N VAL A 722 -39.36 -52.53 44.62
CA VAL A 722 -40.32 -51.44 44.70
C VAL A 722 -41.09 -51.28 43.38
N GLU A 723 -40.39 -51.23 42.25
CA GLU A 723 -40.94 -51.04 40.90
C GLU A 723 -41.84 -49.80 40.83
N GLU A 724 -41.24 -48.67 41.19
CA GLU A 724 -42.00 -47.45 41.39
C GLU A 724 -42.43 -46.84 40.07
N ASP A 725 -43.37 -45.91 40.16
CA ASP A 725 -43.82 -45.09 39.06
C ASP A 725 -43.17 -43.72 39.15
N ASP A 726 -43.63 -42.80 38.32
CA ASP A 726 -43.00 -41.50 38.21
C ASP A 726 -43.43 -40.60 39.37
N PRO A 727 -42.49 -40.12 40.19
CA PRO A 727 -42.90 -39.39 41.40
C PRO A 727 -43.39 -37.98 41.13
N VAL A 728 -43.05 -37.40 39.99
CA VAL A 728 -43.50 -36.05 39.67
C VAL A 728 -43.67 -35.89 38.15
N PRO A 729 -44.90 -35.76 37.67
CA PRO A 729 -45.12 -35.45 36.25
C PRO A 729 -45.39 -33.99 35.93
N GLU A 730 -45.68 -33.14 36.91
CA GLU A 730 -46.14 -31.77 36.66
C GLU A 730 -45.64 -30.85 37.75
N ILE A 731 -45.91 -29.56 37.56
CA ILE A 731 -45.70 -28.55 38.58
C ILE A 731 -47.02 -28.41 39.33
N ARG A 732 -47.01 -28.63 40.64
CA ARG A 732 -48.24 -28.63 41.42
C ARG A 732 -48.70 -27.23 41.82
N ARG A 733 -47.90 -26.51 42.62
CA ARG A 733 -48.11 -25.16 43.14
C ARG A 733 -46.83 -24.90 43.92
N ASP A 734 -46.70 -23.68 44.44
CA ASP A 734 -45.78 -23.28 45.52
C ASP A 734 -44.32 -23.19 45.04
N HIS A 735 -44.04 -23.66 43.83
CA HIS A 735 -42.80 -23.24 43.20
C HIS A 735 -42.94 -21.81 42.73
N PHE A 736 -44.18 -21.43 42.38
CA PHE A 736 -44.46 -20.07 41.97
C PHE A 736 -44.34 -19.09 43.12
N GLU A 737 -44.51 -19.56 44.36
CA GLU A 737 -44.34 -18.66 45.50
C GLU A 737 -42.88 -18.35 45.75
N GLU A 738 -42.01 -19.35 45.66
CA GLU A 738 -40.59 -19.10 45.81
C GLU A 738 -40.06 -18.29 44.63
N ALA A 739 -40.59 -18.55 43.43
CA ALA A 739 -40.23 -17.74 42.26
C ALA A 739 -40.72 -16.31 42.39
N MET A 740 -41.89 -16.12 43.01
CA MET A 740 -42.39 -14.79 43.32
C MET A 740 -41.48 -14.08 44.30
N ARG A 741 -40.89 -14.85 45.23
CA ARG A 741 -39.94 -14.27 46.16
C ARG A 741 -38.66 -13.83 45.47
N PHE A 742 -38.21 -14.58 44.46
CA PHE A 742 -36.94 -14.24 43.82
C PHE A 742 -37.02 -12.98 42.96
N ALA A 743 -38.23 -12.65 42.47
CA ALA A 743 -38.37 -11.73 41.34
C ALA A 743 -37.98 -10.30 41.70
N ARG A 744 -37.32 -9.62 40.76
CA ARG A 744 -37.01 -8.21 40.88
C ARG A 744 -37.50 -7.46 39.65
N ARG A 745 -37.83 -6.20 39.84
CA ARG A 745 -38.44 -5.39 38.78
C ARG A 745 -37.37 -4.95 37.79
N SER A 746 -37.78 -4.76 36.53
CA SER A 746 -36.81 -4.46 35.48
C SER A 746 -36.78 -2.98 35.13
N VAL A 747 -37.92 -2.30 35.16
CA VAL A 747 -38.01 -0.90 34.76
C VAL A 747 -38.58 -0.08 35.92
N SER A 748 -37.86 0.96 36.32
CA SER A 748 -38.31 1.82 37.40
C SER A 748 -39.40 2.77 36.93
N ASP A 749 -40.04 3.48 37.87
CA ASP A 749 -41.20 4.29 37.53
C ASP A 749 -40.81 5.63 36.93
N ASN A 750 -39.63 6.15 37.27
CA ASN A 750 -39.10 7.33 36.61
C ASN A 750 -38.90 7.08 35.12
N ASP A 751 -38.42 5.90 34.77
CA ASP A 751 -38.27 5.54 33.38
C ASP A 751 -39.63 5.38 32.71
N ILE A 752 -40.64 4.94 33.45
CA ILE A 752 -41.96 4.74 32.83
C ILE A 752 -42.60 6.10 32.52
N ARG A 753 -42.43 7.09 33.39
CA ARG A 753 -42.97 8.39 33.04
C ARG A 753 -42.15 9.08 31.96
N LYS A 754 -40.84 8.79 31.88
CA LYS A 754 -40.06 9.31 30.76
C LYS A 754 -40.51 8.68 29.44
N TYR A 755 -40.83 7.39 29.44
CA TYR A 755 -41.33 6.77 28.21
C TYR A 755 -42.72 7.28 27.87
N GLU A 756 -43.52 7.67 28.87
CA GLU A 756 -44.81 8.29 28.56
C GLU A 756 -44.63 9.65 27.90
N MET A 757 -43.63 10.42 28.36
CA MET A 757 -43.41 11.74 27.79
C MET A 757 -42.79 11.67 26.39
N PHE A 758 -42.06 10.59 26.09
CA PHE A 758 -41.65 10.38 24.70
C PHE A 758 -42.75 9.71 23.89
N ALA A 759 -43.70 9.08 24.57
CA ALA A 759 -44.78 8.40 23.87
C ALA A 759 -45.75 9.40 23.29
N GLN A 760 -45.99 10.49 23.99
CA GLN A 760 -46.94 11.47 23.46
C GLN A 760 -46.33 12.26 22.30
N THR A 761 -45.12 12.80 22.48
CA THR A 761 -44.53 13.75 21.54
C THR A 761 -43.09 13.36 21.21
N LEU A 762 -42.91 12.50 20.21
CA LEU A 762 -41.61 12.22 19.61
C LEU A 762 -41.48 12.83 18.23
N GLN A 763 -42.58 13.02 17.53
CA GLN A 763 -42.60 13.61 16.19
C GLN A 763 -42.09 15.06 16.19
N GLN A 764 -42.15 15.75 17.31
CA GLN A 764 -41.68 17.12 17.41
C GLN A 764 -40.16 17.24 17.52
N SER A 765 -39.42 16.14 17.40
CA SER A 765 -37.98 16.18 17.62
C SER A 765 -37.22 16.57 16.36
N ARG A 766 -37.94 16.73 15.25
CA ARG A 766 -37.34 17.03 13.92
C ARG A 766 -36.63 18.39 13.87
N GLY A 767 -37.26 19.42 14.45
CA GLY A 767 -36.76 20.78 14.36
C GLY A 767 -35.56 21.00 15.27
N PHE A 768 -35.66 22.03 16.10
CA PHE A 768 -34.62 22.27 17.10
C PHE A 768 -34.73 21.24 18.22
N GLY A 769 -33.59 20.93 18.83
CA GLY A 769 -33.56 20.07 20.00
C GLY A 769 -33.81 18.60 19.70
N LEU B 12 -15.67 -45.28 24.39
CA LEU B 12 -15.42 -46.05 23.18
C LEU B 12 -14.73 -45.20 22.13
N SER B 13 -14.32 -43.99 22.53
CA SER B 13 -13.67 -43.08 21.59
C SER B 13 -12.27 -43.55 21.23
N THR B 14 -11.62 -44.28 22.14
CA THR B 14 -10.32 -44.88 21.88
C THR B 14 -10.37 -46.39 21.86
N ALA B 15 -11.49 -46.96 21.38
CA ALA B 15 -11.68 -48.40 21.40
C ALA B 15 -10.87 -49.13 20.35
N ILE B 16 -10.34 -48.43 19.35
CA ILE B 16 -9.57 -49.12 18.31
C ILE B 16 -8.14 -49.39 18.76
N LEU B 17 -7.70 -48.81 19.87
CA LEU B 17 -6.37 -49.03 20.41
C LEU B 17 -6.32 -50.16 21.42
N LYS B 18 -7.31 -51.04 21.44
CA LYS B 18 -7.30 -52.16 22.36
C LYS B 18 -6.69 -53.38 21.67
N GLN B 19 -5.94 -54.17 22.45
CA GLN B 19 -5.11 -55.20 21.82
C GLN B 19 -5.88 -56.49 21.52
N LYS B 20 -7.01 -56.73 22.19
CA LYS B 20 -7.92 -57.85 21.90
C LYS B 20 -7.22 -59.20 22.07
N ASN B 21 -6.96 -59.57 23.32
CA ASN B 21 -6.28 -60.83 23.61
C ASN B 21 -7.11 -62.04 23.19
N ARG B 22 -6.44 -62.99 22.55
CA ARG B 22 -6.98 -64.16 21.88
C ARG B 22 -6.22 -65.39 22.32
N PRO B 23 -6.76 -66.61 22.07
CA PRO B 23 -6.03 -67.84 22.43
C PRO B 23 -4.67 -68.04 21.77
N ASN B 24 -4.42 -67.40 20.62
CA ASN B 24 -3.12 -67.51 19.96
C ASN B 24 -2.18 -66.37 20.31
N ARG B 25 -2.41 -65.69 21.44
CA ARG B 25 -1.53 -64.63 21.89
C ARG B 25 -0.52 -65.19 22.87
N LEU B 26 0.75 -64.84 22.67
CA LEU B 26 1.85 -65.42 23.41
C LEU B 26 2.74 -64.28 23.93
N ILE B 27 2.84 -64.18 25.25
CA ILE B 27 3.68 -63.18 25.89
C ILE B 27 5.09 -63.75 26.02
N VAL B 28 6.10 -62.93 25.77
CA VAL B 28 7.46 -63.42 25.79
C VAL B 28 7.92 -63.62 27.24
N ASP B 29 8.96 -64.45 27.38
CA ASP B 29 9.62 -64.67 28.66
C ASP B 29 11.02 -65.17 28.35
N GLU B 30 11.86 -65.24 29.38
CA GLU B 30 13.25 -65.65 29.20
C GLU B 30 13.34 -67.15 28.95
N ALA B 31 14.20 -67.55 28.01
CA ALA B 31 14.43 -68.96 27.71
C ALA B 31 15.87 -69.35 28.06
N ILE B 32 16.02 -70.59 28.53
CA ILE B 32 17.33 -71.07 28.98
C ILE B 32 18.08 -71.86 27.91
N ASN B 33 17.50 -72.02 26.73
CA ASN B 33 18.19 -72.71 25.64
C ASN B 33 19.02 -71.72 24.83
N GLU B 34 20.31 -72.04 24.67
CA GLU B 34 21.19 -71.20 23.87
C GLU B 34 21.00 -71.40 22.37
N ASP B 35 20.21 -72.40 21.97
CA ASP B 35 19.90 -72.59 20.57
C ASP B 35 18.99 -71.47 20.07
N ASN B 36 19.27 -71.00 18.86
CA ASN B 36 18.60 -69.83 18.30
C ASN B 36 17.46 -70.21 17.36
N SER B 37 16.83 -71.35 17.59
CA SER B 37 15.66 -71.76 16.83
C SER B 37 14.63 -72.42 17.72
N VAL B 38 14.58 -72.06 18.99
CA VAL B 38 13.75 -72.73 19.97
C VAL B 38 12.56 -71.83 20.31
N VAL B 39 11.40 -72.45 20.53
CA VAL B 39 10.29 -71.83 21.22
C VAL B 39 9.88 -72.78 22.34
N SER B 40 9.15 -72.24 23.31
CA SER B 40 8.63 -73.02 24.43
C SER B 40 7.12 -72.96 24.40
N LEU B 41 6.48 -74.05 24.01
CA LEU B 41 5.02 -74.13 24.04
C LEU B 41 4.57 -75.33 24.84
N SER B 42 3.45 -75.16 25.52
CA SER B 42 2.83 -76.20 26.31
C SER B 42 2.08 -77.16 25.40
N GLN B 43 1.81 -78.35 25.93
CA GLN B 43 1.10 -79.40 25.21
C GLN B 43 -0.36 -79.07 24.86
N PRO B 44 -1.19 -78.46 25.73
CA PRO B 44 -2.50 -78.02 25.24
C PRO B 44 -2.44 -76.90 24.22
N LYS B 45 -1.35 -76.13 24.19
CA LYS B 45 -1.21 -75.12 23.15
C LYS B 45 -0.94 -75.76 21.79
N MET B 46 -0.10 -76.81 21.76
CA MET B 46 0.17 -77.48 20.50
C MET B 46 -0.99 -78.36 20.06
N ASP B 47 -1.72 -78.96 21.00
CA ASP B 47 -2.95 -79.66 20.67
C ASP B 47 -4.11 -78.71 20.41
N GLU B 48 -3.95 -77.42 20.74
CA GLU B 48 -5.01 -76.44 20.55
C GLU B 48 -5.02 -75.89 19.14
N LEU B 49 -3.87 -75.37 18.69
CA LEU B 49 -3.71 -74.85 17.34
C LEU B 49 -3.31 -75.92 16.33
N GLN B 50 -3.41 -77.20 16.73
CA GLN B 50 -3.04 -78.36 15.91
C GLN B 50 -1.58 -78.29 15.47
N LEU B 51 -0.72 -77.78 16.35
CA LEU B 51 0.71 -77.66 16.07
C LEU B 51 1.35 -79.00 16.36
N PHE B 52 1.68 -79.74 15.31
CA PHE B 52 2.37 -81.00 15.48
C PHE B 52 3.85 -80.72 15.71
N ARG B 53 4.54 -81.68 16.32
CA ARG B 53 5.93 -81.47 16.72
C ARG B 53 6.83 -81.37 15.50
N GLY B 54 7.56 -80.25 15.39
CA GLY B 54 8.40 -79.99 14.26
C GLY B 54 7.82 -79.04 13.23
N ASP B 55 6.68 -78.44 13.52
CA ASP B 55 6.09 -77.45 12.63
C ASP B 55 6.88 -76.14 12.65
N THR B 56 6.68 -75.35 11.61
CA THR B 56 7.27 -74.04 11.48
C THR B 56 6.14 -73.01 11.50
N VAL B 57 6.10 -72.23 12.56
CA VAL B 57 5.03 -71.24 12.72
C VAL B 57 5.54 -69.89 12.21
N LEU B 58 4.60 -68.99 11.96
CA LEU B 58 4.89 -67.66 11.46
C LEU B 58 4.64 -66.67 12.59
N LEU B 59 5.72 -66.15 13.17
CA LEU B 59 5.65 -65.25 14.31
C LEU B 59 5.64 -63.81 13.83
N LYS B 60 4.75 -62.99 14.39
CA LYS B 60 4.59 -61.61 13.97
C LYS B 60 4.84 -60.70 15.15
N GLY B 61 5.76 -59.75 14.99
CA GLY B 61 6.08 -58.81 16.05
C GLY B 61 5.63 -57.40 15.76
N LYS B 62 6.51 -56.43 16.00
CA LYS B 62 6.21 -55.02 15.86
C LYS B 62 6.98 -54.45 14.68
N LYS B 63 6.42 -53.37 14.11
CA LYS B 63 6.98 -52.66 12.94
C LYS B 63 7.18 -53.59 11.74
N ARG B 64 6.23 -54.51 11.56
CA ARG B 64 6.13 -55.47 10.46
C ARG B 64 7.30 -56.43 10.38
N ARG B 65 8.10 -56.57 11.43
CA ARG B 65 9.13 -57.59 11.48
C ARG B 65 8.49 -58.93 11.77
N GLU B 66 8.98 -59.98 11.11
CA GLU B 66 8.51 -61.33 11.36
C GLU B 66 9.67 -62.27 11.62
N ALA B 67 9.32 -63.49 12.01
CA ALA B 67 10.31 -64.52 12.29
C ALA B 67 9.63 -65.88 12.16
N VAL B 68 10.45 -66.89 11.91
CA VAL B 68 10.02 -68.29 11.87
C VAL B 68 10.98 -69.13 12.70
N CYS B 69 10.42 -70.06 13.45
CA CYS B 69 11.20 -71.02 14.22
C CYS B 69 10.48 -72.36 14.19
N ILE B 70 11.26 -73.43 14.29
CA ILE B 70 10.69 -74.77 14.43
C ILE B 70 10.24 -74.96 15.87
N VAL B 71 9.07 -75.59 16.04
CA VAL B 71 8.38 -75.62 17.33
C VAL B 71 8.84 -76.86 18.10
N LEU B 72 8.94 -76.70 19.43
CA LEU B 72 9.25 -77.80 20.33
C LEU B 72 8.20 -77.84 21.43
N SER B 73 8.08 -79.00 22.08
CA SER B 73 7.09 -79.20 23.14
C SER B 73 7.77 -79.07 24.50
N ASP B 74 7.98 -77.83 24.92
CA ASP B 74 8.54 -77.54 26.24
C ASP B 74 7.38 -77.44 27.22
N ASP B 75 7.13 -78.52 27.94
CA ASP B 75 5.92 -78.66 28.75
C ASP B 75 6.00 -77.94 30.09
N THR B 76 7.17 -77.44 30.49
CA THR B 76 7.26 -76.61 31.68
C THR B 76 6.93 -75.15 31.41
N CYS B 77 6.58 -74.82 30.17
CA CYS B 77 6.08 -73.49 29.84
C CYS B 77 4.62 -73.34 30.26
N SER B 78 4.20 -72.10 30.45
CA SER B 78 2.83 -71.81 30.82
C SER B 78 1.95 -71.64 29.58
N ASP B 79 0.64 -71.80 29.77
CA ASP B 79 -0.31 -71.71 28.68
C ASP B 79 -0.50 -70.30 28.13
N GLU B 80 -0.04 -69.29 28.87
CA GLU B 80 -0.25 -67.89 28.52
C GLU B 80 1.02 -67.18 28.07
N LYS B 81 2.16 -67.87 28.05
CA LYS B 81 3.43 -67.24 27.73
C LYS B 81 4.19 -68.06 26.71
N ILE B 82 5.36 -67.54 26.32
CA ILE B 82 6.31 -68.24 25.46
C ILE B 82 7.70 -67.76 25.87
N ARG B 83 8.70 -68.59 25.61
CA ARG B 83 10.07 -68.31 26.02
C ARG B 83 11.00 -68.37 24.81
N MET B 84 11.81 -67.33 24.66
CA MET B 84 12.73 -67.20 23.53
C MET B 84 13.95 -66.42 24.00
N ASN B 85 14.99 -66.42 23.17
CA ASN B 85 16.26 -65.79 23.51
C ASN B 85 16.27 -64.33 23.08
N ARG B 86 17.46 -63.71 23.10
CA ARG B 86 17.58 -62.32 22.66
C ARG B 86 17.62 -62.20 21.15
N VAL B 87 17.96 -63.27 20.45
CA VAL B 87 18.10 -63.22 19.00
C VAL B 87 16.74 -63.04 18.34
N VAL B 88 15.75 -63.80 18.80
CA VAL B 88 14.41 -63.69 18.24
C VAL B 88 13.76 -62.38 18.69
N ARG B 89 14.02 -61.97 19.93
CA ARG B 89 13.48 -60.72 20.45
C ARG B 89 14.13 -59.48 19.86
N ASN B 90 15.30 -59.61 19.26
CA ASN B 90 15.80 -58.52 18.41
C ASN B 90 15.40 -58.68 16.96
N ASN B 91 15.01 -59.88 16.53
CA ASN B 91 14.46 -60.01 15.18
C ASN B 91 12.97 -59.69 15.13
N LEU B 92 12.32 -59.52 16.27
CA LEU B 92 10.91 -59.18 16.33
C LEU B 92 10.63 -57.85 17.01
N ARG B 93 11.68 -57.16 17.47
CA ARG B 93 11.62 -55.78 17.97
C ARG B 93 10.69 -55.62 19.17
N VAL B 94 10.68 -56.61 20.06
CA VAL B 94 9.82 -56.60 21.24
C VAL B 94 10.67 -56.51 22.49
N ARG B 95 10.07 -56.03 23.56
CA ARG B 95 10.68 -56.00 24.87
C ARG B 95 10.18 -57.19 25.68
N LEU B 96 10.55 -57.24 26.95
CA LEU B 96 10.11 -58.30 27.85
C LEU B 96 8.74 -57.94 28.41
N GLY B 97 7.70 -58.63 27.95
CA GLY B 97 6.35 -58.31 28.34
C GLY B 97 5.54 -57.69 27.23
N ASP B 98 5.69 -58.20 26.01
CA ASP B 98 4.93 -57.74 24.86
C ASP B 98 4.36 -58.93 24.10
N VAL B 99 3.14 -58.78 23.59
CA VAL B 99 2.45 -59.89 22.93
C VAL B 99 2.99 -60.08 21.52
N ILE B 100 2.95 -61.32 21.05
CA ILE B 100 3.40 -61.71 19.72
C ILE B 100 2.42 -62.73 19.16
N SER B 101 1.86 -62.45 17.99
CA SER B 101 0.95 -63.38 17.35
C SER B 101 1.72 -64.58 16.80
N ILE B 102 1.04 -65.72 16.77
CA ILE B 102 1.58 -66.94 16.19
C ILE B 102 0.63 -67.39 15.09
N GLN B 103 1.18 -67.93 14.02
CA GLN B 103 0.35 -68.42 12.92
C GLN B 103 0.94 -69.73 12.38
N PRO B 104 0.16 -70.81 12.36
CA PRO B 104 0.66 -72.05 11.75
C PRO B 104 0.70 -71.94 10.23
N CYS B 105 1.91 -71.80 9.70
CA CYS B 105 2.14 -71.67 8.26
C CYS B 105 3.11 -72.75 7.83
N PRO B 106 2.61 -73.94 7.49
CA PRO B 106 3.51 -75.04 7.10
C PRO B 106 3.81 -75.07 5.61
N ASP B 107 3.55 -73.96 4.92
CA ASP B 107 3.80 -73.86 3.48
C ASP B 107 5.31 -73.78 3.25
N VAL B 108 5.93 -74.95 3.20
CA VAL B 108 7.38 -75.06 3.13
C VAL B 108 7.80 -75.32 1.70
N LYS B 109 8.61 -74.42 1.15
CA LYS B 109 9.34 -74.66 -0.08
C LYS B 109 10.81 -74.35 0.15
N TYR B 110 11.67 -75.11 -0.51
CA TYR B 110 13.10 -74.98 -0.31
C TYR B 110 13.66 -73.82 -1.11
N GLY B 111 14.84 -73.36 -0.70
CA GLY B 111 15.52 -72.27 -1.37
C GLY B 111 16.50 -72.77 -2.41
N LYS B 112 16.76 -71.91 -3.40
CA LYS B 112 17.74 -72.19 -4.44
C LYS B 112 19.13 -71.71 -4.05
N ARG B 113 19.27 -70.42 -3.79
CA ARG B 113 20.50 -69.83 -3.29
C ARG B 113 20.17 -68.90 -2.15
N ILE B 114 20.94 -68.99 -1.07
CA ILE B 114 20.90 -68.02 0.00
C ILE B 114 22.20 -67.22 -0.03
N HIS B 115 22.22 -66.10 0.68
CA HIS B 115 23.38 -65.21 0.64
C HIS B 115 23.50 -64.52 1.99
N VAL B 116 24.39 -65.03 2.84
CA VAL B 116 24.67 -64.40 4.13
C VAL B 116 25.73 -63.34 3.92
N LEU B 117 25.83 -62.42 4.87
CA LEU B 117 26.82 -61.35 4.89
C LEU B 117 27.20 -61.08 6.35
N PRO B 118 28.49 -61.06 6.66
CA PRO B 118 28.90 -60.79 8.05
C PRO B 118 28.84 -59.32 8.38
N ILE B 119 29.10 -59.02 9.65
CA ILE B 119 29.24 -57.65 10.13
C ILE B 119 30.69 -57.43 10.53
N ASP B 120 31.30 -56.38 9.99
CA ASP B 120 32.76 -56.30 9.86
C ASP B 120 33.50 -56.05 11.18
N ASP B 121 32.87 -55.33 12.12
CA ASP B 121 33.58 -54.96 13.35
C ASP B 121 33.88 -56.15 14.24
N THR B 122 33.03 -57.18 14.21
CA THR B 122 33.33 -58.43 14.87
C THR B 122 34.24 -59.32 14.03
N VAL B 123 34.23 -59.15 12.71
CA VAL B 123 35.15 -59.89 11.85
C VAL B 123 36.58 -59.34 11.99
N GLU B 124 36.73 -58.03 12.16
CA GLU B 124 38.04 -57.47 12.44
C GLU B 124 38.52 -57.90 13.83
N GLY B 125 39.82 -57.82 14.03
CA GLY B 125 40.48 -58.63 15.03
C GLY B 125 41.23 -59.73 14.31
N ILE B 126 40.63 -60.92 14.24
CA ILE B 126 41.10 -61.95 13.33
C ILE B 126 39.92 -62.42 12.47
N THR B 127 40.19 -62.62 11.18
CA THR B 127 39.20 -63.15 10.25
C THR B 127 39.46 -64.62 9.96
N GLY B 128 40.65 -64.94 9.47
CA GLY B 128 40.96 -66.32 9.13
C GLY B 128 40.28 -66.73 7.85
N ASN B 129 39.61 -67.88 7.89
CA ASN B 129 38.78 -68.36 6.78
C ASN B 129 37.33 -68.33 7.26
N LEU B 130 36.48 -67.66 6.50
CA LEU B 130 35.11 -67.46 6.97
C LEU B 130 34.24 -68.69 6.73
N PHE B 131 34.40 -69.33 5.57
CA PHE B 131 33.43 -70.34 5.14
C PHE B 131 33.57 -71.62 5.95
N GLU B 132 34.71 -72.31 5.82
CA GLU B 132 34.87 -73.63 6.42
C GLU B 132 34.99 -73.62 7.93
N VAL B 133 35.11 -72.45 8.54
CA VAL B 133 35.22 -72.32 9.99
C VAL B 133 33.93 -71.78 10.60
N TYR B 134 33.23 -70.92 9.86
CA TYR B 134 32.03 -70.24 10.36
C TYR B 134 30.73 -70.79 9.81
N LEU B 135 30.65 -71.08 8.51
CA LEU B 135 29.39 -71.47 7.89
C LEU B 135 29.20 -72.98 7.82
N LYS B 136 30.26 -73.75 8.06
CA LYS B 136 30.13 -75.20 7.96
C LYS B 136 29.31 -75.82 9.09
N PRO B 137 29.67 -75.73 10.39
CA PRO B 137 29.04 -76.63 11.36
C PRO B 137 27.64 -76.22 11.80
N TYR B 138 27.13 -75.08 11.32
CA TYR B 138 25.82 -74.58 11.74
C TYR B 138 24.73 -74.83 10.72
N PHE B 139 25.09 -75.01 9.45
CA PHE B 139 24.13 -75.19 8.36
C PHE B 139 24.02 -76.62 7.86
N LEU B 140 25.10 -77.40 7.93
CA LEU B 140 25.11 -78.75 7.39
C LEU B 140 24.28 -79.68 8.25
N GLU B 141 23.19 -80.19 7.67
CA GLU B 141 22.22 -81.10 8.30
C GLU B 141 21.63 -80.47 9.57
N ALA B 142 20.96 -79.34 9.37
CA ALA B 142 20.29 -78.65 10.48
C ALA B 142 18.86 -78.28 10.12
N TYR B 143 18.64 -77.98 8.82
CA TYR B 143 17.35 -77.52 8.26
C TYR B 143 16.82 -76.27 8.98
N ARG B 144 17.71 -75.34 9.32
CA ARG B 144 17.32 -74.20 10.15
C ARG B 144 16.65 -73.13 9.30
N PRO B 145 15.44 -72.69 9.66
CA PRO B 145 14.74 -71.71 8.84
C PRO B 145 15.25 -70.30 9.03
N ILE B 146 15.12 -69.49 7.98
CA ILE B 146 15.51 -68.09 8.01
C ILE B 146 14.45 -67.25 7.30
N ARG B 147 14.33 -66.01 7.74
CA ARG B 147 13.59 -64.98 7.01
C ARG B 147 14.60 -64.06 6.36
N LYS B 148 14.23 -63.49 5.21
CA LYS B 148 15.09 -62.55 4.49
C LYS B 148 15.27 -61.29 5.33
N GLY B 149 16.43 -61.17 5.97
CA GLY B 149 16.72 -60.05 6.84
C GLY B 149 16.93 -60.41 8.30
N ASP B 150 17.43 -61.62 8.56
CA ASP B 150 17.67 -62.05 9.93
C ASP B 150 19.12 -61.86 10.33
N ILE B 151 19.34 -61.65 11.62
CA ILE B 151 20.68 -61.52 12.19
C ILE B 151 20.81 -62.67 13.18
N PHE B 152 21.66 -63.64 12.85
CA PHE B 152 21.85 -64.83 13.66
C PHE B 152 23.33 -64.96 14.01
N LEU B 153 23.59 -65.71 15.06
CA LEU B 153 24.91 -65.79 15.66
C LEU B 153 25.44 -67.21 15.60
N VAL B 154 26.69 -67.34 15.17
CA VAL B 154 27.39 -68.63 15.07
C VAL B 154 28.65 -68.52 15.92
N ARG B 155 28.83 -69.46 16.84
CA ARG B 155 30.04 -69.50 17.67
C ARG B 155 31.14 -70.35 17.04
N GLY B 156 31.45 -70.06 15.78
CA GLY B 156 32.50 -70.78 15.08
C GLY B 156 33.71 -69.91 14.83
N GLY B 157 34.06 -69.06 15.79
CA GLY B 157 35.20 -68.18 15.65
C GLY B 157 35.83 -67.77 16.97
N MET B 158 36.24 -66.51 17.09
CA MET B 158 36.84 -66.07 18.33
C MET B 158 35.79 -65.66 19.36
N ARG B 159 34.74 -64.99 18.91
CA ARG B 159 33.69 -64.44 19.76
C ARG B 159 32.46 -64.22 18.87
N ALA B 160 31.53 -63.39 19.32
CA ALA B 160 30.24 -63.23 18.66
C ALA B 160 30.35 -62.55 17.30
N VAL B 161 30.34 -63.35 16.23
CA VAL B 161 30.41 -62.86 14.86
C VAL B 161 29.07 -63.17 14.19
N GLU B 162 28.32 -62.13 13.85
CA GLU B 162 26.94 -62.26 13.39
C GLU B 162 26.87 -62.19 11.88
N PHE B 163 25.81 -62.79 11.34
CA PHE B 163 25.61 -62.93 9.90
C PHE B 163 24.26 -62.33 9.50
N LYS B 164 24.14 -61.95 8.24
CA LYS B 164 22.92 -61.29 7.78
C LYS B 164 22.53 -61.80 6.41
N VAL B 165 21.32 -62.35 6.31
CA VAL B 165 20.82 -62.95 5.08
C VAL B 165 20.10 -61.89 4.26
N VAL B 166 20.72 -61.46 3.17
CA VAL B 166 20.24 -60.34 2.39
C VAL B 166 19.55 -60.78 1.10
N GLU B 167 20.26 -61.46 0.22
CA GLU B 167 19.72 -61.86 -1.08
C GLU B 167 19.22 -63.30 -0.98
N THR B 168 17.94 -63.50 -1.26
CA THR B 168 17.33 -64.82 -1.18
C THR B 168 16.15 -64.84 -2.15
N ASP B 169 15.96 -65.96 -2.85
CA ASP B 169 14.84 -66.05 -3.80
C ASP B 169 13.51 -66.37 -3.11
N PRO B 170 13.41 -67.27 -2.12
CA PRO B 170 12.18 -67.29 -1.32
C PRO B 170 12.12 -66.08 -0.40
N SER B 171 11.13 -65.22 -0.64
CA SER B 171 10.97 -63.96 0.07
C SER B 171 10.29 -64.04 1.44
N PRO B 172 9.13 -64.78 1.65
CA PRO B 172 8.60 -64.84 3.02
C PRO B 172 9.51 -65.53 4.02
N TYR B 173 9.85 -66.80 3.77
CA TYR B 173 10.85 -67.55 4.53
C TYR B 173 11.10 -68.86 3.79
N CYS B 174 12.05 -69.63 4.30
CA CYS B 174 12.43 -70.91 3.69
C CYS B 174 13.20 -71.73 4.71
N ILE B 175 13.07 -73.05 4.62
CA ILE B 175 13.88 -73.98 5.38
C ILE B 175 15.09 -74.33 4.51
N VAL B 176 16.28 -73.96 4.98
CA VAL B 176 17.50 -74.12 4.19
C VAL B 176 17.91 -75.58 4.25
N ALA B 177 17.81 -76.27 3.12
CA ALA B 177 18.36 -77.60 2.99
C ALA B 177 19.88 -77.51 2.89
N PRO B 178 20.60 -78.60 3.24
CA PRO B 178 22.07 -78.60 3.04
C PRO B 178 22.50 -78.49 1.58
N ASP B 179 21.62 -78.78 0.63
CA ASP B 179 21.96 -78.62 -0.78
C ASP B 179 21.84 -77.18 -1.27
N THR B 180 21.27 -76.27 -0.46
CA THR B 180 21.12 -74.88 -0.85
C THR B 180 22.49 -74.20 -0.86
N VAL B 181 22.79 -73.48 -1.93
CA VAL B 181 24.13 -72.98 -2.20
C VAL B 181 24.42 -71.80 -1.28
N ILE B 182 25.48 -71.91 -0.49
CA ILE B 182 25.86 -70.91 0.49
C ILE B 182 27.12 -70.21 0.00
N HIS B 183 27.08 -68.87 -0.02
CA HIS B 183 28.19 -68.05 -0.46
C HIS B 183 28.78 -67.26 0.70
N CYS B 184 30.02 -66.82 0.51
CA CYS B 184 30.71 -65.99 1.48
C CYS B 184 31.53 -64.89 0.83
N GLU B 185 31.31 -64.64 -0.48
CA GLU B 185 32.14 -63.73 -1.24
C GLU B 185 31.74 -62.27 -1.08
N GLY B 186 30.61 -61.97 -0.46
CA GLY B 186 30.05 -60.64 -0.48
C GLY B 186 30.80 -59.68 0.42
N GLU B 187 30.20 -58.50 0.59
CA GLU B 187 30.80 -57.42 1.36
C GLU B 187 30.20 -57.38 2.76
N PRO B 188 31.01 -57.18 3.79
CA PRO B 188 30.49 -57.10 5.16
C PRO B 188 29.72 -55.81 5.40
N ILE B 189 28.97 -55.80 6.49
CA ILE B 189 28.07 -54.72 6.85
C ILE B 189 28.65 -54.00 8.08
N LYS B 190 28.43 -52.69 8.16
CA LYS B 190 28.92 -51.93 9.31
C LYS B 190 27.96 -52.06 10.50
N ARG B 191 28.47 -51.68 11.67
CA ARG B 191 27.65 -51.65 12.89
C ARG B 191 26.66 -50.51 12.87
N GLU B 192 27.05 -49.37 12.28
CA GLU B 192 26.15 -48.23 12.16
C GLU B 192 24.96 -48.54 11.25
N ASP B 193 25.14 -49.41 10.27
CA ASP B 193 24.05 -49.72 9.33
C ASP B 193 22.91 -50.47 10.01
N GLU B 194 23.21 -51.26 11.02
CA GLU B 194 22.12 -51.87 11.78
C GLU B 194 21.66 -50.96 12.91
N GLU B 195 22.57 -50.29 13.59
CA GLU B 195 22.18 -49.50 14.75
C GLU B 195 21.41 -48.24 14.37
N GLU B 196 21.50 -47.79 13.10
CA GLU B 196 20.64 -46.72 12.64
C GLU B 196 19.26 -47.26 12.31
N SER B 197 19.18 -48.49 11.81
CA SER B 197 17.90 -49.10 11.47
C SER B 197 17.19 -49.68 12.68
N LEU B 198 17.82 -49.71 13.84
CA LEU B 198 17.14 -50.01 15.08
C LEU B 198 16.47 -48.79 15.69
N ASN B 199 16.59 -47.63 15.04
CA ASN B 199 15.99 -46.40 15.56
C ASN B 199 14.81 -46.00 14.68
N GLU B 200 14.05 -46.99 14.22
CA GLU B 200 12.82 -46.68 13.52
C GLU B 200 11.72 -46.38 14.53
N VAL B 201 10.61 -45.88 14.02
CA VAL B 201 9.57 -45.26 14.84
C VAL B 201 8.30 -46.10 14.74
N GLY B 202 7.71 -46.41 15.90
CA GLY B 202 6.45 -47.11 15.93
C GLY B 202 5.44 -46.30 16.72
N TYR B 203 4.44 -46.99 17.28
CA TYR B 203 3.49 -46.28 18.13
C TYR B 203 3.96 -46.18 19.56
N ASP B 204 5.13 -46.72 19.86
CA ASP B 204 5.64 -46.64 21.22
C ASP B 204 6.64 -45.51 21.33
N ASP B 205 6.74 -44.68 20.30
CA ASP B 205 7.63 -43.53 20.39
C ASP B 205 6.84 -42.25 20.40
N ILE B 206 5.52 -42.35 20.56
CA ILE B 206 4.68 -41.18 20.61
C ILE B 206 4.01 -41.10 21.97
N GLY B 207 4.27 -40.02 22.68
CA GLY B 207 3.65 -39.87 23.98
C GLY B 207 2.79 -38.64 24.06
N GLY B 208 1.67 -38.73 24.75
CA GLY B 208 0.84 -37.58 24.98
C GLY B 208 -0.22 -37.33 23.94
N CYS B 209 -0.38 -38.23 22.97
CA CYS B 209 -1.32 -38.08 21.87
C CYS B 209 -2.16 -39.31 21.66
N ARG B 210 -2.76 -39.86 22.72
CA ARG B 210 -3.55 -41.08 22.58
C ARG B 210 -4.87 -40.81 21.88
N LYS B 211 -5.51 -39.71 22.24
CA LYS B 211 -6.84 -39.40 21.73
C LYS B 211 -6.80 -39.06 20.24
N GLN B 212 -5.66 -38.56 19.76
CA GLN B 212 -5.55 -38.25 18.34
C GLN B 212 -5.10 -39.47 17.53
N LEU B 213 -4.32 -40.37 18.13
CA LEU B 213 -3.97 -41.59 17.43
C LEU B 213 -5.17 -42.49 17.22
N ALA B 214 -6.14 -42.44 18.15
CA ALA B 214 -7.39 -43.13 17.94
C ALA B 214 -8.11 -42.65 16.68
N GLN B 215 -8.20 -41.33 16.49
CA GLN B 215 -8.88 -40.78 15.32
C GLN B 215 -8.14 -41.09 14.04
N ILE B 216 -6.81 -41.05 14.07
CA ILE B 216 -6.07 -41.31 12.84
C ILE B 216 -6.16 -42.79 12.46
N LYS B 217 -6.24 -43.70 13.43
CA LYS B 217 -6.43 -45.10 13.05
C LYS B 217 -7.84 -45.37 12.57
N GLU B 218 -8.84 -44.63 13.07
CA GLU B 218 -10.18 -44.77 12.53
C GLU B 218 -10.29 -44.21 11.12
N MET B 219 -9.51 -43.19 10.80
CA MET B 219 -9.65 -42.55 9.49
C MET B 219 -8.79 -43.17 8.42
N VAL B 220 -7.62 -43.73 8.74
CA VAL B 220 -6.64 -44.10 7.73
C VAL B 220 -6.42 -45.60 7.66
N GLU B 221 -6.23 -46.26 8.79
CA GLU B 221 -5.94 -47.69 8.75
C GLU B 221 -7.19 -48.50 8.44
N LEU B 222 -8.32 -48.14 9.03
CA LEU B 222 -9.53 -48.93 8.85
C LEU B 222 -10.15 -48.87 7.45
N PRO B 223 -10.23 -47.74 6.73
CA PRO B 223 -10.76 -47.82 5.37
C PRO B 223 -9.79 -48.38 4.35
N LEU B 224 -8.58 -48.75 4.73
CA LEU B 224 -7.67 -49.41 3.79
C LEU B 224 -7.52 -50.89 4.06
N ARG B 225 -7.74 -51.33 5.28
CA ARG B 225 -7.69 -52.77 5.54
C ARG B 225 -9.01 -53.43 5.19
N HIS B 226 -10.13 -52.77 5.44
CA HIS B 226 -11.45 -53.35 5.24
C HIS B 226 -12.34 -52.41 4.45
N PRO B 227 -12.20 -52.35 3.13
CA PRO B 227 -13.13 -51.53 2.34
C PRO B 227 -14.53 -52.08 2.27
N ALA B 228 -14.70 -53.38 2.54
CA ALA B 228 -16.00 -54.03 2.43
C ALA B 228 -17.00 -53.50 3.44
N LEU B 229 -16.55 -53.16 4.65
CA LEU B 229 -17.47 -52.63 5.67
C LEU B 229 -18.04 -51.28 5.24
N PHE B 230 -17.18 -50.40 4.76
CA PHE B 230 -17.62 -49.08 4.34
C PHE B 230 -18.47 -49.15 3.09
N LYS B 231 -18.24 -50.16 2.23
CA LYS B 231 -19.14 -50.32 1.10
C LYS B 231 -20.45 -50.94 1.54
N ALA B 232 -20.45 -51.76 2.59
CA ALA B 232 -21.65 -52.46 2.99
C ALA B 232 -22.61 -51.55 3.74
N ILE B 233 -22.10 -50.80 4.72
CA ILE B 233 -22.97 -49.95 5.50
C ILE B 233 -23.32 -48.65 4.78
N GLY B 234 -22.63 -48.34 3.69
CA GLY B 234 -23.00 -47.24 2.81
C GLY B 234 -22.31 -45.92 3.09
N VAL B 235 -21.00 -45.95 3.29
CA VAL B 235 -20.24 -44.81 3.77
C VAL B 235 -19.11 -44.51 2.82
N LYS B 236 -18.96 -43.25 2.43
CA LYS B 236 -17.73 -43.06 1.70
C LYS B 236 -16.63 -42.52 2.61
N PRO B 237 -15.46 -43.13 2.57
CA PRO B 237 -14.39 -42.75 3.47
C PRO B 237 -13.74 -41.46 3.01
N PRO B 238 -13.12 -40.70 3.91
CA PRO B 238 -12.58 -39.40 3.51
C PRO B 238 -11.31 -39.54 2.71
N ARG B 239 -10.97 -38.47 1.99
CA ARG B 239 -9.83 -38.47 1.10
C ARG B 239 -8.71 -37.58 1.60
N GLY B 240 -8.98 -36.66 2.48
CA GLY B 240 -7.97 -35.74 2.96
C GLY B 240 -8.06 -35.56 4.46
N ILE B 241 -6.91 -35.62 5.11
CA ILE B 241 -6.82 -35.37 6.54
C ILE B 241 -5.75 -34.30 6.73
N LEU B 242 -6.04 -33.29 7.52
CA LEU B 242 -5.10 -32.20 7.74
C LEU B 242 -4.73 -32.20 9.22
N LEU B 243 -3.49 -32.53 9.53
CA LEU B 243 -2.98 -32.41 10.89
C LEU B 243 -2.49 -30.99 11.05
N TYR B 244 -2.71 -30.37 12.19
CA TYR B 244 -2.13 -29.06 12.44
C TYR B 244 -1.82 -28.88 13.91
N GLY B 245 -1.00 -27.90 14.22
CA GLY B 245 -0.58 -27.66 15.58
C GLY B 245 0.46 -26.57 15.63
N PRO B 246 1.04 -26.33 16.80
CA PRO B 246 2.17 -25.42 16.89
C PRO B 246 3.43 -26.09 16.38
N PRO B 247 4.53 -25.35 16.21
CA PRO B 247 5.78 -25.99 15.81
C PRO B 247 6.36 -26.84 16.92
N GLY B 248 6.81 -28.03 16.56
CA GLY B 248 7.49 -28.88 17.49
C GLY B 248 6.66 -29.93 18.17
N THR B 249 5.41 -30.11 17.77
CA THR B 249 4.50 -30.99 18.50
C THR B 249 4.40 -32.38 17.94
N GLY B 250 5.29 -32.79 17.04
CA GLY B 250 5.28 -34.17 16.60
C GLY B 250 4.28 -34.50 15.52
N LYS B 251 4.38 -33.86 14.36
CA LYS B 251 3.51 -34.21 13.25
C LYS B 251 4.23 -35.07 12.25
N THR B 252 5.49 -34.76 11.96
CA THR B 252 6.33 -35.60 11.13
C THR B 252 6.61 -36.94 11.83
N LEU B 253 6.58 -36.94 13.15
CA LEU B 253 6.78 -38.18 13.90
C LEU B 253 5.60 -39.12 13.74
N ILE B 254 4.37 -38.60 13.81
CA ILE B 254 3.18 -39.42 13.56
C ILE B 254 3.15 -39.87 12.10
N ALA B 255 3.69 -39.04 11.20
CA ALA B 255 3.83 -39.43 9.81
C ALA B 255 4.73 -40.65 9.65
N ARG B 256 5.94 -40.60 10.20
CA ARG B 256 6.85 -41.74 10.10
C ARG B 256 6.34 -42.95 10.86
N ALA B 257 5.51 -42.74 11.89
CA ALA B 257 4.95 -43.89 12.60
C ALA B 257 3.95 -44.63 11.74
N VAL B 258 3.12 -43.90 11.01
CA VAL B 258 2.18 -44.57 10.11
C VAL B 258 2.94 -45.15 8.92
N ALA B 259 4.07 -44.54 8.56
CA ALA B 259 4.90 -45.03 7.46
C ALA B 259 5.58 -46.33 7.80
N ASN B 260 5.78 -46.61 9.09
CA ASN B 260 6.43 -47.84 9.47
C ASN B 260 5.44 -48.89 9.92
N GLU B 261 4.23 -48.49 10.30
CA GLU B 261 3.25 -49.53 10.58
C GLU B 261 2.54 -50.00 9.32
N THR B 262 1.87 -49.09 8.62
CA THR B 262 0.49 -49.31 8.17
C THR B 262 0.32 -50.51 7.22
N GLY B 263 1.39 -50.95 6.58
CA GLY B 263 1.22 -52.00 5.61
C GLY B 263 0.58 -51.56 4.32
N ALA B 264 0.64 -50.28 4.02
CA ALA B 264 0.24 -49.75 2.74
C ALA B 264 1.47 -49.14 2.09
N PHE B 265 1.37 -48.87 0.79
CA PHE B 265 2.43 -48.15 0.12
C PHE B 265 2.47 -46.71 0.61
N PHE B 266 3.65 -46.22 0.92
CA PHE B 266 3.80 -44.89 1.50
C PHE B 266 4.66 -44.07 0.57
N PHE B 267 4.25 -42.84 0.28
CA PHE B 267 5.05 -41.93 -0.52
C PHE B 267 5.09 -40.60 0.20
N LEU B 268 6.23 -39.94 0.18
CA LEU B 268 6.44 -38.72 0.94
C LEU B 268 6.76 -37.58 0.01
N ILE B 269 6.14 -36.43 0.24
CA ILE B 269 6.40 -35.21 -0.50
C ILE B 269 6.76 -34.14 0.50
N ASN B 270 7.87 -33.46 0.29
CA ASN B 270 8.23 -32.30 1.12
C ASN B 270 7.82 -31.03 0.42
N GLY B 271 7.50 -30.00 1.20
CA GLY B 271 7.24 -28.69 0.65
C GLY B 271 8.43 -28.01 0.03
N PRO B 272 9.51 -27.76 0.77
CA PRO B 272 10.67 -27.09 0.17
C PRO B 272 11.37 -27.88 -0.91
N GLU B 273 11.27 -29.19 -0.91
CA GLU B 273 11.91 -29.97 -1.95
C GLU B 273 11.19 -29.81 -3.28
N ILE B 274 9.87 -29.66 -3.25
CA ILE B 274 9.13 -29.38 -4.47
C ILE B 274 9.39 -27.95 -4.92
N MET B 275 9.37 -27.00 -3.99
CA MET B 275 9.43 -25.61 -4.42
C MET B 275 10.86 -25.16 -4.69
N SER B 276 11.85 -26.02 -4.44
CA SER B 276 13.22 -25.58 -4.69
C SER B 276 13.66 -25.89 -6.10
N LYS B 277 12.83 -26.58 -6.86
CA LYS B 277 13.25 -27.02 -8.17
C LYS B 277 12.83 -26.04 -9.23
N LEU B 278 13.39 -26.23 -10.41
CA LEU B 278 13.19 -25.33 -11.53
C LEU B 278 11.74 -25.41 -12.01
N ALA B 279 11.29 -24.37 -12.69
CA ALA B 279 9.89 -24.30 -13.11
C ALA B 279 9.60 -25.36 -14.17
N GLY B 280 8.52 -26.10 -13.97
CA GLY B 280 8.18 -27.18 -14.84
C GLY B 280 8.72 -28.52 -14.43
N GLU B 281 9.65 -28.56 -13.48
CA GLU B 281 10.07 -29.82 -12.89
C GLU B 281 9.31 -30.14 -11.62
N SER B 282 8.74 -29.13 -10.96
CA SER B 282 8.00 -29.38 -9.74
C SER B 282 6.60 -29.95 -10.03
N GLU B 283 5.97 -29.50 -11.11
CA GLU B 283 4.69 -30.10 -11.49
C GLU B 283 4.85 -31.54 -11.92
N SER B 284 5.99 -31.86 -12.52
CA SER B 284 6.24 -33.23 -12.89
C SER B 284 6.44 -34.12 -11.68
N ASN B 285 7.00 -33.58 -10.59
CA ASN B 285 7.15 -34.38 -9.38
C ASN B 285 5.81 -34.62 -8.69
N LEU B 286 4.92 -33.63 -8.70
CA LEU B 286 3.56 -33.87 -8.19
C LEU B 286 2.82 -34.92 -9.01
N ARG B 287 2.90 -34.84 -10.35
CA ARG B 287 2.18 -35.79 -11.17
C ARG B 287 2.75 -37.20 -11.02
N LYS B 288 4.07 -37.33 -10.89
CA LYS B 288 4.66 -38.64 -10.72
C LYS B 288 4.32 -39.23 -9.37
N ALA B 289 4.17 -38.38 -8.34
CA ALA B 289 3.76 -38.88 -7.04
C ALA B 289 2.38 -39.49 -7.09
N PHE B 290 1.42 -38.78 -7.71
CA PHE B 290 0.08 -39.35 -7.67
C PHE B 290 -0.06 -40.51 -8.65
N GLU B 291 0.74 -40.53 -9.73
CA GLU B 291 0.65 -41.66 -10.65
C GLU B 291 1.27 -42.92 -10.06
N GLU B 292 2.37 -42.79 -9.31
CA GLU B 292 2.92 -43.96 -8.65
C GLU B 292 2.04 -44.43 -7.51
N ALA B 293 1.28 -43.52 -6.88
CA ALA B 293 0.43 -43.96 -5.80
C ALA B 293 -0.82 -44.64 -6.31
N GLU B 294 -1.39 -44.16 -7.41
CA GLU B 294 -2.58 -44.80 -7.95
C GLU B 294 -2.22 -46.07 -8.71
N LYS B 295 -0.98 -46.15 -9.20
CA LYS B 295 -0.53 -47.35 -9.90
C LYS B 295 -0.32 -48.51 -8.95
N ASN B 296 0.20 -48.24 -7.77
CA ASN B 296 0.49 -49.25 -6.77
C ASN B 296 -0.75 -49.52 -5.93
N ALA B 297 -0.48 -50.05 -4.74
CA ALA B 297 -1.44 -50.65 -3.84
C ALA B 297 -2.41 -49.61 -3.26
N PRO B 298 -3.30 -50.02 -2.34
CA PRO B 298 -3.74 -49.08 -1.31
C PRO B 298 -2.58 -48.28 -0.76
N ALA B 299 -2.68 -46.96 -0.85
CA ALA B 299 -1.53 -46.09 -0.66
C ALA B 299 -1.86 -44.98 0.30
N ILE B 300 -0.82 -44.25 0.71
CA ILE B 300 -0.93 -43.03 1.49
C ILE B 300 0.04 -42.03 0.88
N ILE B 301 -0.36 -40.78 0.73
CA ILE B 301 0.52 -39.73 0.29
C ILE B 301 0.61 -38.71 1.40
N PHE B 302 1.80 -38.45 1.92
CA PHE B 302 1.96 -37.48 2.98
C PHE B 302 2.64 -36.24 2.42
N ILE B 303 1.95 -35.11 2.44
CA ILE B 303 2.47 -33.85 1.94
C ILE B 303 2.87 -33.02 3.15
N ASP B 304 4.16 -32.93 3.40
CA ASP B 304 4.66 -32.30 4.61
C ASP B 304 4.94 -30.85 4.32
N GLU B 305 4.57 -29.98 5.26
CA GLU B 305 4.60 -28.53 5.10
C GLU B 305 3.81 -28.09 3.88
N LEU B 306 2.49 -28.24 3.99
CA LEU B 306 1.59 -27.89 2.91
C LEU B 306 1.56 -26.39 2.66
N ASP B 307 1.80 -25.58 3.67
CA ASP B 307 1.69 -24.13 3.50
C ASP B 307 2.92 -23.54 2.85
N ALA B 308 3.86 -24.37 2.42
CA ALA B 308 4.97 -23.86 1.62
C ALA B 308 4.67 -23.98 0.14
N ILE B 309 3.79 -24.91 -0.24
CA ILE B 309 3.49 -25.08 -1.67
C ILE B 309 2.11 -24.60 -2.03
N ALA B 310 1.30 -24.16 -1.08
CA ALA B 310 -0.04 -23.64 -1.37
C ALA B 310 -0.48 -22.56 -0.41
N PRO B 311 0.05 -21.35 -0.51
CA PRO B 311 -0.43 -20.26 0.35
C PRO B 311 -1.63 -19.59 -0.28
N LYS B 312 -2.12 -18.56 0.41
CA LYS B 312 -3.25 -17.79 -0.11
C LYS B 312 -2.82 -17.00 -1.33
N ARG B 313 -3.76 -16.81 -2.27
CA ARG B 313 -3.40 -16.17 -3.54
C ARG B 313 -3.41 -14.65 -3.43
N GLU B 314 -3.56 -14.12 -2.22
CA GLU B 314 -3.24 -12.72 -2.00
C GLU B 314 -1.76 -12.57 -1.68
N LYS B 315 -1.13 -13.63 -1.20
CA LYS B 315 0.29 -13.57 -0.85
C LYS B 315 1.14 -13.99 -2.02
N THR B 316 0.59 -14.81 -2.90
CA THR B 316 1.35 -15.37 -4.01
C THR B 316 1.53 -14.33 -5.09
N HIS B 317 2.77 -14.14 -5.56
CA HIS B 317 3.04 -13.13 -6.56
C HIS B 317 3.44 -13.74 -7.89
N GLY B 318 3.85 -14.99 -7.93
CA GLY B 318 4.37 -15.53 -9.15
C GLY B 318 3.27 -16.01 -10.06
N GLU B 319 3.64 -16.44 -11.25
CA GLU B 319 2.73 -17.25 -12.05
C GLU B 319 2.96 -18.72 -11.77
N VAL B 320 4.20 -19.09 -11.50
CA VAL B 320 4.54 -20.50 -11.32
C VAL B 320 3.96 -21.03 -10.02
N GLU B 321 3.85 -20.18 -9.00
CA GLU B 321 3.32 -20.66 -7.74
C GLU B 321 1.80 -20.84 -7.79
N ARG B 322 1.12 -19.98 -8.54
CA ARG B 322 -0.30 -20.19 -8.77
C ARG B 322 -0.56 -21.40 -9.64
N ARG B 323 0.40 -21.70 -10.52
CA ARG B 323 0.25 -22.91 -11.32
C ARG B 323 0.44 -24.16 -10.48
N ILE B 324 1.29 -24.10 -9.45
CA ILE B 324 1.46 -25.27 -8.59
C ILE B 324 0.24 -25.48 -7.70
N VAL B 325 -0.38 -24.41 -7.23
CA VAL B 325 -1.61 -24.56 -6.45
C VAL B 325 -2.74 -25.14 -7.29
N SER B 326 -2.88 -24.67 -8.53
CA SER B 326 -3.94 -25.20 -9.39
C SER B 326 -3.69 -26.63 -9.81
N GLN B 327 -2.42 -27.01 -9.99
CA GLN B 327 -2.07 -28.40 -10.26
C GLN B 327 -2.45 -29.30 -9.12
N LEU B 328 -2.21 -28.87 -7.88
CA LEU B 328 -2.59 -29.68 -6.73
C LEU B 328 -4.09 -29.83 -6.60
N LEU B 329 -4.87 -28.78 -6.90
CA LEU B 329 -6.32 -28.91 -6.86
C LEU B 329 -6.83 -29.91 -7.89
N THR B 330 -6.30 -29.82 -9.11
CA THR B 330 -6.68 -30.76 -10.16
C THR B 330 -6.32 -32.20 -9.80
N LEU B 331 -5.17 -32.42 -9.16
CA LEU B 331 -4.80 -33.79 -8.81
C LEU B 331 -5.63 -34.33 -7.65
N MET B 332 -6.02 -33.46 -6.72
CA MET B 332 -6.89 -33.89 -5.63
C MET B 332 -8.27 -34.27 -6.11
N ASP B 333 -8.76 -33.61 -7.17
CA ASP B 333 -10.11 -33.94 -7.63
C ASP B 333 -10.13 -35.21 -8.46
N GLY B 334 -8.98 -35.71 -8.88
CA GLY B 334 -8.95 -36.93 -9.67
C GLY B 334 -9.08 -38.20 -8.87
N LEU B 335 -8.95 -38.11 -7.56
CA LEU B 335 -9.10 -39.26 -6.69
C LEU B 335 -10.55 -39.73 -6.67
N LYS B 336 -10.77 -40.99 -7.02
CA LYS B 336 -12.10 -41.57 -7.05
C LYS B 336 -12.19 -42.68 -6.00
N GLN B 337 -13.43 -43.13 -5.75
CA GLN B 337 -13.68 -44.16 -4.75
C GLN B 337 -13.02 -45.49 -5.12
N ARG B 338 -12.82 -45.72 -6.42
CA ARG B 338 -12.15 -46.91 -6.90
C ARG B 338 -10.67 -46.95 -6.49
N ALA B 339 -10.06 -45.79 -6.28
CA ALA B 339 -8.60 -45.70 -6.28
C ALA B 339 -7.94 -46.25 -5.02
N HIS B 340 -8.58 -46.12 -3.85
CA HIS B 340 -8.03 -46.48 -2.53
C HIS B 340 -6.77 -45.71 -2.19
N VAL B 341 -6.83 -44.38 -2.29
CA VAL B 341 -5.70 -43.53 -1.97
C VAL B 341 -6.15 -42.52 -0.94
N ILE B 342 -5.43 -42.42 0.16
CA ILE B 342 -5.67 -41.42 1.19
C ILE B 342 -4.55 -40.41 1.08
N VAL B 343 -4.88 -39.12 1.09
CA VAL B 343 -3.89 -38.05 1.07
C VAL B 343 -3.97 -37.38 2.42
N MET B 344 -2.84 -37.22 3.09
CA MET B 344 -2.87 -36.50 4.35
C MET B 344 -1.72 -35.52 4.41
N ALA B 345 -1.93 -34.38 5.05
CA ALA B 345 -0.99 -33.29 4.98
C ALA B 345 -0.79 -32.71 6.36
N ALA B 346 0.29 -31.97 6.54
CA ALA B 346 0.63 -31.45 7.85
C ALA B 346 1.06 -30.01 7.72
N THR B 347 0.62 -29.18 8.64
CA THR B 347 0.99 -27.78 8.59
C THR B 347 0.98 -27.24 10.00
N ASN B 348 1.57 -26.07 10.18
CA ASN B 348 1.48 -25.39 11.45
C ASN B 348 0.89 -24.00 11.34
N ARG B 349 0.53 -23.58 10.14
CA ARG B 349 -0.19 -22.34 9.89
C ARG B 349 -1.49 -22.67 9.19
N PRO B 350 -2.49 -23.15 9.93
CA PRO B 350 -3.72 -23.66 9.30
C PRO B 350 -4.62 -22.59 8.70
N ASN B 351 -4.31 -21.32 8.86
CA ASN B 351 -5.09 -20.25 8.28
C ASN B 351 -4.34 -19.52 7.20
N SER B 352 -3.21 -20.02 6.76
CA SER B 352 -2.54 -19.47 5.59
C SER B 352 -2.63 -20.40 4.41
N ILE B 353 -3.31 -21.51 4.55
CA ILE B 353 -3.60 -22.37 3.42
C ILE B 353 -4.72 -21.74 2.61
N ASP B 354 -4.58 -21.81 1.29
CA ASP B 354 -5.58 -21.38 0.32
C ASP B 354 -6.94 -21.99 0.66
N PRO B 355 -7.99 -21.19 0.79
CA PRO B 355 -9.26 -21.73 1.28
C PRO B 355 -9.96 -22.68 0.34
N ALA B 356 -9.50 -22.77 -0.91
CA ALA B 356 -10.11 -23.69 -1.85
C ALA B 356 -9.70 -25.12 -1.54
N LEU B 357 -8.61 -25.31 -0.80
CA LEU B 357 -8.18 -26.65 -0.45
C LEU B 357 -8.92 -27.21 0.73
N ARG B 358 -9.55 -26.38 1.53
CA ARG B 358 -10.19 -26.87 2.74
C ARG B 358 -11.67 -27.14 2.56
N ARG B 359 -12.14 -27.34 1.33
CA ARG B 359 -13.55 -27.53 1.11
C ARG B 359 -13.90 -28.99 1.07
N PHE B 360 -15.11 -29.27 0.64
CA PHE B 360 -15.63 -30.62 0.70
C PHE B 360 -15.05 -31.43 -0.44
N GLY B 361 -14.55 -32.61 -0.12
CA GLY B 361 -13.92 -33.44 -1.12
C GLY B 361 -12.43 -33.30 -1.21
N ARG B 362 -11.82 -32.32 -0.54
CA ARG B 362 -10.37 -32.16 -0.61
C ARG B 362 -9.68 -32.40 0.72
N PHE B 363 -9.82 -31.51 1.71
CA PHE B 363 -9.14 -31.63 2.99
C PHE B 363 -10.14 -31.35 4.09
N ASP B 364 -11.24 -32.08 4.07
CA ASP B 364 -12.38 -31.75 4.90
C ASP B 364 -12.22 -32.21 6.35
N ARG B 365 -11.49 -33.29 6.61
CA ARG B 365 -11.24 -33.71 7.98
C ARG B 365 -10.04 -32.95 8.52
N GLU B 366 -10.05 -32.66 9.83
CA GLU B 366 -8.95 -31.96 10.47
C GLU B 366 -8.72 -32.56 11.86
N VAL B 367 -7.46 -32.85 12.17
CA VAL B 367 -7.07 -33.43 13.45
C VAL B 367 -6.12 -32.46 14.11
N ASP B 368 -6.43 -32.03 15.32
CA ASP B 368 -5.66 -31.01 16.00
C ASP B 368 -4.71 -31.64 17.00
N ILE B 369 -3.45 -31.78 16.61
CA ILE B 369 -2.37 -32.12 17.54
C ILE B 369 -2.14 -30.87 18.35
N GLY B 370 -2.06 -30.98 19.67
CA GLY B 370 -1.98 -29.81 20.51
C GLY B 370 -0.81 -29.84 21.47
N ILE B 371 -0.76 -28.81 22.31
CA ILE B 371 0.27 -28.70 23.35
C ILE B 371 -0.05 -29.68 24.47
N PRO B 372 0.91 -30.46 24.97
CA PRO B 372 0.57 -31.49 25.94
C PRO B 372 0.41 -30.93 27.35
N ASP B 373 -0.36 -31.64 28.16
CA ASP B 373 -0.47 -31.35 29.58
C ASP B 373 0.53 -32.18 30.38
N ALA B 374 0.42 -32.14 31.70
CA ALA B 374 1.41 -32.72 32.60
C ALA B 374 1.54 -34.23 32.47
N THR B 375 0.41 -34.90 32.28
CA THR B 375 0.42 -36.34 32.04
C THR B 375 1.10 -36.67 30.73
N GLY B 376 0.96 -35.78 29.74
CA GLY B 376 1.66 -35.98 28.48
C GLY B 376 3.15 -35.73 28.59
N ARG B 377 3.54 -34.70 29.36
CA ARG B 377 4.95 -34.37 29.47
C ARG B 377 5.71 -35.45 30.19
N LEU B 378 5.07 -36.12 31.15
CA LEU B 378 5.71 -37.26 31.79
C LEU B 378 5.99 -38.39 30.81
N GLU B 379 5.07 -38.64 29.87
CA GLU B 379 5.29 -39.72 28.91
C GLU B 379 6.35 -39.38 27.90
N ILE B 380 6.43 -38.10 27.50
CA ILE B 380 7.48 -37.69 26.58
C ILE B 380 8.85 -37.79 27.24
N LEU B 381 8.95 -37.42 28.52
CA LEU B 381 10.22 -37.53 29.22
C LEU B 381 10.62 -38.99 29.43
N GLN B 382 9.65 -39.87 29.69
CA GLN B 382 10.00 -41.27 29.86
C GLN B 382 10.39 -41.93 28.55
N ILE B 383 9.91 -41.41 27.42
CA ILE B 383 10.39 -41.93 26.14
C ILE B 383 11.81 -41.44 25.87
N HIS B 384 12.09 -40.16 26.09
CA HIS B 384 13.39 -39.64 25.70
C HIS B 384 14.52 -40.10 26.61
N THR B 385 14.24 -40.39 27.86
CA THR B 385 15.32 -40.81 28.73
C THR B 385 15.43 -42.33 28.86
N LYS B 386 15.14 -43.10 27.81
CA LYS B 386 15.22 -44.54 27.94
C LYS B 386 16.60 -45.06 27.58
N ASN B 387 17.48 -44.18 27.08
CA ASN B 387 18.84 -44.62 26.77
C ASN B 387 19.86 -43.93 27.67
N MET B 388 19.47 -42.82 28.29
CA MET B 388 20.32 -42.19 29.28
C MET B 388 20.40 -43.06 30.53
N LYS B 389 21.45 -42.85 31.30
CA LYS B 389 21.66 -43.57 32.55
C LYS B 389 21.40 -42.62 33.69
N LEU B 390 20.21 -42.70 34.26
CA LEU B 390 19.78 -41.76 35.29
C LEU B 390 20.29 -42.24 36.64
N ALA B 391 20.61 -41.30 37.51
CA ALA B 391 20.88 -41.64 38.90
C ALA B 391 19.57 -41.93 39.62
N ASP B 392 19.67 -42.42 40.85
CA ASP B 392 18.47 -42.77 41.61
C ASP B 392 17.75 -41.54 42.15
N ASP B 393 18.38 -40.37 42.05
CA ASP B 393 17.81 -39.18 42.63
C ASP B 393 16.69 -38.63 41.74
N VAL B 394 16.70 -38.99 40.46
CA VAL B 394 15.91 -38.24 39.48
C VAL B 394 14.46 -38.65 39.54
N ASP B 395 13.60 -37.67 39.82
CA ASP B 395 12.16 -37.85 39.88
C ASP B 395 11.56 -37.13 38.69
N LEU B 396 11.04 -37.88 37.72
CA LEU B 396 10.59 -37.24 36.49
C LEU B 396 9.24 -36.56 36.66
N GLU B 397 8.50 -36.87 37.72
CA GLU B 397 7.20 -36.22 37.88
C GLU B 397 7.36 -34.79 38.37
N GLN B 398 8.40 -34.51 39.13
CA GLN B 398 8.70 -33.14 39.51
C GLN B 398 9.09 -32.31 38.30
N VAL B 399 9.91 -32.87 37.41
CA VAL B 399 10.30 -32.19 36.20
C VAL B 399 9.09 -31.99 35.30
N ALA B 400 8.19 -32.97 35.24
CA ALA B 400 7.02 -32.84 34.39
C ALA B 400 6.04 -31.83 34.94
N ASN B 401 6.09 -31.56 36.24
CA ASN B 401 5.24 -30.51 36.79
C ASN B 401 5.86 -29.14 36.59
N GLU B 402 7.19 -29.05 36.55
CA GLU B 402 7.80 -27.73 36.54
C GLU B 402 7.96 -27.17 35.12
N THR B 403 7.82 -27.99 34.10
CA THR B 403 7.90 -27.55 32.70
C THR B 403 6.51 -27.16 32.22
N HIS B 404 6.32 -25.87 31.97
CA HIS B 404 4.95 -25.35 31.81
C HIS B 404 4.58 -25.12 30.36
N GLY B 405 5.40 -24.37 29.63
CA GLY B 405 5.08 -24.05 28.25
C GLY B 405 5.81 -24.87 27.23
N HIS B 406 6.31 -26.04 27.60
CA HIS B 406 7.14 -26.84 26.73
C HIS B 406 6.29 -27.70 25.81
N VAL B 407 6.83 -27.97 24.63
CA VAL B 407 6.31 -28.96 23.69
C VAL B 407 7.38 -30.03 23.58
N GLY B 408 7.14 -31.03 22.73
CA GLY B 408 7.99 -32.21 22.72
C GLY B 408 9.44 -31.97 22.40
N ALA B 409 9.71 -31.07 21.46
CA ALA B 409 11.09 -30.79 21.09
C ALA B 409 11.80 -30.01 22.19
N ASP B 410 11.06 -29.25 22.99
CA ASP B 410 11.66 -28.58 24.12
C ASP B 410 12.07 -29.56 25.21
N LEU B 411 11.32 -30.65 25.37
CA LEU B 411 11.70 -31.65 26.36
C LEU B 411 12.90 -32.45 25.88
N ALA B 412 13.01 -32.64 24.58
CA ALA B 412 14.23 -33.26 24.05
C ALA B 412 15.46 -32.38 24.29
N ALA B 413 15.33 -31.08 24.06
CA ALA B 413 16.45 -30.18 24.31
C ALA B 413 16.77 -30.06 25.79
N LEU B 414 15.76 -30.23 26.65
CA LEU B 414 15.99 -30.24 28.09
C LEU B 414 16.84 -31.42 28.51
N CYS B 415 16.52 -32.62 28.01
CA CYS B 415 17.33 -33.79 28.35
C CYS B 415 18.76 -33.66 27.83
N SER B 416 18.93 -33.10 26.63
CA SER B 416 20.26 -32.92 26.08
C SER B 416 21.10 -31.95 26.90
N GLU B 417 20.50 -30.83 27.31
CA GLU B 417 21.25 -29.85 28.10
C GLU B 417 21.61 -30.38 29.48
N ALA B 418 20.73 -31.22 30.06
CA ALA B 418 21.06 -31.86 31.32
C ALA B 418 22.27 -32.77 31.21
N ALA B 419 22.33 -33.58 30.15
CA ALA B 419 23.48 -34.48 30.05
C ALA B 419 24.76 -33.74 29.71
N LEU B 420 24.67 -32.61 29.01
CA LEU B 420 25.89 -31.82 28.79
C LEU B 420 26.39 -31.17 30.08
N GLN B 421 25.47 -30.80 30.98
CA GLN B 421 25.89 -30.33 32.30
C GLN B 421 26.57 -31.42 33.10
N ALA B 422 26.09 -32.65 32.97
CA ALA B 422 26.74 -33.78 33.62
C ALA B 422 28.12 -34.04 33.04
N ILE B 423 28.33 -33.74 31.77
CA ILE B 423 29.69 -33.81 31.20
C ILE B 423 30.58 -32.72 31.79
N ARG B 424 30.09 -31.48 31.85
CA ARG B 424 30.90 -30.36 32.35
C ARG B 424 31.34 -30.53 33.79
N LYS B 425 30.55 -31.24 34.60
CA LYS B 425 31.04 -31.51 35.95
C LYS B 425 32.20 -32.51 35.98
N LYS B 426 32.45 -33.22 34.89
CA LYS B 426 33.46 -34.26 34.80
C LYS B 426 34.57 -33.80 33.86
N MET B 427 34.95 -32.54 33.96
CA MET B 427 35.79 -31.94 32.94
C MET B 427 37.28 -32.01 33.26
N ASP B 428 37.63 -32.11 34.55
CA ASP B 428 39.04 -32.16 34.94
C ASP B 428 39.72 -33.46 34.54
N LEU B 429 38.96 -34.51 34.20
CA LEU B 429 39.52 -35.74 33.67
C LEU B 429 39.50 -35.78 32.15
N ILE B 430 38.41 -35.31 31.53
CA ILE B 430 38.28 -35.35 30.08
C ILE B 430 39.17 -34.27 29.47
N ASP B 431 40.00 -34.65 28.51
CA ASP B 431 40.88 -33.73 27.81
C ASP B 431 40.42 -33.58 26.38
N LEU B 432 40.27 -32.33 25.93
CA LEU B 432 40.04 -32.07 24.52
C LEU B 432 41.30 -32.31 23.69
N GLU B 433 42.47 -32.18 24.32
CA GLU B 433 43.73 -32.29 23.60
C GLU B 433 44.06 -33.71 23.18
N ASP B 434 43.53 -34.73 23.87
CA ASP B 434 43.99 -36.09 23.69
C ASP B 434 43.31 -36.73 22.48
N GLU B 435 43.46 -38.04 22.35
CA GLU B 435 42.79 -38.79 21.31
C GLU B 435 41.52 -39.47 21.80
N THR B 436 41.57 -40.12 22.96
CA THR B 436 40.44 -40.89 23.42
C THR B 436 40.28 -40.71 24.93
N ILE B 437 39.17 -41.22 25.45
CA ILE B 437 38.75 -41.01 26.83
C ILE B 437 38.78 -42.36 27.54
N ASP B 438 39.16 -42.35 28.82
CA ASP B 438 39.16 -43.56 29.63
C ASP B 438 37.76 -44.14 29.74
N ALA B 439 37.68 -45.48 29.73
CA ALA B 439 36.40 -46.17 29.75
C ALA B 439 35.71 -46.03 31.10
N GLU B 440 36.47 -45.85 32.17
CA GLU B 440 35.85 -45.60 33.47
C GLU B 440 35.21 -44.21 33.51
N VAL B 441 35.76 -43.25 32.76
CA VAL B 441 35.14 -41.94 32.66
C VAL B 441 33.86 -42.01 31.84
N MET B 442 33.86 -42.82 30.78
CA MET B 442 32.61 -43.05 30.06
C MET B 442 31.65 -43.93 30.83
N ASN B 443 32.08 -44.59 31.89
CA ASN B 443 31.17 -45.37 32.69
C ASN B 443 30.69 -44.61 33.91
N SER B 444 31.40 -43.57 34.33
CA SER B 444 31.03 -42.78 35.49
C SER B 444 30.15 -41.59 35.14
N LEU B 445 29.36 -41.70 34.08
CA LEU B 445 28.44 -40.65 33.68
C LEU B 445 27.03 -41.06 34.09
N ALA B 446 26.42 -40.26 34.96
CA ALA B 446 25.06 -40.51 35.40
C ALA B 446 24.44 -39.18 35.75
N VAL B 447 23.28 -38.91 35.19
CA VAL B 447 22.68 -37.59 35.25
C VAL B 447 21.84 -37.49 36.51
N THR B 448 22.10 -36.49 37.34
CA THR B 448 21.44 -36.33 38.62
C THR B 448 20.41 -35.21 38.54
N MET B 449 19.64 -35.06 39.62
CA MET B 449 18.58 -34.07 39.66
C MET B 449 19.11 -32.64 39.68
N ASP B 450 20.34 -32.44 40.11
CA ASP B 450 20.96 -31.12 40.05
C ASP B 450 21.15 -30.68 38.61
N ASP B 451 21.43 -31.64 37.72
CA ASP B 451 21.56 -31.34 36.29
C ASP B 451 20.23 -30.94 35.68
N PHE B 452 19.16 -31.64 36.03
CA PHE B 452 17.84 -31.27 35.53
C PHE B 452 17.39 -29.94 36.09
N ARG B 453 17.83 -29.56 37.29
CA ARG B 453 17.49 -28.21 37.75
C ARG B 453 18.29 -27.14 37.05
N TRP B 454 19.55 -27.42 36.67
CA TRP B 454 20.28 -26.47 35.83
C TRP B 454 19.62 -26.31 34.47
N ALA B 455 19.32 -27.43 33.82
CA ALA B 455 18.76 -27.42 32.48
C ALA B 455 17.39 -26.78 32.47
N LEU B 456 16.63 -26.97 33.53
CA LEU B 456 15.34 -26.35 33.62
C LEU B 456 15.42 -24.88 33.99
N SER B 457 16.51 -24.47 34.63
CA SER B 457 16.72 -23.05 34.86
C SER B 457 17.08 -22.32 33.58
N GLN B 458 17.75 -22.99 32.66
CA GLN B 458 18.25 -22.30 31.47
C GLN B 458 17.29 -22.28 30.30
N SER B 459 16.25 -23.10 30.28
CA SER B 459 15.50 -23.32 29.06
C SER B 459 14.48 -22.22 28.85
N ASN B 460 14.44 -21.68 27.63
CA ASN B 460 13.40 -20.74 27.25
C ASN B 460 12.46 -21.44 26.29
N PRO B 461 11.25 -21.77 26.70
CA PRO B 461 10.36 -22.56 25.85
C PRO B 461 9.71 -21.72 24.77
N SER B 462 8.89 -22.37 23.96
CA SER B 462 8.34 -21.81 22.74
C SER B 462 6.89 -21.43 22.85
N ALA B 463 6.10 -22.21 23.59
CA ALA B 463 4.66 -22.05 23.61
C ALA B 463 4.16 -21.35 24.85
N LEU B 464 4.86 -20.32 25.32
CA LEU B 464 4.38 -19.55 26.46
C LEU B 464 3.23 -18.63 26.06
N ARG B 465 3.18 -18.21 24.80
CA ARG B 465 2.23 -17.20 24.37
C ARG B 465 1.05 -17.85 23.65
N GLU B 466 0.73 -19.06 24.08
CA GLU B 466 -0.40 -19.82 23.55
C GLU B 466 -1.48 -19.81 24.60
N THR B 467 -2.70 -20.17 24.21
CA THR B 467 -3.77 -20.27 25.20
C THR B 467 -3.88 -21.70 25.70
N VAL B 468 -3.91 -21.85 27.02
CA VAL B 468 -3.92 -23.15 27.68
C VAL B 468 -5.36 -23.64 27.74
N VAL B 469 -5.60 -24.84 27.23
CA VAL B 469 -6.92 -25.47 27.27
C VAL B 469 -6.75 -26.77 28.04
N GLU B 470 -6.98 -26.73 29.35
CA GLU B 470 -6.79 -27.93 30.17
C GLU B 470 -7.92 -28.03 31.16
N VAL B 471 -7.96 -29.15 31.86
CA VAL B 471 -8.82 -29.26 33.05
C VAL B 471 -8.06 -28.72 34.25
N PRO B 472 -8.63 -27.82 35.04
CA PRO B 472 -7.84 -27.16 36.08
C PRO B 472 -7.62 -28.07 37.29
N GLN B 473 -6.85 -27.56 38.24
CA GLN B 473 -6.52 -28.32 39.44
C GLN B 473 -7.12 -27.75 40.71
N VAL B 474 -7.83 -26.63 40.63
CA VAL B 474 -8.45 -26.06 41.82
C VAL B 474 -9.70 -26.83 42.15
N THR B 475 -9.75 -27.42 43.34
CA THR B 475 -10.94 -28.11 43.80
C THR B 475 -11.86 -27.12 44.50
N TRP B 476 -12.92 -27.64 45.12
CA TRP B 476 -13.75 -26.79 45.98
C TRP B 476 -13.01 -26.43 47.26
N GLU B 477 -12.05 -27.26 47.64
CA GLU B 477 -11.47 -27.20 48.97
C GLU B 477 -10.55 -25.99 49.11
N ASP B 478 -10.09 -25.44 48.00
CA ASP B 478 -9.22 -24.27 48.06
C ASP B 478 -10.01 -23.01 48.38
N ILE B 479 -11.33 -23.05 48.23
CA ILE B 479 -12.14 -21.86 48.44
C ILE B 479 -12.79 -21.92 49.81
N GLY B 480 -12.74 -20.80 50.52
CA GLY B 480 -13.43 -20.71 51.80
C GLY B 480 -14.64 -19.80 51.72
N GLY B 481 -15.76 -20.24 52.27
CA GLY B 481 -16.97 -19.48 52.16
C GLY B 481 -17.63 -19.71 50.82
N LEU B 482 -18.67 -18.90 50.56
CA LEU B 482 -19.43 -18.90 49.31
C LEU B 482 -20.00 -20.28 49.01
N GLU B 483 -20.94 -20.72 49.85
CA GLU B 483 -21.47 -22.07 49.72
C GLU B 483 -22.80 -22.08 48.98
N ASP B 484 -23.55 -20.98 49.10
CA ASP B 484 -24.81 -20.86 48.38
C ASP B 484 -24.55 -20.74 46.88
N VAL B 485 -23.46 -20.07 46.49
CA VAL B 485 -23.14 -19.99 45.07
C VAL B 485 -22.56 -21.29 44.59
N LYS B 486 -22.01 -22.12 45.49
CA LYS B 486 -21.62 -23.45 45.06
C LYS B 486 -22.83 -24.28 44.72
N ARG B 487 -23.86 -24.17 45.54
CA ARG B 487 -25.08 -24.92 45.27
C ARG B 487 -25.78 -24.40 44.03
N GLU B 488 -25.65 -23.10 43.75
CA GLU B 488 -26.28 -22.55 42.55
C GLU B 488 -25.51 -22.90 41.29
N LEU B 489 -24.17 -22.84 41.33
CA LEU B 489 -23.38 -23.12 40.13
C LEU B 489 -23.45 -24.59 39.76
N GLN B 490 -23.59 -25.49 40.74
CA GLN B 490 -23.84 -26.88 40.39
C GLN B 490 -25.12 -27.02 39.60
N GLU B 491 -26.15 -26.29 39.99
CA GLU B 491 -27.46 -26.42 39.35
C GLU B 491 -27.47 -25.75 37.98
N LEU B 492 -26.60 -24.76 37.77
CA LEU B 492 -26.58 -24.12 36.47
C LEU B 492 -25.75 -24.88 35.47
N VAL B 493 -24.63 -25.47 35.90
CA VAL B 493 -23.71 -26.10 34.96
C VAL B 493 -23.95 -27.61 34.86
N GLN B 494 -23.95 -28.31 35.99
CA GLN B 494 -23.73 -29.75 35.96
C GLN B 494 -24.95 -30.52 35.49
N TYR B 495 -26.15 -30.06 35.79
CA TYR B 495 -27.32 -30.85 35.40
C TYR B 495 -27.68 -30.89 33.91
N PRO B 496 -27.51 -29.83 33.10
CA PRO B 496 -27.73 -30.02 31.66
C PRO B 496 -26.71 -30.92 31.00
N VAL B 497 -25.54 -31.14 31.60
CA VAL B 497 -24.63 -32.15 31.07
C VAL B 497 -25.07 -33.54 31.52
N GLU B 498 -25.39 -33.69 32.80
CA GLU B 498 -25.63 -35.01 33.37
C GLU B 498 -27.04 -35.52 33.15
N HIS B 499 -28.03 -34.64 33.11
CA HIS B 499 -29.43 -35.04 32.98
C HIS B 499 -30.03 -34.24 31.84
N PRO B 500 -29.93 -34.73 30.62
CA PRO B 500 -30.46 -33.97 29.49
C PRO B 500 -31.97 -34.04 29.41
N ASP B 501 -32.51 -35.23 29.69
CA ASP B 501 -33.91 -35.52 29.41
C ASP B 501 -34.85 -34.88 30.41
N LYS B 502 -34.34 -34.53 31.60
CA LYS B 502 -35.16 -33.91 32.62
C LYS B 502 -35.50 -32.47 32.27
N PHE B 503 -34.78 -31.88 31.32
CA PHE B 503 -35.17 -30.61 30.73
C PHE B 503 -36.14 -30.80 29.59
N LEU B 504 -36.29 -32.02 29.10
CA LEU B 504 -37.27 -32.34 28.06
C LEU B 504 -38.60 -32.77 28.64
N LYS B 505 -38.64 -33.22 29.91
CA LYS B 505 -39.92 -33.45 30.57
C LYS B 505 -40.72 -32.15 30.64
N PHE B 506 -40.11 -31.11 31.20
CA PHE B 506 -40.70 -29.79 31.18
C PHE B 506 -40.28 -29.12 29.87
N GLY B 507 -40.64 -27.86 29.70
CA GLY B 507 -40.33 -27.21 28.44
C GLY B 507 -39.18 -26.22 28.57
N MET B 508 -38.28 -26.46 29.51
CA MET B 508 -37.26 -25.47 29.81
C MET B 508 -35.99 -25.75 29.01
N THR B 509 -35.50 -24.73 28.33
CA THR B 509 -34.16 -24.72 27.79
C THR B 509 -33.24 -24.08 28.81
N PRO B 510 -32.11 -24.71 29.14
CA PRO B 510 -31.22 -24.16 30.14
C PRO B 510 -30.54 -22.89 29.64
N SER B 511 -30.09 -22.08 30.59
CA SER B 511 -29.39 -20.86 30.22
C SER B 511 -27.93 -21.17 29.99
N LYS B 512 -27.21 -20.18 29.46
CA LYS B 512 -25.81 -20.36 29.12
C LYS B 512 -24.87 -19.43 29.86
N GLY B 513 -25.35 -18.32 30.40
CA GLY B 513 -24.47 -17.30 30.94
C GLY B 513 -24.61 -17.13 32.44
N VAL B 514 -23.52 -16.70 33.07
CA VAL B 514 -23.46 -16.27 34.46
C VAL B 514 -22.57 -15.05 34.47
N LEU B 515 -22.93 -14.02 35.24
CA LEU B 515 -22.02 -12.93 35.51
C LEU B 515 -21.78 -12.88 37.01
N PHE B 516 -20.52 -12.78 37.40
CA PHE B 516 -20.16 -12.49 38.78
C PHE B 516 -19.67 -11.05 38.85
N TYR B 517 -20.17 -10.28 39.80
CA TYR B 517 -19.62 -8.94 39.99
C TYR B 517 -19.55 -8.64 41.48
N GLY B 518 -18.70 -7.69 41.83
CA GLY B 518 -18.51 -7.32 43.21
C GLY B 518 -17.27 -6.50 43.46
N PRO B 519 -16.84 -6.45 44.72
CA PRO B 519 -15.61 -5.73 45.06
C PRO B 519 -14.40 -6.54 44.64
N PRO B 520 -13.21 -5.93 44.61
CA PRO B 520 -12.00 -6.69 44.29
C PRO B 520 -11.65 -7.70 45.36
N GLY B 521 -10.81 -8.65 45.00
CA GLY B 521 -10.24 -9.62 45.93
C GLY B 521 -11.19 -10.62 46.54
N CYS B 522 -12.44 -10.64 46.12
CA CYS B 522 -13.44 -11.41 46.81
C CYS B 522 -13.44 -12.90 46.46
N GLY B 523 -12.73 -13.30 45.41
CA GLY B 523 -12.63 -14.71 45.07
C GLY B 523 -13.48 -15.20 43.91
N LYS B 524 -13.43 -14.51 42.77
CA LYS B 524 -14.33 -14.85 41.68
C LYS B 524 -13.70 -15.85 40.70
N THR B 525 -12.37 -15.81 40.52
CA THR B 525 -11.70 -16.67 39.56
C THR B 525 -11.68 -18.13 40.02
N LEU B 526 -11.55 -18.33 41.32
CA LEU B 526 -11.37 -19.68 41.84
C LEU B 526 -12.65 -20.49 41.73
N LEU B 527 -13.81 -19.82 41.80
CA LEU B 527 -15.08 -20.52 41.63
C LEU B 527 -15.23 -21.05 40.21
N ALA B 528 -14.85 -20.23 39.24
CA ALA B 528 -14.96 -20.63 37.84
C ALA B 528 -14.00 -21.75 37.51
N LYS B 529 -12.83 -21.78 38.16
CA LYS B 529 -11.97 -22.95 37.95
C LYS B 529 -12.51 -24.17 38.67
N ALA B 530 -13.16 -23.97 39.82
CA ALA B 530 -13.57 -25.10 40.65
C ALA B 530 -14.77 -25.82 40.05
N ILE B 531 -15.66 -25.10 39.39
CA ILE B 531 -16.80 -25.76 38.74
C ILE B 531 -16.32 -26.57 37.53
N ALA B 532 -15.29 -26.11 36.85
CA ALA B 532 -14.72 -26.87 35.74
C ALA B 532 -14.03 -28.12 36.24
N ASN B 533 -13.39 -28.04 37.41
CA ASN B 533 -12.82 -29.24 38.00
C ASN B 533 -13.92 -30.20 38.45
N GLU B 534 -15.06 -29.66 38.89
CA GLU B 534 -16.16 -30.52 39.33
C GLU B 534 -16.78 -31.28 38.18
N CYS B 535 -17.01 -30.60 37.05
CA CYS B 535 -17.70 -31.22 35.93
C CYS B 535 -16.78 -31.98 34.98
N GLN B 536 -15.47 -31.92 35.19
CA GLN B 536 -14.44 -32.48 34.31
C GLN B 536 -14.56 -31.93 32.89
N ALA B 537 -14.47 -30.61 32.79
CA ALA B 537 -14.57 -29.90 31.53
C ALA B 537 -13.29 -29.12 31.28
N ASN B 538 -13.10 -28.71 30.04
CA ASN B 538 -11.95 -27.89 29.71
C ASN B 538 -12.16 -26.47 30.23
N PHE B 539 -11.14 -25.65 30.18
CA PHE B 539 -11.22 -24.33 30.78
C PHE B 539 -10.35 -23.37 30.00
N ILE B 540 -10.97 -22.46 29.25
CA ILE B 540 -10.27 -21.42 28.52
C ILE B 540 -10.46 -20.13 29.28
N SER B 541 -9.37 -19.42 29.56
CA SER B 541 -9.43 -18.17 30.30
C SER B 541 -8.95 -17.03 29.44
N ILE B 542 -9.72 -15.94 29.41
CA ILE B 542 -9.43 -14.77 28.61
C ILE B 542 -9.36 -13.58 29.55
N LYS B 543 -8.48 -12.64 29.27
CA LYS B 543 -8.42 -11.38 30.00
C LYS B 543 -8.52 -10.22 29.02
N GLY B 544 -9.31 -9.21 29.39
CA GLY B 544 -9.40 -7.97 28.66
C GLY B 544 -8.11 -7.28 28.29
N PRO B 545 -7.08 -7.28 29.16
CA PRO B 545 -5.73 -6.90 28.69
C PRO B 545 -5.20 -7.72 27.55
N GLU B 546 -5.51 -9.02 27.53
CA GLU B 546 -5.01 -9.90 26.48
C GLU B 546 -5.82 -9.70 25.20
N LEU B 547 -6.96 -9.02 25.28
CA LEU B 547 -7.84 -8.89 24.11
C LEU B 547 -7.80 -7.47 23.56
N LEU B 548 -7.28 -6.52 24.33
CA LEU B 548 -6.96 -5.22 23.78
C LEU B 548 -5.59 -5.24 23.13
N THR B 549 -4.74 -6.16 23.55
CA THR B 549 -3.52 -6.47 22.80
C THR B 549 -3.86 -7.56 21.79
N MET B 550 -3.19 -7.54 20.63
CA MET B 550 -3.42 -8.45 19.49
C MET B 550 -4.85 -8.34 18.96
N TRP B 551 -5.47 -7.18 19.11
CA TRP B 551 -6.58 -6.78 18.29
C TRP B 551 -6.20 -5.72 17.27
N PHE B 552 -5.34 -4.79 17.66
CA PHE B 552 -4.99 -3.68 16.77
C PHE B 552 -4.24 -4.18 15.53
N GLY B 553 -3.57 -5.34 15.64
CA GLY B 553 -2.93 -5.93 14.48
C GLY B 553 -3.86 -6.82 13.67
N GLU B 554 -4.71 -7.61 14.35
CA GLU B 554 -5.70 -8.46 13.68
C GLU B 554 -7.07 -8.03 14.16
N SER B 555 -7.77 -7.25 13.34
CA SER B 555 -8.90 -6.46 13.84
C SER B 555 -10.18 -7.29 13.97
N GLU B 556 -10.27 -8.41 13.26
CA GLU B 556 -11.52 -9.17 13.30
C GLU B 556 -11.37 -10.63 13.70
N ALA B 557 -10.15 -11.18 13.67
CA ALA B 557 -10.03 -12.64 13.73
C ALA B 557 -10.02 -13.14 15.15
N ASN B 558 -9.61 -12.31 16.11
CA ASN B 558 -9.21 -12.79 17.44
C ASN B 558 -10.39 -13.39 18.21
N VAL B 559 -11.52 -12.70 18.23
CA VAL B 559 -12.63 -13.17 19.04
C VAL B 559 -13.35 -14.30 18.34
N ARG B 560 -13.28 -14.36 17.01
CA ARG B 560 -13.77 -15.56 16.32
C ARG B 560 -12.90 -16.77 16.62
N GLU B 561 -11.58 -16.57 16.74
CA GLU B 561 -10.70 -17.70 17.01
C GLU B 561 -10.93 -18.27 18.39
N ILE B 562 -11.19 -17.40 19.38
CA ILE B 562 -11.46 -17.86 20.74
C ILE B 562 -12.72 -18.72 20.79
N PHE B 563 -13.80 -18.24 20.18
CA PHE B 563 -15.05 -19.00 20.23
C PHE B 563 -15.00 -20.26 19.38
N ASP B 564 -14.22 -20.25 18.30
CA ASP B 564 -14.06 -21.48 17.53
C ASP B 564 -13.27 -22.52 18.30
N LYS B 565 -12.28 -22.07 19.05
CA LYS B 565 -11.48 -23.00 19.84
C LYS B 565 -12.29 -23.55 21.02
N ALA B 566 -13.16 -22.73 21.57
CA ALA B 566 -14.04 -23.21 22.64
C ALA B 566 -15.10 -24.15 22.10
N ARG B 567 -15.57 -23.93 20.88
CA ARG B 567 -16.53 -24.86 20.29
C ARG B 567 -15.87 -26.17 19.94
N GLN B 568 -14.62 -26.13 19.53
CA GLN B 568 -13.90 -27.34 19.18
C GLN B 568 -13.59 -28.18 20.41
N ALA B 569 -13.27 -27.55 21.53
CA ALA B 569 -12.93 -28.31 22.71
C ALA B 569 -14.08 -28.54 23.67
N ALA B 570 -15.31 -28.70 23.18
CA ALA B 570 -16.46 -28.82 24.05
C ALA B 570 -16.46 -30.18 24.76
N PRO B 571 -17.00 -30.27 26.00
CA PRO B 571 -17.60 -29.28 26.89
C PRO B 571 -16.58 -28.44 27.62
N CYS B 572 -16.75 -27.12 27.65
CA CYS B 572 -15.81 -26.29 28.37
C CYS B 572 -16.52 -25.07 28.91
N VAL B 573 -15.97 -24.51 29.98
CA VAL B 573 -16.41 -23.22 30.47
C VAL B 573 -15.47 -22.16 29.93
N LEU B 574 -16.02 -21.17 29.27
CA LEU B 574 -15.24 -20.13 28.67
C LEU B 574 -15.30 -18.90 29.54
N PHE B 575 -14.22 -18.63 30.25
CA PHE B 575 -14.24 -17.65 31.32
C PHE B 575 -13.62 -16.35 30.84
N PHE B 576 -14.47 -15.36 30.60
CA PHE B 576 -14.04 -13.99 30.39
C PHE B 576 -13.77 -13.38 31.74
N ASP B 577 -12.92 -12.38 31.77
CA ASP B 577 -12.43 -11.84 33.02
C ASP B 577 -11.93 -10.44 32.77
N GLU B 578 -11.95 -9.63 33.83
CA GLU B 578 -11.41 -8.26 33.84
C GLU B 578 -12.08 -7.38 32.79
N LEU B 579 -13.42 -7.34 32.81
CA LEU B 579 -14.16 -6.62 31.77
C LEU B 579 -14.04 -5.10 31.94
N ASP B 580 -13.54 -4.65 33.09
CA ASP B 580 -13.42 -3.23 33.33
C ASP B 580 -12.35 -2.59 32.47
N SER B 581 -11.35 -3.35 32.01
CA SER B 581 -10.32 -2.76 31.17
C SER B 581 -10.86 -2.42 29.79
N ILE B 582 -11.71 -3.28 29.25
CA ILE B 582 -12.40 -2.96 28.00
C ILE B 582 -13.37 -1.82 28.23
N ALA B 583 -14.08 -1.85 29.35
CA ALA B 583 -15.09 -0.84 29.60
C ALA B 583 -14.48 0.51 29.91
N LYS B 584 -13.22 0.54 30.34
CA LYS B 584 -12.62 1.79 30.81
C LYS B 584 -11.61 2.31 29.79
N ALA B 585 -11.21 1.46 28.83
CA ALA B 585 -10.41 1.92 27.71
C ALA B 585 -11.29 2.32 26.54
N ARG B 586 -12.54 1.87 26.53
CA ARG B 586 -13.43 2.28 25.46
C ARG B 586 -14.66 3.05 25.97
N GLY B 587 -15.24 2.63 27.08
CA GLY B 587 -16.42 3.31 27.60
C GLY B 587 -16.09 4.49 28.51
N GLY B 588 -14.94 4.46 29.16
CA GLY B 588 -14.47 5.67 29.85
C GLY B 588 -14.83 5.69 31.32
N ASN B 589 -14.22 6.64 32.04
CA ASN B 589 -14.37 6.72 33.49
C ASN B 589 -15.67 7.41 33.88
N ILE B 590 -15.78 8.70 33.57
CA ILE B 590 -16.98 9.48 33.84
C ILE B 590 -17.88 9.57 32.63
N GLY B 591 -17.68 8.70 31.65
CA GLY B 591 -18.27 8.87 30.34
C GLY B 591 -17.44 9.79 29.46
N ASP B 592 -17.54 9.56 28.17
CA ASP B 592 -16.81 10.33 27.18
C ASP B 592 -17.56 10.23 25.86
N GLY B 593 -16.86 10.55 24.77
CA GLY B 593 -17.48 10.44 23.46
C GLY B 593 -17.70 9.00 23.02
N GLY B 594 -16.99 8.06 23.66
CA GLY B 594 -17.23 6.66 23.36
C GLY B 594 -18.54 6.19 23.95
N GLY B 595 -18.98 5.00 23.51
CA GLY B 595 -20.27 4.50 23.95
C GLY B 595 -20.17 3.66 25.21
N ALA B 596 -21.35 3.32 25.74
CA ALA B 596 -21.43 2.25 26.74
C ALA B 596 -21.24 0.90 26.08
N ALA B 597 -21.59 0.80 24.80
CA ALA B 597 -21.20 -0.36 24.03
C ALA B 597 -19.79 -0.18 23.48
N ASP B 598 -19.01 -1.25 23.54
CA ASP B 598 -17.61 -1.24 23.16
C ASP B 598 -17.38 -2.22 22.02
N ARG B 599 -16.41 -1.90 21.16
CA ARG B 599 -16.21 -2.64 19.91
C ARG B 599 -15.90 -4.12 20.16
N VAL B 600 -15.01 -4.38 21.10
CA VAL B 600 -14.68 -5.75 21.47
C VAL B 600 -15.88 -6.43 22.09
N ILE B 601 -16.59 -5.71 22.96
CA ILE B 601 -17.75 -6.34 23.60
C ILE B 601 -18.91 -6.44 22.62
N ASN B 602 -18.88 -5.64 21.56
CA ASN B 602 -19.85 -5.77 20.48
C ASN B 602 -19.66 -7.06 19.74
N GLN B 603 -18.42 -7.33 19.32
CA GLN B 603 -18.13 -8.56 18.60
C GLN B 603 -18.29 -9.79 19.49
N ILE B 604 -18.11 -9.63 20.81
CA ILE B 604 -18.41 -10.70 21.75
C ILE B 604 -19.90 -11.01 21.78
N LEU B 605 -20.75 -9.98 21.75
CA LEU B 605 -22.19 -10.22 21.73
C LEU B 605 -22.64 -10.89 20.44
N THR B 606 -22.04 -10.49 19.32
CA THR B 606 -22.34 -11.13 18.04
C THR B 606 -21.96 -12.59 18.05
N GLU B 607 -20.80 -12.92 18.62
CA GLU B 607 -20.39 -14.32 18.67
C GLU B 607 -21.20 -15.12 19.66
N MET B 608 -21.77 -14.46 20.66
CA MET B 608 -22.50 -15.19 21.69
C MET B 608 -23.92 -15.47 21.24
N ASP B 609 -24.44 -14.66 20.32
CA ASP B 609 -25.76 -14.95 19.79
C ASP B 609 -25.76 -16.20 18.91
N GLY B 610 -24.86 -16.27 17.95
CA GLY B 610 -24.83 -17.39 17.04
C GLY B 610 -24.14 -18.61 17.59
N MET B 611 -24.65 -19.14 18.70
CA MET B 611 -24.06 -20.30 19.35
C MET B 611 -25.14 -21.32 19.64
N SER B 612 -25.01 -22.51 19.06
CA SER B 612 -26.04 -23.53 19.10
C SER B 612 -26.07 -24.24 20.44
N THR B 613 -27.28 -24.54 20.90
CA THR B 613 -27.48 -25.11 22.23
C THR B 613 -27.12 -26.58 22.31
N LYS B 614 -26.95 -27.25 21.17
CA LYS B 614 -26.51 -28.65 21.17
C LYS B 614 -25.11 -28.77 21.74
N LYS B 615 -24.29 -27.75 21.55
CA LYS B 615 -23.00 -27.66 22.21
C LYS B 615 -23.18 -27.45 23.70
N ASN B 616 -22.15 -27.79 24.46
CA ASN B 616 -22.15 -27.58 25.90
C ASN B 616 -21.10 -26.57 26.29
N VAL B 617 -21.02 -25.47 25.56
CA VAL B 617 -20.12 -24.39 25.92
C VAL B 617 -20.85 -23.44 26.83
N PHE B 618 -20.27 -23.17 27.98
CA PHE B 618 -20.89 -22.37 29.03
C PHE B 618 -20.02 -21.16 29.28
N ILE B 619 -20.61 -19.98 29.36
CA ILE B 619 -19.87 -18.72 29.41
C ILE B 619 -20.05 -18.07 30.76
N ILE B 620 -18.96 -17.63 31.37
CA ILE B 620 -18.95 -17.02 32.70
C ILE B 620 -18.18 -15.71 32.60
N GLY B 621 -18.73 -14.64 33.17
CA GLY B 621 -18.05 -13.37 33.15
C GLY B 621 -17.66 -12.87 34.53
N ALA B 622 -16.89 -11.79 34.60
CA ALA B 622 -16.48 -11.21 35.87
C ALA B 622 -16.05 -9.77 35.66
N THR B 623 -16.55 -8.88 36.52
CA THR B 623 -16.10 -7.50 36.54
C THR B 623 -16.21 -6.95 37.95
N ASN B 624 -15.38 -5.97 38.27
CA ASN B 624 -15.47 -5.29 39.55
C ASN B 624 -15.76 -3.80 39.41
N ARG B 625 -16.21 -3.37 38.24
CA ARG B 625 -16.68 -2.01 37.98
C ARG B 625 -18.05 -2.12 37.33
N PRO B 626 -19.10 -2.43 38.08
CA PRO B 626 -20.38 -2.74 37.42
C PRO B 626 -21.16 -1.54 36.92
N ASP B 627 -20.62 -0.33 36.98
CA ASP B 627 -21.40 0.83 36.56
C ASP B 627 -21.20 1.15 35.10
N ILE B 628 -19.97 1.02 34.59
CA ILE B 628 -19.68 1.33 33.20
C ILE B 628 -19.85 0.10 32.31
N ILE B 629 -20.51 -0.94 32.79
CA ILE B 629 -20.75 -2.13 32.00
C ILE B 629 -21.71 -1.80 30.86
N ASP B 630 -21.57 -2.51 29.75
CA ASP B 630 -22.48 -2.33 28.62
C ASP B 630 -23.87 -2.83 29.02
N PRO B 631 -24.93 -2.07 28.72
CA PRO B 631 -26.27 -2.62 28.94
C PRO B 631 -26.62 -3.74 27.99
N ALA B 632 -25.96 -3.79 26.82
CA ALA B 632 -26.35 -4.75 25.80
C ALA B 632 -25.84 -6.15 26.12
N ILE B 633 -24.90 -6.27 27.05
CA ILE B 633 -24.48 -7.58 27.54
C ILE B 633 -25.63 -8.26 28.24
N LEU B 634 -26.33 -7.54 29.07
CA LEU B 634 -27.39 -8.11 29.89
C LEU B 634 -28.68 -8.02 29.10
N ARG B 635 -29.13 -9.19 28.63
CA ARG B 635 -30.44 -9.38 27.95
C ARG B 635 -30.70 -10.90 27.93
N PRO B 636 -31.94 -11.42 27.99
CA PRO B 636 -32.14 -12.88 27.90
C PRO B 636 -31.55 -13.49 26.63
N GLY B 637 -30.93 -14.66 26.79
CA GLY B 637 -30.20 -15.29 25.71
C GLY B 637 -28.73 -14.95 25.68
N ARG B 638 -28.24 -14.28 26.71
CA ARG B 638 -26.86 -13.84 26.88
C ARG B 638 -26.55 -14.06 28.35
N LEU B 639 -25.59 -13.32 28.90
CA LEU B 639 -25.25 -13.43 30.32
C LEU B 639 -26.45 -13.01 31.14
N ASP B 640 -27.15 -14.01 31.71
CA ASP B 640 -28.41 -13.79 32.41
C ASP B 640 -28.28 -13.76 33.92
N GLN B 641 -27.76 -14.82 34.49
CA GLN B 641 -27.88 -15.04 35.93
C GLN B 641 -26.93 -14.16 36.72
N LEU B 642 -27.32 -12.92 37.02
CA LEU B 642 -26.45 -12.01 37.78
C LEU B 642 -26.26 -12.52 39.20
N ILE B 643 -25.01 -12.68 39.61
CA ILE B 643 -24.67 -13.06 40.98
C ILE B 643 -23.69 -12.03 41.52
N TYR B 644 -24.08 -11.34 42.59
CA TYR B 644 -23.21 -10.43 43.32
C TYR B 644 -22.43 -11.22 44.36
N ILE B 645 -21.10 -11.11 44.33
CA ILE B 645 -20.24 -11.79 45.29
C ILE B 645 -19.74 -10.77 46.30
N PRO B 646 -20.10 -10.89 47.58
CA PRO B 646 -19.87 -9.81 48.54
C PRO B 646 -18.54 -9.98 49.27
N LEU B 647 -18.29 -9.08 50.22
CA LEU B 647 -17.16 -9.24 51.12
C LEU B 647 -17.45 -10.40 52.08
N PRO B 648 -16.44 -11.16 52.49
CA PRO B 648 -16.71 -12.35 53.29
C PRO B 648 -17.05 -11.99 54.73
N ASP B 649 -17.85 -12.85 55.37
CA ASP B 649 -18.16 -12.70 56.78
C ASP B 649 -17.05 -13.30 57.64
N GLU B 650 -17.22 -13.27 58.96
CA GLU B 650 -16.10 -13.61 59.83
C GLU B 650 -15.88 -15.14 59.86
N LYS B 651 -16.93 -15.93 59.71
CA LYS B 651 -16.72 -17.36 59.55
C LYS B 651 -16.19 -17.69 58.17
N SER B 652 -16.58 -16.89 57.18
CA SER B 652 -15.95 -16.97 55.86
C SER B 652 -14.48 -16.57 55.93
N ARG B 653 -14.13 -15.62 56.81
CA ARG B 653 -12.74 -15.23 56.96
C ARG B 653 -11.94 -16.31 57.67
N VAL B 654 -12.56 -17.02 58.60
CA VAL B 654 -11.89 -18.16 59.23
C VAL B 654 -11.67 -19.27 58.21
N ALA B 655 -12.64 -19.48 57.32
CA ALA B 655 -12.48 -20.51 56.28
C ALA B 655 -11.39 -20.14 55.28
N ILE B 656 -11.30 -18.86 54.91
CA ILE B 656 -10.23 -18.37 54.03
C ILE B 656 -8.87 -18.57 54.66
N LEU B 657 -8.73 -18.23 55.95
CA LEU B 657 -7.43 -18.38 56.61
C LEU B 657 -7.07 -19.84 56.84
N LYS B 658 -8.07 -20.71 56.98
CA LYS B 658 -7.78 -22.14 56.98
C LYS B 658 -7.35 -22.60 55.59
N ALA B 659 -7.85 -21.92 54.55
CA ALA B 659 -7.53 -22.34 53.19
C ALA B 659 -6.10 -21.97 52.79
N ASN B 660 -5.64 -20.76 53.14
CA ASN B 660 -4.32 -20.34 52.70
C ASN B 660 -3.21 -21.06 53.44
N LEU B 661 -3.49 -21.53 54.66
CA LEU B 661 -2.45 -22.02 55.57
C LEU B 661 -2.20 -23.51 55.48
N ARG B 662 -2.53 -24.17 54.39
CA ARG B 662 -2.43 -25.61 54.35
C ARG B 662 -1.05 -26.07 53.89
N LYS B 663 -0.36 -25.24 53.11
CA LYS B 663 0.95 -25.64 52.64
C LYS B 663 2.00 -25.46 53.71
N SER B 664 1.88 -24.42 54.53
CA SER B 664 2.94 -24.20 55.51
C SER B 664 2.54 -24.79 56.86
N PRO B 665 3.50 -25.36 57.60
CA PRO B 665 3.18 -25.86 58.94
C PRO B 665 3.17 -24.73 59.96
N VAL B 666 2.09 -24.67 60.74
CA VAL B 666 1.98 -23.72 61.84
C VAL B 666 1.78 -24.50 63.14
N ALA B 667 1.88 -23.78 64.25
CA ALA B 667 1.85 -24.38 65.57
C ALA B 667 0.43 -24.38 66.12
N LYS B 668 0.31 -24.85 67.35
CA LYS B 668 -0.96 -24.97 68.03
C LYS B 668 -1.27 -23.76 68.90
N ASP B 669 -0.38 -22.76 68.92
CA ASP B 669 -0.57 -21.57 69.74
C ASP B 669 -1.38 -20.50 69.03
N VAL B 670 -1.67 -20.69 67.77
CA VAL B 670 -2.31 -19.66 66.95
C VAL B 670 -3.82 -19.78 67.07
N ASP B 671 -4.50 -18.63 67.09
CA ASP B 671 -5.95 -18.54 67.10
C ASP B 671 -6.40 -17.81 65.84
N LEU B 672 -7.20 -18.47 65.02
CA LEU B 672 -7.66 -17.86 63.79
C LEU B 672 -8.95 -17.07 63.98
N GLU B 673 -9.72 -17.38 65.03
CA GLU B 673 -11.00 -16.71 65.24
C GLU B 673 -10.82 -15.27 65.66
N PHE B 674 -9.90 -15.03 66.61
CA PHE B 674 -9.54 -13.66 66.99
C PHE B 674 -8.93 -12.91 65.83
N LEU B 675 -8.15 -13.61 65.00
CA LEU B 675 -7.49 -12.97 63.88
C LEU B 675 -8.48 -12.58 62.79
N ALA B 676 -9.58 -13.31 62.65
CA ALA B 676 -10.65 -12.86 61.78
C ALA B 676 -11.54 -11.81 62.41
N LYS B 677 -11.63 -11.80 63.74
CA LYS B 677 -12.40 -10.76 64.44
C LYS B 677 -11.66 -9.42 64.48
N MET B 678 -10.36 -9.41 64.18
CA MET B 678 -9.65 -8.14 64.03
C MET B 678 -9.94 -7.48 62.68
N THR B 679 -10.02 -8.28 61.61
CA THR B 679 -10.21 -7.76 60.26
C THR B 679 -11.70 -7.48 60.03
N ASN B 680 -12.01 -6.33 59.42
CA ASN B 680 -13.40 -5.95 59.17
C ASN B 680 -13.78 -5.90 57.69
N GLY B 681 -13.12 -5.04 56.92
CA GLY B 681 -13.34 -4.92 55.48
C GLY B 681 -12.31 -5.64 54.65
N PHE B 682 -11.60 -6.59 55.25
CA PHE B 682 -10.47 -7.24 54.61
C PHE B 682 -10.93 -8.42 53.76
N SER B 683 -10.47 -8.45 52.51
CA SER B 683 -10.85 -9.44 51.52
C SER B 683 -10.03 -10.72 51.70
N GLY B 684 -10.11 -11.59 50.69
CA GLY B 684 -9.27 -12.78 50.72
C GLY B 684 -7.84 -12.48 50.34
N ALA B 685 -7.64 -11.47 49.48
CA ALA B 685 -6.30 -11.05 49.10
C ALA B 685 -5.54 -10.47 50.28
N ASP B 686 -6.25 -9.77 51.16
CA ASP B 686 -5.62 -9.18 52.33
C ASP B 686 -5.24 -10.24 53.35
N LEU B 687 -6.08 -11.24 53.52
CA LEU B 687 -5.75 -12.32 54.44
C LEU B 687 -4.60 -13.17 53.90
N THR B 688 -4.52 -13.31 52.58
CA THR B 688 -3.38 -14.00 51.99
C THR B 688 -2.11 -13.17 52.14
N GLU B 689 -2.24 -11.84 52.07
CA GLU B 689 -1.12 -10.95 52.32
C GLU B 689 -0.59 -11.09 53.74
N ILE B 690 -1.49 -11.22 54.71
CA ILE B 690 -1.09 -11.42 56.11
C ILE B 690 -0.34 -12.73 56.29
N CYS B 691 -0.87 -13.83 55.74
CA CYS B 691 -0.17 -15.11 55.84
C CYS B 691 1.20 -15.09 55.16
N GLN B 692 1.30 -14.39 54.04
CA GLN B 692 2.57 -14.32 53.31
C GLN B 692 3.59 -13.49 54.07
N ARG B 693 3.12 -12.41 54.71
CA ARG B 693 3.98 -11.61 55.60
C ARG B 693 4.52 -12.44 56.76
N ALA B 694 3.68 -13.30 57.34
CA ALA B 694 4.13 -14.13 58.45
C ALA B 694 5.18 -15.14 58.01
N CYS B 695 4.99 -15.73 56.83
CA CYS B 695 5.99 -16.69 56.34
C CYS B 695 7.31 -15.99 56.03
N LYS B 696 7.26 -14.75 55.57
CA LYS B 696 8.48 -14.04 55.27
C LYS B 696 9.25 -13.69 56.56
N LEU B 697 8.52 -13.35 57.62
CA LEU B 697 9.18 -13.10 58.91
C LEU B 697 9.84 -14.35 59.47
N ALA B 698 9.18 -15.50 59.31
CA ALA B 698 9.78 -16.74 59.78
C ALA B 698 11.06 -17.10 59.01
N ILE B 699 11.08 -16.81 57.71
CA ILE B 699 12.28 -17.10 56.92
C ILE B 699 13.43 -16.17 57.30
N ARG B 700 13.10 -14.92 57.65
CA ARG B 700 14.13 -14.00 58.13
C ARG B 700 14.78 -14.51 59.40
N GLU B 701 13.97 -14.94 60.38
CA GLU B 701 14.53 -15.49 61.62
C GLU B 701 15.36 -16.74 61.39
N SER B 702 14.94 -17.59 60.44
CA SER B 702 15.70 -18.80 60.17
C SER B 702 17.07 -18.50 59.58
N ILE B 703 17.15 -17.54 58.66
CA ILE B 703 18.44 -17.25 58.04
C ILE B 703 19.37 -16.54 59.01
N GLU B 704 18.82 -15.65 59.85
CA GLU B 704 19.63 -14.98 60.86
C GLU B 704 20.16 -15.95 61.91
N SER B 705 19.36 -16.96 62.27
CA SER B 705 19.83 -17.98 63.21
C SER B 705 20.95 -18.82 62.62
N GLU B 706 20.83 -19.19 61.34
CA GLU B 706 21.91 -19.95 60.71
C GLU B 706 23.20 -19.13 60.60
N ILE B 707 23.07 -17.81 60.41
CA ILE B 707 24.28 -16.96 60.37
C ILE B 707 24.96 -16.91 61.74
N ARG B 708 24.17 -16.83 62.82
CA ARG B 708 24.78 -16.87 64.15
C ARG B 708 25.47 -18.21 64.44
N ARG B 709 24.88 -19.32 63.98
CA ARG B 709 25.52 -20.62 64.18
C ARG B 709 26.82 -20.74 63.40
N GLU B 710 26.84 -20.27 62.15
CA GLU B 710 28.05 -20.35 61.34
C GLU B 710 29.15 -19.44 61.87
N ARG B 711 28.78 -18.26 62.41
CA ARG B 711 29.79 -17.40 63.00
C ARG B 711 30.33 -17.96 64.32
N GLU B 712 29.48 -18.64 65.09
CA GLU B 712 29.95 -19.30 66.31
C GLU B 712 30.89 -20.46 65.99
N ARG B 713 30.59 -21.23 64.93
CA ARG B 713 31.52 -22.26 64.48
C ARG B 713 32.82 -21.67 63.95
N GLN B 714 32.75 -20.48 63.34
CA GLN B 714 33.97 -19.80 62.92
C GLN B 714 34.78 -19.32 64.12
N THR B 715 34.11 -19.01 65.24
CA THR B 715 34.79 -18.47 66.42
C THR B 715 35.69 -19.52 67.05
N ASN B 716 35.21 -20.76 67.19
CA ASN B 716 36.00 -21.84 67.76
C ASN B 716 36.03 -23.02 66.79
N PRO B 717 36.82 -22.93 65.70
CA PRO B 717 36.80 -24.01 64.71
C PRO B 717 37.67 -25.19 65.10
N SER B 718 38.33 -25.09 66.24
CA SER B 718 39.17 -26.19 66.73
C SER B 718 38.36 -27.40 67.15
N ALA B 719 37.17 -27.20 67.73
CA ALA B 719 36.32 -28.31 68.14
C ALA B 719 35.28 -28.64 67.08
N MET B 720 34.38 -27.70 66.80
CA MET B 720 33.23 -27.84 65.90
C MET B 720 32.41 -29.08 66.26
N GLU B 721 31.80 -29.04 67.44
CA GLU B 721 31.21 -30.23 68.04
C GLU B 721 29.76 -30.07 68.45
N VAL B 722 29.03 -29.09 67.91
CA VAL B 722 27.66 -28.87 68.34
C VAL B 722 26.71 -29.91 67.77
N GLU B 723 26.77 -30.15 66.45
CA GLU B 723 25.91 -31.08 65.70
C GLU B 723 24.43 -30.82 65.97
N GLU B 724 24.04 -29.58 65.68
CA GLU B 724 22.72 -29.10 66.08
C GLU B 724 21.62 -29.69 65.20
N ASP B 725 20.40 -29.55 65.68
CA ASP B 725 19.20 -29.89 64.95
C ASP B 725 18.57 -28.62 64.36
N ASP B 726 17.36 -28.76 63.83
CA ASP B 726 16.73 -27.66 63.13
C ASP B 726 16.13 -26.67 64.14
N PRO B 727 16.55 -25.41 64.11
CA PRO B 727 16.12 -24.48 65.17
C PRO B 727 14.68 -24.01 65.00
N VAL B 728 14.12 -24.10 63.80
CA VAL B 728 12.74 -23.66 63.58
C VAL B 728 12.09 -24.50 62.48
N PRO B 729 11.12 -25.36 62.83
CA PRO B 729 10.35 -26.08 61.80
C PRO B 729 9.00 -25.47 61.45
N GLU B 730 8.47 -24.54 62.24
CA GLU B 730 7.10 -24.07 62.07
C GLU B 730 7.01 -22.60 62.45
N ILE B 731 5.83 -22.03 62.23
CA ILE B 731 5.49 -20.71 62.72
C ILE B 731 4.80 -20.90 64.06
N ARG B 732 5.35 -20.29 65.12
CA ARG B 732 4.85 -20.53 66.47
C ARG B 732 3.63 -19.65 66.81
N ARG B 733 3.78 -18.33 66.81
CA ARG B 733 2.79 -17.29 67.09
C ARG B 733 3.59 -16.01 66.88
N ASP B 734 2.89 -14.86 66.98
CA ASP B 734 3.44 -13.52 67.19
C ASP B 734 4.10 -12.95 65.92
N HIS B 735 4.28 -13.78 64.90
CA HIS B 735 4.51 -13.22 63.59
C HIS B 735 3.22 -12.65 63.05
N PHE B 736 2.10 -13.25 63.46
CA PHE B 736 0.78 -12.78 63.05
C PHE B 736 0.44 -11.45 63.70
N GLU B 737 1.05 -11.14 64.85
CA GLU B 737 0.81 -9.84 65.48
C GLU B 737 1.51 -8.72 64.73
N GLU B 738 2.75 -8.94 64.31
CA GLU B 738 3.45 -7.94 63.52
C GLU B 738 2.81 -7.82 62.15
N ALA B 739 2.35 -8.93 61.58
CA ALA B 739 1.62 -8.90 60.32
C ALA B 739 0.29 -8.18 60.45
N MET B 740 -0.37 -8.33 61.60
CA MET B 740 -1.58 -7.58 61.90
C MET B 740 -1.29 -6.10 61.99
N ARG B 741 -0.10 -5.75 62.49
CA ARG B 741 0.29 -4.35 62.54
C ARG B 741 0.53 -3.77 61.15
N PHE B 742 1.06 -4.58 60.23
CA PHE B 742 1.38 -4.05 58.89
C PHE B 742 0.13 -3.79 58.06
N ALA B 743 -0.97 -4.49 58.34
CA ALA B 743 -2.07 -4.62 57.39
C ALA B 743 -2.81 -3.31 57.17
N ARG B 744 -3.20 -3.05 55.92
CA ARG B 744 -4.04 -1.92 55.57
C ARG B 744 -5.24 -2.40 54.78
N ARG B 745 -6.35 -1.67 54.89
CA ARG B 745 -7.61 -2.08 54.29
C ARG B 745 -7.60 -1.80 52.80
N SER B 746 -8.34 -2.61 52.04
CA SER B 746 -8.30 -2.49 50.59
C SER B 746 -9.49 -1.73 50.03
N VAL B 747 -10.67 -1.89 50.62
CA VAL B 747 -11.90 -1.28 50.11
C VAL B 747 -12.52 -0.42 51.20
N SER B 748 -12.76 0.86 50.89
CA SER B 748 -13.36 1.76 51.85
C SER B 748 -14.87 1.52 51.96
N ASP B 749 -15.50 2.16 52.96
CA ASP B 749 -16.90 1.85 53.25
C ASP B 749 -17.86 2.57 52.30
N ASN B 750 -17.45 3.72 51.76
CA ASN B 750 -18.22 4.38 50.71
C ASN B 750 -18.34 3.49 49.48
N ASP B 751 -17.26 2.81 49.14
CA ASP B 751 -17.30 1.87 48.03
C ASP B 751 -18.17 0.68 48.36
N ILE B 752 -18.22 0.26 49.63
CA ILE B 752 -19.04 -0.90 49.97
C ILE B 752 -20.52 -0.57 49.88
N ARG B 753 -20.92 0.64 50.27
CA ARG B 753 -22.33 0.98 50.10
C ARG B 753 -22.66 1.25 48.63
N LYS B 754 -21.70 1.71 47.83
CA LYS B 754 -21.94 1.82 46.40
C LYS B 754 -22.12 0.45 45.75
N TYR B 755 -21.33 -0.54 46.18
CA TYR B 755 -21.51 -1.89 45.64
C TYR B 755 -22.82 -2.50 46.14
N GLU B 756 -23.30 -2.12 47.32
CA GLU B 756 -24.61 -2.59 47.75
C GLU B 756 -25.73 -2.01 46.88
N MET B 757 -25.58 -0.73 46.49
CA MET B 757 -26.62 -0.10 45.67
C MET B 757 -26.59 -0.60 44.23
N PHE B 758 -25.43 -1.05 43.75
CA PHE B 758 -25.42 -1.76 42.46
C PHE B 758 -25.80 -3.21 42.62
N ALA B 759 -25.69 -3.74 43.84
CA ALA B 759 -26.02 -5.14 44.07
C ALA B 759 -27.51 -5.34 44.02
N GLN B 760 -28.28 -4.39 44.52
CA GLN B 760 -29.73 -4.58 44.50
C GLN B 760 -30.30 -4.41 43.10
N THR B 761 -29.93 -3.32 42.41
CA THR B 761 -30.58 -2.95 41.14
C THR B 761 -29.52 -2.60 40.09
N LEU B 762 -29.06 -3.61 39.36
CA LEU B 762 -28.24 -3.43 38.16
C LEU B 762 -29.01 -3.75 36.90
N GLN B 763 -30.02 -4.62 36.98
CA GLN B 763 -30.85 -5.00 35.85
C GLN B 763 -31.64 -3.82 35.28
N GLN B 764 -31.88 -2.78 36.07
CA GLN B 764 -32.61 -1.60 35.59
C GLN B 764 -31.77 -0.66 34.76
N SER B 765 -30.53 -1.03 34.41
CA SER B 765 -29.64 -0.11 33.70
C SER B 765 -29.85 -0.17 32.20
N ARG B 766 -30.71 -1.08 31.75
CA ARG B 766 -30.95 -1.31 30.29
C ARG B 766 -31.59 -0.11 29.59
N GLY B 767 -32.57 0.54 30.22
CA GLY B 767 -33.32 1.61 29.61
C GLY B 767 -32.52 2.89 29.55
N PHE B 768 -33.11 3.97 30.06
CA PHE B 768 -32.39 5.23 30.17
C PHE B 768 -31.36 5.15 31.29
N GLY B 769 -30.29 5.91 31.13
CA GLY B 769 -29.28 6.03 32.18
C GLY B 769 -28.40 4.82 32.36
N LEU C 12 31.81 -23.25 36.56
CA LEU C 12 32.19 -24.29 35.62
C LEU C 12 31.66 -23.97 34.23
N SER C 13 31.11 -22.77 34.08
CA SER C 13 30.54 -22.37 32.80
C SER C 13 31.62 -22.13 31.76
N THR C 14 32.81 -21.73 32.20
CA THR C 14 33.97 -21.56 31.32
C THR C 14 35.07 -22.56 31.62
N ALA C 15 34.69 -23.78 32.01
CA ALA C 15 35.68 -24.78 32.41
C ALA C 15 36.40 -25.40 31.24
N ILE C 16 35.90 -25.24 30.01
CA ILE C 16 36.57 -25.84 28.86
C ILE C 16 37.76 -25.01 28.40
N LEU C 17 37.90 -23.78 28.90
CA LEU C 17 39.00 -22.91 28.54
C LEU C 17 40.18 -23.02 29.50
N LYS C 18 40.25 -24.09 30.27
CA LYS C 18 41.37 -24.28 31.19
C LYS C 18 42.45 -25.12 30.50
N GLN C 19 43.72 -24.78 30.80
CA GLN C 19 44.80 -25.34 30.00
C GLN C 19 45.24 -26.73 30.45
N LYS C 20 44.93 -27.11 31.70
CA LYS C 20 45.16 -28.47 32.23
C LYS C 20 46.64 -28.86 32.19
N ASN C 21 47.43 -28.25 33.07
CA ASN C 21 48.86 -28.51 33.11
C ASN C 21 49.17 -29.95 33.50
N ARG C 22 50.09 -30.56 32.77
CA ARG C 22 50.46 -31.97 32.78
C ARG C 22 51.97 -32.08 32.89
N PRO C 23 52.49 -33.30 33.25
CA PRO C 23 53.96 -33.47 33.30
C PRO C 23 54.73 -33.25 32.01
N ASN C 24 54.07 -33.36 30.85
CA ASN C 24 54.72 -33.11 29.57
C ASN C 24 54.53 -31.69 29.07
N ARG C 25 54.21 -30.75 29.96
CA ARG C 25 54.05 -29.35 29.59
C ARG C 25 55.36 -28.62 29.84
N LEU C 26 55.78 -27.83 28.85
CA LEU C 26 57.08 -27.18 28.86
C LEU C 26 56.90 -25.71 28.53
N ILE C 27 57.26 -24.85 29.47
CA ILE C 27 57.19 -23.41 29.28
C ILE C 27 58.48 -22.95 28.63
N VAL C 28 58.39 -22.03 27.68
CA VAL C 28 59.58 -21.60 26.96
C VAL C 28 60.41 -20.67 27.84
N ASP C 29 61.69 -20.56 27.47
CA ASP C 29 62.62 -19.63 28.11
C ASP C 29 63.74 -19.36 27.10
N GLU C 30 64.58 -18.39 27.42
CA GLU C 30 65.65 -18.01 26.51
C GLU C 30 66.77 -19.05 26.54
N ALA C 31 67.31 -19.36 25.36
CA ALA C 31 68.43 -20.30 25.23
C ALA C 31 69.67 -19.59 24.71
N ILE C 32 70.83 -20.03 25.21
CA ILE C 32 72.10 -19.39 24.86
C ILE C 32 72.83 -20.08 23.71
N ASN C 33 72.27 -21.16 23.18
CA ASN C 33 72.88 -21.84 22.04
C ASN C 33 72.40 -21.23 20.73
N GLU C 34 73.36 -20.83 19.89
CA GLU C 34 73.02 -20.28 18.58
C GLU C 34 72.63 -21.35 17.57
N ASP C 35 72.80 -22.63 17.92
CA ASP C 35 72.36 -23.70 17.04
C ASP C 35 70.83 -23.76 17.01
N ASN C 36 70.30 -23.99 15.82
CA ASN C 36 68.86 -23.93 15.57
C ASN C 36 68.21 -25.30 15.60
N SER C 37 68.76 -26.24 16.37
CA SER C 37 68.14 -27.54 16.55
C SER C 37 68.30 -28.01 18.00
N VAL C 38 68.37 -27.09 18.94
CA VAL C 38 68.65 -27.40 20.33
C VAL C 38 67.36 -27.28 21.15
N VAL C 39 67.21 -28.16 22.13
CA VAL C 39 66.29 -27.97 23.22
C VAL C 39 67.07 -28.17 24.52
N SER C 40 66.52 -27.67 25.61
CA SER C 40 67.12 -27.80 26.93
C SER C 40 66.16 -28.60 27.81
N LEU C 41 66.50 -29.85 28.09
CA LEU C 41 65.70 -30.66 29.01
C LEU C 41 66.58 -31.20 30.12
N SER C 42 65.97 -31.31 31.30
CA SER C 42 66.62 -31.86 32.47
C SER C 42 66.63 -33.38 32.40
N GLN C 43 67.52 -33.97 33.19
CA GLN C 43 67.69 -35.42 33.24
C GLN C 43 66.48 -36.18 33.79
N PRO C 44 65.77 -35.74 34.86
CA PRO C 44 64.52 -36.45 35.19
C PRO C 44 63.43 -36.28 34.16
N LYS C 45 63.48 -35.23 33.34
CA LYS C 45 62.51 -35.10 32.26
C LYS C 45 62.77 -36.13 31.17
N MET C 46 64.03 -36.36 30.82
CA MET C 46 64.35 -37.35 29.80
C MET C 46 64.19 -38.78 30.33
N ASP C 47 64.48 -39.01 31.61
CA ASP C 47 64.19 -40.30 32.22
C ASP C 47 62.70 -40.47 32.54
N GLU C 48 61.93 -39.38 32.47
CA GLU C 48 60.50 -39.42 32.78
C GLU C 48 59.69 -39.87 31.59
N LEU C 49 59.85 -39.19 30.46
CA LEU C 49 59.16 -39.53 29.22
C LEU C 49 59.91 -40.57 28.39
N GLN C 50 60.94 -41.20 28.99
CA GLN C 50 61.80 -42.20 28.33
C GLN C 50 62.47 -41.62 27.10
N LEU C 51 62.85 -40.35 27.18
CA LEU C 51 63.53 -39.66 26.07
C LEU C 51 65.01 -40.01 26.16
N PHE C 52 65.46 -40.89 25.27
CA PHE C 52 66.87 -41.22 25.21
C PHE C 52 67.60 -40.13 24.45
N ARG C 53 68.91 -40.03 24.68
CA ARG C 53 69.68 -38.92 24.11
C ARG C 53 69.80 -39.07 22.60
N GLY C 54 69.34 -38.04 21.87
CA GLY C 54 69.33 -38.07 20.44
C GLY C 54 67.97 -38.34 19.82
N ASP C 55 66.92 -38.41 20.62
CA ASP C 55 65.58 -38.60 20.11
C ASP C 55 65.07 -37.34 19.42
N THR C 56 64.05 -37.54 18.59
CA THR C 56 63.38 -36.46 17.88
C THR C 56 61.94 -36.40 18.40
N VAL C 57 61.62 -35.33 19.10
CA VAL C 57 60.30 -35.19 19.69
C VAL C 57 59.44 -34.36 18.76
N LEU C 58 58.13 -34.43 18.97
CA LEU C 58 57.15 -33.71 18.16
C LEU C 58 56.59 -32.58 19.01
N LEU C 59 57.00 -31.34 18.71
CA LEU C 59 56.61 -30.17 19.48
C LEU C 59 55.37 -29.55 18.85
N LYS C 60 54.39 -29.19 19.67
CA LYS C 60 53.14 -28.64 19.20
C LYS C 60 52.93 -27.26 19.79
N GLY C 61 52.72 -26.26 18.94
CA GLY C 61 52.51 -24.91 19.41
C GLY C 61 51.09 -24.41 19.20
N LYS C 62 50.95 -23.21 18.68
CA LYS C 62 49.67 -22.55 18.49
C LYS C 62 49.36 -22.44 17.01
N LYS C 63 48.05 -22.37 16.71
CA LYS C 63 47.52 -22.28 15.34
C LYS C 63 47.98 -23.44 14.46
N ARG C 64 48.06 -24.63 15.06
CA ARG C 64 48.42 -25.90 14.43
C ARG C 64 49.81 -25.94 13.83
N ARG C 65 50.69 -25.01 14.20
CA ARG C 65 52.08 -25.07 13.79
C ARG C 65 52.80 -26.10 14.65
N GLU C 66 53.68 -26.87 14.03
CA GLU C 66 54.49 -27.84 14.75
C GLU C 66 55.97 -27.66 14.42
N ALA C 67 56.79 -28.40 15.16
CA ALA C 67 58.23 -28.38 14.96
C ALA C 67 58.83 -29.66 15.52
N VAL C 68 59.99 -30.01 15.01
CA VAL C 68 60.78 -31.14 15.49
C VAL C 68 62.22 -30.70 15.71
N CYS C 69 62.81 -31.16 16.80
CA CYS C 69 64.22 -30.93 17.10
C CYS C 69 64.79 -32.17 17.75
N ILE C 70 66.08 -32.38 17.55
CA ILE C 70 66.80 -33.45 18.24
C ILE C 70 67.09 -32.99 19.68
N VAL C 71 66.91 -33.92 20.61
CA VAL C 71 66.90 -33.57 22.04
C VAL C 71 68.32 -33.68 22.59
N LEU C 72 68.65 -32.79 23.53
CA LEU C 72 69.91 -32.80 24.24
C LEU C 72 69.64 -32.78 25.74
N SER C 73 70.62 -33.21 26.52
CA SER C 73 70.49 -33.26 27.98
C SER C 73 71.19 -32.05 28.59
N ASP C 74 70.49 -30.92 28.58
CA ASP C 74 70.98 -29.70 29.21
C ASP C 74 70.51 -29.70 30.65
N ASP C 75 71.37 -30.12 31.56
CA ASP C 75 70.99 -30.39 32.94
C ASP C 75 70.88 -29.14 33.80
N THR C 76 71.31 -27.98 33.32
CA THR C 76 71.09 -26.73 34.04
C THR C 76 69.71 -26.14 33.76
N CYS C 77 68.90 -26.81 32.95
CA CYS C 77 67.50 -26.42 32.76
C CYS C 77 66.65 -26.87 33.94
N SER C 78 65.52 -26.20 34.12
CA SER C 78 64.60 -26.55 35.18
C SER C 78 63.60 -27.60 34.71
N ASP C 79 62.99 -28.29 35.69
CA ASP C 79 62.05 -29.36 35.40
C ASP C 79 60.72 -28.87 34.83
N GLU C 80 60.43 -27.58 34.94
CA GLU C 80 59.16 -27.00 34.55
C GLU C 80 59.25 -26.13 33.30
N LYS C 81 60.44 -25.96 32.72
CA LYS C 81 60.62 -25.07 31.60
C LYS C 81 61.40 -25.76 30.49
N ILE C 82 61.59 -25.03 29.39
CA ILE C 82 62.43 -25.45 28.27
C ILE C 82 63.01 -24.18 27.66
N ARG C 83 64.16 -24.31 27.00
CA ARG C 83 64.87 -23.17 26.45
C ARG C 83 65.13 -23.40 24.96
N MET C 84 64.77 -22.39 24.16
CA MET C 84 64.90 -22.45 22.71
C MET C 84 65.18 -21.04 22.19
N ASN C 85 65.54 -20.96 20.92
CA ASN C 85 65.92 -19.69 20.30
C ASN C 85 64.70 -19.00 19.70
N ARG C 86 64.94 -17.97 18.88
CA ARG C 86 63.84 -17.27 18.22
C ARG C 86 63.34 -18.02 17.00
N VAL C 87 64.16 -18.91 16.44
CA VAL C 87 63.78 -19.62 15.22
C VAL C 87 62.65 -20.60 15.50
N VAL C 88 62.78 -21.36 16.60
CA VAL C 88 61.73 -22.32 16.95
C VAL C 88 60.49 -21.58 17.46
N ARG C 89 60.70 -20.48 18.19
CA ARG C 89 59.58 -19.69 18.69
C ARG C 89 58.87 -18.89 17.62
N ASN C 90 59.47 -18.69 16.46
CA ASN C 90 58.71 -18.21 15.31
C ASN C 90 58.18 -19.34 14.45
N ASN C 91 58.74 -20.54 14.57
CA ASN C 91 58.13 -21.68 13.89
C ASN C 91 56.98 -22.30 14.68
N LEU C 92 56.80 -21.90 15.94
CA LEU C 92 55.71 -22.41 16.77
C LEU C 92 54.74 -21.33 17.22
N ARG C 93 54.97 -20.07 16.82
CA ARG C 93 54.04 -18.95 16.99
C ARG C 93 53.72 -18.68 18.46
N VAL C 94 54.72 -18.80 19.34
CA VAL C 94 54.53 -18.58 20.76
C VAL C 94 55.33 -17.37 21.21
N ARG C 95 54.90 -16.81 22.32
CA ARG C 95 55.62 -15.72 22.96
C ARG C 95 56.46 -16.28 24.11
N LEU C 96 57.08 -15.39 24.87
CA LEU C 96 57.87 -15.80 26.03
C LEU C 96 56.95 -15.97 27.22
N GLY C 97 56.72 -17.23 27.62
CA GLY C 97 55.79 -17.52 28.69
C GLY C 97 54.53 -18.19 28.20
N ASP C 98 54.65 -19.12 27.26
CA ASP C 98 53.52 -19.89 26.74
C ASP C 98 53.88 -21.37 26.71
N VAL C 99 52.90 -22.21 27.03
CA VAL C 99 53.13 -23.65 27.13
C VAL C 99 53.19 -24.28 25.74
N ILE C 100 53.97 -25.35 25.63
CA ILE C 100 54.14 -26.10 24.39
C ILE C 100 54.18 -27.58 24.74
N SER C 101 53.30 -28.35 24.12
CA SER C 101 53.27 -29.80 24.33
C SER C 101 54.47 -30.46 23.66
N ILE C 102 54.93 -31.55 24.26
CA ILE C 102 56.00 -32.36 23.70
C ILE C 102 55.46 -33.78 23.50
N GLN C 103 55.90 -34.42 22.44
CA GLN C 103 55.46 -35.79 22.17
C GLN C 103 56.64 -36.61 21.63
N PRO C 104 56.98 -37.71 22.29
CA PRO C 104 58.04 -38.59 21.74
C PRO C 104 57.55 -39.34 20.51
N CYS C 105 58.01 -38.91 19.35
CA CYS C 105 57.63 -39.51 18.06
C CYS C 105 58.89 -39.92 17.34
N PRO C 106 59.41 -41.13 17.60
CA PRO C 106 60.65 -41.56 16.95
C PRO C 106 60.43 -42.25 15.61
N ASP C 107 59.23 -42.08 15.03
CA ASP C 107 58.90 -42.70 13.75
C ASP C 107 59.67 -41.97 12.65
N VAL C 108 60.90 -42.42 12.44
CA VAL C 108 61.83 -41.75 11.53
C VAL C 108 61.86 -42.50 10.21
N LYS C 109 61.51 -41.80 9.14
CA LYS C 109 61.77 -42.26 7.78
C LYS C 109 62.47 -41.14 7.02
N TYR C 110 63.37 -41.54 6.13
CA TYR C 110 64.17 -40.58 5.39
C TYR C 110 63.40 -40.00 4.22
N GLY C 111 63.86 -38.84 3.74
CA GLY C 111 63.26 -38.18 2.62
C GLY C 111 63.92 -38.54 1.31
N LYS C 112 63.15 -38.42 0.23
CA LYS C 112 63.64 -38.68 -1.12
C LYS C 112 64.22 -37.41 -1.75
N ARG C 113 63.39 -36.37 -1.86
CA ARG C 113 63.83 -35.06 -2.32
C ARG C 113 63.25 -34.00 -1.41
N ILE C 114 64.08 -33.04 -1.02
CA ILE C 114 63.63 -31.85 -0.34
C ILE C 114 63.79 -30.67 -1.29
N HIS C 115 63.16 -29.55 -0.95
CA HIS C 115 63.17 -28.39 -1.85
C HIS C 115 63.10 -27.13 -1.00
N VAL C 116 64.26 -26.50 -0.78
CA VAL C 116 64.31 -25.23 -0.07
C VAL C 116 64.09 -24.11 -1.07
N LEU C 117 63.73 -22.94 -0.56
CA LEU C 117 63.51 -21.72 -1.33
C LEU C 117 63.94 -20.54 -0.48
N PRO C 118 64.78 -19.66 -1.02
CA PRO C 118 65.22 -18.50 -0.23
C PRO C 118 64.16 -17.40 -0.21
N ILE C 119 64.46 -16.36 0.57
CA ILE C 119 63.65 -15.15 0.61
C ILE C 119 64.46 -14.01 0.00
N ASP C 120 63.87 -13.33 -0.98
CA ASP C 120 64.64 -12.57 -1.98
C ASP C 120 65.25 -11.28 -1.45
N ASP C 121 64.62 -10.62 -0.47
CA ASP C 121 65.10 -9.32 -0.01
C ASP C 121 66.44 -9.42 0.72
N THR C 122 66.70 -10.54 1.39
CA THR C 122 68.02 -10.80 1.95
C THR C 122 68.98 -11.35 0.91
N VAL C 123 68.47 -11.98 -0.14
CA VAL C 123 69.32 -12.45 -1.23
C VAL C 123 69.79 -11.27 -2.08
N GLU C 124 68.95 -10.26 -2.27
CA GLU C 124 69.39 -9.04 -2.95
C GLU C 124 70.38 -8.28 -2.09
N GLY C 125 71.15 -7.42 -2.74
CA GLY C 125 72.44 -7.03 -2.21
C GLY C 125 73.51 -7.73 -3.02
N ILE C 126 74.03 -8.84 -2.50
CA ILE C 126 74.82 -9.75 -3.31
C ILE C 126 74.24 -11.16 -3.17
N THR C 127 74.17 -11.87 -4.30
CA THR C 127 73.72 -13.25 -4.33
C THR C 127 74.90 -14.21 -4.45
N GLY C 128 75.70 -14.05 -5.49
CA GLY C 128 76.84 -14.94 -5.69
C GLY C 128 76.38 -16.29 -6.20
N ASN C 129 76.86 -17.35 -5.55
CA ASN C 129 76.42 -18.72 -5.82
C ASN C 129 75.67 -19.20 -4.59
N LEU C 130 74.44 -19.66 -4.79
CA LEU C 130 73.63 -19.99 -3.62
C LEU C 130 73.95 -21.38 -3.07
N PHE C 131 74.20 -22.35 -3.95
CA PHE C 131 74.27 -23.74 -3.51
C PHE C 131 75.55 -24.03 -2.73
N GLU C 132 76.70 -23.92 -3.40
CA GLU C 132 77.96 -24.34 -2.79
C GLU C 132 78.46 -23.41 -1.69
N VAL C 133 77.83 -22.26 -1.51
CA VAL C 133 78.20 -21.31 -0.47
C VAL C 133 77.20 -21.32 0.68
N TYR C 134 75.92 -21.56 0.38
CA TYR C 134 74.85 -21.49 1.37
C TYR C 134 74.34 -22.85 1.84
N LEU C 135 74.14 -23.80 0.92
CA LEU C 135 73.51 -25.06 1.27
C LEU C 135 74.52 -26.16 1.60
N LYS C 136 75.79 -25.94 1.29
CA LYS C 136 76.78 -26.99 1.56
C LYS C 136 77.09 -27.19 3.05
N PRO C 137 77.60 -26.21 3.81
CA PRO C 137 78.19 -26.57 5.11
C PRO C 137 77.17 -26.80 6.22
N TYR C 138 75.88 -26.62 5.95
CA TYR C 138 74.84 -26.76 6.97
C TYR C 138 74.09 -28.09 6.89
N PHE C 139 74.08 -28.72 5.72
CA PHE C 139 73.34 -29.96 5.49
C PHE C 139 74.21 -31.20 5.42
N LEU C 140 75.46 -31.08 4.97
CA LEU C 140 76.31 -32.23 4.78
C LEU C 140 76.77 -32.78 6.13
N GLU C 141 76.35 -34.02 6.43
CA GLU C 141 76.65 -34.74 7.67
C GLU C 141 76.18 -33.95 8.90
N ALA C 142 74.88 -33.70 8.94
CA ALA C 142 74.27 -33.01 10.08
C ALA C 142 73.04 -33.73 10.60
N TYR C 143 72.32 -34.40 9.67
CA TYR C 143 71.05 -35.10 9.93
C TYR C 143 70.00 -34.18 10.58
N ARG C 144 69.93 -32.93 10.14
CA ARG C 144 69.07 -31.95 10.81
C ARG C 144 67.63 -32.11 10.37
N PRO C 145 66.68 -32.28 11.30
CA PRO C 145 65.29 -32.50 10.90
C PRO C 145 64.59 -31.22 10.49
N ILE C 146 63.60 -31.38 9.61
CA ILE C 146 62.78 -30.26 9.15
C ILE C 146 61.33 -30.70 9.08
N ARG C 147 60.43 -29.74 9.27
CA ARG C 147 59.02 -29.89 8.97
C ARG C 147 58.73 -29.12 7.67
N LYS C 148 57.76 -29.61 6.91
CA LYS C 148 57.35 -28.96 5.66
C LYS C 148 56.75 -27.60 5.98
N GLY C 149 57.53 -26.55 5.75
CA GLY C 149 57.10 -25.19 6.05
C GLY C 149 57.92 -24.49 7.13
N ASP C 150 59.20 -24.83 7.24
CA ASP C 150 60.06 -24.22 8.24
C ASP C 150 60.89 -23.10 7.63
N ILE C 151 61.23 -22.12 8.46
CA ILE C 151 62.09 -21.01 8.08
C ILE C 151 63.32 -21.09 8.97
N PHE C 152 64.45 -21.45 8.38
CA PHE C 152 65.69 -21.64 9.10
C PHE C 152 66.76 -20.74 8.51
N LEU C 153 67.79 -20.49 9.30
CA LEU C 153 68.80 -19.49 8.98
C LEU C 153 70.17 -20.14 8.88
N VAL C 154 70.89 -19.80 7.81
CA VAL C 154 72.24 -20.29 7.54
C VAL C 154 73.14 -19.08 7.42
N ARG C 155 74.23 -19.05 8.19
CA ARG C 155 75.20 -17.96 8.11
C ARG C 155 76.31 -18.27 7.11
N GLY C 156 75.92 -18.65 5.90
CA GLY C 156 76.88 -18.93 4.84
C GLY C 156 76.87 -17.87 3.76
N GLY C 157 76.73 -16.61 4.15
CA GLY C 157 76.68 -15.53 3.19
C GLY C 157 77.13 -14.19 3.76
N MET C 158 76.45 -13.11 3.37
CA MET C 158 76.83 -11.80 3.89
C MET C 158 76.20 -11.52 5.25
N ARG C 159 74.94 -11.91 5.42
CA ARG C 159 74.15 -11.66 6.62
C ARG C 159 73.00 -12.67 6.62
N ALA C 160 71.96 -12.39 7.39
CA ALA C 160 70.88 -13.34 7.63
C ALA C 160 70.04 -13.62 6.38
N VAL C 161 70.33 -14.74 5.70
CA VAL C 161 69.61 -15.16 4.50
C VAL C 161 68.87 -16.44 4.85
N GLU C 162 67.54 -16.38 4.85
CA GLU C 162 66.69 -17.45 5.35
C GLU C 162 66.16 -18.31 4.22
N PHE C 163 65.84 -19.56 4.54
CA PHE C 163 65.41 -20.56 3.58
C PHE C 163 64.06 -21.11 3.97
N LYS C 164 63.33 -21.65 2.99
CA LYS C 164 61.99 -22.14 3.26
C LYS C 164 61.73 -23.44 2.52
N VAL C 165 61.41 -24.49 3.27
CA VAL C 165 61.22 -25.83 2.73
C VAL C 165 59.76 -26.00 2.34
N VAL C 166 59.50 -26.01 1.04
CA VAL C 166 58.14 -26.00 0.52
C VAL C 166 57.69 -27.37 0.02
N GLU C 167 58.37 -27.92 -0.97
CA GLU C 167 57.99 -29.20 -1.57
C GLU C 167 58.80 -30.31 -0.94
N THR C 168 58.12 -31.28 -0.34
CA THR C 168 58.77 -32.40 0.33
C THR C 168 57.80 -33.58 0.29
N ASP C 169 58.33 -34.79 0.06
CA ASP C 169 57.47 -35.97 0.01
C ASP C 169 57.12 -36.49 1.41
N PRO C 170 58.03 -36.56 2.40
CA PRO C 170 57.54 -36.78 3.77
C PRO C 170 56.86 -35.53 4.31
N SER C 171 55.55 -35.65 4.56
CA SER C 171 54.71 -34.53 4.98
C SER C 171 54.76 -34.18 6.47
N PRO C 172 54.70 -35.15 7.47
CA PRO C 172 54.81 -34.69 8.86
C PRO C 172 56.17 -34.09 9.21
N TYR C 173 57.25 -34.85 9.05
CA TYR C 173 58.63 -34.37 9.17
C TYR C 173 59.54 -35.48 8.68
N CYS C 174 60.84 -35.17 8.64
CA CYS C 174 61.85 -36.11 8.16
C CYS C 174 63.21 -35.65 8.64
N ILE C 175 64.10 -36.60 8.88
CA ILE C 175 65.51 -36.33 9.15
C ILE C 175 66.24 -36.40 7.81
N VAL C 176 66.79 -35.27 7.39
CA VAL C 176 67.41 -35.16 6.07
C VAL C 176 68.77 -35.82 6.13
N ALA C 177 68.91 -36.95 5.44
CA ALA C 177 70.21 -37.57 5.25
C ALA C 177 71.01 -36.76 4.24
N PRO C 178 72.35 -36.87 4.26
CA PRO C 178 73.16 -36.21 3.22
C PRO C 178 72.93 -36.73 1.82
N ASP C 179 72.34 -37.91 1.65
CA ASP C 179 72.02 -38.42 0.32
C ASP C 179 70.72 -37.85 -0.24
N THR C 180 69.94 -37.12 0.56
CA THR C 180 68.69 -36.54 0.10
C THR C 180 68.99 -35.40 -0.85
N VAL C 181 68.31 -35.38 -2.00
CA VAL C 181 68.65 -34.50 -3.11
C VAL C 181 68.19 -33.09 -2.78
N ILE C 182 69.13 -32.15 -2.79
CA ILE C 182 68.89 -30.76 -2.44
C ILE C 182 68.96 -29.92 -3.71
N HIS C 183 67.92 -29.10 -3.94
CA HIS C 183 67.84 -28.24 -5.10
C HIS C 183 67.93 -26.78 -4.70
N CYS C 184 68.28 -25.94 -5.68
CA CYS C 184 68.34 -24.50 -5.48
C CYS C 184 67.80 -23.74 -6.70
N GLU C 185 67.11 -24.44 -7.61
CA GLU C 185 66.70 -23.84 -8.88
C GLU C 185 65.40 -23.04 -8.78
N GLY C 186 64.69 -23.11 -7.66
CA GLY C 186 63.35 -22.57 -7.58
C GLY C 186 63.33 -21.06 -7.51
N GLU C 187 62.13 -20.54 -7.23
CA GLU C 187 61.90 -19.11 -7.18
C GLU C 187 61.90 -18.61 -5.75
N PRO C 188 62.53 -17.47 -5.47
CA PRO C 188 62.54 -16.93 -4.11
C PRO C 188 61.19 -16.39 -3.70
N ILE C 189 61.05 -16.18 -2.39
CA ILE C 189 59.80 -15.77 -1.77
C ILE C 189 59.96 -14.32 -1.29
N LYS C 190 58.87 -13.56 -1.33
CA LYS C 190 58.92 -12.17 -0.88
C LYS C 190 58.79 -12.10 0.65
N ARG C 191 59.13 -10.93 1.19
CA ARG C 191 58.98 -10.65 2.62
C ARG C 191 57.51 -10.48 3.00
N GLU C 192 56.72 -9.88 2.10
CA GLU C 192 55.30 -9.70 2.34
C GLU C 192 54.56 -11.04 2.41
N ASP C 193 55.05 -12.06 1.70
CA ASP C 193 54.38 -13.35 1.68
C ASP C 193 54.45 -14.05 3.03
N GLU C 194 55.52 -13.83 3.79
CA GLU C 194 55.55 -14.36 5.13
C GLU C 194 54.91 -13.41 6.14
N GLU C 195 55.15 -12.10 5.99
CA GLU C 195 54.64 -11.16 6.99
C GLU C 195 53.13 -10.99 6.92
N GLU C 196 52.49 -11.37 5.81
CA GLU C 196 51.03 -11.41 5.77
C GLU C 196 50.53 -12.68 6.45
N SER C 197 51.27 -13.78 6.33
CA SER C 197 50.87 -15.03 6.95
C SER C 197 51.24 -15.11 8.42
N LEU C 198 51.97 -14.13 8.95
CA LEU C 198 52.15 -13.99 10.38
C LEU C 198 50.99 -13.23 11.03
N ASN C 199 50.02 -12.80 10.25
CA ASN C 199 48.88 -12.05 10.79
C ASN C 199 47.63 -12.92 10.75
N GLU C 200 47.79 -14.21 11.03
CA GLU C 200 46.64 -15.06 11.17
C GLU C 200 46.04 -14.89 12.56
N VAL C 201 44.86 -15.45 12.76
CA VAL C 201 44.01 -15.16 13.91
C VAL C 201 43.86 -16.41 14.74
N GLY C 202 44.08 -16.29 16.06
CA GLY C 202 43.88 -17.38 16.98
C GLY C 202 42.88 -16.96 18.06
N TYR C 203 42.98 -17.60 19.22
CA TYR C 203 42.11 -17.20 20.32
C TYR C 203 42.73 -16.08 21.13
N ASP C 204 43.91 -15.62 20.76
CA ASP C 204 44.54 -14.53 21.48
C ASP C 204 44.32 -13.22 20.76
N ASP C 205 43.46 -13.22 19.75
CA ASP C 205 43.14 -11.98 19.07
C ASP C 205 41.72 -11.58 19.33
N ILE C 206 41.06 -12.26 20.27
CA ILE C 206 39.69 -11.95 20.60
C ILE C 206 39.62 -11.48 22.04
N GLY C 207 39.17 -10.26 22.24
CA GLY C 207 39.05 -9.77 23.60
C GLY C 207 37.64 -9.40 23.96
N GLY C 208 37.25 -9.67 25.20
CA GLY C 208 35.95 -9.26 25.67
C GLY C 208 34.84 -10.24 25.45
N CYS C 209 35.15 -11.45 24.96
CA CYS C 209 34.16 -12.47 24.65
C CYS C 209 34.54 -13.82 25.22
N ARG C 210 34.90 -13.89 26.50
CA ARG C 210 35.31 -15.15 27.09
C ARG C 210 34.13 -16.08 27.29
N LYS C 211 33.01 -15.53 27.76
CA LYS C 211 31.84 -16.33 28.11
C LYS C 211 31.20 -16.93 26.87
N GLN C 212 31.35 -16.28 25.71
CA GLN C 212 30.79 -16.82 24.50
C GLN C 212 31.73 -17.80 23.81
N LEU C 213 33.05 -17.62 23.98
CA LEU C 213 33.97 -18.60 23.44
C LEU C 213 33.88 -19.93 24.17
N ALA C 214 33.53 -19.88 25.45
CA ALA C 214 33.25 -21.12 26.18
C ALA C 214 32.10 -21.90 25.54
N GLN C 215 31.00 -21.23 25.22
CA GLN C 215 29.85 -21.89 24.63
C GLN C 215 30.16 -22.41 23.24
N ILE C 216 30.92 -21.67 22.45
CA ILE C 216 31.20 -22.13 21.10
C ILE C 216 32.15 -23.32 21.12
N LYS C 217 33.07 -23.39 22.08
CA LYS C 217 33.91 -24.59 22.16
C LYS C 217 33.14 -25.78 22.69
N GLU C 218 32.13 -25.56 23.55
CA GLU C 218 31.29 -26.68 23.96
C GLU C 218 30.40 -27.17 22.84
N MET C 219 29.99 -26.29 21.93
CA MET C 219 29.06 -26.70 20.89
C MET C 219 29.73 -27.24 19.64
N VAL C 220 30.93 -26.79 19.29
CA VAL C 220 31.51 -27.07 17.98
C VAL C 220 32.75 -27.94 18.06
N GLU C 221 33.68 -27.62 18.94
CA GLU C 221 34.93 -28.39 18.99
C GLU C 221 34.70 -29.74 19.65
N LEU C 222 33.93 -29.78 20.73
CA LEU C 222 33.76 -31.03 21.47
C LEU C 222 32.95 -32.11 20.75
N PRO C 223 31.85 -31.84 20.04
CA PRO C 223 31.21 -32.94 19.31
C PRO C 223 31.90 -33.35 18.03
N LEU C 224 33.00 -32.73 17.66
CA LEU C 224 33.77 -33.19 16.51
C LEU C 224 35.05 -33.90 16.89
N ARG C 225 35.61 -33.59 18.05
CA ARG C 225 36.79 -34.34 18.48
C ARG C 225 36.42 -35.65 19.12
N HIS C 226 35.32 -35.69 19.87
CA HIS C 226 34.92 -36.88 20.63
C HIS C 226 33.46 -37.21 20.39
N PRO C 227 33.11 -37.83 19.26
CA PRO C 227 31.73 -38.24 19.05
C PRO C 227 31.29 -39.39 19.96
N ALA C 228 32.25 -40.14 20.50
CA ALA C 228 31.93 -41.31 21.32
C ALA C 228 31.24 -40.94 22.62
N LEU C 229 31.58 -39.81 23.22
CA LEU C 229 30.93 -39.39 24.46
C LEU C 229 29.47 -39.08 24.24
N PHE C 230 29.16 -38.34 23.18
CA PHE C 230 27.79 -37.98 22.88
C PHE C 230 26.98 -39.18 22.44
N LYS C 231 27.64 -40.17 21.81
CA LYS C 231 26.91 -41.38 21.51
C LYS C 231 26.72 -42.24 22.76
N ALA C 232 27.63 -42.15 23.71
CA ALA C 232 27.57 -43.02 24.88
C ALA C 232 26.52 -42.53 25.88
N ILE C 233 26.55 -41.24 26.20
CA ILE C 233 25.61 -40.73 27.19
C ILE C 233 24.23 -40.48 26.59
N GLY C 234 24.08 -40.54 25.27
CA GLY C 234 22.78 -40.54 24.62
C GLY C 234 22.28 -39.18 24.18
N VAL C 235 23.13 -38.39 23.54
CA VAL C 235 22.86 -36.98 23.25
C VAL C 235 23.03 -36.73 21.77
N LYS C 236 22.05 -36.08 21.16
CA LYS C 236 22.43 -35.71 19.81
C LYS C 236 22.94 -34.28 19.76
N PRO C 237 24.09 -34.05 19.13
CA PRO C 237 24.69 -32.73 19.11
C PRO C 237 23.96 -31.83 18.13
N PRO C 238 24.01 -30.52 18.31
CA PRO C 238 23.24 -29.64 17.45
C PRO C 238 23.87 -29.49 16.08
N ARG C 239 23.06 -29.04 15.13
CA ARG C 239 23.49 -28.93 13.75
C ARG C 239 23.62 -27.50 13.29
N GLY C 240 23.03 -26.56 13.98
CA GLY C 240 23.06 -25.17 13.57
C GLY C 240 23.30 -24.26 14.75
N ILE C 241 24.21 -23.33 14.58
CA ILE C 241 24.48 -22.31 15.58
C ILE C 241 24.36 -20.96 14.89
N LEU C 242 23.66 -20.03 15.50
CA LEU C 242 23.46 -18.72 14.91
C LEU C 242 24.10 -17.69 15.83
N LEU C 243 25.17 -17.06 15.38
CA LEU C 243 25.77 -15.94 16.10
C LEU C 243 25.03 -14.70 15.67
N TYR C 244 24.77 -13.78 16.58
CA TYR C 244 24.19 -12.50 16.20
C TYR C 244 24.66 -11.40 17.11
N GLY C 245 24.49 -10.17 16.68
CA GLY C 245 24.95 -9.03 17.43
C GLY C 245 24.76 -7.75 16.65
N PRO C 246 25.26 -6.64 17.16
CA PRO C 246 25.27 -5.41 16.38
C PRO C 246 26.37 -5.44 15.35
N PRO C 247 26.41 -4.49 14.42
CA PRO C 247 27.52 -4.45 13.47
C PRO C 247 28.82 -4.06 14.13
N GLY C 248 29.88 -4.77 13.80
CA GLY C 248 31.20 -4.42 14.26
C GLY C 248 31.69 -5.15 15.48
N THR C 249 30.98 -6.15 15.96
CA THR C 249 31.30 -6.77 17.23
C THR C 249 32.14 -8.03 17.11
N GLY C 250 32.70 -8.32 15.95
CA GLY C 250 33.62 -9.44 15.86
C GLY C 250 32.98 -10.79 15.69
N LYS C 251 32.21 -10.99 14.61
CA LYS C 251 31.64 -12.30 14.34
C LYS C 251 32.43 -13.03 13.28
N THR C 252 32.86 -12.31 12.24
CA THR C 252 33.76 -12.87 11.25
C THR C 252 35.12 -13.17 11.85
N LEU C 253 35.49 -12.45 12.90
CA LEU C 253 36.75 -12.70 13.58
C LEU C 253 36.72 -14.01 14.34
N ILE C 254 35.62 -14.30 15.05
CA ILE C 254 35.46 -15.59 15.72
C ILE C 254 35.37 -16.71 14.69
N ALA C 255 34.81 -16.40 13.52
CA ALA C 255 34.79 -17.36 12.42
C ALA C 255 36.19 -17.74 11.97
N ARG C 256 37.03 -16.75 11.66
CA ARG C 256 38.39 -17.05 11.24
C ARG C 256 39.22 -17.66 12.36
N ALA C 257 38.87 -17.39 13.62
CA ALA C 257 39.61 -18.02 14.71
C ALA C 257 39.32 -19.50 14.78
N VAL C 258 38.07 -19.89 14.58
CA VAL C 258 37.77 -21.32 14.58
C VAL C 258 38.31 -21.95 13.30
N ALA C 259 38.42 -21.16 12.23
CA ALA C 259 38.96 -21.65 10.96
C ALA C 259 40.45 -21.92 11.05
N ASN C 260 41.14 -21.27 11.98
CA ASN C 260 42.57 -21.48 12.10
C ASN C 260 42.89 -22.43 13.24
N GLU C 261 41.99 -22.60 14.20
CA GLU C 261 42.27 -23.63 15.19
C GLU C 261 41.84 -25.01 14.73
N THR C 262 40.55 -25.18 14.43
CA THR C 262 39.78 -26.32 14.96
C THR C 262 40.32 -27.69 14.53
N GLY C 263 41.10 -27.76 13.47
CA GLY C 263 41.51 -29.07 13.01
C GLY C 263 40.43 -29.85 12.32
N ALA C 264 39.41 -29.18 11.82
CA ALA C 264 38.41 -29.76 10.96
C ALA C 264 38.49 -29.09 9.60
N PHE C 265 37.87 -29.70 8.61
CA PHE C 265 37.76 -29.07 7.32
C PHE C 265 36.85 -27.86 7.42
N PHE C 266 37.26 -26.74 6.86
CA PHE C 266 36.50 -25.50 6.98
C PHE C 266 36.13 -25.05 5.59
N PHE C 267 34.88 -24.65 5.39
CA PHE C 267 34.44 -24.11 4.12
C PHE C 267 33.66 -22.84 4.41
N LEU C 268 33.84 -21.82 3.59
CA LEU C 268 33.26 -20.51 3.84
C LEU C 268 32.32 -20.14 2.71
N ILE C 269 31.16 -19.61 3.06
CA ILE C 269 30.18 -19.12 2.10
C ILE C 269 29.87 -17.69 2.47
N ASN C 270 29.94 -16.79 1.51
CA ASN C 270 29.54 -15.40 1.73
C ASN C 270 28.14 -15.21 1.20
N GLY C 271 27.39 -14.29 1.82
CA GLY C 271 26.09 -13.91 1.31
C GLY C 271 26.10 -13.20 -0.01
N PRO C 272 26.77 -12.04 -0.14
CA PRO C 272 26.78 -11.34 -1.42
C PRO C 272 27.47 -12.08 -2.54
N GLU C 273 28.42 -12.95 -2.24
CA GLU C 273 29.08 -13.69 -3.30
C GLU C 273 28.16 -14.72 -3.92
N ILE C 274 27.27 -15.31 -3.13
CA ILE C 274 26.27 -16.21 -3.68
C ILE C 274 25.22 -15.43 -4.45
N MET C 275 24.76 -14.32 -3.88
CA MET C 275 23.62 -13.64 -4.50
C MET C 275 24.05 -12.75 -5.66
N SER C 276 25.35 -12.62 -5.91
CA SER C 276 25.77 -11.76 -7.01
C SER C 276 25.85 -12.51 -8.31
N LYS C 277 25.67 -13.81 -8.28
CA LYS C 277 25.88 -14.61 -9.47
C LYS C 277 24.58 -14.81 -10.21
N LEU C 278 24.71 -15.30 -11.44
CA LEU C 278 23.60 -15.47 -12.34
C LEU C 278 22.68 -16.56 -11.82
N ALA C 279 21.42 -16.52 -12.27
CA ALA C 279 20.43 -17.46 -11.76
C ALA C 279 20.74 -18.88 -12.21
N GLY C 280 20.72 -19.81 -11.27
CA GLY C 280 21.08 -21.17 -11.55
C GLY C 280 22.53 -21.50 -11.30
N GLU C 281 23.37 -20.49 -11.13
CA GLU C 281 24.75 -20.72 -10.71
C GLU C 281 24.90 -20.62 -9.20
N SER C 282 23.99 -19.92 -8.53
CA SER C 282 24.09 -19.78 -7.08
C SER C 282 23.61 -21.05 -6.36
N GLU C 283 22.59 -21.72 -6.91
CA GLU C 283 22.17 -22.98 -6.31
C GLU C 283 23.23 -24.04 -6.49
N SER C 284 23.98 -23.98 -7.58
CA SER C 284 25.05 -24.93 -7.77
C SER C 284 26.19 -24.70 -6.79
N ASN C 285 26.42 -23.45 -6.39
CA ASN C 285 27.46 -23.20 -5.39
C ASN C 285 27.04 -23.67 -4.01
N LEU C 286 25.76 -23.53 -3.65
CA LEU C 286 25.30 -24.11 -2.39
C LEU C 286 25.41 -25.64 -2.39
N ARG C 287 25.01 -26.29 -3.49
CA ARG C 287 25.08 -27.74 -3.52
C ARG C 287 26.51 -28.24 -3.49
N LYS C 288 27.42 -27.55 -4.17
CA LYS C 288 28.82 -27.97 -4.15
C LYS C 288 29.44 -27.76 -2.79
N ALA C 289 29.02 -26.73 -2.06
CA ALA C 289 29.51 -26.52 -0.71
C ALA C 289 29.13 -27.68 0.19
N PHE C 290 27.86 -28.08 0.17
CA PHE C 290 27.51 -29.15 1.11
C PHE C 290 28.02 -30.51 0.64
N GLU C 291 28.20 -30.70 -0.67
CA GLU C 291 28.74 -31.98 -1.13
C GLU C 291 30.22 -32.11 -0.82
N GLU C 292 30.98 -31.02 -0.92
CA GLU C 292 32.39 -31.09 -0.54
C GLU C 292 32.54 -31.22 0.97
N ALA C 293 31.59 -30.69 1.74
CA ALA C 293 31.73 -30.81 3.18
C ALA C 293 31.35 -32.20 3.67
N GLU C 294 30.34 -32.82 3.07
CA GLU C 294 29.96 -34.17 3.49
C GLU C 294 30.91 -35.20 2.91
N LYS C 295 31.57 -34.87 1.79
CA LYS C 295 32.54 -35.77 1.19
C LYS C 295 33.82 -35.87 2.02
N ASN C 296 34.25 -34.75 2.56
CA ASN C 296 35.47 -34.67 3.35
C ASN C 296 35.18 -35.04 4.80
N ALA C 297 36.08 -34.56 5.65
CA ALA C 297 36.22 -34.94 7.04
C ALA C 297 35.02 -34.48 7.90
N PRO C 298 35.06 -34.70 9.21
CA PRO C 298 34.40 -33.76 10.12
C PRO C 298 34.64 -32.31 9.69
N ALA C 299 33.56 -31.59 9.45
CA ALA C 299 33.64 -30.32 8.74
C ALA C 299 32.88 -29.25 9.48
N ILE C 300 33.06 -28.01 9.04
CA ILE C 300 32.29 -26.85 9.49
C ILE C 300 31.95 -26.05 8.26
N ILE C 301 30.73 -25.56 8.15
CA ILE C 301 30.33 -24.67 7.09
C ILE C 301 29.94 -23.35 7.71
N PHE C 302 30.59 -22.26 7.35
CA PHE C 302 30.25 -20.96 7.90
C PHE C 302 29.56 -20.14 6.83
N ILE C 303 28.31 -19.79 7.06
CA ILE C 303 27.52 -18.98 6.13
C ILE C 303 27.48 -17.57 6.67
N ASP C 304 28.25 -16.68 6.07
CA ASP C 304 28.42 -15.34 6.60
C ASP C 304 27.40 -14.43 5.94
N GLU C 305 26.81 -13.55 6.74
CA GLU C 305 25.68 -12.71 6.34
C GLU C 305 24.53 -13.54 5.77
N LEU C 306 23.89 -14.27 6.69
CA LEU C 306 22.79 -15.15 6.34
C LEU C 306 21.57 -14.36 5.88
N ASP C 307 21.39 -13.15 6.38
CA ASP C 307 20.18 -12.38 6.06
C ASP C 307 20.28 -11.71 4.70
N ALA C 308 21.34 -11.98 3.95
CA ALA C 308 21.38 -11.53 2.57
C ALA C 308 20.88 -12.58 1.62
N ILE C 309 20.95 -13.86 2.02
CA ILE C 309 20.49 -14.93 1.13
C ILE C 309 19.20 -15.56 1.59
N ALA C 310 18.66 -15.18 2.74
CA ALA C 310 17.39 -15.74 3.23
C ALA C 310 16.60 -14.74 4.05
N PRO C 311 15.96 -13.76 3.43
CA PRO C 311 15.11 -12.84 4.19
C PRO C 311 13.72 -13.41 4.31
N LYS C 312 12.85 -12.63 4.96
CA LYS C 312 11.45 -13.04 5.09
C LYS C 312 10.75 -12.99 3.74
N ARG C 313 9.79 -13.90 3.54
CA ARG C 313 9.17 -14.02 2.23
C ARG C 313 8.04 -13.01 2.05
N GLU C 314 7.90 -12.07 2.99
CA GLU C 314 7.10 -10.89 2.71
C GLU C 314 7.95 -9.83 2.03
N LYS C 315 9.26 -9.89 2.22
CA LYS C 315 10.15 -8.89 1.62
C LYS C 315 10.64 -9.37 0.27
N THR C 316 10.68 -10.68 0.07
CA THR C 316 11.23 -11.25 -1.15
C THR C 316 10.24 -11.11 -2.29
N HIS C 317 10.71 -10.59 -3.42
CA HIS C 317 9.82 -10.37 -4.56
C HIS C 317 10.13 -11.29 -5.72
N GLY C 318 11.32 -11.88 -5.76
CA GLY C 318 11.67 -12.63 -6.93
C GLY C 318 11.12 -14.03 -6.89
N GLU C 319 11.33 -14.78 -7.96
CA GLU C 319 11.17 -16.22 -7.88
C GLU C 319 12.50 -16.87 -7.54
N VAL C 320 13.60 -16.30 -8.01
CA VAL C 320 14.90 -16.91 -7.82
C VAL C 320 15.33 -16.82 -6.37
N GLU C 321 14.91 -15.77 -5.67
CA GLU C 321 15.32 -15.65 -4.28
C GLU C 321 14.54 -16.59 -3.38
N ARG C 322 13.28 -16.84 -3.69
CA ARG C 322 12.53 -17.85 -2.97
C ARG C 322 13.04 -19.23 -3.29
N ARG C 323 13.58 -19.42 -4.48
CA ARG C 323 14.18 -20.71 -4.80
C ARG C 323 15.48 -20.93 -4.03
N ILE C 324 16.22 -19.87 -3.76
CA ILE C 324 17.45 -20.02 -2.98
C ILE C 324 17.15 -20.31 -1.52
N VAL C 325 16.10 -19.69 -0.98
CA VAL C 325 15.71 -20.01 0.41
C VAL C 325 15.24 -21.45 0.54
N SER C 326 14.45 -21.93 -0.42
CA SER C 326 13.97 -23.31 -0.35
C SER C 326 15.08 -24.32 -0.57
N GLN C 327 16.06 -23.98 -1.41
CA GLN C 327 17.24 -24.82 -1.59
C GLN C 327 18.03 -24.95 -0.30
N LEU C 328 18.20 -23.85 0.43
CA LEU C 328 18.92 -23.92 1.70
C LEU C 328 18.18 -24.75 2.74
N LEU C 329 16.84 -24.67 2.78
CA LEU C 329 16.09 -25.50 3.73
C LEU C 329 16.24 -26.98 3.41
N THR C 330 16.15 -27.34 2.13
CA THR C 330 16.33 -28.72 1.71
C THR C 330 17.73 -29.23 2.03
N LEU C 331 18.75 -28.40 1.87
CA LEU C 331 20.11 -28.87 2.17
C LEU C 331 20.35 -29.00 3.66
N MET C 332 19.73 -28.13 4.47
CA MET C 332 19.85 -28.26 5.92
C MET C 332 19.17 -29.51 6.45
N ASP C 333 18.09 -29.95 5.80
CA ASP C 333 17.41 -31.13 6.32
C ASP C 333 18.12 -32.41 5.92
N GLY C 334 19.06 -32.36 4.98
CA GLY C 334 19.77 -33.55 4.58
C GLY C 334 20.88 -33.97 5.51
N LEU C 335 21.26 -33.11 6.43
CA LEU C 335 22.29 -33.43 7.40
C LEU C 335 21.79 -34.48 8.38
N LYS C 336 22.51 -35.60 8.46
CA LYS C 336 22.16 -36.69 9.35
C LYS C 336 23.23 -36.85 10.42
N GLN C 337 22.90 -37.65 11.44
CA GLN C 337 23.82 -37.88 12.56
C GLN C 337 25.11 -38.57 12.12
N ARG C 338 25.03 -39.34 11.03
CA ARG C 338 26.19 -40.00 10.46
C ARG C 338 27.20 -39.02 9.89
N ALA C 339 26.76 -37.84 9.48
CA ALA C 339 27.55 -37.00 8.58
C ALA C 339 28.71 -36.29 9.25
N HIS C 340 28.57 -35.89 10.53
CA HIS C 340 29.55 -35.09 11.29
C HIS C 340 29.81 -33.73 10.65
N VAL C 341 28.75 -32.98 10.37
CA VAL C 341 28.87 -31.66 9.78
C VAL C 341 28.12 -30.69 10.67
N ILE C 342 28.79 -29.62 11.07
CA ILE C 342 28.20 -28.54 11.83
C ILE C 342 28.06 -27.36 10.89
N VAL C 343 26.90 -26.71 10.86
CA VAL C 343 26.67 -25.52 10.05
C VAL C 343 26.51 -24.38 11.03
N MET C 344 27.25 -23.30 10.84
CA MET C 344 27.04 -22.16 11.71
C MET C 344 27.00 -20.89 10.87
N ALA C 345 26.21 -19.92 11.30
CA ALA C 345 25.92 -18.77 10.48
C ALA C 345 26.00 -17.51 11.32
N ALA C 346 26.13 -16.37 10.68
CA ALA C 346 26.31 -15.13 11.39
C ALA C 346 25.45 -14.06 10.77
N THR C 347 24.81 -13.26 11.60
CA THR C 347 23.97 -12.21 11.09
C THR C 347 23.96 -11.07 12.08
N ASN C 348 23.48 -9.92 11.66
CA ASN C 348 23.28 -8.82 12.58
C ASN C 348 21.85 -8.32 12.60
N ARG C 349 20.98 -8.92 11.81
CA ARG C 349 19.55 -8.65 11.82
C ARG C 349 18.83 -9.96 12.13
N PRO C 350 18.80 -10.38 13.39
CA PRO C 350 18.29 -11.70 13.74
C PRO C 350 16.78 -11.84 13.62
N ASN C 351 16.05 -10.78 13.33
CA ASN C 351 14.61 -10.86 13.16
C ASN C 351 14.19 -10.60 11.73
N SER C 352 15.12 -10.56 10.80
CA SER C 352 14.77 -10.51 9.39
C SER C 352 15.07 -11.83 8.70
N ILE C 353 15.55 -12.80 9.42
CA ILE C 353 15.70 -14.14 8.87
C ILE C 353 14.32 -14.79 8.81
N ASP C 354 14.09 -15.50 7.71
CA ASP C 354 12.90 -16.30 7.49
C ASP C 354 12.66 -17.22 8.68
N PRO C 355 11.46 -17.21 9.27
CA PRO C 355 11.26 -17.96 10.52
C PRO C 355 11.29 -19.45 10.38
N ALA C 356 11.27 -19.97 9.15
CA ALA C 356 11.35 -21.40 8.96
C ALA C 356 12.74 -21.91 9.20
N LEU C 357 13.74 -21.03 9.16
CA LEU C 357 15.12 -21.45 9.41
C LEU C 357 15.44 -21.54 10.88
N ARG C 358 14.67 -20.90 11.73
CA ARG C 358 15.00 -20.88 13.14
C ARG C 358 14.27 -21.94 13.94
N ARG C 359 13.80 -23.00 13.31
CA ARG C 359 13.04 -24.00 14.02
C ARG C 359 13.92 -25.13 14.46
N PHE C 360 13.29 -26.20 14.92
CA PHE C 360 14.02 -27.29 15.52
C PHE C 360 14.65 -28.14 14.44
N GLY C 361 15.93 -28.43 14.60
CA GLY C 361 16.64 -29.18 13.59
C GLY C 361 17.39 -28.35 12.58
N ARG C 362 17.21 -27.03 12.56
CA ARG C 362 17.92 -26.20 11.61
C ARG C 362 18.90 -25.23 12.26
N PHE C 363 18.42 -24.20 12.96
CA PHE C 363 19.28 -23.18 13.56
C PHE C 363 18.79 -22.91 14.96
N ASP C 364 18.68 -23.99 15.75
CA ASP C 364 17.99 -23.91 17.02
C ASP C 364 18.85 -23.29 18.13
N ARG C 365 20.16 -23.45 18.08
CA ARG C 365 21.03 -22.81 19.08
C ARG C 365 21.32 -21.39 18.64
N GLU C 366 21.47 -20.47 19.60
CA GLU C 366 21.78 -19.08 19.31
C GLU C 366 22.75 -18.56 20.35
N VAL C 367 23.81 -17.91 19.89
CA VAL C 367 24.84 -17.34 20.75
C VAL C 367 24.87 -15.84 20.52
N ASP C 368 24.70 -15.06 21.56
CA ASP C 368 24.58 -13.61 21.43
C ASP C 368 25.91 -12.94 21.75
N ILE C 369 26.66 -12.58 20.72
CA ILE C 369 27.80 -11.71 20.84
C ILE C 369 27.23 -10.33 21.11
N GLY C 370 27.74 -9.61 22.10
CA GLY C 370 27.16 -8.37 22.51
C GLY C 370 28.14 -7.22 22.55
N ILE C 371 27.63 -6.06 22.97
CA ILE C 371 28.46 -4.87 23.14
C ILE C 371 29.32 -5.02 24.38
N PRO C 372 30.62 -4.72 24.33
CA PRO C 372 31.48 -5.00 25.48
C PRO C 372 31.36 -3.95 26.56
N ASP C 373 31.67 -4.36 27.79
CA ASP C 373 31.80 -3.42 28.90
C ASP C 373 33.24 -2.97 29.06
N ALA C 374 33.52 -2.27 30.15
CA ALA C 374 34.81 -1.59 30.35
C ALA C 374 35.98 -2.55 30.45
N THR C 375 35.77 -3.69 31.11
CA THR C 375 36.79 -4.72 31.17
C THR C 375 37.06 -5.30 29.79
N GLY C 376 36.03 -5.38 28.96
CA GLY C 376 36.24 -5.84 27.59
C GLY C 376 36.95 -4.82 26.73
N ARG C 377 36.63 -3.54 26.91
CA ARG C 377 37.25 -2.51 26.08
C ARG C 377 38.72 -2.38 26.38
N LEU C 378 39.12 -2.61 27.63
CA LEU C 378 40.54 -2.62 27.94
C LEU C 378 41.28 -3.75 27.22
N GLU C 379 40.65 -4.91 27.09
CA GLU C 379 41.32 -6.03 26.42
C GLU C 379 41.40 -5.80 24.92
N ILE C 380 40.38 -5.19 24.34
CA ILE C 380 40.43 -4.88 22.91
C ILE C 380 41.50 -3.85 22.61
N LEU C 381 41.63 -2.84 23.47
CA LEU C 381 42.68 -1.84 23.28
C LEU C 381 44.08 -2.43 23.46
N GLN C 382 44.24 -3.34 24.40
CA GLN C 382 45.55 -3.96 24.59
C GLN C 382 45.90 -4.90 23.45
N ILE C 383 44.90 -5.46 22.77
CA ILE C 383 45.22 -6.25 21.58
C ILE C 383 45.61 -5.35 20.43
N HIS C 384 44.87 -4.27 20.19
CA HIS C 384 45.14 -3.46 19.01
C HIS C 384 46.41 -2.64 19.11
N THR C 385 46.83 -2.26 20.31
CA THR C 385 48.04 -1.47 20.41
C THR C 385 49.27 -2.29 20.71
N LYS C 386 49.38 -3.53 20.22
CA LYS C 386 50.56 -4.32 20.53
C LYS C 386 51.66 -4.11 19.50
N ASN C 387 51.37 -3.38 18.43
CA ASN C 387 52.41 -3.11 17.45
C ASN C 387 52.76 -1.63 17.41
N MET C 388 51.87 -0.78 17.92
CA MET C 388 52.19 0.64 18.05
C MET C 388 53.24 0.83 19.14
N LYS C 389 53.93 1.96 19.06
CA LYS C 389 54.95 2.31 20.04
C LYS C 389 54.41 3.42 20.91
N LEU C 390 53.93 3.06 22.08
CA LEU C 390 53.27 4.00 22.97
C LEU C 390 54.31 4.72 23.80
N ALA C 391 54.04 5.98 24.11
CA ALA C 391 54.85 6.69 25.08
C ALA C 391 54.50 6.22 26.48
N ASP C 392 55.28 6.65 27.47
CA ASP C 392 55.05 6.21 28.85
C ASP C 392 53.86 6.92 29.48
N ASP C 393 53.32 7.93 28.82
CA ASP C 393 52.23 8.71 29.39
C ASP C 393 50.92 7.97 29.28
N VAL C 394 50.82 7.02 28.35
CA VAL C 394 49.52 6.52 27.92
C VAL C 394 48.98 5.51 28.93
N ASP C 395 47.82 5.83 29.49
CA ASP C 395 47.11 4.98 30.43
C ASP C 395 45.87 4.45 29.74
N LEU C 396 45.85 3.16 29.43
CA LEU C 396 44.76 2.63 28.65
C LEU C 396 43.49 2.43 29.46
N GLU C 397 43.59 2.45 30.79
CA GLU C 397 42.38 2.25 31.59
C GLU C 397 41.53 3.51 31.61
N GLN C 398 42.16 4.68 31.52
CA GLN C 398 41.41 5.91 31.39
C GLN C 398 40.67 5.97 30.06
N VAL C 399 41.33 5.55 28.98
CA VAL C 399 40.70 5.51 27.68
C VAL C 399 39.57 4.49 27.68
N ALA C 400 39.76 3.35 28.34
CA ALA C 400 38.73 2.33 28.37
C ALA C 400 37.54 2.76 29.21
N ASN C 401 37.74 3.69 30.13
CA ASN C 401 36.61 4.20 30.89
C ASN C 401 35.88 5.29 30.12
N GLU C 402 36.59 6.02 29.27
CA GLU C 402 35.95 7.19 28.64
C GLU C 402 35.21 6.83 27.35
N THR C 403 35.46 5.65 26.79
CA THR C 403 34.78 5.20 25.58
C THR C 403 33.53 4.43 25.98
N HIS C 404 32.37 5.00 25.66
CA HIS C 404 31.13 4.51 26.27
C HIS C 404 30.31 3.65 25.32
N GLY C 405 30.02 4.14 24.13
CA GLY C 405 29.20 3.40 23.19
C GLY C 405 29.96 2.68 22.11
N HIS C 406 31.24 2.43 22.31
CA HIS C 406 32.09 1.88 21.27
C HIS C 406 31.97 0.36 21.23
N VAL C 407 32.16 -0.19 20.04
CA VAL C 407 32.32 -1.62 19.80
C VAL C 407 33.73 -1.79 19.26
N GLY C 408 34.10 -3.03 18.93
CA GLY C 408 35.50 -3.33 18.63
C GLY C 408 36.08 -2.57 17.44
N ALA C 409 35.29 -2.39 16.39
CA ALA C 409 35.79 -1.68 15.22
C ALA C 409 35.95 -0.19 15.51
N ASP C 410 35.16 0.34 16.44
CA ASP C 410 35.33 1.72 16.83
C ASP C 410 36.62 1.92 17.61
N LEU C 411 37.05 0.93 18.38
CA LEU C 411 38.30 1.06 19.10
C LEU C 411 39.49 0.93 18.15
N ALA C 412 39.33 0.13 17.10
CA ALA C 412 40.36 0.10 16.06
C ALA C 412 40.49 1.44 15.35
N ALA C 413 39.37 2.06 15.02
CA ALA C 413 39.42 3.37 14.37
C ALA C 413 39.95 4.45 15.31
N LEU C 414 39.72 4.28 16.61
CA LEU C 414 40.28 5.21 17.60
C LEU C 414 41.79 5.16 17.62
N CYS C 415 42.36 3.94 17.64
CA CYS C 415 43.81 3.82 17.62
C CYS C 415 44.43 4.38 16.34
N SER C 416 43.76 4.14 15.20
CA SER C 416 44.26 4.66 13.93
C SER C 416 44.25 6.19 13.88
N GLU C 417 43.17 6.81 14.37
CA GLU C 417 43.10 8.27 14.35
C GLU C 417 44.11 8.89 15.31
N ALA C 418 44.39 8.23 16.43
CA ALA C 418 45.44 8.71 17.33
C ALA C 418 46.79 8.71 16.68
N ALA C 419 47.14 7.64 15.97
CA ALA C 419 48.47 7.62 15.35
C ALA C 419 48.57 8.59 14.18
N LEU C 420 47.46 8.86 13.49
CA LEU C 420 47.53 9.88 12.44
C LEU C 420 47.70 11.29 13.02
N GLN C 421 47.14 11.54 14.21
CA GLN C 421 47.40 12.80 14.90
C GLN C 421 48.86 12.92 15.30
N ALA C 422 49.47 11.81 15.71
CA ALA C 422 50.89 11.81 16.02
C ALA C 422 51.74 12.07 14.79
N ILE C 423 51.27 11.65 13.62
CA ILE C 423 51.97 12.01 12.38
C ILE C 423 51.85 13.50 12.10
N ARG C 424 50.64 14.06 12.22
CA ARG C 424 50.42 15.48 11.91
C ARG C 424 51.21 16.41 12.80
N LYS C 425 51.51 16.01 14.03
CA LYS C 425 52.39 16.85 14.83
C LYS C 425 53.83 16.85 14.33
N LYS C 426 54.21 15.93 13.46
CA LYS C 426 55.57 15.75 12.97
C LYS C 426 55.61 16.11 11.48
N MET C 427 54.91 17.16 11.10
CA MET C 427 54.67 17.42 9.70
C MET C 427 55.70 18.35 9.06
N ASP C 428 56.34 19.20 9.86
CA ASP C 428 57.33 20.13 9.33
C ASP C 428 58.61 19.45 8.84
N LEU C 429 58.85 18.20 9.23
CA LEU C 429 59.96 17.42 8.70
C LEU C 429 59.54 16.53 7.54
N ILE C 430 58.36 15.90 7.63
CA ILE C 430 57.90 14.99 6.59
C ILE C 430 57.43 15.80 5.39
N ASP C 431 57.94 15.46 4.21
CA ASP C 431 57.56 16.11 2.97
C ASP C 431 56.76 15.16 2.10
N LEU C 432 55.62 15.62 1.62
CA LEU C 432 54.88 14.86 0.62
C LEU C 432 55.57 14.92 -0.74
N GLU C 433 56.34 15.98 -0.98
CA GLU C 433 56.97 16.19 -2.28
C GLU C 433 58.11 15.21 -2.56
N ASP C 434 58.76 14.68 -1.52
CA ASP C 434 60.00 13.96 -1.69
C ASP C 434 59.74 12.52 -2.09
N GLU C 435 60.78 11.70 -2.05
CA GLU C 435 60.65 10.27 -2.32
C GLU C 435 60.55 9.45 -1.05
N THR C 436 61.40 9.71 -0.07
CA THR C 436 61.45 8.89 1.12
C THR C 436 61.64 9.77 2.35
N ILE C 437 61.52 9.14 3.52
CA ILE C 437 61.52 9.83 4.80
C ILE C 437 62.75 9.39 5.58
N ASP C 438 63.33 10.32 6.35
CA ASP C 438 64.48 10.02 7.19
C ASP C 438 64.12 8.96 8.23
N ALA C 439 65.07 8.06 8.51
CA ALA C 439 64.83 6.95 9.42
C ALA C 439 64.71 7.43 10.87
N GLU C 440 65.33 8.55 11.21
CA GLU C 440 65.15 9.12 12.54
C GLU C 440 63.73 9.67 12.71
N VAL C 441 63.12 10.15 11.62
CA VAL C 441 61.74 10.60 11.68
C VAL C 441 60.80 9.41 11.83
N MET C 442 61.11 8.30 11.16
CA MET C 442 60.33 7.08 11.39
C MET C 442 60.64 6.44 12.73
N ASN C 443 61.70 6.85 13.41
CA ASN C 443 61.98 6.33 14.73
C ASN C 443 61.48 7.24 15.83
N SER C 444 61.23 8.51 15.53
CA SER C 444 60.75 9.47 16.51
C SER C 444 59.23 9.55 16.56
N LEU C 445 58.54 8.47 16.23
CA LEU C 445 57.09 8.41 16.29
C LEU C 445 56.68 7.64 17.53
N ALA C 446 55.98 8.30 18.44
CA ALA C 446 55.48 7.66 19.64
C ALA C 446 54.21 8.37 20.05
N VAL C 447 53.15 7.61 20.26
CA VAL C 447 51.82 8.16 20.43
C VAL C 447 51.62 8.48 21.91
N THR C 448 51.25 9.72 22.21
CA THR C 448 51.10 10.19 23.58
C THR C 448 49.63 10.30 23.93
N MET C 449 49.36 10.60 25.20
CA MET C 449 47.99 10.68 25.70
C MET C 449 47.25 11.87 25.14
N ASP C 450 47.95 12.90 24.69
CA ASP C 450 47.30 14.03 24.03
C ASP C 450 46.67 13.60 22.71
N ASP C 451 47.30 12.64 22.03
CA ASP C 451 46.75 12.10 20.79
C ASP C 451 45.49 11.30 21.05
N PHE C 452 45.48 10.48 22.10
CA PHE C 452 44.27 9.74 22.43
C PHE C 452 43.17 10.64 22.91
N ARG C 453 43.49 11.79 23.50
CA ARG C 453 42.41 12.72 23.82
C ARG C 453 41.86 13.44 22.59
N TRP C 454 42.71 13.72 21.60
CA TRP C 454 42.19 14.23 20.33
C TRP C 454 41.29 13.22 19.64
N ALA C 455 41.77 11.98 19.53
CA ALA C 455 41.04 10.94 18.81
C ALA C 455 39.75 10.60 19.53
N LEU C 456 39.75 10.67 20.84
CA LEU C 456 38.54 10.43 21.58
C LEU C 456 37.59 11.61 21.55
N SER C 457 38.11 12.81 21.31
CA SER C 457 37.23 13.95 21.11
C SER C 457 36.53 13.89 19.77
N GLN C 458 37.16 13.30 18.76
CA GLN C 458 36.60 13.33 17.42
C GLN C 458 35.68 12.17 17.08
N SER C 459 35.68 11.09 17.85
CA SER C 459 35.05 9.87 17.39
C SER C 459 33.55 9.90 17.64
N ASN C 460 32.78 9.53 16.63
CA ASN C 460 31.35 9.36 16.80
C ASN C 460 31.04 7.88 16.74
N PRO C 461 30.69 7.25 17.85
CA PRO C 461 30.52 5.80 17.88
C PRO C 461 29.19 5.39 17.26
N SER C 462 28.97 4.08 17.26
CA SER C 462 27.87 3.46 16.54
C SER C 462 26.76 2.98 17.45
N ALA C 463 27.08 2.49 18.63
CA ALA C 463 26.12 1.82 19.49
C ALA C 463 25.65 2.71 20.63
N LEU C 464 25.43 3.99 20.38
CA LEU C 464 24.88 4.85 21.42
C LEU C 464 23.39 4.60 21.63
N ARG C 465 22.69 4.13 20.61
CA ARG C 465 21.24 4.02 20.67
C ARG C 465 20.82 2.57 20.95
N GLU C 466 21.68 1.88 21.69
CA GLU C 466 21.43 0.51 22.09
C GLU C 466 21.08 0.52 23.56
N THR C 467 20.52 -0.57 24.06
CA THR C 467 20.24 -0.64 25.49
C THR C 467 21.40 -1.33 26.20
N VAL C 468 21.87 -0.71 27.28
CA VAL C 468 23.03 -1.15 28.03
C VAL C 468 22.56 -2.20 29.03
N VAL C 469 23.18 -3.37 29.00
CA VAL C 469 22.89 -4.44 29.94
C VAL C 469 24.19 -4.74 30.67
N GLU C 470 24.40 -4.12 31.82
CA GLU C 470 25.65 -4.30 32.55
C GLU C 470 25.34 -4.41 34.03
N VAL C 471 26.35 -4.75 34.80
CA VAL C 471 26.27 -4.61 36.26
C VAL C 471 26.66 -3.18 36.63
N PRO C 472 25.87 -2.48 37.44
CA PRO C 472 26.14 -1.05 37.64
C PRO C 472 27.29 -0.83 38.61
N GLN C 473 27.64 0.43 38.80
CA GLN C 473 28.75 0.81 39.66
C GLN C 473 28.32 1.56 40.91
N VAL C 474 27.04 1.85 41.07
CA VAL C 474 26.58 2.55 42.26
C VAL C 474 26.51 1.58 43.41
N THR C 475 27.27 1.84 44.48
CA THR C 475 27.22 1.04 45.68
C THR C 475 26.13 1.57 46.59
N TRP C 476 26.07 1.02 47.81
CA TRP C 476 25.18 1.60 48.82
C TRP C 476 25.71 2.93 49.31
N GLU C 477 27.02 3.14 49.17
CA GLU C 477 27.69 4.24 49.83
C GLU C 477 27.37 5.56 49.18
N ASP C 478 26.91 5.54 47.93
CA ASP C 478 26.56 6.77 47.25
C ASP C 478 25.24 7.33 47.75
N ILE C 479 24.44 6.52 48.44
CA ILE C 479 23.12 6.95 48.87
C ILE C 479 23.17 7.34 50.35
N GLY C 480 22.57 8.47 50.67
CA GLY C 480 22.45 8.88 52.05
C GLY C 480 21.03 8.77 52.56
N GLY C 481 20.86 8.20 53.74
CA GLY C 481 19.53 7.98 54.25
C GLY C 481 18.94 6.73 53.65
N LEU C 482 17.64 6.55 53.93
CA LEU C 482 16.83 5.44 53.41
C LEU C 482 17.45 4.09 53.78
N GLU C 483 17.45 3.78 55.08
CA GLU C 483 18.12 2.57 55.55
C GLU C 483 17.13 1.44 55.76
N ASP C 484 15.89 1.80 56.12
CA ASP C 484 14.85 0.80 56.30
C ASP C 484 14.48 0.17 54.96
N VAL C 485 14.52 0.95 53.88
CA VAL C 485 14.24 0.38 52.57
C VAL C 485 15.43 -0.41 52.08
N LYS C 486 16.63 -0.14 52.60
CA LYS C 486 17.75 -1.00 52.26
C LYS C 486 17.55 -2.36 52.88
N ARG C 487 17.10 -2.39 54.13
CA ARG C 487 16.86 -3.66 54.80
C ARG C 487 15.70 -4.41 54.16
N GLU C 488 14.72 -3.67 53.63
CA GLU C 488 13.59 -4.33 52.98
C GLU C 488 13.96 -4.85 51.60
N LEU C 489 14.70 -4.07 50.80
CA LEU C 489 15.05 -4.51 49.45
C LEU C 489 16.00 -5.68 49.46
N GLN C 490 16.87 -5.78 50.48
CA GLN C 490 17.68 -6.99 50.61
C GLN C 490 16.80 -8.21 50.79
N GLU C 491 15.74 -8.07 51.59
CA GLU C 491 14.88 -9.21 51.90
C GLU C 491 13.99 -9.56 50.73
N LEU C 492 13.70 -8.59 49.86
CA LEU C 492 12.85 -8.90 48.73
C LEU C 492 13.64 -9.50 47.58
N VAL C 493 14.86 -9.03 47.34
CA VAL C 493 15.62 -9.48 46.17
C VAL C 493 16.59 -10.60 46.51
N GLN C 494 17.43 -10.42 47.51
CA GLN C 494 18.64 -11.22 47.62
C GLN C 494 18.37 -12.64 48.13
N TYR C 495 17.40 -12.81 49.01
CA TYR C 495 17.19 -14.15 49.56
C TYR C 495 16.58 -15.20 48.63
N PRO C 496 15.65 -14.90 47.69
CA PRO C 496 15.25 -15.95 46.75
C PRO C 496 16.34 -16.36 45.79
N VAL C 497 17.36 -15.53 45.58
CA VAL C 497 18.52 -15.97 44.80
C VAL C 497 19.43 -16.84 45.67
N GLU C 498 19.73 -16.38 46.89
CA GLU C 498 20.74 -17.01 47.71
C GLU C 498 20.23 -18.22 48.48
N HIS C 499 18.97 -18.21 48.88
CA HIS C 499 18.40 -19.29 49.70
C HIS C 499 17.12 -19.75 49.04
N PRO C 500 17.20 -20.69 48.12
CA PRO C 500 15.98 -21.12 47.42
C PRO C 500 15.13 -22.02 48.29
N ASP C 501 15.79 -22.89 49.05
CA ASP C 501 15.09 -23.98 49.72
C ASP C 501 14.34 -23.52 50.96
N LYS C 502 14.72 -22.36 51.50
CA LYS C 502 14.06 -21.83 52.69
C LYS C 502 12.67 -21.30 52.36
N PHE C 503 12.37 -21.08 51.08
CA PHE C 503 11.02 -20.81 50.63
C PHE C 503 10.26 -22.09 50.36
N LEU C 504 10.96 -23.23 50.30
CA LEU C 504 10.33 -24.52 50.14
C LEU C 504 10.03 -25.18 51.48
N LYS C 505 10.69 -24.77 52.56
CA LYS C 505 10.30 -25.22 53.88
C LYS C 505 8.87 -24.79 54.19
N PHE C 506 8.61 -23.50 54.07
CA PHE C 506 7.26 -22.99 54.18
C PHE C 506 6.62 -23.08 52.78
N GLY C 507 5.42 -22.57 52.64
CA GLY C 507 4.76 -22.69 51.36
C GLY C 507 4.72 -21.39 50.58
N MET C 508 5.70 -20.53 50.81
CA MET C 508 5.65 -19.20 50.25
C MET C 508 6.39 -19.14 48.91
N THR C 509 5.72 -18.62 47.91
CA THR C 509 6.34 -18.20 46.67
C THR C 509 6.70 -16.74 46.80
N PRO C 510 7.93 -16.35 46.49
CA PRO C 510 8.33 -14.96 46.61
C PRO C 510 7.63 -14.08 45.59
N SER C 511 7.56 -12.79 45.91
CA SER C 511 6.96 -11.86 44.98
C SER C 511 7.98 -11.40 43.96
N LYS C 512 7.51 -10.69 42.95
CA LYS C 512 8.38 -10.25 41.88
C LYS C 512 8.45 -8.75 41.72
N GLY C 513 7.48 -8.00 42.21
CA GLY C 513 7.39 -6.58 41.92
C GLY C 513 7.61 -5.70 43.14
N VAL C 514 8.11 -4.50 42.89
CA VAL C 514 8.22 -3.41 43.86
C VAL C 514 7.83 -2.15 43.11
N LEU C 515 7.05 -1.28 43.74
CA LEU C 515 6.85 0.06 43.19
C LEU C 515 7.38 1.07 44.20
N PHE C 516 8.17 2.02 43.73
CA PHE C 516 8.56 3.17 44.53
C PHE C 516 7.78 4.38 44.03
N TYR C 517 7.17 5.13 44.93
CA TYR C 517 6.55 6.38 44.50
C TYR C 517 6.78 7.45 45.57
N GLY C 518 6.68 8.70 45.15
CA GLY C 518 6.90 9.80 46.04
C GLY C 518 7.09 11.13 45.34
N PRO C 519 7.66 12.10 46.04
CA PRO C 519 7.95 13.40 45.44
C PRO C 519 9.16 13.31 44.52
N PRO C 520 9.38 14.30 43.66
CA PRO C 520 10.60 14.28 42.83
C PRO C 520 11.86 14.44 43.63
N GLY C 521 12.98 14.08 43.01
CA GLY C 521 14.30 14.29 43.56
C GLY C 521 14.68 13.50 44.79
N CYS C 522 13.83 12.59 45.22
CA CYS C 522 14.01 11.95 46.51
C CYS C 522 15.04 10.81 46.50
N GLY C 523 15.46 10.34 45.33
CA GLY C 523 16.48 9.31 45.26
C GLY C 523 16.02 7.90 44.96
N LYS C 524 15.21 7.73 43.92
CA LYS C 524 14.61 6.42 43.68
C LYS C 524 15.46 5.57 42.73
N THR C 525 16.16 6.20 41.78
CA THR C 525 16.93 5.46 40.78
C THR C 525 18.18 4.83 41.39
N LEU C 526 18.78 5.49 42.35
CA LEU C 526 20.05 5.04 42.89
C LEU C 526 19.87 3.78 43.73
N LEU C 527 18.71 3.62 44.36
CA LEU C 527 18.43 2.40 45.12
C LEU C 527 18.33 1.19 44.21
N ALA C 528 17.67 1.37 43.07
CA ALA C 528 17.50 0.27 42.13
C ALA C 528 18.82 -0.11 41.50
N LYS C 529 19.72 0.85 41.30
CA LYS C 529 21.04 0.46 40.83
C LYS C 529 21.85 -0.21 41.94
N ALA C 530 21.65 0.23 43.18
CA ALA C 530 22.49 -0.24 44.27
C ALA C 530 22.16 -1.67 44.67
N ILE C 531 20.89 -2.06 44.56
CA ILE C 531 20.54 -3.45 44.87
C ILE C 531 21.08 -4.39 43.79
N ALA C 532 21.15 -3.92 42.55
CA ALA C 532 21.74 -4.73 41.48
C ALA C 532 23.24 -4.87 41.68
N ASN C 533 23.89 -3.82 42.19
CA ASN C 533 25.30 -3.95 42.53
C ASN C 533 25.50 -4.89 43.71
N GLU C 534 24.55 -4.90 44.64
CA GLU C 534 24.67 -5.78 45.80
C GLU C 534 24.54 -7.24 45.41
N CYS C 535 23.57 -7.57 44.56
CA CYS C 535 23.32 -8.97 44.22
C CYS C 535 24.15 -9.49 43.06
N GLN C 536 24.95 -8.62 42.42
CA GLN C 536 25.74 -8.93 41.22
C GLN C 536 24.84 -9.44 40.09
N ALA C 537 23.87 -8.62 39.72
CA ALA C 537 22.91 -8.93 38.67
C ALA C 537 23.01 -7.89 37.57
N ASN C 538 22.47 -8.23 36.41
CA ASN C 538 22.43 -7.28 35.31
C ASN C 538 21.38 -6.22 35.59
N PHE C 539 21.35 -5.18 34.78
CA PHE C 539 20.47 -4.05 35.06
C PHE C 539 20.05 -3.42 33.76
N ILE C 540 18.78 -3.59 33.39
CA ILE C 540 18.22 -2.97 32.21
C ILE C 540 17.34 -1.82 32.68
N SER C 541 17.53 -0.65 32.11
CA SER C 541 16.77 0.54 32.49
C SER C 541 15.94 1.03 31.32
N ILE C 542 14.67 1.29 31.58
CA ILE C 542 13.72 1.73 30.56
C ILE C 542 13.14 3.05 31.04
N LYS C 543 12.87 3.96 30.12
CA LYS C 543 12.16 5.19 30.42
C LYS C 543 10.95 5.32 29.51
N GLY C 544 9.82 5.75 30.09
CA GLY C 544 8.62 6.07 29.35
C GLY C 544 8.77 6.98 28.16
N PRO C 545 9.62 8.03 28.21
CA PRO C 545 10.00 8.73 26.97
C PRO C 545 10.61 7.84 25.91
N GLU C 546 11.40 6.85 26.32
CA GLU C 546 12.05 5.96 25.37
C GLU C 546 11.06 4.94 24.82
N LEU C 547 9.90 4.80 25.45
CA LEU C 547 8.95 3.77 25.05
C LEU C 547 7.74 4.38 24.34
N LEU C 548 7.55 5.68 24.46
CA LEU C 548 6.60 6.37 23.60
C LEU C 548 7.24 6.72 22.27
N THR C 549 8.57 6.83 22.25
CA THR C 549 9.31 6.86 21.00
C THR C 549 9.63 5.42 20.60
N MET C 550 9.68 5.14 19.29
CA MET C 550 9.90 3.79 18.72
C MET C 550 8.83 2.80 19.15
N TRP C 551 7.63 3.29 19.43
CA TRP C 551 6.43 2.48 19.40
C TRP C 551 5.57 2.78 18.18
N PHE C 552 5.49 4.06 17.79
CA PHE C 552 4.61 4.45 16.69
C PHE C 552 5.08 3.84 15.37
N GLY C 553 6.38 3.52 15.26
CA GLY C 553 6.87 2.83 14.08
C GLY C 553 6.75 1.32 14.17
N GLU C 554 7.04 0.76 15.34
CA GLU C 554 6.91 -0.69 15.58
C GLU C 554 5.91 -0.89 16.72
N SER C 555 4.67 -1.23 16.36
CA SER C 555 3.56 -1.04 17.29
C SER C 555 3.46 -2.17 18.30
N GLU C 556 4.04 -3.33 18.02
CA GLU C 556 3.89 -4.46 18.94
C GLU C 556 5.20 -5.07 19.42
N ALA C 557 6.32 -4.80 18.77
CA ALA C 557 7.50 -5.61 18.99
C ALA C 557 8.31 -5.13 20.19
N ASN C 558 8.19 -3.84 20.54
CA ASN C 558 9.16 -3.19 21.41
C ASN C 558 9.15 -3.76 22.83
N VAL C 559 7.96 -3.91 23.40
CA VAL C 559 7.89 -4.34 24.79
C VAL C 559 8.11 -5.84 24.89
N ARG C 560 7.83 -6.59 23.82
CA ARG C 560 8.24 -7.99 23.80
C ARG C 560 9.74 -8.13 23.71
N GLU C 561 10.41 -7.24 22.98
CA GLU C 561 11.87 -7.32 22.86
C GLU C 561 12.54 -7.03 24.18
N ILE C 562 12.02 -6.07 24.95
CA ILE C 562 12.61 -5.74 26.25
C ILE C 562 12.51 -6.92 27.20
N PHE C 563 11.34 -7.54 27.30
CA PHE C 563 11.19 -8.66 28.22
C PHE C 563 11.93 -9.90 27.76
N ASP C 564 12.06 -10.09 26.45
CA ASP C 564 12.87 -11.22 25.99
C ASP C 564 14.34 -11.02 26.29
N LYS C 565 14.81 -9.78 26.20
CA LYS C 565 16.21 -9.50 26.49
C LYS C 565 16.48 -9.61 27.98
N ALA C 566 15.50 -9.26 28.80
CA ALA C 566 15.64 -9.43 30.24
C ALA C 566 15.58 -10.88 30.64
N ARG C 567 14.78 -11.69 29.93
CA ARG C 567 14.74 -13.11 30.22
C ARG C 567 16.03 -13.79 29.79
N GLN C 568 16.62 -13.32 28.70
CA GLN C 568 17.85 -13.90 28.22
C GLN C 568 19.01 -13.58 29.14
N ALA C 569 19.05 -12.38 29.70
CA ALA C 569 20.17 -12.01 30.55
C ALA C 569 19.93 -12.23 32.03
N ALA C 570 19.19 -13.26 32.42
CA ALA C 570 18.85 -13.47 33.83
C ALA C 570 20.07 -13.92 34.62
N PRO C 571 20.17 -13.57 35.91
CA PRO C 571 19.32 -12.77 36.79
C PRO C 571 19.51 -11.28 36.59
N CYS C 572 18.43 -10.52 36.48
CA CYS C 572 18.55 -9.09 36.32
C CYS C 572 17.37 -8.40 36.95
N VAL C 573 17.57 -7.14 37.34
CA VAL C 573 16.48 -6.29 37.76
C VAL C 573 16.09 -5.43 36.58
N LEU C 574 14.83 -5.46 36.22
CA LEU C 574 14.33 -4.72 35.08
C LEU C 574 13.62 -3.49 35.59
N PHE C 575 14.26 -2.35 35.43
CA PHE C 575 13.82 -1.13 36.09
C PHE C 575 13.06 -0.26 35.12
N PHE C 576 11.75 -0.21 35.27
CA PHE C 576 10.91 0.76 34.59
C PHE C 576 11.00 2.06 35.36
N ASP C 577 10.76 3.16 34.69
CA ASP C 577 11.00 4.46 35.28
C ASP C 577 10.17 5.48 34.52
N GLU C 578 9.84 6.57 35.21
CA GLU C 578 9.14 7.73 34.65
C GLU C 578 7.78 7.33 34.08
N LEU C 579 6.96 6.66 34.89
CA LEU C 579 5.68 6.14 34.41
C LEU C 579 4.66 7.25 34.19
N ASP C 580 4.94 8.45 34.70
CA ASP C 580 4.01 9.55 34.56
C ASP C 580 3.91 10.04 33.12
N SER C 581 4.95 9.83 32.31
CA SER C 581 4.88 10.29 30.92
C SER C 581 3.91 9.44 30.12
N ILE C 582 3.89 8.13 30.37
CA ILE C 582 2.89 7.26 29.76
C ILE C 582 1.52 7.60 30.31
N ALA C 583 1.45 7.83 31.62
CA ALA C 583 0.16 8.07 32.24
C ALA C 583 -0.41 9.44 31.87
N LYS C 584 0.43 10.36 31.43
CA LYS C 584 -0.02 11.72 31.21
C LYS C 584 -0.10 12.03 29.71
N ALA C 585 0.50 11.16 28.89
CA ALA C 585 0.30 11.25 27.44
C ALA C 585 -0.86 10.38 27.00
N ARG C 586 -1.25 9.42 27.83
CA ARG C 586 -2.40 8.59 27.46
C ARG C 586 -3.56 8.72 28.46
N GLY C 587 -3.27 8.76 29.75
CA GLY C 587 -4.33 8.86 30.74
C GLY C 587 -4.78 10.29 31.03
N GLY C 588 -3.89 11.25 30.85
CA GLY C 588 -4.31 12.65 30.89
C GLY C 588 -4.12 13.31 32.24
N ASN C 589 -4.26 14.64 32.25
CA ASN C 589 -4.00 15.42 33.46
C ASN C 589 -5.19 15.39 34.42
N ILE C 590 -6.31 15.97 34.01
CA ILE C 590 -7.54 15.97 34.81
C ILE C 590 -8.48 14.87 34.39
N GLY C 591 -7.98 13.88 33.67
CA GLY C 591 -8.83 12.92 32.99
C GLY C 591 -9.28 13.46 31.64
N ASP C 592 -9.55 12.53 30.73
CA ASP C 592 -9.98 12.85 29.38
C ASP C 592 -10.72 11.65 28.83
N GLY C 593 -10.86 11.61 27.51
CA GLY C 593 -11.51 10.48 26.88
C GLY C 593 -10.68 9.20 26.93
N GLY C 594 -9.37 9.34 27.17
CA GLY C 594 -8.54 8.17 27.33
C GLY C 594 -8.80 7.50 28.67
N GLY C 595 -8.29 6.26 28.81
CA GLY C 595 -8.54 5.50 30.02
C GLY C 595 -7.50 5.75 31.09
N ALA C 596 -7.78 5.20 32.28
CA ALA C 596 -6.75 5.04 33.29
C ALA C 596 -5.80 3.90 32.92
N ALA C 597 -6.30 2.95 32.15
CA ALA C 597 -5.42 1.98 31.52
C ALA C 597 -4.87 2.54 30.22
N ASP C 598 -3.59 2.31 29.98
CA ASP C 598 -2.88 2.86 28.84
C ASP C 598 -2.33 1.72 27.99
N ARG C 599 -2.23 1.95 26.68
CA ARG C 599 -1.92 0.88 25.72
C ARG C 599 -0.55 0.26 25.99
N VAL C 600 0.44 1.10 26.23
CA VAL C 600 1.77 0.61 26.57
C VAL C 600 1.75 -0.11 27.90
N ILE C 601 1.04 0.45 28.88
CA ILE C 601 1.02 -0.19 30.19
C ILE C 601 0.12 -1.42 30.14
N ASN C 602 -0.78 -1.50 29.15
CA ASN C 602 -1.55 -2.71 28.93
C ASN C 602 -0.68 -3.84 28.47
N GLN C 603 0.14 -3.59 27.45
CA GLN C 603 1.03 -4.62 26.94
C GLN C 603 2.12 -4.98 27.95
N ILE C 604 2.48 -4.04 28.83
CA ILE C 604 3.37 -4.35 29.94
C ILE C 604 2.74 -5.32 30.92
N LEU C 605 1.45 -5.14 31.22
CA LEU C 605 0.77 -6.08 32.12
C LEU C 605 0.65 -7.45 31.51
N THR C 606 0.37 -7.51 30.21
CA THR C 606 0.31 -8.80 29.51
C THR C 606 1.65 -9.51 29.55
N GLU C 607 2.74 -8.78 29.35
CA GLU C 607 4.05 -9.41 29.39
C GLU C 607 4.46 -9.80 30.80
N MET C 608 3.91 -9.12 31.80
CA MET C 608 4.32 -9.39 33.17
C MET C 608 3.56 -10.58 33.73
N ASP C 609 2.38 -10.87 33.19
CA ASP C 609 1.67 -12.06 33.63
C ASP C 609 2.36 -13.33 33.17
N GLY C 610 2.67 -13.44 31.89
CA GLY C 610 3.27 -14.66 31.37
C GLY C 610 4.76 -14.75 31.60
N MET C 611 5.18 -14.72 32.86
CA MET C 611 6.57 -14.78 33.23
C MET C 611 6.79 -15.84 34.29
N SER C 612 7.60 -16.84 33.97
CA SER C 612 7.77 -18.01 34.81
C SER C 612 8.68 -17.72 35.99
N THR C 613 8.31 -18.30 37.14
CA THR C 613 9.00 -18.01 38.39
C THR C 613 10.34 -18.72 38.50
N LYS C 614 10.63 -19.69 37.64
CA LYS C 614 11.94 -20.32 37.62
C LYS C 614 13.03 -19.34 37.24
N LYS C 615 12.69 -18.36 36.41
CA LYS C 615 13.57 -17.26 36.13
C LYS C 615 13.73 -16.38 37.37
N ASN C 616 14.82 -15.62 37.39
CA ASN C 616 15.06 -14.68 38.46
C ASN C 616 15.04 -13.26 37.95
N VAL C 617 14.06 -12.93 37.15
CA VAL C 617 13.87 -11.57 36.67
C VAL C 617 12.98 -10.85 37.66
N PHE C 618 13.45 -9.71 38.15
CA PHE C 618 12.79 -8.95 39.20
C PHE C 618 12.45 -7.58 38.64
N ILE C 619 11.24 -7.11 38.85
CA ILE C 619 10.74 -5.89 38.21
C ILE C 619 10.53 -4.81 39.25
N ILE C 620 11.02 -3.61 38.98
CA ILE C 620 10.94 -2.46 39.90
C ILE C 620 10.39 -1.29 39.12
N GLY C 621 9.41 -0.58 39.71
CA GLY C 621 8.86 0.58 39.04
C GLY C 621 9.11 1.86 39.79
N ALA C 622 8.78 3.00 39.19
CA ALA C 622 8.94 4.30 39.82
C ALA C 622 8.05 5.32 39.14
N THR C 623 7.32 6.11 39.94
CA THR C 623 6.55 7.23 39.43
C THR C 623 6.48 8.31 40.51
N ASN C 624 6.32 9.54 40.07
CA ASN C 624 6.13 10.65 40.99
C ASN C 624 4.79 11.36 40.80
N ARG C 625 3.86 10.73 40.08
CA ARG C 625 2.49 11.20 39.91
C ARG C 625 1.57 10.03 40.26
N PRO C 626 1.41 9.70 41.54
CA PRO C 626 0.69 8.45 41.86
C PRO C 626 -0.83 8.51 41.72
N ASP C 627 -1.40 9.60 41.22
CA ASP C 627 -2.85 9.68 41.15
C ASP C 627 -3.40 9.16 39.84
N ILE C 628 -2.70 9.46 38.73
CA ILE C 628 -3.17 9.01 37.42
C ILE C 628 -2.60 7.65 37.05
N ILE C 629 -2.06 6.92 38.01
CA ILE C 629 -1.54 5.58 37.76
C ILE C 629 -2.68 4.65 37.40
N ASP C 630 -2.38 3.65 36.58
CA ASP C 630 -3.37 2.64 36.22
C ASP C 630 -3.72 1.81 37.45
N PRO C 631 -4.99 1.56 37.72
CA PRO C 631 -5.31 0.62 38.80
C PRO C 631 -4.94 -0.81 38.48
N ALA C 632 -4.85 -1.15 37.19
CA ALA C 632 -4.65 -2.53 36.80
C ALA C 632 -3.21 -2.97 36.99
N ILE C 633 -2.29 -2.02 37.17
CA ILE C 633 -0.92 -2.36 37.52
C ILE C 633 -0.88 -3.01 38.90
N LEU C 634 -1.61 -2.46 39.83
CA LEU C 634 -1.57 -2.91 41.21
C LEU C 634 -2.62 -3.99 41.36
N ARG C 635 -2.15 -5.23 41.48
CA ARG C 635 -2.96 -6.44 41.78
C ARG C 635 -1.98 -7.55 42.20
N PRO C 636 -2.31 -8.51 43.09
CA PRO C 636 -1.35 -9.58 43.40
C PRO C 636 -0.91 -10.37 42.17
N GLY C 637 0.39 -10.68 42.13
CA GLY C 637 0.98 -11.30 40.96
C GLY C 637 1.59 -10.33 39.99
N ARG C 638 1.67 -9.05 40.36
CA ARG C 638 2.20 -7.95 39.59
C ARG C 638 2.97 -7.10 40.59
N LEU C 639 3.15 -5.81 40.30
CA LEU C 639 3.82 -4.89 41.21
C LEU C 639 3.05 -4.81 42.51
N ASP C 640 3.54 -5.48 43.54
CA ASP C 640 2.83 -5.63 44.81
C ASP C 640 3.31 -4.70 45.90
N GLN C 641 4.59 -4.77 46.23
CA GLN C 641 5.09 -4.16 47.45
C GLN C 641 5.21 -2.65 47.33
N LEU C 642 4.14 -1.90 47.58
CA LEU C 642 4.18 -0.45 47.47
C LEU C 642 5.08 0.13 48.54
N ILE C 643 6.06 0.93 48.14
CA ILE C 643 6.93 1.64 49.07
C ILE C 643 6.91 3.12 48.72
N TYR C 644 6.46 3.94 49.65
CA TYR C 644 6.49 5.39 49.53
C TYR C 644 7.85 5.89 50.01
N ILE C 645 8.54 6.66 49.16
CA ILE C 645 9.84 7.22 49.51
C ILE C 645 9.66 8.71 49.80
N PRO C 646 9.89 9.16 51.04
CA PRO C 646 9.50 10.51 51.44
C PRO C 646 10.62 11.52 51.24
N LEU C 647 10.36 12.76 51.66
CA LEU C 647 11.41 13.77 51.71
C LEU C 647 12.39 13.42 52.83
N PRO C 648 13.68 13.71 52.68
CA PRO C 648 14.64 13.26 53.68
C PRO C 648 14.58 14.12 54.94
N ASP C 649 14.94 13.51 56.07
CA ASP C 649 15.04 14.23 57.33
C ASP C 649 16.39 14.92 57.43
N GLU C 650 16.64 15.59 58.55
CA GLU C 650 17.81 16.46 58.62
C GLU C 650 19.11 15.64 58.77
N LYS C 651 19.04 14.48 59.44
CA LYS C 651 20.20 13.61 59.45
C LYS C 651 20.36 12.91 58.11
N SER C 652 19.24 12.64 57.43
CA SER C 652 19.31 12.20 56.05
C SER C 652 19.89 13.27 55.14
N ARG C 653 19.63 14.54 55.44
CA ARG C 653 20.21 15.62 54.65
C ARG C 653 21.69 15.76 54.90
N VAL C 654 22.14 15.51 56.14
CA VAL C 654 23.56 15.49 56.43
C VAL C 654 24.24 14.34 55.70
N ALA C 655 23.58 13.18 55.64
CA ALA C 655 24.14 12.04 54.92
C ALA C 655 24.22 12.29 53.42
N ILE C 656 23.20 12.94 52.84
CA ILE C 656 23.22 13.32 51.42
C ILE C 656 24.36 14.29 51.13
N LEU C 657 24.55 15.30 51.98
CA LEU C 657 25.62 16.27 51.73
C LEU C 657 27.00 15.66 51.97
N LYS C 658 27.11 14.66 52.83
CA LYS C 658 28.36 13.91 52.91
C LYS C 658 28.55 13.06 51.66
N ALA C 659 27.46 12.65 51.03
CA ALA C 659 27.57 11.79 49.86
C ALA C 659 28.02 12.55 48.62
N ASN C 660 27.48 13.75 48.40
CA ASN C 660 27.82 14.48 47.17
C ASN C 660 29.24 15.04 47.21
N LEU C 661 29.77 15.28 48.41
CA LEU C 661 31.01 16.02 48.58
C LEU C 661 32.27 15.18 48.63
N ARG C 662 32.24 13.96 48.09
CA ARG C 662 33.39 13.09 48.27
C ARG C 662 34.42 13.28 47.16
N LYS C 663 33.98 13.72 45.99
CA LYS C 663 34.92 13.91 44.90
C LYS C 663 35.72 15.19 45.07
N SER C 664 35.09 16.24 45.59
CA SER C 664 35.83 17.49 45.67
C SER C 664 36.43 17.67 47.06
N PRO C 665 37.63 18.24 47.16
CA PRO C 665 38.20 18.49 48.48
C PRO C 665 37.64 19.78 49.07
N VAL C 666 37.18 19.69 50.32
CA VAL C 666 36.72 20.85 51.07
C VAL C 666 37.55 20.98 52.34
N ALA C 667 37.39 22.11 53.01
CA ALA C 667 38.20 22.46 54.17
C ALA C 667 37.52 22.00 55.45
N LYS C 668 38.15 22.34 56.56
CA LYS C 668 37.68 21.96 57.88
C LYS C 668 36.83 23.05 58.52
N ASP C 669 36.62 24.17 57.83
CA ASP C 669 35.84 25.29 58.35
C ASP C 669 34.35 25.13 58.10
N VAL C 670 33.96 24.15 57.33
CA VAL C 670 32.58 24.00 56.89
C VAL C 670 31.80 23.18 57.93
N ASP C 671 30.54 23.57 58.14
CA ASP C 671 29.61 22.85 59.00
C ASP C 671 28.44 22.37 58.17
N LEU C 672 28.23 21.06 58.14
CA LEU C 672 27.15 20.50 57.36
C LEU C 672 25.84 20.42 58.14
N GLU C 673 25.92 20.41 59.47
CA GLU C 673 24.72 20.27 60.29
C GLU C 673 23.86 21.51 60.24
N PHE C 674 24.49 22.69 60.38
CA PHE C 674 23.79 23.96 60.22
C PHE C 674 23.25 24.11 58.80
N LEU C 675 23.99 23.61 57.82
CA LEU C 675 23.59 23.74 56.43
C LEU C 675 22.40 22.85 56.12
N ALA C 676 22.26 21.72 56.80
CA ALA C 676 21.04 20.94 56.69
C ALA C 676 19.90 21.49 57.54
N LYS C 677 20.22 22.19 58.62
CA LYS C 677 19.18 22.83 59.44
C LYS C 677 18.62 24.09 58.78
N MET C 678 19.29 24.63 57.76
CA MET C 678 18.71 25.72 56.99
C MET C 678 17.66 25.22 55.99
N THR C 679 17.91 24.08 55.35
CA THR C 679 17.01 23.54 54.33
C THR C 679 15.86 22.80 55.00
N ASN C 680 14.64 23.01 54.51
CA ASN C 680 13.46 22.37 55.09
C ASN C 680 12.77 21.37 54.16
N GLY C 681 12.29 21.84 53.00
CA GLY C 681 11.67 20.98 52.00
C GLY C 681 12.58 20.61 50.86
N PHE C 682 13.88 20.72 51.07
CA PHE C 682 14.86 20.55 50.01
C PHE C 682 15.23 19.09 49.84
N SER C 683 15.18 18.61 48.60
CA SER C 683 15.41 17.22 48.25
C SER C 683 16.90 16.95 48.11
N GLY C 684 17.24 15.80 47.54
CA GLY C 684 18.63 15.51 47.27
C GLY C 684 19.14 16.25 46.05
N ALA C 685 18.26 16.50 45.08
CA ALA C 685 18.62 17.27 43.90
C ALA C 685 18.97 18.70 44.25
N ASP C 686 18.27 19.27 45.24
CA ASP C 686 18.54 20.64 45.66
C ASP C 686 19.85 20.75 46.41
N LEU C 687 20.17 19.76 47.24
CA LEU C 687 21.43 19.77 47.94
C LEU C 687 22.60 19.54 46.98
N THR C 688 22.37 18.75 45.93
CA THR C 688 23.40 18.59 44.92
C THR C 688 23.57 19.88 44.11
N GLU C 689 22.47 20.61 43.90
CA GLU C 689 22.53 21.91 43.25
C GLU C 689 23.36 22.90 44.06
N ILE C 690 23.20 22.89 45.38
CA ILE C 690 23.98 23.76 46.27
C ILE C 690 25.47 23.43 46.18
N CYS C 691 25.83 22.15 46.27
CA CYS C 691 27.24 21.76 46.16
C CYS C 691 27.84 22.12 44.81
N GLN C 692 27.05 21.99 43.74
CA GLN C 692 27.54 22.30 42.40
C GLN C 692 27.74 23.79 42.23
N ARG C 693 26.83 24.60 42.81
CA ARG C 693 26.99 26.05 42.83
C ARG C 693 28.26 26.46 43.56
N ALA C 694 28.58 25.81 44.67
CA ALA C 694 29.78 26.14 45.41
C ALA C 694 31.04 25.81 44.62
N CYS C 695 31.05 24.68 43.92
CA CYS C 695 32.21 24.34 43.11
C CYS C 695 32.39 25.30 41.95
N LYS C 696 31.28 25.80 41.40
CA LYS C 696 31.40 26.74 40.30
C LYS C 696 31.95 28.08 40.77
N LEU C 697 31.57 28.51 41.98
CA LEU C 697 32.14 29.75 42.53
C LEU C 697 33.63 29.62 42.79
N ALA C 698 34.07 28.46 43.28
CA ALA C 698 35.49 28.26 43.50
C ALA C 698 36.28 28.28 42.19
N ILE C 699 35.71 27.73 41.12
CA ILE C 699 36.42 27.75 39.84
C ILE C 699 36.50 29.16 39.27
N ARG C 700 35.46 29.97 39.51
CA ARG C 700 35.52 31.37 39.10
C ARG C 700 36.65 32.12 39.78
N GLU C 701 36.78 31.96 41.10
CA GLU C 701 37.88 32.62 41.83
C GLU C 701 39.25 32.13 41.38
N SER C 702 39.37 30.84 41.05
CA SER C 702 40.64 30.32 40.59
C SER C 702 41.07 30.92 39.26
N ILE C 703 40.12 31.05 38.32
CA ILE C 703 40.50 31.57 37.00
C ILE C 703 40.80 33.06 37.08
N GLU C 704 40.03 33.80 37.89
CA GLU C 704 40.29 35.22 38.06
C GLU C 704 41.64 35.49 38.74
N SER C 705 42.03 34.62 39.68
CA SER C 705 43.34 34.76 40.31
C SER C 705 44.47 34.49 39.33
N GLU C 706 44.31 33.47 38.47
CA GLU C 706 45.35 33.22 37.47
C GLU C 706 45.46 34.36 36.46
N ILE C 707 44.34 35.02 36.15
CA ILE C 707 44.40 36.18 35.24
C ILE C 707 45.15 37.34 35.88
N ARG C 708 44.94 37.58 37.18
CA ARG C 708 45.72 38.63 37.85
C ARG C 708 47.20 38.31 37.90
N ARG C 709 47.57 37.04 38.10
CA ARG C 709 48.98 36.67 38.10
C ARG C 709 49.62 36.85 36.72
N GLU C 710 48.92 36.45 35.66
CA GLU C 710 49.47 36.59 34.32
C GLU C 710 49.58 38.05 33.90
N ARG C 711 48.63 38.90 34.33
CA ARG C 711 48.75 40.32 34.02
C ARG C 711 49.86 40.99 34.82
N GLU C 712 50.10 40.54 36.06
CA GLU C 712 51.22 41.07 36.83
C GLU C 712 52.56 40.65 36.24
N ARG C 713 52.66 39.41 35.73
CA ARG C 713 53.86 39.01 35.00
C ARG C 713 54.02 39.76 33.70
N GLN C 714 52.92 40.15 33.05
CA GLN C 714 53.01 40.98 31.87
C GLN C 714 53.47 42.40 32.23
N THR C 715 53.15 42.86 33.44
CA THR C 715 53.49 44.22 33.85
C THR C 715 55.00 44.40 33.99
N ASN C 716 55.69 43.44 34.61
CA ASN C 716 57.14 43.50 34.77
C ASN C 716 57.76 42.22 34.21
N PRO C 717 57.85 42.09 32.87
CA PRO C 717 58.36 40.84 32.31
C PRO C 717 59.88 40.77 32.30
N SER C 718 60.53 41.83 32.77
CA SER C 718 61.98 41.86 32.83
C SER C 718 62.54 40.90 33.87
N ALA C 719 61.86 40.72 35.00
CA ALA C 719 62.30 39.80 36.03
C ALA C 719 61.64 38.43 35.91
N MET C 720 60.30 38.39 36.05
CA MET C 720 59.48 37.17 36.08
C MET C 720 60.03 36.16 37.08
N GLU C 721 59.98 36.53 38.35
CA GLU C 721 60.70 35.80 39.39
C GLU C 721 59.83 35.35 40.56
N VAL C 722 58.51 35.28 40.40
CA VAL C 722 57.66 34.94 41.53
C VAL C 722 57.72 33.44 41.85
N GLU C 723 57.55 32.59 40.83
CA GLU C 723 57.53 31.12 40.94
C GLU C 723 56.53 30.65 41.99
N GLU C 724 55.28 31.06 41.78
CA GLU C 724 54.26 30.89 42.80
C GLU C 724 53.80 29.43 42.88
N ASP C 725 53.10 29.13 43.97
CA ASP C 725 52.45 27.87 44.19
C ASP C 725 50.96 28.01 43.89
N ASP C 726 50.19 26.98 44.23
CA ASP C 726 48.78 26.95 43.87
C ASP C 726 47.97 27.82 44.83
N PRO C 727 47.26 28.83 44.33
CA PRO C 727 46.60 29.77 45.25
C PRO C 727 45.36 29.22 45.90
N VAL C 728 44.74 28.18 45.33
CA VAL C 728 43.54 27.60 45.91
C VAL C 728 43.48 26.10 45.60
N PRO C 729 43.64 25.24 46.60
CA PRO C 729 43.43 23.79 46.41
C PRO C 729 42.07 23.26 46.84
N GLU C 730 41.28 24.01 47.60
CA GLU C 730 40.07 23.49 48.22
C GLU C 730 39.02 24.58 48.30
N ILE C 731 37.83 24.19 48.74
CA ILE C 731 36.77 25.11 49.10
C ILE C 731 36.90 25.38 50.59
N ARG C 732 37.07 26.65 50.96
CA ARG C 732 37.33 27.00 52.35
C ARG C 732 36.04 27.09 53.19
N ARG C 733 35.14 28.01 52.86
CA ARG C 733 33.85 28.30 53.49
C ARG C 733 33.29 29.41 52.62
N ASP C 734 32.05 29.82 52.91
CA ASP C 734 31.42 31.08 52.50
C ASP C 734 31.02 31.08 51.01
N HIS C 735 31.46 30.07 50.27
CA HIS C 735 30.79 29.82 49.00
C HIS C 735 29.44 29.18 49.26
N PHE C 736 29.36 28.43 50.36
CA PHE C 736 28.10 27.80 50.76
C PHE C 736 27.09 28.83 51.22
N GLU C 737 27.55 30.00 51.69
CA GLU C 737 26.61 31.04 52.10
C GLU C 737 25.96 31.70 50.89
N GLU C 738 26.75 31.99 49.86
CA GLU C 738 26.18 32.54 48.65
C GLU C 738 25.30 31.51 47.94
N ALA C 739 25.72 30.24 47.98
CA ALA C 739 24.89 29.16 47.43
C ALA C 739 23.60 28.99 48.20
N MET C 740 23.66 29.19 49.52
CA MET C 740 22.46 29.19 50.36
C MET C 740 21.54 30.33 49.98
N ARG C 741 22.12 31.46 49.58
CA ARG C 741 21.31 32.58 49.14
C ARG C 741 20.62 32.29 47.81
N PHE C 742 21.29 31.55 46.92
CA PHE C 742 20.70 31.30 45.60
C PHE C 742 19.52 30.33 45.65
N ALA C 743 19.48 29.46 46.67
CA ALA C 743 18.65 28.25 46.62
C ALA C 743 17.16 28.57 46.66
N ARG C 744 16.38 27.82 45.88
CA ARG C 744 14.92 27.88 45.91
C ARG C 744 14.35 26.49 46.11
N ARG C 745 13.18 26.42 46.73
CA ARG C 745 12.58 25.16 47.11
C ARG C 745 11.94 24.51 45.89
N SER C 746 11.89 23.17 45.89
CA SER C 746 11.42 22.46 44.72
C SER C 746 9.98 21.98 44.87
N VAL C 747 9.57 21.59 46.07
CA VAL C 747 8.24 21.02 46.31
C VAL C 747 7.53 21.86 47.37
N SER C 748 6.34 22.35 47.05
CA SER C 748 5.57 23.15 47.99
C SER C 748 4.89 22.25 49.03
N ASP C 749 4.32 22.88 50.07
CA ASP C 749 3.80 22.11 51.20
C ASP C 749 2.43 21.52 50.91
N ASN C 750 1.66 22.17 50.03
CA ASN C 750 0.40 21.58 49.57
C ASN C 750 0.65 20.26 48.85
N ASP C 751 1.71 20.21 48.05
CA ASP C 751 2.07 18.97 47.38
C ASP C 751 2.55 17.94 48.39
N ILE C 752 3.19 18.36 49.48
CA ILE C 752 3.68 17.38 50.45
C ILE C 752 2.52 16.75 51.21
N ARG C 753 1.50 17.53 51.54
CA ARG C 753 0.35 16.89 52.19
C ARG C 753 -0.47 16.05 51.21
N LYS C 754 -0.47 16.42 49.92
CA LYS C 754 -1.11 15.55 48.93
C LYS C 754 -0.36 14.23 48.79
N TYR C 755 0.98 14.26 48.83
CA TYR C 755 1.73 13.01 48.76
C TYR C 755 1.55 12.20 50.04
N GLU C 756 1.32 12.86 51.18
CA GLU C 756 1.02 12.09 52.39
C GLU C 756 -0.33 11.38 52.28
N MET C 757 -1.31 12.04 51.67
CA MET C 757 -2.63 11.44 51.54
C MET C 757 -2.65 10.32 50.50
N PHE C 758 -1.76 10.39 49.50
CA PHE C 758 -1.60 9.22 48.63
C PHE C 758 -0.67 8.18 49.25
N ALA C 759 0.14 8.60 50.22
CA ALA C 759 1.05 7.67 50.84
C ALA C 759 0.31 6.71 51.75
N GLN C 760 -0.71 7.19 52.43
CA GLN C 760 -1.44 6.29 53.32
C GLN C 760 -2.31 5.30 52.55
N THR C 761 -3.10 5.79 51.60
CA THR C 761 -4.12 4.98 50.94
C THR C 761 -4.06 5.17 49.42
N LEU C 762 -3.23 4.36 48.76
CA LEU C 762 -3.23 4.24 47.29
C LEU C 762 -3.81 2.92 46.84
N GLN C 763 -3.73 1.88 47.67
CA GLN C 763 -4.26 0.56 47.36
C GLN C 763 -5.78 0.56 47.19
N GLN C 764 -6.48 1.54 47.75
CA GLN C 764 -7.93 1.62 47.62
C GLN C 764 -8.38 2.19 46.29
N SER C 765 -7.46 2.43 45.34
CA SER C 765 -7.84 3.08 44.09
C SER C 765 -8.34 2.09 43.06
N ARG C 766 -8.30 0.80 43.40
CA ARG C 766 -8.68 -0.30 42.45
C ARG C 766 -10.17 -0.28 42.07
N GLY C 767 -11.05 -0.03 43.04
CA GLY C 767 -12.49 -0.09 42.82
C GLY C 767 -13.00 1.11 42.06
N PHE C 768 -14.01 1.76 42.62
CA PHE C 768 -14.50 3.01 42.04
C PHE C 768 -13.52 4.14 42.30
N GLY C 769 -13.49 5.10 41.39
CA GLY C 769 -12.70 6.31 41.57
C GLY C 769 -11.20 6.10 41.41
N LEU D 12 46.80 22.83 13.35
CA LEU D 12 47.53 21.84 12.57
C LEU D 12 46.60 20.98 11.76
N SER D 13 45.32 21.36 11.76
CA SER D 13 44.31 20.59 11.03
C SER D 13 44.47 20.74 9.53
N THR D 14 45.00 21.87 9.08
CA THR D 14 45.30 22.10 7.67
C THR D 14 46.79 22.21 7.42
N ALA D 15 47.60 21.47 8.17
CA ALA D 15 49.05 21.58 8.07
C ALA D 15 49.61 20.92 6.83
N ILE D 16 48.85 20.07 6.15
CA ILE D 16 49.38 19.40 4.96
C ILE D 16 49.31 20.30 3.73
N LEU D 17 48.61 21.43 3.81
CA LEU D 17 48.51 22.37 2.71
C LEU D 17 49.56 23.46 2.77
N LYS D 18 50.63 23.26 3.52
CA LYS D 18 51.71 24.25 3.58
C LYS D 18 52.78 23.92 2.55
N GLN D 19 53.35 24.97 1.95
CA GLN D 19 54.19 24.74 0.77
C GLN D 19 55.62 24.34 1.12
N LYS D 20 56.09 24.65 2.34
CA LYS D 20 57.40 24.21 2.86
C LYS D 20 58.55 24.72 2.00
N ASN D 21 58.81 26.03 2.09
CA ASN D 21 59.87 26.65 1.31
C ASN D 21 61.25 26.12 1.69
N ARG D 22 62.04 25.82 0.67
CA ARG D 22 63.32 25.14 0.71
C ARG D 22 64.34 25.92 -0.09
N PRO D 23 65.67 25.65 0.08
CA PRO D 23 66.69 26.35 -0.73
C PRO D 23 66.60 26.16 -2.23
N ASN D 24 65.96 25.09 -2.71
CA ASN D 24 65.79 24.88 -4.15
C ASN D 24 64.46 25.39 -4.68
N ARG D 25 63.82 26.31 -3.96
CA ARG D 25 62.57 26.90 -4.40
C ARG D 25 62.86 28.21 -5.14
N LEU D 26 62.24 28.37 -6.29
CA LEU D 26 62.52 29.48 -7.19
C LEU D 26 61.21 30.12 -7.60
N ILE D 27 61.04 31.39 -7.25
CA ILE D 27 59.86 32.16 -7.61
C ILE D 27 60.09 32.78 -8.99
N VAL D 28 59.07 32.77 -9.83
CA VAL D 28 59.25 33.27 -11.19
C VAL D 28 59.29 34.80 -11.18
N ASP D 29 59.86 35.35 -12.25
CA ASP D 29 59.90 36.78 -12.49
C ASP D 29 60.07 36.98 -13.99
N GLU D 30 59.92 38.22 -14.44
CA GLU D 30 60.01 38.53 -15.86
C GLU D 30 61.47 38.49 -16.33
N ALA D 31 61.69 37.91 -17.51
CA ALA D 31 63.02 37.84 -18.11
C ALA D 31 63.07 38.65 -19.39
N ILE D 32 64.22 39.28 -19.63
CA ILE D 32 64.39 40.16 -20.79
C ILE D 32 65.03 39.47 -21.99
N ASN D 33 65.35 38.19 -21.87
CA ASN D 33 65.91 37.44 -23.00
C ASN D 33 64.79 36.84 -23.84
N GLU D 34 64.81 37.13 -25.14
CA GLU D 34 63.82 36.56 -26.05
C GLU D 34 64.11 35.11 -26.41
N ASP D 35 65.27 34.58 -26.01
CA ASP D 35 65.57 33.18 -26.23
C ASP D 35 64.70 32.32 -25.32
N ASN D 36 64.22 31.21 -25.88
CA ASN D 36 63.25 30.35 -25.21
C ASN D 36 63.90 29.15 -24.54
N SER D 37 65.15 29.29 -24.12
CA SER D 37 65.83 28.24 -23.37
C SER D 37 66.69 28.82 -22.25
N VAL D 38 66.29 29.98 -21.73
CA VAL D 38 67.10 30.71 -20.76
C VAL D 38 66.48 30.56 -19.38
N VAL D 39 67.34 30.47 -18.36
CA VAL D 39 66.96 30.72 -16.98
C VAL D 39 67.94 31.74 -16.43
N SER D 40 67.55 32.37 -15.33
CA SER D 40 68.38 33.35 -14.65
C SER D 40 68.66 32.84 -13.25
N LEU D 41 69.88 32.38 -13.00
CA LEU D 41 70.28 31.97 -11.67
C LEU D 41 71.53 32.72 -11.23
N SER D 42 71.59 32.98 -9.93
CA SER D 42 72.72 33.64 -9.31
C SER D 42 73.86 32.65 -9.10
N GLN D 43 75.06 33.19 -8.92
CA GLN D 43 76.26 32.39 -8.72
C GLN D 43 76.28 31.57 -7.42
N PRO D 44 75.84 32.08 -6.25
CA PRO D 44 75.72 31.16 -5.11
C PRO D 44 74.66 30.10 -5.28
N LYS D 45 73.65 30.33 -6.13
CA LYS D 45 72.67 29.29 -6.41
C LYS D 45 73.29 28.15 -7.22
N MET D 46 74.12 28.49 -8.21
CA MET D 46 74.76 27.46 -9.02
C MET D 46 75.89 26.77 -8.27
N ASP D 47 76.60 27.50 -7.40
CA ASP D 47 77.57 26.87 -6.51
C ASP D 47 76.91 26.16 -5.34
N GLU D 48 75.61 26.38 -5.12
CA GLU D 48 74.90 25.78 -4.01
C GLU D 48 74.41 24.38 -4.36
N LEU D 49 73.67 24.27 -5.46
CA LEU D 49 73.17 22.98 -5.94
C LEU D 49 74.15 22.27 -6.85
N GLN D 50 75.40 22.75 -6.89
CA GLN D 50 76.48 22.21 -7.74
C GLN D 50 76.09 22.24 -9.22
N LEU D 51 75.38 23.29 -9.61
CA LEU D 51 74.95 23.46 -11.00
C LEU D 51 76.11 24.07 -11.76
N PHE D 52 76.78 23.27 -12.57
CA PHE D 52 77.86 23.78 -13.40
C PHE D 52 77.24 24.43 -14.64
N ARG D 53 78.00 25.31 -15.27
CA ARG D 53 77.48 26.10 -16.38
C ARG D 53 77.21 25.23 -17.59
N GLY D 54 75.97 25.23 -18.06
CA GLY D 54 75.56 24.39 -19.17
C GLY D 54 74.80 23.16 -18.78
N ASP D 55 74.46 22.99 -17.50
CA ASP D 55 73.65 21.87 -17.06
C ASP D 55 72.21 22.01 -17.51
N THR D 56 71.52 20.88 -17.51
CA THR D 56 70.11 20.80 -17.84
C THR D 56 69.36 20.36 -16.58
N VAL D 57 68.56 21.26 -16.04
CA VAL D 57 67.84 20.99 -14.81
C VAL D 57 66.44 20.52 -15.16
N LEU D 58 65.78 19.89 -14.19
CA LEU D 58 64.43 19.38 -14.36
C LEU D 58 63.48 20.26 -13.56
N LEU D 59 62.71 21.09 -14.26
CA LEU D 59 61.82 22.07 -13.65
C LEU D 59 60.43 21.44 -13.51
N LYS D 60 59.82 21.62 -12.34
CA LYS D 60 58.52 21.03 -12.05
C LYS D 60 57.53 22.13 -11.71
N GLY D 61 56.41 22.16 -12.42
CA GLY D 61 55.40 23.16 -12.17
C GLY D 61 54.13 22.61 -11.57
N LYS D 62 52.99 23.00 -12.11
CA LYS D 62 51.68 22.63 -11.60
C LYS D 62 50.99 21.70 -12.58
N LYS D 63 50.08 20.88 -12.04
CA LYS D 63 49.30 19.87 -12.79
C LYS D 63 50.21 18.90 -13.55
N ARG D 64 51.32 18.53 -12.92
CA ARG D 64 52.31 17.56 -13.39
C ARG D 64 52.98 17.95 -14.69
N ARG D 65 52.91 19.20 -15.10
CA ARG D 65 53.67 19.67 -16.24
C ARG D 65 55.11 19.89 -15.83
N GLU D 66 56.04 19.53 -16.71
CA GLU D 66 57.46 19.75 -16.46
C GLU D 66 58.10 20.46 -17.64
N ALA D 67 59.35 20.85 -17.43
CA ALA D 67 60.13 21.52 -18.46
C ALA D 67 61.61 21.34 -18.15
N VAL D 68 62.42 21.46 -19.19
CA VAL D 68 63.88 21.43 -19.09
C VAL D 68 64.46 22.60 -19.87
N CYS D 69 65.47 23.24 -19.30
CA CYS D 69 66.20 24.30 -19.96
C CYS D 69 67.67 24.19 -19.57
N ILE D 70 68.54 24.63 -20.47
CA ILE D 70 69.96 24.73 -20.17
C ILE D 70 70.20 25.97 -19.31
N VAL D 71 71.07 25.84 -18.32
CA VAL D 71 71.21 26.84 -17.26
C VAL D 71 72.28 27.84 -17.68
N LEU D 72 72.07 29.11 -17.31
CA LEU D 72 73.03 30.18 -17.52
C LEU D 72 73.28 30.88 -16.20
N SER D 73 74.41 31.58 -16.11
CA SER D 73 74.79 32.29 -14.89
C SER D 73 74.47 33.78 -15.05
N ASP D 74 73.20 34.11 -14.84
CA ASP D 74 72.75 35.50 -14.88
C ASP D 74 72.87 36.05 -13.46
N ASP D 75 73.96 36.76 -13.21
CA ASP D 75 74.34 37.17 -11.86
C ASP D 75 73.57 38.38 -11.35
N THR D 76 72.81 39.07 -12.19
CA THR D 76 71.95 40.14 -11.73
C THR D 76 70.61 39.62 -11.21
N CYS D 77 70.41 38.31 -11.23
CA CYS D 77 69.23 37.71 -10.60
C CYS D 77 69.40 37.64 -9.09
N SER D 78 68.28 37.55 -8.39
CA SER D 78 68.30 37.44 -6.95
C SER D 78 68.37 35.98 -6.51
N ASP D 79 68.81 35.77 -5.27
CA ASP D 79 68.97 34.43 -4.73
C ASP D 79 67.65 33.72 -4.46
N GLU D 80 66.54 34.45 -4.44
CA GLU D 80 65.24 33.91 -4.07
C GLU D 80 64.28 33.80 -5.25
N LYS D 81 64.70 34.21 -6.44
CA LYS D 81 63.81 34.24 -7.59
C LYS D 81 64.47 33.60 -8.80
N ILE D 82 63.72 33.54 -9.89
CA ILE D 82 64.22 33.10 -11.20
C ILE D 82 63.43 33.86 -12.25
N ARG D 83 64.02 34.03 -13.43
CA ARG D 83 63.43 34.82 -14.50
C ARG D 83 63.31 33.97 -15.77
N MET D 84 62.12 33.96 -16.36
CA MET D 84 61.83 33.18 -17.55
C MET D 84 60.78 33.92 -18.37
N ASN D 85 60.57 33.46 -19.60
CA ASN D 85 59.66 34.12 -20.54
C ASN D 85 58.25 33.57 -20.40
N ARG D 86 57.38 33.88 -21.36
CA ARG D 86 56.02 33.37 -21.33
C ARG D 86 55.94 31.94 -21.84
N VAL D 87 56.93 31.50 -22.60
CA VAL D 87 56.89 30.16 -23.20
C VAL D 87 57.05 29.10 -22.12
N VAL D 88 58.00 29.30 -21.20
CA VAL D 88 58.20 28.34 -20.13
C VAL D 88 57.06 28.44 -19.12
N ARG D 89 56.56 29.64 -18.87
CA ARG D 89 55.45 29.83 -17.94
C ARG D 89 54.12 29.35 -18.49
N ASN D 90 54.00 29.15 -19.79
CA ASN D 90 52.86 28.40 -20.31
C ASN D 90 53.15 26.93 -20.46
N ASN D 91 54.42 26.53 -20.48
CA ASN D 91 54.71 25.10 -20.44
C ASN D 91 54.73 24.54 -19.02
N LEU D 92 54.68 25.40 -18.00
CA LEU D 92 54.66 24.97 -16.62
C LEU D 92 53.40 25.39 -15.87
N ARG D 93 52.48 26.08 -16.55
CA ARG D 93 51.13 26.39 -16.05
C ARG D 93 51.16 27.22 -14.77
N VAL D 94 52.09 28.17 -14.67
CA VAL D 94 52.22 29.00 -13.48
C VAL D 94 51.91 30.44 -13.85
N ARG D 95 51.55 31.21 -12.83
CA ARG D 95 51.33 32.64 -12.96
C ARG D 95 52.58 33.36 -12.48
N LEU D 96 52.50 34.68 -12.41
CA LEU D 96 53.60 35.50 -11.93
C LEU D 96 53.53 35.57 -10.41
N GLY D 97 54.45 34.89 -9.74
CA GLY D 97 54.43 34.81 -8.30
C GLY D 97 54.05 33.43 -7.78
N ASP D 98 54.55 32.38 -8.42
CA ASP D 98 54.32 31.00 -8.01
C ASP D 98 55.63 30.24 -7.97
N VAL D 99 55.77 29.36 -6.99
CA VAL D 99 57.03 28.63 -6.78
C VAL D 99 57.14 27.49 -7.79
N ILE D 100 58.38 27.16 -8.15
CA ILE D 100 58.69 26.09 -9.08
C ILE D 100 59.93 25.37 -8.57
N SER D 101 59.82 24.06 -8.38
CA SER D 101 60.95 23.26 -7.93
C SER D 101 61.96 23.11 -9.06
N ILE D 102 63.23 22.99 -8.68
CA ILE D 102 64.31 22.73 -9.61
C ILE D 102 65.01 21.44 -9.18
N GLN D 103 65.45 20.66 -10.15
CA GLN D 103 66.14 19.42 -9.85
C GLN D 103 67.30 19.22 -10.83
N PRO D 104 68.52 19.08 -10.33
CA PRO D 104 69.65 18.78 -11.24
C PRO D 104 69.58 17.35 -11.76
N CYS D 105 69.19 17.21 -13.02
CA CYS D 105 69.07 15.91 -13.67
C CYS D 105 69.91 15.92 -14.93
N PRO D 106 71.19 15.57 -14.82
CA PRO D 106 72.07 15.60 -16.00
C PRO D 106 72.07 14.29 -16.77
N ASP D 107 71.08 13.43 -16.53
CA ASP D 107 70.98 12.14 -17.22
C ASP D 107 70.57 12.39 -18.66
N VAL D 108 71.57 12.65 -19.49
CA VAL D 108 71.35 13.06 -20.88
C VAL D 108 71.56 11.86 -21.78
N LYS D 109 70.53 11.52 -22.53
CA LYS D 109 70.63 10.60 -23.66
C LYS D 109 69.99 11.24 -24.87
N TYR D 110 70.56 10.97 -26.04
CA TYR D 110 70.11 11.59 -27.27
C TYR D 110 68.88 10.89 -27.82
N GLY D 111 68.15 11.60 -28.68
CA GLY D 111 66.97 11.06 -29.30
C GLY D 111 67.26 10.44 -30.66
N LYS D 112 66.40 9.50 -31.05
CA LYS D 112 66.51 8.85 -32.34
C LYS D 112 65.70 9.61 -33.41
N ARG D 113 64.41 9.76 -33.19
CA ARG D 113 63.54 10.56 -34.04
C ARG D 113 62.66 11.44 -33.18
N ILE D 114 62.55 12.70 -33.55
CA ILE D 114 61.57 13.60 -32.97
C ILE D 114 60.51 13.90 -34.02
N HIS D 115 59.39 14.46 -33.58
CA HIS D 115 58.27 14.69 -34.49
C HIS D 115 57.52 15.93 -34.02
N VAL D 116 57.79 17.07 -34.66
CA VAL D 116 57.07 18.29 -34.37
C VAL D 116 55.81 18.33 -35.21
N LEU D 117 54.85 19.16 -34.80
CA LEU D 117 53.59 19.38 -35.49
C LEU D 117 53.20 20.84 -35.30
N PRO D 118 52.88 21.54 -36.39
CA PRO D 118 52.48 22.95 -36.26
C PRO D 118 51.03 23.08 -35.80
N ILE D 119 50.65 24.35 -35.57
CA ILE D 119 49.27 24.70 -35.26
C ILE D 119 48.73 25.50 -36.43
N ASP D 120 47.58 25.07 -36.96
CA ASP D 120 47.18 25.40 -38.33
C ASP D 120 46.72 26.84 -38.52
N ASP D 121 46.13 27.48 -37.50
CA ASP D 121 45.57 28.81 -37.67
C ASP D 121 46.63 29.87 -37.90
N THR D 122 47.83 29.68 -37.33
CA THR D 122 48.96 30.53 -37.64
C THR D 122 49.65 30.11 -38.93
N VAL D 123 49.53 28.85 -39.33
CA VAL D 123 50.07 28.40 -40.61
C VAL D 123 49.22 28.92 -41.76
N GLU D 124 47.90 28.99 -41.58
CA GLU D 124 47.06 29.62 -42.59
C GLU D 124 47.31 31.12 -42.67
N GLY D 125 46.93 31.71 -43.79
CA GLY D 125 47.55 32.94 -44.23
C GLY D 125 48.48 32.61 -45.37
N ILE D 126 49.77 32.48 -45.09
CA ILE D 126 50.70 31.87 -46.03
C ILE D 126 51.45 30.75 -45.32
N THR D 127 51.62 29.63 -46.02
CA THR D 127 52.39 28.50 -45.52
C THR D 127 53.79 28.45 -46.15
N GLY D 128 53.84 28.39 -47.48
CA GLY D 128 55.12 28.32 -48.16
C GLY D 128 55.72 26.93 -48.02
N ASN D 129 56.99 26.88 -47.62
CA ASN D 129 57.68 25.64 -47.33
C ASN D 129 57.95 25.63 -45.83
N LEU D 130 57.52 24.57 -45.15
CA LEU D 130 57.62 24.57 -43.69
C LEU D 130 59.01 24.19 -43.21
N PHE D 131 59.65 23.22 -43.87
CA PHE D 131 60.86 22.61 -43.32
C PHE D 131 62.05 23.55 -43.44
N GLU D 132 62.47 23.86 -44.67
CA GLU D 132 63.70 24.61 -44.89
C GLU D 132 63.61 26.08 -44.50
N VAL D 133 62.42 26.57 -44.19
CA VAL D 133 62.22 27.96 -43.78
C VAL D 133 61.96 28.06 -42.28
N TYR D 134 61.31 27.06 -41.69
CA TYR D 134 60.89 27.09 -40.30
C TYR D 134 61.75 26.22 -39.38
N LEU D 135 62.09 25.01 -39.80
CA LEU D 135 62.77 24.07 -38.91
C LEU D 135 64.28 24.09 -39.07
N LYS D 136 64.79 24.73 -40.12
CA LYS D 136 66.24 24.75 -40.32
C LYS D 136 67.00 25.63 -39.32
N PRO D 137 66.78 26.95 -39.21
CA PRO D 137 67.77 27.76 -38.49
C PRO D 137 67.66 27.70 -36.98
N TYR D 138 66.69 26.98 -36.43
CA TYR D 138 66.47 26.90 -34.98
C TYR D 138 67.01 25.63 -34.36
N PHE D 139 67.13 24.55 -35.14
CA PHE D 139 67.56 23.25 -34.65
C PHE D 139 68.99 22.89 -35.00
N LEU D 140 69.51 23.38 -36.14
CA LEU D 140 70.84 23.00 -36.59
C LEU D 140 71.90 23.66 -35.73
N GLU D 141 72.67 22.82 -35.01
CA GLU D 141 73.74 23.21 -34.10
C GLU D 141 73.23 24.15 -33.00
N ALA D 142 72.28 23.65 -32.23
CA ALA D 142 71.72 24.41 -31.11
C ALA D 142 71.69 23.58 -29.83
N TYR D 143 71.49 22.25 -29.99
CA TYR D 143 71.36 21.28 -28.89
C TYR D 143 70.22 21.66 -27.92
N ARG D 144 69.11 22.17 -28.45
CA ARG D 144 68.06 22.71 -27.58
C ARG D 144 67.20 21.59 -27.02
N PRO D 145 67.03 21.50 -25.70
CA PRO D 145 66.25 20.40 -25.13
C PRO D 145 64.76 20.60 -25.25
N ILE D 146 64.05 19.49 -25.31
CA ILE D 146 62.58 19.49 -25.38
C ILE D 146 62.03 18.40 -24.48
N ARG D 147 60.83 18.64 -23.96
CA ARG D 147 60.03 17.62 -23.32
C ARG D 147 58.91 17.22 -24.28
N LYS D 148 58.48 15.96 -24.20
CA LYS D 148 57.40 15.45 -25.03
C LYS D 148 56.10 16.18 -24.67
N GLY D 149 55.71 17.13 -25.52
CA GLY D 149 54.52 17.92 -25.27
C GLY D 149 54.78 19.40 -25.05
N ASP D 150 55.83 19.94 -25.68
CA ASP D 150 56.16 21.35 -25.53
C ASP D 150 55.63 22.15 -26.70
N ILE D 151 55.34 23.42 -26.44
CA ILE D 151 54.89 24.36 -27.46
C ILE D 151 55.94 25.46 -27.50
N PHE D 152 56.72 25.51 -28.58
CA PHE D 152 57.80 26.46 -28.73
C PHE D 152 57.58 27.26 -30.00
N LEU D 153 58.23 28.43 -30.06
CA LEU D 153 57.98 29.41 -31.09
C LEU D 153 59.25 29.67 -31.89
N VAL D 154 59.11 29.67 -33.21
CA VAL D 154 60.22 29.93 -34.14
C VAL D 154 59.80 31.11 -35.00
N ARG D 155 60.64 32.14 -35.07
CA ARG D 155 60.38 33.30 -35.91
C ARG D 155 60.98 33.13 -37.31
N GLY D 156 60.68 32.01 -37.94
CA GLY D 156 61.16 31.74 -39.28
C GLY D 156 60.05 31.80 -40.32
N GLY D 157 59.13 32.74 -40.15
CA GLY D 157 58.01 32.86 -41.07
C GLY D 157 57.43 34.26 -41.13
N MET D 158 56.10 34.37 -41.22
CA MET D 158 55.50 35.69 -41.29
C MET D 158 55.30 36.29 -39.89
N ARG D 159 54.90 35.47 -38.94
CA ARG D 159 54.58 35.88 -37.58
C ARG D 159 54.66 34.64 -36.70
N ALA D 160 54.04 34.69 -35.52
CA ALA D 160 54.20 33.65 -34.51
C ALA D 160 53.56 32.32 -34.92
N VAL D 161 54.37 31.39 -35.42
CA VAL D 161 53.93 30.06 -35.84
C VAL D 161 54.55 29.05 -34.88
N GLU D 162 53.72 28.38 -34.10
CA GLU D 162 54.16 27.53 -33.00
C GLU D 162 54.17 26.08 -33.41
N PHE D 163 55.02 25.30 -32.73
CA PHE D 163 55.24 23.89 -33.05
C PHE D 163 54.97 23.04 -31.82
N LYS D 164 54.66 21.76 -32.04
CA LYS D 164 54.32 20.88 -30.93
C LYS D 164 54.93 19.51 -31.12
N VAL D 165 55.75 19.10 -30.15
CA VAL D 165 56.49 17.85 -30.22
C VAL D 165 55.64 16.74 -29.61
N VAL D 166 55.13 15.86 -30.45
CA VAL D 166 54.16 14.85 -30.04
C VAL D 166 54.79 13.47 -29.90
N GLU D 167 55.32 12.93 -30.99
CA GLU D 167 55.87 11.58 -31.00
C GLU D 167 57.38 11.66 -30.79
N THR D 168 57.88 11.02 -29.74
CA THR D 168 59.30 11.04 -29.41
C THR D 168 59.60 9.76 -28.65
N ASP D 169 60.76 9.15 -28.93
CA ASP D 169 61.13 7.92 -28.23
C ASP D 169 61.71 8.18 -26.84
N PRO D 170 62.59 9.18 -26.61
CA PRO D 170 62.86 9.55 -25.20
C PRO D 170 61.66 10.27 -24.60
N SER D 171 61.05 9.65 -23.59
CA SER D 171 59.83 10.15 -22.97
C SER D 171 60.02 11.23 -21.90
N PRO D 172 61.00 11.14 -20.91
CA PRO D 172 61.13 12.28 -19.98
C PRO D 172 61.56 13.58 -20.64
N TYR D 173 62.74 13.58 -21.29
CA TYR D 173 63.22 14.69 -22.11
C TYR D 173 64.46 14.20 -22.85
N CYS D 174 64.99 15.06 -23.71
CA CYS D 174 66.16 14.74 -24.53
C CYS D 174 66.76 16.03 -25.06
N ILE D 175 68.08 16.03 -25.23
CA ILE D 175 68.78 17.10 -25.93
C ILE D 175 68.87 16.69 -27.40
N VAL D 176 68.23 17.48 -28.27
CA VAL D 176 68.14 17.13 -29.67
C VAL D 176 69.46 17.47 -30.33
N ALA D 177 70.20 16.44 -30.75
CA ALA D 177 71.37 16.63 -31.58
C ALA D 177 70.95 17.00 -32.99
N PRO D 178 71.84 17.66 -33.76
CA PRO D 178 71.51 17.93 -35.18
C PRO D 178 71.37 16.69 -36.04
N ASP D 179 71.87 15.53 -35.59
CA ASP D 179 71.68 14.29 -36.34
C ASP D 179 70.32 13.64 -36.09
N THR D 180 69.54 14.14 -35.12
CA THR D 180 68.23 13.58 -34.84
C THR D 180 67.27 13.92 -35.96
N VAL D 181 66.54 12.93 -36.44
CA VAL D 181 65.75 13.04 -37.67
C VAL D 181 64.51 13.89 -37.40
N ILE D 182 64.35 14.97 -38.14
CA ILE D 182 63.26 15.92 -37.97
C ILE D 182 62.31 15.77 -39.15
N HIS D 183 61.02 15.60 -38.85
CA HIS D 183 59.99 15.45 -39.86
C HIS D 183 59.05 16.65 -39.86
N CYS D 184 58.35 16.81 -40.98
CA CYS D 184 57.35 17.86 -41.13
C CYS D 184 56.12 17.38 -41.88
N GLU D 185 55.97 16.05 -42.05
CA GLU D 185 54.92 15.49 -42.89
C GLU D 185 53.58 15.37 -42.18
N GLY D 186 53.53 15.57 -40.86
CA GLY D 186 52.35 15.24 -40.10
C GLY D 186 51.21 16.23 -40.30
N GLU D 187 50.20 16.07 -39.45
CA GLU D 187 49.00 16.88 -39.53
C GLU D 187 49.03 18.01 -38.51
N PRO D 188 48.62 19.22 -38.88
CA PRO D 188 48.62 20.33 -37.94
C PRO D 188 47.52 20.18 -36.89
N ILE D 189 47.65 20.98 -35.83
CA ILE D 189 46.78 20.92 -34.67
C ILE D 189 45.92 22.19 -34.66
N LYS D 190 44.69 22.07 -34.16
CA LYS D 190 43.80 23.22 -34.09
C LYS D 190 44.10 24.07 -32.84
N ARG D 191 43.58 25.29 -32.84
CA ARG D 191 43.69 26.19 -31.69
C ARG D 191 42.80 25.72 -30.54
N GLU D 192 41.63 25.17 -30.86
CA GLU D 192 40.72 24.67 -29.85
C GLU D 192 41.31 23.47 -29.11
N ASP D 193 42.16 22.68 -29.78
CA ASP D 193 42.73 21.49 -29.15
C ASP D 193 43.70 21.85 -28.02
N GLU D 194 44.37 22.99 -28.12
CA GLU D 194 45.18 23.43 -27.00
C GLU D 194 44.37 24.25 -26.00
N GLU D 195 43.49 25.12 -26.50
CA GLU D 195 42.76 26.00 -25.59
C GLU D 195 41.71 25.27 -24.76
N GLU D 196 41.31 24.07 -25.17
CA GLU D 196 40.47 23.25 -24.31
C GLU D 196 41.31 22.55 -23.24
N SER D 197 42.54 22.18 -23.58
CA SER D 197 43.44 21.53 -22.64
C SER D 197 44.13 22.50 -21.70
N LEU D 198 43.98 23.80 -21.91
CA LEU D 198 44.38 24.79 -20.94
C LEU D 198 43.32 25.03 -19.86
N ASN D 199 42.18 24.34 -19.96
CA ASN D 199 41.11 24.51 -18.99
C ASN D 199 41.01 23.27 -18.11
N GLU D 200 42.15 22.70 -17.76
CA GLU D 200 42.16 21.62 -16.79
C GLU D 200 42.07 22.20 -15.39
N VAL D 201 41.84 21.32 -14.42
CA VAL D 201 41.45 21.71 -13.07
C VAL D 201 42.55 21.30 -12.10
N GLY D 202 42.96 22.24 -11.24
CA GLY D 202 43.92 21.95 -10.21
C GLY D 202 43.33 22.30 -8.85
N TYR D 203 44.20 22.59 -7.89
CA TYR D 203 43.70 23.01 -6.58
C TYR D 203 43.46 24.51 -6.53
N ASP D 204 43.70 25.21 -7.62
CA ASP D 204 43.45 26.64 -7.63
C ASP D 204 42.14 26.95 -8.29
N ASP D 205 41.34 25.91 -8.55
CA ASP D 205 40.02 26.16 -9.12
C ASP D 205 38.94 25.79 -8.12
N ILE D 206 39.34 25.54 -6.88
CA ILE D 206 38.38 25.20 -5.85
C ILE D 206 38.41 26.27 -4.77
N GLY D 207 37.27 26.90 -4.55
CA GLY D 207 37.22 27.92 -3.53
C GLY D 207 36.21 27.60 -2.46
N GLY D 208 36.53 27.92 -1.22
CA GLY D 208 35.59 27.75 -0.14
C GLY D 208 35.62 26.41 0.55
N CYS D 209 36.56 25.54 0.19
CA CYS D 209 36.66 24.20 0.73
C CYS D 209 38.06 23.87 1.19
N ARG D 210 38.69 24.73 1.98
CA ARG D 210 40.06 24.49 2.41
C ARG D 210 40.12 23.37 3.46
N LYS D 211 39.18 23.39 4.39
CA LYS D 211 39.19 22.47 5.51
C LYS D 211 38.90 21.04 5.05
N GLN D 212 38.18 20.89 3.95
CA GLN D 212 37.90 19.56 3.44
C GLN D 212 39.01 19.06 2.52
N LEU D 213 39.69 19.96 1.82
CA LEU D 213 40.82 19.54 1.01
C LEU D 213 41.98 19.06 1.88
N ALA D 214 42.10 19.62 3.08
CA ALA D 214 43.08 19.10 4.04
C ALA D 214 42.80 17.64 4.37
N GLN D 215 41.55 17.30 4.66
CA GLN D 215 41.20 15.93 5.02
C GLN D 215 41.38 14.98 3.85
N ILE D 216 41.05 15.42 2.65
CA ILE D 216 41.17 14.51 1.51
C ILE D 216 42.64 14.28 1.17
N LYS D 217 43.52 15.27 1.38
CA LYS D 217 44.93 14.99 1.14
C LYS D 217 45.54 14.13 2.24
N GLU D 218 45.02 14.22 3.47
CA GLU D 218 45.47 13.30 4.50
C GLU D 218 44.99 11.88 4.25
N MET D 219 43.84 11.71 3.64
CA MET D 219 43.29 10.37 3.47
C MET D 219 43.74 9.68 2.20
N VAL D 220 44.01 10.41 1.11
CA VAL D 220 44.18 9.80 -0.20
C VAL D 220 45.61 9.96 -0.73
N GLU D 221 46.17 11.16 -0.67
CA GLU D 221 47.49 11.35 -1.24
C GLU D 221 48.57 10.75 -0.35
N LEU D 222 48.45 10.93 0.95
CA LEU D 222 49.50 10.46 1.86
C LEU D 222 49.63 8.94 1.99
N PRO D 223 48.58 8.12 2.06
CA PRO D 223 48.81 6.68 2.07
C PRO D 223 49.17 6.07 0.74
N LEU D 224 49.24 6.84 -0.34
CA LEU D 224 49.72 6.31 -1.61
C LEU D 224 51.12 6.76 -1.96
N ARG D 225 51.56 7.91 -1.44
CA ARG D 225 52.94 8.31 -1.70
C ARG D 225 53.89 7.63 -0.73
N HIS D 226 53.49 7.45 0.53
CA HIS D 226 54.36 6.91 1.56
C HIS D 226 53.66 5.79 2.31
N PRO D 227 53.62 4.58 1.76
CA PRO D 227 53.05 3.45 2.52
C PRO D 227 53.91 3.01 3.69
N ALA D 228 55.20 3.36 3.67
CA ALA D 228 56.12 2.90 4.70
C ALA D 228 55.81 3.49 6.07
N LEU D 229 55.33 4.74 6.12
CA LEU D 229 54.98 5.35 7.40
C LEU D 229 53.82 4.64 8.06
N PHE D 230 52.77 4.35 7.29
CA PHE D 230 51.60 3.68 7.82
C PHE D 230 51.92 2.25 8.18
N LYS D 231 52.86 1.61 7.48
CA LYS D 231 53.26 0.29 7.90
C LYS D 231 54.15 0.35 9.14
N ALA D 232 54.91 1.43 9.31
CA ALA D 232 55.85 1.50 10.42
C ALA D 232 55.15 1.82 11.73
N ILE D 233 54.27 2.82 11.73
CA ILE D 233 53.61 3.21 12.97
C ILE D 233 52.45 2.28 13.31
N GLY D 234 52.03 1.43 12.38
CA GLY D 234 51.07 0.36 12.66
C GLY D 234 49.62 0.71 12.37
N VAL D 235 49.34 1.30 11.22
CA VAL D 235 48.05 1.89 10.91
C VAL D 235 47.54 1.32 9.61
N LYS D 236 46.29 0.86 9.61
CA LYS D 236 45.85 0.53 8.26
C LYS D 236 45.05 1.69 7.66
N PRO D 237 45.39 2.08 6.44
CA PRO D 237 44.75 3.23 5.83
C PRO D 237 43.36 2.85 5.34
N PRO D 238 42.45 3.82 5.21
CA PRO D 238 41.08 3.47 4.84
C PRO D 238 40.96 3.13 3.38
N ARG D 239 39.86 2.45 3.04
CA ARG D 239 39.64 1.96 1.70
C ARG D 239 38.51 2.69 1.01
N GLY D 240 37.63 3.35 1.73
CA GLY D 240 36.50 4.02 1.13
C GLY D 240 36.29 5.39 1.75
N ILE D 241 36.07 6.36 0.89
CA ILE D 241 35.75 7.72 1.32
C ILE D 241 34.48 8.11 0.62
N LEU D 242 33.53 8.66 1.35
CA LEU D 242 32.25 9.06 0.77
C LEU D 242 32.12 10.56 0.91
N LEU D 243 32.15 11.29 -0.20
CA LEU D 243 31.87 12.71 -0.20
C LEU D 243 30.37 12.87 -0.32
N TYR D 244 29.79 13.82 0.39
CA TYR D 244 28.37 14.10 0.21
C TYR D 244 28.08 15.57 0.42
N GLY D 245 26.93 16.01 -0.02
CA GLY D 245 26.55 17.40 0.08
C GLY D 245 25.26 17.66 -0.65
N PRO D 246 24.86 18.92 -0.75
CA PRO D 246 23.72 19.27 -1.58
C PRO D 246 24.10 19.25 -3.05
N PRO D 247 23.14 19.35 -3.97
CA PRO D 247 23.50 19.43 -5.38
C PRO D 247 24.17 20.75 -5.71
N GLY D 248 25.23 20.68 -6.49
CA GLY D 248 25.87 21.86 -6.99
C GLY D 248 27.06 22.34 -6.21
N THR D 249 27.53 21.60 -5.22
CA THR D 249 28.56 22.10 -4.33
C THR D 249 29.96 21.68 -4.70
N GLY D 250 30.18 21.14 -5.89
CA GLY D 250 31.55 20.88 -6.31
C GLY D 250 32.14 19.58 -5.81
N LYS D 251 31.53 18.45 -6.14
CA LYS D 251 32.10 17.16 -5.78
C LYS D 251 32.82 16.53 -6.94
N THR D 252 32.22 16.61 -8.14
CA THR D 252 32.90 16.19 -9.35
C THR D 252 34.10 17.06 -9.65
N LEU D 253 34.07 18.31 -9.20
CA LEU D 253 35.21 19.21 -9.38
C LEU D 253 36.39 18.78 -8.53
N ILE D 254 36.16 18.42 -7.27
CA ILE D 254 37.23 17.88 -6.42
C ILE D 254 37.72 16.55 -6.96
N ALA D 255 36.83 15.79 -7.58
CA ALA D 255 37.23 14.56 -8.25
C ALA D 255 38.22 14.81 -9.38
N ARG D 256 37.88 15.71 -10.30
CA ARG D 256 38.79 16.01 -11.40
C ARG D 256 40.05 16.70 -10.93
N ALA D 257 40.01 17.39 -9.79
CA ALA D 257 41.22 18.00 -9.27
C ALA D 257 42.19 16.95 -8.78
N VAL D 258 41.69 15.92 -8.10
CA VAL D 258 42.59 14.86 -7.67
C VAL D 258 43.02 14.03 -8.87
N ALA D 259 42.19 13.98 -9.90
CA ALA D 259 42.51 13.25 -11.13
C ALA D 259 43.62 13.92 -11.91
N ASN D 260 43.80 15.23 -11.73
CA ASN D 260 44.85 15.92 -12.45
C ASN D 260 46.08 16.14 -11.60
N GLU D 261 45.95 16.09 -10.28
CA GLU D 261 47.17 16.15 -9.49
C GLU D 261 47.83 14.78 -9.34
N THR D 262 47.10 13.82 -8.77
CA THR D 262 47.66 12.99 -7.68
C THR D 262 48.88 12.16 -8.09
N GLY D 263 49.10 11.94 -9.37
CA GLY D 263 50.20 11.08 -9.74
C GLY D 263 49.95 9.62 -9.48
N ALA D 264 48.70 9.22 -9.38
CA ALA D 264 48.30 7.83 -9.33
C ALA D 264 47.46 7.53 -10.55
N PHE D 265 47.27 6.26 -10.84
CA PHE D 265 46.35 5.88 -11.90
C PHE D 265 44.93 6.21 -11.48
N PHE D 266 44.17 6.82 -12.37
CA PHE D 266 42.82 7.27 -12.04
C PHE D 266 41.86 6.57 -12.98
N PHE D 267 40.77 6.04 -12.44
CA PHE D 267 39.74 5.44 -13.26
C PHE D 267 38.40 5.99 -12.80
N LEU D 268 37.50 6.27 -13.72
CA LEU D 268 36.24 6.93 -13.42
C LEU D 268 35.08 6.02 -13.79
N ILE D 269 34.10 5.93 -12.91
CA ILE D 269 32.87 5.18 -13.15
C ILE D 269 31.72 6.13 -12.94
N ASN D 270 30.81 6.21 -13.90
CA ASN D 270 29.59 6.98 -13.72
C ASN D 270 28.46 6.06 -13.32
N GLY D 271 27.50 6.60 -12.56
CA GLY D 271 26.30 5.86 -12.24
C GLY D 271 25.39 5.56 -13.41
N PRO D 272 24.88 6.58 -14.11
CA PRO D 272 24.00 6.31 -15.24
C PRO D 272 24.64 5.58 -16.39
N GLU D 273 25.94 5.70 -16.57
CA GLU D 273 26.59 4.99 -17.66
C GLU D 273 26.64 3.50 -17.40
N ILE D 274 26.79 3.10 -16.14
CA ILE D 274 26.71 1.69 -15.80
C ILE D 274 25.29 1.20 -15.90
N MET D 275 24.34 1.97 -15.39
CA MET D 275 22.98 1.44 -15.31
C MET D 275 22.23 1.58 -16.62
N SER D 276 22.83 2.21 -17.63
CA SER D 276 22.12 2.36 -18.88
C SER D 276 22.36 1.20 -19.81
N LYS D 277 23.25 0.30 -19.44
CA LYS D 277 23.62 -0.76 -20.35
C LYS D 277 22.79 -1.99 -20.11
N LEU D 278 22.90 -2.93 -21.04
CA LEU D 278 22.10 -4.14 -21.05
C LEU D 278 22.52 -5.03 -19.89
N ALA D 279 21.63 -5.92 -19.47
CA ALA D 279 21.89 -6.76 -18.32
C ALA D 279 23.02 -7.74 -18.60
N GLY D 280 23.98 -7.82 -17.68
CA GLY D 280 25.13 -8.64 -17.88
C GLY D 280 26.31 -7.94 -18.50
N GLU D 281 26.11 -6.75 -19.07
CA GLU D 281 27.21 -5.92 -19.52
C GLU D 281 27.65 -4.93 -18.46
N SER D 282 26.77 -4.59 -17.52
CA SER D 282 27.14 -3.64 -16.48
C SER D 282 28.02 -4.29 -15.41
N GLU D 283 27.77 -5.57 -15.09
CA GLU D 283 28.64 -6.25 -14.15
C GLU D 283 30.03 -6.46 -14.73
N SER D 284 30.10 -6.64 -16.04
CA SER D 284 31.40 -6.77 -16.66
C SER D 284 32.18 -5.46 -16.64
N ASN D 285 31.48 -4.33 -16.69
CA ASN D 285 32.19 -3.05 -16.58
C ASN D 285 32.70 -2.80 -15.18
N LEU D 286 31.93 -3.19 -14.15
CA LEU D 286 32.47 -3.10 -12.79
C LEU D 286 33.68 -4.00 -12.58
N ARG D 287 33.62 -5.24 -13.07
CA ARG D 287 34.75 -6.15 -12.87
C ARG D 287 35.98 -5.68 -13.63
N LYS D 288 35.80 -5.13 -14.84
CA LYS D 288 36.95 -4.65 -15.58
C LYS D 288 37.55 -3.42 -14.95
N ALA D 289 36.72 -2.58 -14.31
CA ALA D 289 37.26 -1.43 -13.60
C ALA D 289 38.16 -1.85 -12.46
N PHE D 290 37.71 -2.80 -11.63
CA PHE D 290 38.56 -3.13 -10.50
C PHE D 290 39.76 -3.97 -10.93
N GLU D 291 39.64 -4.74 -12.02
CA GLU D 291 40.79 -5.52 -12.47
C GLU D 291 41.85 -4.64 -13.10
N GLU D 292 41.45 -3.61 -13.84
CA GLU D 292 42.45 -2.69 -14.37
C GLU D 292 43.07 -1.84 -13.27
N ALA D 293 42.33 -1.58 -12.20
CA ALA D 293 42.92 -0.77 -11.14
C ALA D 293 43.88 -1.58 -10.28
N GLU D 294 43.57 -2.84 -10.03
CA GLU D 294 44.48 -3.66 -9.23
C GLU D 294 45.66 -4.13 -10.07
N LYS D 295 45.48 -4.20 -11.39
CA LYS D 295 46.56 -4.59 -12.28
C LYS D 295 47.63 -3.52 -12.38
N ASN D 296 47.20 -2.27 -12.44
CA ASN D 296 48.08 -1.12 -12.57
C ASN D 296 48.61 -0.68 -11.21
N ALA D 297 49.01 0.57 -11.18
CA ALA D 297 49.78 1.19 -10.12
C ALA D 297 48.97 1.32 -8.81
N PRO D 298 49.54 1.95 -7.78
CA PRO D 298 48.69 2.69 -6.85
C PRO D 298 47.63 3.49 -7.58
N ALA D 299 46.37 3.24 -7.24
CA ALA D 299 45.26 3.69 -8.07
C ALA D 299 44.22 4.38 -7.23
N ILE D 300 43.26 5.00 -7.91
CA ILE D 300 42.07 5.59 -7.30
C ILE D 300 40.90 5.22 -8.20
N ILE D 301 39.78 4.81 -7.62
CA ILE D 301 38.57 4.57 -8.37
C ILE D 301 37.51 5.54 -7.89
N PHE D 302 36.98 6.37 -8.76
CA PHE D 302 35.96 7.32 -8.36
C PHE D 302 34.63 6.87 -8.93
N ILE D 303 33.68 6.55 -8.06
CA ILE D 303 32.35 6.12 -8.45
C ILE D 303 31.41 7.30 -8.26
N ASP D 304 31.03 7.93 -9.35
CA ASP D 304 30.27 9.17 -9.28
C ASP D 304 28.79 8.83 -9.35
N GLU D 305 28.00 9.51 -8.53
CA GLU D 305 26.58 9.22 -8.31
C GLU D 305 26.38 7.77 -7.89
N LEU D 306 26.81 7.48 -6.67
CA LEU D 306 26.72 6.14 -6.12
C LEU D 306 25.27 5.73 -5.88
N ASP D 307 24.39 6.69 -5.60
CA ASP D 307 23.01 6.35 -5.26
C ASP D 307 22.17 6.05 -6.50
N ALA D 308 22.79 6.02 -7.67
CA ALA D 308 22.08 5.56 -8.85
C ALA D 308 22.31 4.09 -9.09
N ILE D 309 23.42 3.54 -8.59
CA ILE D 309 23.70 2.12 -8.81
C ILE D 309 23.55 1.30 -7.56
N ALA D 310 23.28 1.90 -6.41
CA ALA D 310 23.07 1.14 -5.17
C ALA D 310 22.10 1.81 -4.23
N PRO D 311 20.80 1.75 -4.50
CA PRO D 311 19.82 2.29 -3.56
C PRO D 311 19.46 1.27 -2.52
N LYS D 312 18.54 1.65 -1.64
CA LYS D 312 18.06 0.72 -0.61
C LYS D 312 17.23 -0.38 -1.24
N ARG D 313 17.29 -1.57 -0.66
CA ARG D 313 16.63 -2.72 -1.28
C ARG D 313 15.15 -2.78 -0.92
N GLU D 314 14.62 -1.74 -0.27
CA GLU D 314 13.18 -1.58 -0.23
C GLU D 314 12.68 -0.83 -1.46
N LYS D 315 13.57 -0.07 -2.09
CA LYS D 315 13.18 0.70 -3.27
C LYS D 315 13.43 -0.10 -4.53
N THR D 316 14.39 -1.02 -4.47
CA THR D 316 14.80 -1.77 -5.64
C THR D 316 13.78 -2.85 -5.96
N HIS D 317 13.34 -2.91 -7.22
CA HIS D 317 12.32 -3.88 -7.60
C HIS D 317 12.87 -4.95 -8.53
N GLY D 318 14.00 -4.72 -9.17
CA GLY D 318 14.45 -5.66 -10.16
C GLY D 318 15.18 -6.82 -9.53
N GLU D 319 15.57 -7.78 -10.35
CA GLU D 319 16.58 -8.73 -9.94
C GLU D 319 17.96 -8.25 -10.35
N VAL D 320 18.04 -7.56 -11.49
CA VAL D 320 19.32 -7.14 -12.02
C VAL D 320 19.93 -6.04 -11.17
N GLU D 321 19.09 -5.20 -10.56
CA GLU D 321 19.64 -4.13 -9.75
C GLU D 321 20.15 -4.63 -8.41
N ARG D 322 19.49 -5.65 -7.84
CA ARG D 322 20.02 -6.28 -6.66
C ARG D 322 21.28 -7.06 -6.95
N ARG D 323 21.40 -7.56 -8.18
CA ARG D 323 22.64 -8.23 -8.55
C ARG D 323 23.78 -7.25 -8.70
N ILE D 324 23.50 -6.03 -9.13
CA ILE D 324 24.57 -5.03 -9.24
C ILE D 324 25.02 -4.55 -7.87
N VAL D 325 24.09 -4.42 -6.93
CA VAL D 325 24.50 -4.04 -5.57
C VAL D 325 25.34 -5.13 -4.92
N SER D 326 24.96 -6.40 -5.10
CA SER D 326 25.73 -7.48 -4.51
C SER D 326 27.09 -7.65 -5.16
N GLN D 327 27.18 -7.38 -6.47
CA GLN D 327 28.46 -7.39 -7.17
C GLN D 327 29.39 -6.33 -6.62
N LEU D 328 28.87 -5.14 -6.35
CA LEU D 328 29.71 -4.07 -5.79
C LEU D 328 30.19 -4.41 -4.39
N LEU D 329 29.35 -5.05 -3.56
CA LEU D 329 29.80 -5.45 -2.23
C LEU D 329 30.92 -6.49 -2.29
N THR D 330 30.76 -7.48 -3.17
CA THR D 330 31.80 -8.48 -3.35
C THR D 330 33.11 -7.88 -3.86
N LEU D 331 33.04 -6.90 -4.75
CA LEU D 331 34.27 -6.31 -5.26
C LEU D 331 34.94 -5.42 -4.22
N MET D 332 34.16 -4.75 -3.37
CA MET D 332 34.73 -3.95 -2.30
C MET D 332 35.43 -4.80 -1.26
N ASP D 333 34.94 -6.01 -1.03
CA ASP D 333 35.57 -6.84 0.00
C ASP D 333 36.84 -7.49 -0.50
N GLY D 334 37.09 -7.49 -1.81
CA GLY D 334 38.29 -8.10 -2.33
C GLY D 334 39.53 -7.25 -2.20
N LEU D 335 39.38 -5.97 -1.88
CA LEU D 335 40.51 -5.08 -1.69
C LEU D 335 41.28 -5.46 -0.43
N LYS D 336 42.56 -5.75 -0.60
CA LYS D 336 43.43 -6.12 0.50
C LYS D 336 44.50 -5.05 0.70
N GLN D 337 45.21 -5.14 1.84
CA GLN D 337 46.24 -4.17 2.20
C GLN D 337 47.39 -4.18 1.19
N ARG D 338 47.62 -5.32 0.54
CA ARG D 338 48.64 -5.44 -0.48
C ARG D 338 48.33 -4.60 -1.71
N ALA D 339 47.06 -4.32 -1.98
CA ALA D 339 46.65 -3.88 -3.31
C ALA D 339 46.99 -2.42 -3.62
N HIS D 340 46.97 -1.53 -2.61
CA HIS D 340 47.16 -0.07 -2.76
C HIS D 340 46.11 0.57 -3.66
N VAL D 341 44.83 0.31 -3.38
CA VAL D 341 43.73 0.88 -4.15
C VAL D 341 42.81 1.60 -3.18
N ILE D 342 42.53 2.86 -3.46
CA ILE D 342 41.58 3.65 -2.70
C ILE D 342 40.34 3.80 -3.58
N VAL D 343 39.16 3.57 -3.01
CA VAL D 343 37.90 3.74 -3.71
C VAL D 343 37.22 4.93 -3.06
N MET D 344 36.79 5.90 -3.85
CA MET D 344 36.05 7.00 -3.26
C MET D 344 34.84 7.32 -4.11
N ALA D 345 33.75 7.74 -3.48
CA ALA D 345 32.48 7.85 -4.15
C ALA D 345 31.82 9.15 -3.76
N ALA D 346 30.85 9.59 -4.55
CA ALA D 346 30.23 10.87 -4.33
C ALA D 346 28.73 10.74 -4.48
N THR D 347 27.99 11.38 -3.60
CA THR D 347 26.55 11.30 -3.68
C THR D 347 25.98 12.58 -3.11
N ASN D 348 24.71 12.81 -3.36
CA ASN D 348 24.02 13.91 -2.72
C ASN D 348 22.81 13.48 -1.93
N ARG D 349 22.52 12.19 -1.91
CA ARG D 349 21.47 11.61 -1.08
C ARG D 349 22.11 10.57 -0.17
N PRO D 350 22.78 11.00 0.90
CA PRO D 350 23.57 10.08 1.73
C PRO D 350 22.75 9.12 2.57
N ASN D 351 21.43 9.24 2.59
CA ASN D 351 20.59 8.33 3.34
C ASN D 351 19.74 7.46 2.45
N SER D 352 20.00 7.46 1.15
CA SER D 352 19.35 6.51 0.26
C SER D 352 20.32 5.46 -0.22
N ILE D 353 21.54 5.50 0.22
CA ILE D 353 22.49 4.43 -0.05
C ILE D 353 22.14 3.25 0.84
N ASP D 354 22.22 2.05 0.27
CA ASP D 354 22.06 0.78 0.96
C ASP D 354 22.95 0.74 2.20
N PRO D 355 22.40 0.44 3.38
CA PRO D 355 23.20 0.57 4.61
C PRO D 355 24.30 -0.44 4.74
N ALA D 356 24.33 -1.47 3.90
CA ALA D 356 25.40 -2.44 3.96
C ALA D 356 26.69 -1.88 3.40
N LEU D 357 26.60 -0.82 2.60
CA LEU D 357 27.81 -0.21 2.04
C LEU D 357 28.47 0.73 3.00
N ARG D 358 27.78 1.20 4.02
CA ARG D 358 28.36 2.19 4.90
C ARG D 358 28.96 1.58 6.15
N ARG D 359 29.30 0.31 6.14
CA ARG D 359 29.81 -0.33 7.34
C ARG D 359 31.31 -0.33 7.35
N PHE D 360 31.88 -1.08 8.28
CA PHE D 360 33.30 -1.05 8.50
C PHE D 360 34.00 -1.85 7.43
N GLY D 361 35.02 -1.27 6.83
CA GLY D 361 35.72 -1.93 5.75
C GLY D 361 35.26 -1.57 4.38
N ARG D 362 34.14 -0.85 4.23
CA ARG D 362 33.67 -0.48 2.91
C ARG D 362 33.70 1.02 2.65
N PHE D 363 32.83 1.81 3.29
CA PHE D 363 32.75 3.26 3.05
C PHE D 363 32.67 3.95 4.39
N ASP D 364 33.63 3.66 5.26
CA ASP D 364 33.54 4.06 6.65
C ASP D 364 33.89 5.52 6.88
N ARG D 365 34.78 6.10 6.08
CA ARG D 365 35.09 7.53 6.21
C ARG D 365 34.06 8.33 5.44
N GLU D 366 33.73 9.53 5.93
CA GLU D 366 32.79 10.41 5.27
C GLU D 366 33.27 11.85 5.39
N VAL D 367 33.28 12.57 4.28
CA VAL D 367 33.69 13.96 4.22
C VAL D 367 32.52 14.78 3.75
N ASP D 368 32.13 15.78 4.52
CA ASP D 368 30.94 16.55 4.24
C ASP D 368 31.31 17.86 3.56
N ILE D 369 31.18 17.91 2.24
CA ILE D 369 31.24 19.15 1.48
C ILE D 369 29.94 19.86 1.78
N GLY D 370 29.99 21.15 2.12
CA GLY D 370 28.81 21.85 2.56
C GLY D 370 28.54 23.13 1.79
N ILE D 371 27.49 23.82 2.22
CA ILE D 371 27.13 25.12 1.63
C ILE D 371 28.10 26.17 2.10
N PRO D 372 28.64 27.03 1.22
CA PRO D 372 29.69 27.95 1.65
C PRO D 372 29.13 29.16 2.38
N ASP D 373 29.97 29.76 3.21
CA ASP D 373 29.67 31.05 3.83
C ASP D 373 30.22 32.19 2.99
N ALA D 374 30.17 33.40 3.54
CA ALA D 374 30.48 34.62 2.80
C ALA D 374 31.92 34.70 2.33
N THR D 375 32.84 34.23 3.19
CA THR D 375 34.24 34.16 2.80
C THR D 375 34.45 33.16 1.68
N GLY D 376 33.66 32.09 1.67
CA GLY D 376 33.73 31.15 0.56
C GLY D 376 33.14 31.69 -0.72
N ARG D 377 32.04 32.43 -0.62
CA ARG D 377 31.40 32.94 -1.82
C ARG D 377 32.26 33.97 -2.50
N LEU D 378 33.02 34.74 -1.73
CA LEU D 378 33.96 35.67 -2.34
C LEU D 378 35.04 34.95 -3.15
N GLU D 379 35.51 33.80 -2.66
CA GLU D 379 36.55 33.08 -3.39
C GLU D 379 36.00 32.42 -4.63
N ILE D 380 34.77 31.93 -4.58
CA ILE D 380 34.16 31.35 -5.77
C ILE D 380 33.93 32.41 -6.84
N LEU D 381 33.50 33.61 -6.44
CA LEU D 381 33.30 34.69 -7.40
C LEU D 381 34.63 35.16 -8.00
N GLN D 382 35.68 35.19 -7.20
CA GLN D 382 36.97 35.61 -7.74
C GLN D 382 37.57 34.56 -8.66
N ILE D 383 37.21 33.29 -8.49
CA ILE D 383 37.65 32.29 -9.46
C ILE D 383 36.87 32.42 -10.75
N HIS D 384 35.56 32.58 -10.68
CA HIS D 384 34.76 32.57 -11.91
C HIS D 384 34.93 33.83 -12.75
N THR D 385 35.23 34.96 -12.13
CA THR D 385 35.38 36.16 -12.93
C THR D 385 36.81 36.47 -13.30
N LYS D 386 37.66 35.47 -13.52
CA LYS D 386 39.06 35.77 -13.84
C LYS D 386 39.26 35.91 -15.35
N ASN D 387 38.22 35.62 -16.14
CA ASN D 387 38.36 35.80 -17.58
C ASN D 387 37.44 36.89 -18.09
N MET D 388 36.41 37.25 -17.31
CA MET D 388 35.58 38.38 -17.65
C MET D 388 36.36 39.67 -17.48
N LYS D 389 35.90 40.71 -18.16
CA LYS D 389 36.52 42.03 -18.08
C LYS D 389 35.61 42.93 -17.27
N LEU D 390 35.93 43.10 -16.01
CA LEU D 390 35.09 43.85 -15.09
C LEU D 390 35.39 45.33 -15.21
N ALA D 391 34.37 46.15 -15.04
CA ALA D 391 34.60 47.58 -14.90
C ALA D 391 35.14 47.87 -13.51
N ASP D 392 35.56 49.12 -13.29
CA ASP D 392 36.15 49.50 -12.01
C ASP D 392 35.10 49.66 -10.92
N ASP D 393 33.83 49.65 -11.30
CA ASP D 393 32.76 49.88 -10.34
C ASP D 393 32.50 48.64 -9.49
N VAL D 394 32.90 47.47 -9.99
CA VAL D 394 32.39 46.23 -9.44
C VAL D 394 33.10 45.86 -8.16
N ASP D 395 32.34 45.76 -7.07
CA ASP D 395 32.83 45.38 -5.76
C ASP D 395 32.30 44.00 -5.46
N LEU D 396 33.17 43.00 -5.45
CA LEU D 396 32.70 41.63 -5.30
C LEU D 396 32.33 41.30 -3.86
N GLU D 397 32.76 42.10 -2.89
CA GLU D 397 32.42 41.79 -1.51
C GLU D 397 30.97 42.13 -1.21
N GLN D 398 30.44 43.16 -1.87
CA GLN D 398 29.03 43.47 -1.75
C GLN D 398 28.16 42.36 -2.34
N VAL D 399 28.57 41.84 -3.50
CA VAL D 399 27.85 40.73 -4.11
C VAL D 399 27.96 39.50 -3.25
N ALA D 400 29.11 39.26 -2.65
CA ALA D 400 29.28 38.08 -1.81
C ALA D 400 28.49 38.18 -0.52
N ASN D 401 28.18 39.40 -0.09
CA ASN D 401 27.33 39.54 1.09
C ASN D 401 25.86 39.40 0.73
N GLU D 402 25.49 39.78 -0.49
CA GLU D 402 24.05 39.82 -0.80
C GLU D 402 23.52 38.47 -1.29
N THR D 403 24.40 37.55 -1.67
CA THR D 403 23.99 36.21 -2.11
C THR D 403 23.93 35.29 -0.91
N HIS D 404 22.73 34.85 -0.55
CA HIS D 404 22.54 34.23 0.76
C HIS D 404 22.44 32.71 0.67
N GLY D 405 21.55 32.18 -0.17
CA GLY D 405 21.35 30.76 -0.27
C GLY D 405 22.03 30.11 -1.44
N HIS D 406 23.04 30.73 -2.01
CA HIS D 406 23.66 30.26 -3.23
C HIS D 406 24.72 29.22 -2.92
N VAL D 407 24.91 28.29 -3.85
CA VAL D 407 26.01 27.34 -3.88
C VAL D 407 26.83 27.69 -5.11
N GLY D 408 27.87 26.91 -5.38
CA GLY D 408 28.84 27.30 -6.40
C GLY D 408 28.27 27.42 -7.81
N ALA D 409 27.37 26.52 -8.18
CA ALA D 409 26.80 26.58 -9.52
C ALA D 409 25.86 27.76 -9.66
N ASP D 410 25.26 28.20 -8.56
CA ASP D 410 24.43 29.39 -8.61
C ASP D 410 25.26 30.65 -8.82
N LEU D 411 26.48 30.68 -8.30
CA LEU D 411 27.33 31.83 -8.52
C LEU D 411 27.86 31.85 -9.95
N ALA D 412 28.07 30.66 -10.52
CA ALA D 412 28.42 30.61 -11.94
C ALA D 412 27.27 31.12 -12.82
N ALA D 413 26.04 30.73 -12.51
CA ALA D 413 24.91 31.23 -13.29
C ALA D 413 24.67 32.72 -13.07
N LEU D 414 25.03 33.22 -11.89
CA LEU D 414 24.95 34.66 -11.63
C LEU D 414 25.89 35.45 -12.52
N CYS D 415 27.15 35.00 -12.63
CA CYS D 415 28.09 35.69 -13.50
C CYS D 415 27.67 35.64 -14.96
N SER D 416 27.13 34.49 -15.39
CA SER D 416 26.67 34.38 -16.78
C SER D 416 25.50 35.31 -17.09
N GLU D 417 24.53 35.40 -16.18
CA GLU D 417 23.39 36.27 -16.40
C GLU D 417 23.78 37.74 -16.39
N ALA D 418 24.78 38.11 -15.57
CA ALA D 418 25.29 39.47 -15.59
C ALA D 418 25.90 39.83 -16.92
N ALA D 419 26.71 38.93 -17.48
CA ALA D 419 27.34 39.29 -18.75
C ALA D 419 26.33 39.30 -19.91
N LEU D 420 25.28 38.49 -19.82
CA LEU D 420 24.24 38.59 -20.86
C LEU D 420 23.45 39.88 -20.76
N GLN D 421 23.27 40.41 -19.55
CA GLN D 421 22.67 41.75 -19.41
C GLN D 421 23.56 42.82 -20.00
N ALA D 422 24.88 42.67 -19.83
CA ALA D 422 25.81 43.61 -20.45
C ALA D 422 25.77 43.53 -21.98
N ILE D 423 25.47 42.35 -22.52
CA ILE D 423 25.25 42.26 -23.98
C ILE D 423 23.98 42.97 -24.39
N ARG D 424 22.88 42.76 -23.66
CA ARG D 424 21.59 43.35 -24.03
C ARG D 424 21.60 44.87 -23.99
N LYS D 425 22.44 45.47 -23.14
CA LYS D 425 22.56 46.92 -23.20
C LYS D 425 23.27 47.41 -24.46
N LYS D 426 23.94 46.54 -25.19
CA LYS D 426 24.74 46.87 -26.36
C LYS D 426 24.06 46.28 -27.61
N MET D 427 22.75 46.37 -27.68
CA MET D 427 22.01 45.61 -28.67
C MET D 427 21.73 46.39 -29.94
N ASP D 428 21.70 47.72 -29.87
CA ASP D 428 21.43 48.54 -31.05
C ASP D 428 22.56 48.51 -32.08
N LEU D 429 23.75 48.06 -31.70
CA LEU D 429 24.85 47.87 -32.64
C LEU D 429 24.95 46.42 -33.12
N ILE D 430 24.75 45.45 -32.22
CA ILE D 430 24.86 44.04 -32.59
C ILE D 430 23.64 43.63 -33.39
N ASP D 431 23.86 43.02 -34.55
CA ASP D 431 22.78 42.54 -35.40
C ASP D 431 22.78 41.03 -35.42
N LEU D 432 21.62 40.43 -35.18
CA LEU D 432 21.46 39.00 -35.37
C LEU D 432 21.43 38.63 -36.86
N GLU D 433 21.03 39.58 -37.70
CA GLU D 433 20.88 39.32 -39.13
C GLU D 433 22.21 39.16 -39.85
N ASP D 434 23.29 39.75 -39.34
CA ASP D 434 24.52 39.87 -40.10
C ASP D 434 25.33 38.58 -39.99
N GLU D 435 26.58 38.64 -40.44
CA GLU D 435 27.50 37.52 -40.31
C GLU D 435 28.42 37.66 -39.12
N THR D 436 29.02 38.83 -38.91
CA THR D 436 30.00 39.01 -37.87
C THR D 436 29.80 40.35 -37.19
N ILE D 437 30.53 40.55 -36.10
CA ILE D 437 30.38 41.71 -35.23
C ILE D 437 31.67 42.53 -35.29
N ASP D 438 31.52 43.85 -35.22
CA ASP D 438 32.68 44.75 -35.20
C ASP D 438 33.57 44.48 -33.98
N ALA D 439 34.88 44.57 -34.18
CA ALA D 439 35.83 44.26 -33.13
C ALA D 439 35.81 45.31 -32.02
N GLU D 440 35.44 46.54 -32.34
CA GLU D 440 35.28 47.54 -31.29
C GLU D 440 34.07 47.23 -30.40
N VAL D 441 33.04 46.60 -30.97
CA VAL D 441 31.90 46.19 -30.16
C VAL D 441 32.28 45.01 -29.27
N MET D 442 33.11 44.10 -29.77
CA MET D 442 33.63 43.05 -28.90
C MET D 442 34.69 43.56 -27.93
N ASN D 443 35.20 44.77 -28.13
CA ASN D 443 36.13 45.33 -27.18
C ASN D 443 35.47 46.26 -26.18
N SER D 444 34.28 46.76 -26.50
CA SER D 444 33.54 47.66 -25.62
C SER D 444 32.60 46.92 -24.67
N LEU D 445 32.91 45.68 -24.32
CA LEU D 445 32.11 44.91 -23.38
C LEU D 445 32.81 44.91 -22.04
N ALA D 446 32.15 45.46 -21.03
CA ALA D 446 32.68 45.47 -19.68
C ALA D 446 31.52 45.47 -18.72
N VAL D 447 31.52 44.54 -17.78
CA VAL D 447 30.37 44.27 -16.94
C VAL D 447 30.42 45.20 -15.73
N THR D 448 29.36 45.95 -15.50
CA THR D 448 29.31 46.94 -14.43
C THR D 448 28.45 46.42 -13.29
N MET D 449 28.44 47.19 -12.19
CA MET D 449 27.71 46.79 -10.99
C MET D 449 26.20 46.82 -11.19
N ASP D 450 25.72 47.61 -12.16
CA ASP D 450 24.30 47.60 -12.48
C ASP D 450 23.87 46.26 -13.04
N ASP D 451 24.76 45.59 -13.78
CA ASP D 451 24.50 44.26 -14.31
C ASP D 451 24.43 43.23 -13.20
N PHE D 452 25.34 43.30 -12.24
CA PHE D 452 25.28 42.37 -11.12
C PHE D 452 24.08 42.62 -10.23
N ARG D 453 23.57 43.86 -10.18
CA ARG D 453 22.33 44.05 -9.45
C ARG D 453 21.11 43.51 -10.20
N TRP D 454 21.12 43.59 -11.54
CA TRP D 454 20.06 42.92 -12.29
C TRP D 454 20.09 41.42 -12.11
N ALA D 455 21.28 40.82 -12.26
CA ALA D 455 21.42 39.38 -12.19
C ALA D 455 21.12 38.87 -10.79
N LEU D 456 21.44 39.65 -9.79
CA LEU D 456 21.12 39.28 -8.43
C LEU D 456 19.66 39.49 -8.10
N SER D 457 18.99 40.40 -8.81
CA SER D 457 17.56 40.54 -8.64
C SER D 457 16.81 39.37 -9.25
N GLN D 458 17.33 38.77 -10.31
CA GLN D 458 16.60 37.74 -11.02
C GLN D 458 16.83 36.32 -10.51
N SER D 459 17.87 36.07 -9.72
CA SER D 459 18.29 34.70 -9.47
C SER D 459 17.45 34.07 -8.37
N ASN D 460 16.97 32.85 -8.63
CA ASN D 460 16.30 32.07 -7.60
C ASN D 460 17.23 30.95 -7.19
N PRO D 461 17.81 30.98 -6.01
CA PRO D 461 18.81 29.99 -5.62
C PRO D 461 18.16 28.68 -5.22
N SER D 462 19.01 27.73 -4.85
CA SER D 462 18.61 26.34 -4.63
C SER D 462 18.58 25.95 -3.17
N ALA D 463 19.48 26.49 -2.36
CA ALA D 463 19.67 26.04 -0.99
C ALA D 463 19.04 26.99 0.02
N LEU D 464 17.87 27.54 -0.28
CA LEU D 464 17.19 28.38 0.70
C LEU D 464 16.56 27.55 1.81
N ARG D 465 16.21 26.30 1.53
CA ARG D 465 15.45 25.49 2.47
C ARG D 465 16.37 24.51 3.20
N GLU D 466 17.61 24.94 3.39
CA GLU D 466 18.61 24.17 4.10
C GLU D 466 18.82 24.82 5.45
N THR D 467 19.46 24.11 6.38
CA THR D 467 19.75 24.72 7.66
C THR D 467 21.15 25.31 7.63
N VAL D 468 21.27 26.55 8.08
CA VAL D 468 22.50 27.31 8.04
C VAL D 468 23.31 26.97 9.29
N VAL D 469 24.55 26.54 9.11
CA VAL D 469 25.45 26.23 10.20
C VAL D 469 26.66 27.15 10.04
N GLU D 470 26.63 28.31 10.69
CA GLU D 470 27.72 29.26 10.54
C GLU D 470 28.04 29.86 11.88
N VAL D 471 29.12 30.62 11.94
CA VAL D 471 29.39 31.49 13.09
C VAL D 471 28.64 32.80 12.89
N PRO D 472 27.86 33.28 13.86
CA PRO D 472 27.02 34.44 13.60
C PRO D 472 27.81 35.74 13.62
N GLN D 473 27.12 36.83 13.32
CA GLN D 473 27.74 38.14 13.25
C GLN D 473 27.28 39.09 14.34
N VAL D 474 26.34 38.68 15.19
CA VAL D 474 25.88 39.55 16.26
C VAL D 474 26.91 39.55 17.38
N THR D 475 27.46 40.71 17.70
CA THR D 475 28.38 40.85 18.81
C THR D 475 27.60 41.13 20.08
N TRP D 476 28.33 41.43 21.16
CA TRP D 476 27.65 41.89 22.38
C TRP D 476 27.10 43.30 22.19
N GLU D 477 27.68 44.04 21.26
CA GLU D 477 27.44 45.48 21.17
C GLU D 477 26.05 45.77 20.61
N ASP D 478 25.45 44.80 19.93
CA ASP D 478 24.12 45.02 19.38
C ASP D 478 23.05 44.93 20.47
N ILE D 479 23.39 44.39 21.64
CA ILE D 479 22.41 44.21 22.69
C ILE D 479 22.57 45.31 23.73
N GLY D 480 21.45 45.88 24.14
CA GLY D 480 21.47 46.86 25.21
C GLY D 480 20.86 46.31 26.49
N GLY D 481 21.51 46.53 27.61
CA GLY D 481 21.05 45.97 28.84
C GLY D 481 21.47 44.52 28.97
N LEU D 482 20.91 43.87 30.00
CA LEU D 482 21.13 42.45 30.29
C LEU D 482 22.61 42.13 30.45
N GLU D 483 23.22 42.67 31.50
CA GLU D 483 24.66 42.53 31.68
C GLU D 483 24.99 41.40 32.66
N ASP D 484 24.08 41.17 33.62
CA ASP D 484 24.27 40.09 34.56
C ASP D 484 24.16 38.74 33.86
N VAL D 485 23.26 38.65 32.86
CA VAL D 485 23.16 37.39 32.12
C VAL D 485 24.33 37.26 31.16
N LYS D 486 24.97 38.36 30.78
CA LYS D 486 26.19 38.22 30.01
C LYS D 486 27.28 37.61 30.85
N ARG D 487 27.38 38.05 32.09
CA ARG D 487 28.39 37.49 32.99
C ARG D 487 28.08 36.04 33.33
N GLU D 488 26.80 35.69 33.38
CA GLU D 488 26.45 34.30 33.68
C GLU D 488 26.66 33.39 32.48
N LEU D 489 26.29 33.84 31.27
CA LEU D 489 26.43 32.99 30.08
C LEU D 489 27.88 32.76 29.73
N GLN D 490 28.76 33.74 30.01
CA GLN D 490 30.19 33.47 29.84
C GLN D 490 30.64 32.34 30.74
N GLU D 491 30.14 32.30 31.97
CA GLU D 491 30.58 31.31 32.94
C GLU D 491 29.98 29.94 32.63
N LEU D 492 28.83 29.92 31.96
CA LEU D 492 28.23 28.63 31.65
C LEU D 492 28.83 28.03 30.39
N VAL D 493 29.13 28.84 29.38
CA VAL D 493 29.58 28.30 28.10
C VAL D 493 31.09 28.30 27.98
N GLN D 494 31.75 29.42 28.22
CA GLN D 494 33.10 29.62 27.71
C GLN D 494 34.14 28.87 28.52
N TYR D 495 33.95 28.73 29.83
CA TYR D 495 35.00 28.08 30.63
C TYR D 495 35.16 26.57 30.46
N PRO D 496 34.12 25.75 30.24
CA PRO D 496 34.40 24.34 29.93
C PRO D 496 35.08 24.13 28.60
N VAL D 497 35.00 25.08 27.67
CA VAL D 497 35.80 24.97 26.46
C VAL D 497 37.23 25.40 26.74
N GLU D 498 37.42 26.53 27.42
CA GLU D 498 38.73 27.14 27.56
C GLU D 498 39.56 26.53 28.68
N HIS D 499 38.92 26.09 29.76
CA HIS D 499 39.63 25.57 30.93
C HIS D 499 39.02 24.22 31.28
N PRO D 500 39.52 23.16 30.68
CA PRO D 500 38.93 21.85 30.95
C PRO D 500 39.34 21.31 32.31
N ASP D 501 40.61 21.53 32.65
CA ASP D 501 41.21 20.85 33.79
C ASP D 501 40.77 21.44 35.12
N LYS D 502 40.27 22.68 35.11
CA LYS D 502 39.83 23.33 36.33
C LYS D 502 38.50 22.74 36.82
N PHE D 503 37.81 22.01 35.97
CA PHE D 503 36.67 21.20 36.38
C PHE D 503 37.11 19.83 36.87
N LEU D 504 38.36 19.45 36.60
CA LEU D 504 38.92 18.21 37.10
C LEU D 504 39.62 18.38 38.44
N LYS D 505 40.01 19.60 38.80
CA LYS D 505 40.50 19.85 40.14
C LYS D 505 39.42 19.54 41.16
N PHE D 506 38.26 20.15 41.00
CA PHE D 506 37.09 19.81 41.80
C PHE D 506 36.39 18.63 41.12
N GLY D 507 35.25 18.23 41.64
CA GLY D 507 34.58 17.07 41.07
C GLY D 507 33.37 17.45 40.26
N MET D 508 33.37 18.64 39.69
CA MET D 508 32.17 19.14 39.04
C MET D 508 32.18 18.81 37.55
N THR D 509 31.10 18.22 37.09
CA THR D 509 30.80 18.12 35.67
C THR D 509 29.95 19.32 35.28
N PRO D 510 30.30 20.04 34.23
CA PRO D 510 29.52 21.20 33.84
C PRO D 510 28.16 20.82 33.31
N SER D 511 27.23 21.77 33.37
CA SER D 511 25.90 21.51 32.84
C SER D 511 25.88 21.78 31.35
N LYS D 512 24.77 21.40 30.72
CA LYS D 512 24.65 21.54 29.28
C LYS D 512 23.51 22.44 28.84
N GLY D 513 22.52 22.68 29.67
CA GLY D 513 21.31 23.35 29.25
C GLY D 513 21.13 24.71 29.90
N VAL D 514 20.45 25.61 29.19
CA VAL D 514 19.97 26.90 29.68
C VAL D 514 18.57 27.06 29.10
N LEU D 515 17.64 27.56 29.90
CA LEU D 515 16.35 27.99 29.36
C LEU D 515 16.19 29.46 29.65
N PHE D 516 15.81 30.23 28.63
CA PHE D 516 15.40 31.61 28.81
C PHE D 516 13.89 31.67 28.67
N TYR D 517 13.21 32.34 29.60
CA TYR D 517 11.78 32.56 29.42
C TYR D 517 11.41 33.95 29.91
N GLY D 518 10.29 34.46 29.42
CA GLY D 518 9.85 35.78 29.78
C GLY D 518 8.75 36.31 28.88
N PRO D 519 8.57 37.62 28.90
CA PRO D 519 7.59 38.27 28.03
C PRO D 519 8.11 38.33 26.61
N PRO D 520 7.25 38.60 25.62
CA PRO D 520 7.74 38.76 24.25
C PRO D 520 8.61 39.99 24.07
N GLY D 521 9.36 40.01 22.99
CA GLY D 521 10.14 41.16 22.57
C GLY D 521 11.31 41.55 23.45
N CYS D 522 11.62 40.76 24.45
CA CYS D 522 12.58 41.18 25.46
C CYS D 522 14.04 41.00 25.04
N GLY D 523 14.30 40.27 23.96
CA GLY D 523 15.67 40.13 23.48
C GLY D 523 16.37 38.82 23.78
N LYS D 524 15.72 37.70 23.49
CA LYS D 524 16.29 36.42 23.90
C LYS D 524 17.16 35.79 22.80
N THR D 525 16.83 36.03 21.53
CA THR D 525 17.55 35.42 20.42
C THR D 525 18.95 36.02 20.26
N LEU D 526 19.07 37.30 20.52
CA LEU D 526 20.33 38.00 20.26
C LEU D 526 21.40 37.57 21.23
N LEU D 527 21.02 37.20 22.46
CA LEU D 527 21.99 36.72 23.44
C LEU D 527 22.58 35.39 23.01
N ALA D 528 21.73 34.50 22.49
CA ALA D 528 22.19 33.19 22.07
C ALA D 528 23.08 33.30 20.85
N LYS D 529 22.83 34.28 19.97
CA LYS D 529 23.78 34.47 18.88
C LYS D 529 25.07 35.11 19.37
N ALA D 530 24.97 35.97 20.38
CA ALA D 530 26.14 36.73 20.81
C ALA D 530 27.13 35.88 21.57
N ILE D 531 26.65 34.90 22.32
CA ILE D 531 27.57 34.01 23.02
C ILE D 531 28.30 33.09 22.03
N ALA D 532 27.63 32.73 20.94
CA ALA D 532 28.28 31.93 19.90
C ALA D 532 29.33 32.75 19.17
N ASN D 533 29.07 34.05 18.99
CA ASN D 533 30.10 34.91 18.42
C ASN D 533 31.26 35.09 19.38
N GLU D 534 30.98 35.10 20.68
CA GLU D 534 32.04 35.26 21.67
C GLU D 534 32.96 34.05 21.71
N CYS D 535 32.39 32.84 21.70
CA CYS D 535 33.20 31.63 21.84
C CYS D 535 33.74 31.10 20.52
N GLN D 536 33.39 31.71 19.40
CA GLN D 536 33.73 31.25 18.04
C GLN D 536 33.27 29.82 17.79
N ALA D 537 31.98 29.61 17.96
CA ALA D 537 31.34 28.31 17.78
C ALA D 537 30.31 28.40 16.67
N ASN D 538 29.90 27.25 16.16
CA ASN D 538 28.86 27.22 15.16
C ASN D 538 27.51 27.48 15.82
N PHE D 539 26.48 27.67 15.02
CA PHE D 539 25.19 28.07 15.56
C PHE D 539 24.09 27.52 14.69
N ILE D 540 23.37 26.53 15.20
CA ILE D 540 22.22 25.95 14.52
C ILE D 540 20.97 26.47 15.20
N SER D 541 20.04 26.99 14.44
CA SER D 541 18.81 27.55 14.98
C SER D 541 17.62 26.77 14.49
N ILE D 542 16.73 26.40 15.40
CA ILE D 542 15.55 25.59 15.12
C ILE D 542 14.35 26.39 15.60
N LYS D 543 13.24 26.30 14.88
CA LYS D 543 11.98 26.87 15.32
C LYS D 543 10.91 25.81 15.31
N GLY D 544 10.08 25.79 16.38
CA GLY D 544 8.91 24.95 16.47
C GLY D 544 7.97 24.93 15.29
N PRO D 545 7.70 26.07 14.63
CA PRO D 545 7.05 26.02 13.31
C PRO D 545 7.77 25.18 12.28
N GLU D 546 9.11 25.21 12.29
CA GLU D 546 9.89 24.46 11.33
C GLU D 546 9.92 22.98 11.68
N LEU D 547 9.51 22.63 12.90
CA LEU D 547 9.61 21.25 13.34
C LEU D 547 8.24 20.58 13.42
N LEU D 548 7.17 21.37 13.39
CA LEU D 548 5.85 20.82 13.17
C LEU D 548 5.58 20.63 11.69
N THR D 549 6.28 21.39 10.85
CA THR D 549 6.34 21.10 9.43
C THR D 549 7.50 20.15 9.19
N MET D 550 7.36 19.26 8.19
CA MET D 550 8.35 18.21 7.85
C MET D 550 8.58 17.25 9.02
N TRP D 551 7.59 17.08 9.86
CA TRP D 551 7.48 15.91 10.71
C TRP D 551 6.39 14.96 10.24
N PHE D 552 5.27 15.49 9.76
CA PHE D 552 4.14 14.65 9.36
C PHE D 552 4.50 13.78 8.16
N GLY D 553 5.48 14.20 7.35
CA GLY D 553 5.95 13.37 6.26
C GLY D 553 7.05 12.40 6.68
N GLU D 554 7.99 12.86 7.52
CA GLU D 554 9.05 12.01 8.04
C GLU D 554 8.94 12.00 9.56
N SER D 555 8.37 10.92 10.09
CA SER D 555 7.83 10.96 11.45
C SER D 555 8.91 10.76 12.51
N GLU D 556 10.06 10.18 12.15
CA GLU D 556 11.07 9.91 13.15
C GLU D 556 12.44 10.48 12.84
N ALA D 557 12.72 10.90 11.61
CA ALA D 557 14.09 11.14 11.22
C ALA D 557 14.55 12.54 11.57
N ASN D 558 13.61 13.49 11.68
CA ASN D 558 13.94 14.92 11.65
C ASN D 558 14.77 15.33 12.86
N VAL D 559 14.34 14.94 14.05
CA VAL D 559 15.02 15.40 15.25
C VAL D 559 16.31 14.63 15.47
N ARG D 560 16.40 13.40 14.94
CA ARG D 560 17.70 12.72 14.93
C ARG D 560 18.67 13.39 13.98
N GLU D 561 18.19 13.91 12.85
CA GLU D 561 19.08 14.56 11.89
C GLU D 561 19.63 15.85 12.45
N ILE D 562 18.81 16.61 13.19
CA ILE D 562 19.29 17.86 13.78
C ILE D 562 20.40 17.60 14.79
N PHE D 563 20.20 16.63 15.69
CA PHE D 563 21.21 16.37 16.70
C PHE D 563 22.44 15.71 16.12
N ASP D 564 22.30 14.93 15.06
CA ASP D 564 23.49 14.38 14.41
C ASP D 564 24.30 15.47 13.72
N LYS D 565 23.62 16.45 13.14
CA LYS D 565 24.32 17.54 12.48
C LYS D 565 24.99 18.45 13.49
N ALA D 566 24.38 18.61 14.65
CA ALA D 566 25.00 19.39 15.71
C ALA D 566 26.18 18.65 16.33
N ARG D 567 26.10 17.33 16.40
CA ARG D 567 27.24 16.57 16.91
C ARG D 567 28.39 16.58 15.92
N GLN D 568 28.08 16.58 14.64
CA GLN D 568 29.11 16.60 13.62
C GLN D 568 29.81 17.95 13.57
N ALA D 569 29.09 19.03 13.77
CA ALA D 569 29.72 20.34 13.68
C ALA D 569 30.16 20.91 15.01
N ALA D 570 30.62 20.08 15.96
CA ALA D 570 30.97 20.56 17.28
C ALA D 570 32.26 21.37 17.24
N PRO D 571 32.43 22.37 18.13
CA PRO D 571 31.57 22.92 19.17
C PRO D 571 30.51 23.85 18.64
N CYS D 572 29.25 23.69 19.07
CA CYS D 572 28.21 24.57 18.61
C CYS D 572 27.17 24.73 19.69
N VAL D 573 26.45 25.85 19.64
CA VAL D 573 25.29 26.06 20.47
C VAL D 573 24.07 25.73 19.63
N LEU D 574 23.24 24.83 20.13
CA LEU D 574 22.06 24.38 19.42
C LEU D 574 20.86 25.07 20.01
N PHE D 575 20.33 26.04 19.30
CA PHE D 575 19.34 26.95 19.85
C PHE D 575 17.97 26.55 19.40
N PHE D 576 17.19 25.96 20.31
CA PHE D 576 15.77 25.76 20.11
C PHE D 576 15.07 27.06 20.42
N ASP D 577 13.90 27.24 19.85
CA ASP D 577 13.23 28.52 19.92
C ASP D 577 11.75 28.30 19.65
N GLU D 578 10.94 29.20 20.18
CA GLU D 578 9.48 29.24 19.97
C GLU D 578 8.81 27.94 20.42
N LEU D 579 9.07 27.54 21.67
CA LEU D 579 8.56 26.26 22.15
C LEU D 579 7.06 26.29 22.41
N ASP D 580 6.47 27.49 22.41
CA ASP D 580 5.05 27.61 22.67
C ASP D 580 4.21 27.06 21.52
N SER D 581 4.75 27.02 20.30
CA SER D 581 3.96 26.49 19.19
C SER D 581 3.81 24.99 19.30
N ILE D 582 4.85 24.29 19.74
CA ILE D 582 4.74 22.87 20.03
C ILE D 582 3.83 22.66 21.23
N ALA D 583 3.99 23.50 22.24
CA ALA D 583 3.22 23.32 23.46
C ALA D 583 1.75 23.66 23.28
N LYS D 584 1.43 24.46 22.26
CA LYS D 584 0.07 24.95 22.11
C LYS D 584 -0.63 24.26 20.95
N ALA D 585 0.13 23.57 20.09
CA ALA D 585 -0.46 22.70 19.08
C ALA D 585 -0.62 21.28 19.60
N ARG D 586 0.11 20.93 20.65
CA ARG D 586 -0.06 19.60 21.20
C ARG D 586 -0.56 19.62 22.65
N GLY D 587 -0.04 20.53 23.48
CA GLY D 587 -0.46 20.58 24.87
C GLY D 587 -1.71 21.41 25.11
N GLY D 588 -1.96 22.40 24.25
CA GLY D 588 -3.26 23.07 24.29
C GLY D 588 -3.27 24.35 25.10
N ASN D 589 -4.35 25.11 24.95
CA ASN D 589 -4.43 26.43 25.60
C ASN D 589 -4.83 26.32 27.06
N ILE D 590 -6.06 25.85 27.32
CA ILE D 590 -6.55 25.65 28.68
C ILE D 590 -6.40 24.22 29.13
N GLY D 591 -5.57 23.45 28.45
CA GLY D 591 -5.55 22.02 28.60
C GLY D 591 -6.60 21.36 27.72
N ASP D 592 -6.31 20.12 27.35
CA ASP D 592 -7.20 19.34 26.50
C ASP D 592 -6.89 17.87 26.74
N GLY D 593 -7.33 17.02 25.81
CA GLY D 593 -7.03 15.60 25.92
C GLY D 593 -5.56 15.27 25.69
N GLY D 594 -4.83 16.19 25.07
CA GLY D 594 -3.41 15.98 24.90
C GLY D 594 -2.67 16.17 26.21
N GLY D 595 -1.40 15.74 26.23
CA GLY D 595 -0.63 15.81 27.46
C GLY D 595 0.12 17.12 27.62
N ALA D 596 0.70 17.29 28.81
CA ALA D 596 1.72 18.32 29.00
C ALA D 596 3.02 17.89 28.34
N ALA D 597 3.23 16.59 28.22
CA ALA D 597 4.30 16.09 27.38
C ALA D 597 3.83 16.00 25.93
N ASP D 598 4.70 16.41 25.01
CA ASP D 598 4.38 16.50 23.60
C ASP D 598 5.32 15.59 22.82
N ARG D 599 4.82 15.05 21.69
CA ARG D 599 5.54 14.00 20.96
C ARG D 599 6.90 14.49 20.45
N VAL D 600 6.93 15.69 19.88
CA VAL D 600 8.18 16.28 19.43
C VAL D 600 9.09 16.55 20.61
N ILE D 601 8.53 17.09 21.69
CA ILE D 601 9.37 17.40 22.84
C ILE D 601 9.76 16.12 23.57
N ASN D 602 9.00 15.04 23.36
CA ASN D 602 9.38 13.73 23.88
C ASN D 602 10.63 13.23 23.19
N GLN D 603 10.63 13.25 21.86
CA GLN D 603 11.78 12.78 21.11
C GLN D 603 12.99 13.70 21.31
N ILE D 604 12.74 14.98 21.60
CA ILE D 604 13.82 15.89 21.98
C ILE D 604 14.46 15.48 23.30
N LEU D 605 13.65 15.08 24.28
CA LEU D 605 14.20 14.64 25.55
C LEU D 605 14.99 13.35 25.40
N THR D 606 14.51 12.44 24.57
CA THR D 606 15.24 11.20 24.30
C THR D 606 16.58 11.48 23.65
N GLU D 607 16.63 12.43 22.70
CA GLU D 607 17.89 12.74 22.06
C GLU D 607 18.82 13.50 22.97
N MET D 608 18.27 14.21 23.95
CA MET D 608 19.11 15.03 24.82
C MET D 608 19.72 14.18 25.93
N ASP D 609 19.08 13.07 26.28
CA ASP D 609 19.68 12.18 27.26
C ASP D 609 20.92 11.48 26.72
N GLY D 610 20.82 10.87 25.56
CA GLY D 610 21.95 10.13 25.01
C GLY D 610 22.96 11.00 24.31
N MET D 611 23.54 11.94 25.03
CA MET D 611 24.53 12.86 24.48
C MET D 611 25.75 12.89 25.37
N SER D 612 26.89 12.51 24.80
CA SER D 612 28.12 12.33 25.57
C SER D 612 28.77 13.66 25.89
N THR D 613 29.32 13.75 27.10
CA THR D 613 29.87 15.01 27.60
C THR D 613 31.23 15.34 27.01
N LYS D 614 31.88 14.39 26.34
CA LYS D 614 33.13 14.68 25.65
C LYS D 614 32.92 15.67 24.52
N LYS D 615 31.75 15.64 23.90
CA LYS D 615 31.36 16.65 22.95
C LYS D 615 31.15 17.98 23.65
N ASN D 616 31.23 19.06 22.88
CA ASN D 616 30.97 20.39 23.40
C ASN D 616 29.74 20.98 22.75
N VAL D 617 28.67 20.21 22.66
CA VAL D 617 27.41 20.71 22.16
C VAL D 617 26.61 21.24 23.33
N PHE D 618 26.18 22.49 23.23
CA PHE D 618 25.51 23.20 24.30
C PHE D 618 24.12 23.58 23.83
N ILE D 619 23.11 23.35 24.64
CA ILE D 619 21.71 23.49 24.22
C ILE D 619 21.07 24.65 24.96
N ILE D 620 20.38 25.53 24.24
CA ILE D 620 19.73 26.71 24.79
C ILE D 620 18.29 26.72 24.32
N GLY D 621 17.35 26.98 25.22
CA GLY D 621 15.96 27.05 24.83
C GLY D 621 15.35 28.42 25.03
N ALA D 622 14.13 28.62 24.56
CA ALA D 622 13.42 29.88 24.72
C ALA D 622 11.93 29.66 24.55
N THR D 623 11.14 30.23 25.46
CA THR D 623 9.70 30.25 25.33
C THR D 623 9.15 31.49 26.01
N ASN D 624 7.99 31.94 25.54
CA ASN D 624 7.31 33.05 26.18
C ASN D 624 5.93 32.67 26.71
N ARG D 625 5.65 31.38 26.82
CA ARG D 625 4.44 30.86 27.44
C ARG D 625 4.87 29.82 28.48
N PRO D 626 5.38 30.24 29.63
CA PRO D 626 6.00 29.25 30.53
C PRO D 626 5.02 28.40 31.33
N ASP D 627 3.71 28.50 31.09
CA ASP D 627 2.77 27.74 31.91
C ASP D 627 2.46 26.39 31.30
N ILE D 628 2.33 26.31 29.97
CA ILE D 628 2.02 25.06 29.32
C ILE D 628 3.27 24.28 28.93
N ILE D 629 4.43 24.65 29.49
CA ILE D 629 5.67 23.94 29.22
C ILE D 629 5.59 22.54 29.79
N ASP D 630 6.29 21.61 29.16
CA ASP D 630 6.36 20.24 29.66
C ASP D 630 7.14 20.23 30.98
N PRO D 631 6.65 19.54 32.01
CA PRO D 631 7.48 19.38 33.20
C PRO D 631 8.68 18.49 32.99
N ALA D 632 8.62 17.61 32.00
CA ALA D 632 9.67 16.61 31.82
C ALA D 632 10.90 17.22 31.17
N ILE D 633 10.78 18.41 30.59
CA ILE D 633 11.96 19.13 30.10
C ILE D 633 12.85 19.51 31.26
N LEU D 634 12.27 19.99 32.32
CA LEU D 634 13.04 20.50 33.45
C LEU D 634 13.28 19.34 34.40
N ARG D 635 14.52 18.88 34.43
CA ARG D 635 15.03 17.85 35.37
C ARG D 635 16.57 17.90 35.30
N PRO D 636 17.35 17.62 36.37
CA PRO D 636 18.82 17.63 36.23
C PRO D 636 19.33 16.68 35.15
N GLY D 637 20.32 17.14 34.39
CA GLY D 637 20.80 16.42 33.23
C GLY D 637 20.14 16.81 31.93
N ARG D 638 19.34 17.87 31.95
CA ARG D 638 18.62 18.42 30.83
C ARG D 638 18.70 19.92 30.98
N LEU D 639 17.76 20.66 30.42
CA LEU D 639 17.73 22.13 30.55
C LEU D 639 17.57 22.49 32.02
N ASP D 640 18.68 22.91 32.64
CA ASP D 640 18.72 23.15 34.08
C ASP D 640 18.61 24.61 34.46
N GLN D 641 19.52 25.43 33.95
CA GLN D 641 19.69 26.77 34.49
C GLN D 641 18.60 27.72 34.05
N LEU D 642 17.48 27.76 34.76
CA LEU D 642 16.37 28.64 34.39
C LEU D 642 16.78 30.10 34.57
N ILE D 643 16.65 30.90 33.52
CA ILE D 643 16.89 32.33 33.59
C ILE D 643 15.65 33.05 33.06
N TYR D 644 15.04 33.87 33.91
CA TYR D 644 13.92 34.72 33.53
C TYR D 644 14.49 36.03 32.99
N ILE D 645 14.07 36.41 31.78
CA ILE D 645 14.53 37.66 31.16
C ILE D 645 13.38 38.66 31.23
N PRO D 646 13.53 39.77 31.96
CA PRO D 646 12.40 40.64 32.27
C PRO D 646 12.25 41.76 31.26
N LEU D 647 11.27 42.63 31.52
CA LEU D 647 11.15 43.87 30.73
C LEU D 647 12.31 44.79 31.09
N PRO D 648 12.82 45.58 30.13
CA PRO D 648 14.01 46.38 30.41
C PRO D 648 13.69 47.60 31.26
N ASP D 649 14.68 48.04 32.04
CA ASP D 649 14.56 49.25 32.83
C ASP D 649 14.87 50.47 31.96
N GLU D 650 14.83 51.66 32.56
CA GLU D 650 14.90 52.87 31.74
C GLU D 650 16.31 53.12 31.23
N LYS D 651 17.34 52.74 31.99
CA LYS D 651 18.69 52.80 31.46
C LYS D 651 18.93 51.70 30.45
N SER D 652 18.27 50.55 30.65
CA SER D 652 18.25 49.52 29.62
C SER D 652 17.53 50.01 28.37
N ARG D 653 16.50 50.84 28.53
CA ARG D 653 15.81 51.38 27.37
C ARG D 653 16.65 52.41 26.64
N VAL D 654 17.45 53.18 27.38
CA VAL D 654 18.39 54.09 26.74
C VAL D 654 19.46 53.32 25.98
N ALA D 655 19.92 52.19 26.54
CA ALA D 655 20.91 51.37 25.85
C ALA D 655 20.33 50.73 24.59
N ILE D 656 19.08 50.27 24.64
CA ILE D 656 18.39 49.72 23.46
C ILE D 656 18.26 50.77 22.36
N LEU D 657 17.85 51.99 22.72
CA LEU D 657 17.69 53.04 21.71
C LEU D 657 19.03 53.52 21.18
N LYS D 658 20.09 53.43 21.96
CA LYS D 658 21.41 53.67 21.40
C LYS D 658 21.82 52.54 20.47
N ALA D 659 21.31 51.34 20.72
CA ALA D 659 21.68 50.19 19.89
C ALA D 659 21.02 50.22 18.52
N ASN D 660 19.73 50.56 18.46
CA ASN D 660 19.03 50.51 17.17
C ASN D 660 19.46 51.65 16.24
N LEU D 661 19.94 52.76 16.80
CA LEU D 661 20.16 53.99 16.05
C LEU D 661 21.55 54.14 15.48
N ARG D 662 22.31 53.06 15.31
CA ARG D 662 23.70 53.22 14.91
C ARG D 662 23.85 53.26 13.39
N LYS D 663 22.91 52.65 12.67
CA LYS D 663 23.01 52.66 11.22
C LYS D 663 22.57 53.99 10.63
N SER D 664 21.56 54.61 11.23
CA SER D 664 21.08 55.84 10.62
C SER D 664 21.70 57.05 11.31
N PRO D 665 22.01 58.10 10.56
CA PRO D 665 22.53 59.32 11.19
C PRO D 665 21.40 60.16 11.76
N VAL D 666 21.55 60.56 13.02
CA VAL D 666 20.62 61.47 13.67
C VAL D 666 21.37 62.72 14.12
N ALA D 667 20.62 63.72 14.53
CA ALA D 667 21.16 65.02 14.88
C ALA D 667 21.47 65.09 16.37
N LYS D 668 21.91 66.27 16.79
CA LYS D 668 22.29 66.52 18.17
C LYS D 668 21.15 67.12 18.98
N ASP D 669 19.99 67.32 18.37
CA ASP D 669 18.83 67.92 19.04
C ASP D 669 17.99 66.88 19.78
N VAL D 670 18.29 65.61 19.60
CA VAL D 670 17.45 64.54 20.12
C VAL D 670 17.91 64.19 21.54
N ASP D 671 16.93 63.87 22.40
CA ASP D 671 17.18 63.42 23.76
C ASP D 671 16.60 62.01 23.91
N LEU D 672 17.46 61.06 24.25
CA LEU D 672 17.00 59.69 24.39
C LEU D 672 16.52 59.39 25.80
N GLU D 673 16.95 60.17 26.79
CA GLU D 673 16.59 59.90 28.18
C GLU D 673 15.12 60.20 28.43
N PHE D 674 14.65 61.35 27.96
CA PHE D 674 13.23 61.69 28.02
C PHE D 674 12.39 60.70 27.22
N LEU D 675 12.93 60.24 26.09
CA LEU D 675 12.20 59.32 25.24
C LEU D 675 12.07 57.94 25.88
N ALA D 676 13.04 57.54 26.70
CA ALA D 676 12.87 56.33 27.49
C ALA D 676 12.02 56.55 28.74
N LYS D 677 11.99 57.77 29.26
CA LYS D 677 11.12 58.08 30.40
C LYS D 677 9.66 58.21 30.00
N MET D 678 9.37 58.34 28.71
CA MET D 678 7.98 58.28 28.27
C MET D 678 7.44 56.85 28.22
N THR D 679 8.27 55.90 27.77
CA THR D 679 7.85 54.51 27.62
C THR D 679 7.92 53.79 28.97
N ASN D 680 6.90 53.00 29.29
CA ASN D 680 6.84 52.29 30.57
C ASN D 680 6.92 50.78 30.44
N GLY D 681 5.96 50.15 29.75
CA GLY D 681 5.95 48.73 29.51
C GLY D 681 6.44 48.34 28.14
N PHE D 682 7.20 49.22 27.49
CA PHE D 682 7.60 49.04 26.11
C PHE D 682 8.87 48.22 26.02
N SER D 683 8.85 47.19 25.18
CA SER D 683 9.92 46.23 25.01
C SER D 683 10.98 46.78 24.05
N GLY D 684 11.89 45.91 23.62
CA GLY D 684 12.85 46.32 22.61
C GLY D 684 12.24 46.38 21.23
N ALA D 685 11.25 45.52 20.97
CA ALA D 685 10.55 45.54 19.69
C ALA D 685 9.77 46.82 19.49
N ASP D 686 9.23 47.36 20.58
CA ASP D 686 8.47 48.60 20.49
C ASP D 686 9.38 49.80 20.26
N LEU D 687 10.54 49.80 20.89
CA LEU D 687 11.49 50.88 20.67
C LEU D 687 12.08 50.82 19.27
N THR D 688 12.23 49.61 18.73
CA THR D 688 12.68 49.49 17.35
C THR D 688 11.57 49.94 16.39
N GLU D 689 10.32 49.70 16.75
CA GLU D 689 9.18 50.19 15.98
C GLU D 689 9.16 51.70 15.94
N ILE D 690 9.45 52.35 17.06
CA ILE D 690 9.51 53.82 17.11
C ILE D 690 10.61 54.36 16.20
N CYS D 691 11.81 53.79 16.28
CA CYS D 691 12.91 54.24 15.42
C CYS D 691 12.61 54.03 13.94
N GLN D 692 11.94 52.92 13.62
CA GLN D 692 11.62 52.62 12.23
C GLN D 692 10.55 53.57 11.70
N ARG D 693 9.58 53.92 12.56
CA ARG D 693 8.58 54.95 12.22
C ARG D 693 9.23 56.29 11.93
N ALA D 694 10.23 56.67 12.73
CA ALA D 694 10.91 57.94 12.51
C ALA D 694 11.67 57.96 11.19
N CYS D 695 12.32 56.85 10.85
CA CYS D 695 13.05 56.80 9.58
C CYS D 695 12.09 56.85 8.40
N LYS D 696 10.90 56.26 8.55
CA LYS D 696 9.94 56.30 7.46
C LYS D 696 9.40 57.71 7.25
N LEU D 697 9.19 58.46 8.33
CA LEU D 697 8.76 59.86 8.20
C LEU D 697 9.81 60.72 7.52
N ALA D 698 11.09 60.48 7.85
CA ALA D 698 12.15 61.24 7.20
C ALA D 698 12.22 60.95 5.70
N ILE D 699 11.99 59.70 5.31
CA ILE D 699 12.03 59.35 3.89
C ILE D 699 10.86 59.98 3.14
N ARG D 700 9.69 60.07 3.81
CA ARG D 700 8.55 60.75 3.20
C ARG D 700 8.86 62.22 2.90
N GLU D 701 9.43 62.93 3.89
CA GLU D 701 9.80 64.34 3.68
C GLU D 701 10.84 64.50 2.58
N SER D 702 11.80 63.56 2.48
CA SER D 702 12.81 63.66 1.45
C SER D 702 12.23 63.51 0.05
N ILE D 703 11.30 62.57 -0.13
CA ILE D 703 10.75 62.35 -1.47
C ILE D 703 9.83 63.50 -1.86
N GLU D 704 9.05 64.01 -0.91
CA GLU D 704 8.18 65.15 -1.19
C GLU D 704 8.97 66.42 -1.52
N SER D 705 10.13 66.61 -0.87
CA SER D 705 10.98 67.75 -1.20
C SER D 705 11.57 67.63 -2.60
N GLU D 706 12.00 66.42 -2.98
CA GLU D 706 12.51 66.24 -4.34
C GLU D 706 11.43 66.46 -5.39
N ILE D 707 10.19 66.11 -5.08
CA ILE D 707 9.09 66.35 -6.03
C ILE D 707 8.84 67.85 -6.20
N ARG D 708 8.91 68.62 -5.10
CA ARG D 708 8.76 70.08 -5.24
C ARG D 708 9.91 70.69 -6.04
N ARG D 709 11.14 70.19 -5.88
CA ARG D 709 12.25 70.71 -6.67
C ARG D 709 12.10 70.40 -8.15
N GLU D 710 11.68 69.18 -8.48
CA GLU D 710 11.51 68.80 -9.88
C GLU D 710 10.36 69.55 -10.54
N ARG D 711 9.29 69.82 -9.78
CA ARG D 711 8.19 70.60 -10.35
C ARG D 711 8.58 72.07 -10.52
N GLU D 712 9.41 72.61 -9.62
CA GLU D 712 9.90 73.97 -9.79
C GLU D 712 10.83 74.09 -10.99
N ARG D 713 11.69 73.08 -11.22
CA ARG D 713 12.50 73.05 -12.44
C ARG D 713 11.65 72.89 -13.69
N GLN D 714 10.52 72.17 -13.59
CA GLN D 714 9.61 72.08 -14.72
C GLN D 714 8.91 73.42 -14.97
N THR D 715 8.72 74.23 -13.92
CA THR D 715 8.01 75.50 -14.06
C THR D 715 8.81 76.50 -14.89
N ASN D 716 10.12 76.61 -14.65
CA ASN D 716 10.98 77.51 -15.41
C ASN D 716 12.15 76.72 -15.99
N PRO D 717 11.92 75.93 -17.06
CA PRO D 717 13.00 75.09 -17.58
C PRO D 717 13.95 75.85 -18.49
N SER D 718 13.67 77.13 -18.71
CA SER D 718 14.53 77.97 -19.55
C SER D 718 15.88 78.24 -18.91
N ALA D 719 15.93 78.40 -17.59
CA ALA D 719 17.19 78.64 -16.89
C ALA D 719 17.78 77.34 -16.34
N MET D 720 17.07 76.69 -15.41
CA MET D 720 17.50 75.49 -14.67
C MET D 720 18.88 75.71 -14.05
N GLU D 721 18.94 76.64 -13.10
CA GLU D 721 20.21 77.14 -12.59
C GLU D 721 20.37 77.05 -11.08
N VAL D 722 19.59 76.21 -10.39
CA VAL D 722 19.66 76.18 -8.94
C VAL D 722 20.92 75.44 -8.46
N GLU D 723 21.17 74.24 -8.99
CA GLU D 723 22.31 73.36 -8.63
C GLU D 723 22.37 73.12 -7.12
N GLU D 724 21.26 72.60 -6.60
CA GLU D 724 21.08 72.52 -5.16
C GLU D 724 21.92 71.40 -4.56
N ASP D 725 22.05 71.45 -3.24
CA ASP D 725 22.67 70.42 -2.44
C ASP D 725 21.60 69.55 -1.80
N ASP D 726 22.01 68.68 -0.89
CA ASP D 726 21.11 67.70 -0.31
C ASP D 726 20.25 68.37 0.77
N PRO D 727 18.92 68.35 0.62
CA PRO D 727 18.08 69.11 1.56
C PRO D 727 17.95 68.46 2.92
N VAL D 728 18.20 67.16 3.04
CA VAL D 728 18.09 66.48 4.32
C VAL D 728 19.10 65.32 4.40
N PRO D 729 20.13 65.43 5.23
CA PRO D 729 21.04 64.30 5.46
C PRO D 729 20.76 63.48 6.71
N GLU D 730 19.94 63.96 7.64
CA GLU D 730 19.80 63.33 8.95
C GLU D 730 18.38 63.50 9.45
N ILE D 731 18.10 62.87 10.59
CA ILE D 731 16.87 63.08 11.33
C ILE D 731 17.17 64.16 12.36
N ARG D 732 16.42 65.26 12.32
CA ARG D 732 16.70 66.40 13.18
C ARG D 732 16.12 66.25 14.59
N ARG D 733 14.79 66.17 14.72
CA ARG D 733 14.00 66.02 15.93
C ARG D 733 12.58 65.93 15.39
N ASP D 734 11.62 65.69 16.30
CA ASP D 734 10.18 65.92 16.13
C ASP D 734 9.52 64.87 15.22
N HIS D 735 10.32 64.05 14.56
CA HIS D 735 9.76 62.82 14.02
C HIS D 735 9.51 61.85 15.15
N PHE D 736 10.34 61.95 16.20
CA PHE D 736 10.19 61.11 17.37
C PHE D 736 8.94 61.48 18.16
N GLU D 737 8.47 62.71 18.04
CA GLU D 737 7.24 63.10 18.74
C GLU D 737 6.02 62.50 18.07
N GLU D 738 5.97 62.51 16.74
CA GLU D 738 4.87 61.88 16.04
C GLU D 738 4.93 60.37 16.21
N ALA D 739 6.14 59.80 16.22
CA ALA D 739 6.30 58.38 16.48
C ALA D 739 5.90 58.02 17.90
N MET D 740 6.16 58.92 18.85
CA MET D 740 5.69 58.74 20.22
C MET D 740 4.18 58.76 20.28
N ARG D 741 3.55 59.57 19.42
CA ARG D 741 2.10 59.59 19.36
C ARG D 741 1.54 58.28 18.80
N PHE D 742 2.23 57.68 17.83
CA PHE D 742 1.69 56.46 17.21
C PHE D 742 1.73 55.25 18.15
N ALA D 743 2.66 55.25 19.11
CA ALA D 743 3.06 54.02 19.79
C ALA D 743 1.96 53.45 20.67
N ARG D 744 1.84 52.12 20.67
CA ARG D 744 0.94 51.40 21.56
C ARG D 744 1.71 50.32 22.32
N ARG D 745 1.24 50.02 23.51
CA ARG D 745 1.94 49.09 24.41
C ARG D 745 1.71 47.66 23.96
N SER D 746 2.68 46.80 24.23
CA SER D 746 2.61 45.43 23.74
C SER D 746 2.16 44.45 24.81
N VAL D 747 2.56 44.65 26.06
CA VAL D 747 2.26 43.73 27.15
C VAL D 747 1.52 44.47 28.25
N SER D 748 0.34 43.97 28.63
CA SER D 748 -0.44 44.59 29.69
C SER D 748 0.14 44.26 31.06
N ASP D 749 -0.38 44.93 32.10
CA ASP D 749 0.22 44.79 33.43
C ASP D 749 -0.24 43.53 34.15
N ASN D 750 -1.43 43.03 33.82
CA ASN D 750 -1.87 41.73 34.32
C ASN D 750 -0.93 40.63 33.85
N ASP D 751 -0.49 40.70 32.60
CA ASP D 751 0.47 39.75 32.08
C ASP D 751 1.82 39.91 32.77
N ILE D 752 2.18 41.13 33.14
CA ILE D 752 3.49 41.33 33.77
C ILE D 752 3.50 40.73 35.19
N ARG D 753 2.40 40.85 35.92
CA ARG D 753 2.39 40.22 37.23
C ARG D 753 2.26 38.70 37.11
N LYS D 754 1.61 38.20 36.05
CA LYS D 754 1.60 36.76 35.83
C LYS D 754 3.00 36.24 35.50
N TYR D 755 3.78 36.99 34.72
CA TYR D 755 5.15 36.57 34.44
C TYR D 755 6.02 36.68 35.68
N GLU D 756 5.71 37.61 36.59
CA GLU D 756 6.45 37.65 37.85
C GLU D 756 6.16 36.42 38.71
N MET D 757 4.90 35.97 38.71
CA MET D 757 4.54 34.82 39.52
C MET D 757 5.07 33.51 38.92
N PHE D 758 5.27 33.47 37.60
CA PHE D 758 6.00 32.33 37.03
C PHE D 758 7.50 32.51 37.14
N ALA D 759 7.94 33.75 37.34
CA ALA D 759 9.37 34.00 37.43
C ALA D 759 9.91 33.51 38.76
N GLN D 760 9.14 33.65 39.82
CA GLN D 760 9.65 33.20 41.11
C GLN D 760 9.65 31.67 41.21
N THR D 761 8.53 31.02 40.87
CA THR D 761 8.35 29.59 41.12
C THR D 761 7.81 28.89 39.87
N LEU D 762 8.72 28.45 38.99
CA LEU D 762 8.40 27.56 37.88
C LEU D 762 8.93 26.15 38.12
N GLN D 763 9.99 26.01 38.90
CA GLN D 763 10.59 24.72 39.22
C GLN D 763 9.64 23.81 40.00
N GLN D 764 8.65 24.37 40.69
CA GLN D 764 7.69 23.59 41.44
C GLN D 764 6.61 22.95 40.58
N SER D 765 6.70 23.05 39.25
CA SER D 765 5.63 22.57 38.39
C SER D 765 5.79 21.09 38.07
N ARG D 766 6.87 20.48 38.54
CA ARG D 766 7.21 19.06 38.24
C ARG D 766 6.19 18.07 38.84
N GLY D 767 5.77 18.29 40.08
CA GLY D 767 4.91 17.37 40.79
C GLY D 767 3.48 17.43 40.29
N PHE D 768 2.55 17.62 41.22
CA PHE D 768 1.16 17.81 40.84
C PHE D 768 0.97 19.20 40.24
N GLY D 769 -0.01 19.32 39.35
CA GLY D 769 -0.39 20.60 38.79
C GLY D 769 0.60 21.17 37.80
N LEU E 12 14.32 46.89 -22.07
CA LEU E 12 15.28 46.22 -22.93
C LEU E 12 15.14 44.72 -22.84
N SER E 13 14.09 44.28 -22.14
CA SER E 13 13.87 42.85 -21.95
C SER E 13 13.42 42.18 -23.24
N THR E 14 12.76 42.92 -24.11
CA THR E 14 12.35 42.44 -25.43
C THR E 14 13.08 43.16 -26.54
N ALA E 15 14.33 43.54 -26.33
CA ALA E 15 15.07 44.33 -27.30
C ALA E 15 15.55 43.51 -28.48
N ILE E 16 15.55 42.19 -28.39
CA ILE E 16 16.03 41.37 -29.50
C ILE E 16 14.96 41.22 -30.58
N LEU E 17 13.72 41.61 -30.29
CA LEU E 17 12.64 41.52 -31.26
C LEU E 17 12.46 42.80 -32.07
N LYS E 18 13.46 43.67 -32.09
CA LYS E 18 13.37 44.90 -32.86
C LYS E 18 13.95 44.68 -34.25
N GLN E 19 13.33 45.30 -35.26
CA GLN E 19 13.67 44.95 -36.64
C GLN E 19 14.91 45.65 -37.16
N LYS E 20 15.30 46.79 -36.55
CA LYS E 20 16.56 47.51 -36.86
C LYS E 20 16.61 47.96 -38.32
N ASN E 21 15.81 48.97 -38.64
CA ASN E 21 15.74 49.48 -40.00
C ASN E 21 17.06 50.10 -40.44
N ARG E 22 17.47 49.76 -41.66
CA ARG E 22 18.76 50.03 -42.27
C ARG E 22 18.53 50.63 -43.66
N PRO E 23 19.58 51.26 -44.28
CA PRO E 23 19.42 51.77 -45.65
C PRO E 23 19.09 50.76 -46.74
N ASN E 24 19.36 49.48 -46.52
CA ASN E 24 19.02 48.45 -47.49
C ASN E 24 17.69 47.78 -47.19
N ARG E 25 16.82 48.41 -46.42
CA ARG E 25 15.51 47.87 -46.11
C ARG E 25 14.49 48.43 -47.09
N LEU E 26 13.67 47.55 -47.64
CA LEU E 26 12.74 47.90 -48.71
C LEU E 26 11.37 47.37 -48.35
N ILE E 27 10.41 48.29 -48.21
CA ILE E 27 9.03 47.93 -47.91
C ILE E 27 8.31 47.69 -49.22
N VAL E 28 7.47 46.65 -49.27
CA VAL E 28 6.80 46.31 -50.52
C VAL E 28 5.69 47.30 -50.81
N ASP E 29 5.30 47.34 -52.08
CA ASP E 29 4.17 48.13 -52.55
C ASP E 29 3.70 47.51 -53.86
N GLU E 30 2.54 47.96 -54.33
CA GLU E 30 1.96 47.40 -55.56
C GLU E 30 2.71 47.88 -56.79
N ALA E 31 2.94 46.98 -57.73
CA ALA E 31 3.62 47.30 -58.98
C ALA E 31 2.67 47.13 -60.16
N ILE E 32 2.80 48.00 -61.16
CA ILE E 32 1.92 47.99 -62.32
C ILE E 32 2.47 47.22 -63.50
N ASN E 33 3.66 46.63 -63.38
CA ASN E 33 4.22 45.84 -64.46
C ASN E 33 3.78 44.38 -64.32
N GLU E 34 3.20 43.84 -65.39
CA GLU E 34 2.79 42.45 -65.41
C GLU E 34 3.95 41.49 -65.59
N ASP E 35 5.15 41.99 -65.88
CA ASP E 35 6.31 41.14 -65.98
C ASP E 35 6.72 40.64 -64.61
N ASN E 36 7.10 39.37 -64.54
CA ASN E 36 7.36 38.69 -63.28
C ASN E 36 8.85 38.66 -62.93
N SER E 37 9.61 39.65 -63.39
CA SER E 37 11.02 39.76 -63.02
C SER E 37 11.39 41.22 -62.79
N VAL E 38 10.45 42.04 -62.35
CA VAL E 38 10.65 43.48 -62.23
C VAL E 38 10.79 43.83 -60.75
N VAL E 39 11.65 44.80 -60.46
CA VAL E 39 11.63 45.53 -59.21
C VAL E 39 11.61 47.02 -59.56
N SER E 40 11.22 47.83 -58.58
CA SER E 40 11.16 49.27 -58.74
C SER E 40 12.11 49.89 -57.72
N LEU E 41 13.25 50.38 -58.19
CA LEU E 41 14.18 51.09 -57.32
C LEU E 41 14.49 52.47 -57.87
N SER E 42 14.69 53.39 -56.95
CA SER E 42 15.04 54.77 -57.28
C SER E 42 16.53 54.87 -57.62
N GLN E 43 16.87 55.95 -58.31
CA GLN E 43 18.24 56.20 -58.74
C GLN E 43 19.24 56.42 -57.59
N PRO E 44 18.93 57.16 -56.50
CA PRO E 44 19.89 57.17 -55.38
C PRO E 44 20.00 55.83 -54.67
N LYS E 45 19.00 54.96 -54.78
CA LYS E 45 19.13 53.62 -54.21
C LYS E 45 20.11 52.78 -55.01
N MET E 46 20.06 52.88 -56.33
CA MET E 46 20.99 52.11 -57.17
C MET E 46 22.40 52.70 -57.14
N ASP E 47 22.51 54.03 -57.02
CA ASP E 47 23.82 54.65 -56.81
C ASP E 47 24.30 54.51 -55.37
N GLU E 48 23.41 54.09 -54.46
CA GLU E 48 23.77 53.95 -53.06
C GLU E 48 24.43 52.60 -52.78
N LEU E 49 23.76 51.52 -53.16
CA LEU E 49 24.29 50.17 -53.00
C LEU E 49 25.16 49.73 -54.17
N GLN E 50 25.53 50.68 -55.06
CA GLN E 50 26.32 50.43 -56.26
C GLN E 50 25.66 49.41 -57.18
N LEU E 51 24.33 49.47 -57.24
CA LEU E 51 23.54 48.57 -58.09
C LEU E 51 23.55 49.15 -59.50
N PHE E 52 24.33 48.54 -60.38
CA PHE E 52 24.34 48.96 -61.77
C PHE E 52 23.14 48.36 -62.48
N ARG E 53 22.73 48.96 -63.59
CA ARG E 53 21.52 48.56 -64.26
C ARG E 53 21.67 47.18 -64.90
N GLY E 54 20.80 46.26 -64.50
CA GLY E 54 20.87 44.88 -64.97
C GLY E 54 21.48 43.92 -63.97
N ASP E 55 21.74 44.35 -62.75
CA ASP E 55 22.25 43.47 -61.71
C ASP E 55 21.16 42.52 -61.23
N THR E 56 21.60 41.44 -60.59
CA THR E 56 20.73 40.45 -59.98
C THR E 56 20.98 40.49 -58.48
N VAL E 57 19.99 40.95 -57.74
CA VAL E 57 20.12 41.08 -56.29
C VAL E 57 19.54 39.84 -55.64
N LEU E 58 19.89 39.64 -54.37
CA LEU E 58 19.44 38.49 -53.59
C LEU E 58 18.43 39.00 -52.56
N LEU E 59 17.15 38.72 -52.80
CA LEU E 59 16.07 39.20 -51.94
C LEU E 59 15.75 38.15 -50.88
N LYS E 60 15.61 38.59 -49.64
CA LYS E 60 15.35 37.69 -48.52
C LYS E 60 14.04 38.05 -47.86
N GLY E 61 13.14 37.08 -47.74
CA GLY E 61 11.86 37.31 -47.12
C GLY E 61 11.70 36.62 -45.78
N LYS E 62 10.57 35.95 -45.58
CA LYS E 62 10.23 35.32 -44.33
C LYS E 62 10.24 33.81 -44.50
N LYS E 63 10.48 33.11 -43.38
CA LYS E 63 10.55 31.64 -43.31
C LYS E 63 11.60 31.08 -44.26
N ARG E 64 12.73 31.79 -44.39
CA ARG E 64 13.91 31.44 -45.17
C ARG E 64 13.64 31.31 -46.67
N ARG E 65 12.54 31.83 -47.17
CA ARG E 65 12.31 31.89 -48.59
C ARG E 65 13.11 33.03 -49.18
N GLU E 66 13.68 32.80 -50.37
CA GLU E 66 14.43 33.83 -51.07
C GLU E 66 13.93 33.97 -52.50
N ALA E 67 14.44 35.00 -53.17
CA ALA E 67 14.10 35.26 -54.56
C ALA E 67 15.20 36.10 -55.18
N VAL E 68 15.30 36.02 -56.51
CA VAL E 68 16.22 36.84 -57.30
C VAL E 68 15.46 37.44 -58.46
N CYS E 69 15.73 38.71 -58.74
CA CYS E 69 15.18 39.40 -59.90
C CYS E 69 16.24 40.32 -60.46
N ILE E 70 16.15 40.57 -61.77
CA ILE E 70 17.02 41.56 -62.41
C ILE E 70 16.47 42.94 -62.12
N VAL E 71 17.37 43.88 -61.84
CA VAL E 71 16.99 45.18 -61.30
C VAL E 71 16.75 46.16 -62.45
N LEU E 72 15.79 47.05 -62.27
CA LEU E 72 15.49 48.12 -63.20
C LEU E 72 15.48 49.45 -62.45
N SER E 73 15.65 50.55 -63.19
CA SER E 73 15.68 51.88 -62.60
C SER E 73 14.33 52.55 -62.81
N ASP E 74 13.38 52.21 -61.93
CA ASP E 74 12.07 52.83 -61.94
C ASP E 74 12.12 54.04 -61.02
N ASP E 75 12.31 55.21 -61.61
CA ASP E 75 12.61 56.43 -60.87
C ASP E 75 11.39 57.07 -60.23
N THR E 76 10.19 56.63 -60.55
CA THR E 76 8.99 57.10 -59.86
C THR E 76 8.74 56.35 -58.55
N CYS E 77 9.60 55.41 -58.21
CA CYS E 77 9.54 54.75 -56.91
C CYS E 77 10.12 55.65 -55.82
N SER E 78 9.73 55.39 -54.59
CA SER E 78 10.23 56.15 -53.45
C SER E 78 11.50 55.51 -52.89
N ASP E 79 12.27 56.30 -52.15
CA ASP E 79 13.54 55.85 -51.60
C ASP E 79 13.37 54.85 -50.45
N GLU E 80 12.17 54.72 -49.90
CA GLU E 80 11.91 53.91 -48.74
C GLU E 80 11.09 52.66 -49.05
N LYS E 81 10.67 52.47 -50.30
CA LYS E 81 9.81 51.37 -50.66
C LYS E 81 10.33 50.64 -51.88
N ILE E 82 9.61 49.58 -52.26
CA ILE E 82 9.88 48.83 -53.49
C ILE E 82 8.53 48.31 -53.97
N ARG E 83 8.42 48.06 -55.28
CA ARG E 83 7.17 47.63 -55.89
C ARG E 83 7.37 46.33 -56.65
N MET E 84 6.51 45.36 -56.39
CA MET E 84 6.58 44.04 -56.99
C MET E 84 5.17 43.48 -57.12
N ASN E 85 5.04 42.39 -57.87
CA ASN E 85 3.74 41.80 -58.16
C ASN E 85 3.36 40.76 -57.10
N ARG E 86 2.33 39.97 -57.39
CA ARG E 86 1.92 38.94 -56.44
C ARG E 86 2.80 37.70 -56.53
N VAL E 87 3.51 37.52 -57.65
CA VAL E 87 4.32 36.32 -57.83
C VAL E 87 5.52 36.34 -56.90
N VAL E 88 6.21 37.48 -56.81
CA VAL E 88 7.35 37.60 -55.92
C VAL E 88 6.89 37.62 -54.46
N ARG E 89 5.75 38.25 -54.18
CA ARG E 89 5.22 38.31 -52.83
C ARG E 89 4.64 36.98 -52.36
N ASN E 90 4.34 36.05 -53.26
CA ASN E 90 4.08 34.68 -52.84
C ASN E 90 5.33 33.83 -52.86
N ASN E 91 6.37 34.23 -53.57
CA ASN E 91 7.64 33.52 -53.46
C ASN E 91 8.47 33.97 -52.27
N LEU E 92 8.08 35.05 -51.61
CA LEU E 92 8.79 35.56 -50.44
C LEU E 92 7.94 35.58 -49.18
N ARG E 93 6.68 35.14 -49.27
CA ARG E 93 5.79 34.89 -48.12
C ARG E 93 5.55 36.15 -47.30
N VAL E 94 5.42 37.29 -47.96
CA VAL E 94 5.21 38.56 -47.28
C VAL E 94 3.83 39.10 -47.62
N ARG E 95 3.33 39.97 -46.76
CA ARG E 95 2.09 40.69 -46.98
C ARG E 95 2.42 42.08 -47.50
N LEU E 96 1.40 42.92 -47.64
CA LEU E 96 1.57 44.29 -48.08
C LEU E 96 1.92 45.16 -46.87
N GLY E 97 3.16 45.59 -46.79
CA GLY E 97 3.62 46.34 -45.64
C GLY E 97 4.57 45.56 -44.76
N ASP E 98 5.49 44.79 -45.37
CA ASP E 98 6.50 44.03 -44.66
C ASP E 98 7.87 44.26 -45.29
N VAL E 99 8.90 44.34 -44.45
CA VAL E 99 10.24 44.67 -44.91
C VAL E 99 10.88 43.45 -45.55
N ILE E 100 11.76 43.69 -46.52
CA ILE E 100 12.50 42.65 -47.24
C ILE E 100 13.92 43.14 -47.46
N SER E 101 14.89 42.37 -47.01
CA SER E 101 16.29 42.71 -47.21
C SER E 101 16.68 42.52 -48.66
N ILE E 102 17.63 43.34 -49.12
CA ILE E 102 18.20 43.23 -50.45
C ILE E 102 19.70 43.03 -50.29
N GLN E 103 20.27 42.22 -51.18
CA GLN E 103 21.70 41.97 -51.14
C GLN E 103 22.25 41.91 -52.56
N PRO E 104 23.24 42.75 -52.89
CA PRO E 104 23.87 42.66 -54.22
C PRO E 104 24.75 41.43 -54.32
N CYS E 105 24.26 40.41 -55.04
CA CYS E 105 24.98 39.16 -55.23
C CYS E 105 25.12 38.91 -56.72
N PRO E 106 26.17 39.43 -57.35
CA PRO E 106 26.34 39.25 -58.80
C PRO E 106 27.10 37.99 -59.16
N ASP E 107 27.23 37.06 -58.23
CA ASP E 107 27.95 35.80 -58.46
C ASP E 107 27.10 34.93 -59.38
N VAL E 108 27.26 35.17 -60.68
CA VAL E 108 26.44 34.52 -61.69
C VAL E 108 27.21 33.36 -62.30
N LYS E 109 26.63 32.17 -62.20
CA LYS E 109 27.07 31.01 -62.96
C LYS E 109 25.85 30.40 -63.64
N TYR E 110 26.06 29.87 -64.84
CA TYR E 110 24.97 29.33 -65.64
C TYR E 110 24.62 27.93 -65.18
N GLY E 111 23.41 27.50 -65.53
CA GLY E 111 22.93 26.18 -65.20
C GLY E 111 23.18 25.18 -66.32
N LYS E 112 23.28 23.91 -65.93
CA LYS E 112 23.45 22.82 -66.88
C LYS E 112 22.11 22.28 -67.36
N ARG E 113 21.29 21.81 -66.44
CA ARG E 113 19.93 21.36 -66.72
C ARG E 113 19.00 21.94 -65.67
N ILE E 114 17.87 22.47 -66.13
CA ILE E 114 16.78 22.84 -65.25
C ILE E 114 15.63 21.87 -65.47
N HIS E 115 14.67 21.88 -64.55
CA HIS E 115 13.57 20.91 -64.62
C HIS E 115 12.32 21.57 -64.03
N VAL E 116 11.45 22.07 -64.90
CA VAL E 116 10.18 22.63 -64.46
C VAL E 116 9.17 21.50 -64.35
N LEU E 117 8.09 21.74 -63.61
CA LEU E 117 6.99 20.83 -63.43
C LEU E 117 5.71 21.64 -63.30
N PRO E 118 4.68 21.31 -64.07
CA PRO E 118 3.42 22.05 -63.99
C PRO E 118 2.59 21.63 -62.79
N ILE E 119 1.48 22.35 -62.60
CA ILE E 119 0.48 22.02 -61.59
C ILE E 119 -0.78 21.58 -62.32
N ASP E 120 -1.28 20.39 -61.95
CA ASP E 120 -2.17 19.62 -62.82
C ASP E 120 -3.58 20.18 -62.96
N ASP E 121 -4.11 20.84 -61.94
CA ASP E 121 -5.50 21.28 -61.97
C ASP E 121 -5.74 22.40 -62.98
N THR E 122 -4.72 23.23 -63.22
CA THR E 122 -4.78 24.19 -64.31
C THR E 122 -4.42 23.58 -65.66
N VAL E 123 -3.66 22.48 -65.66
CA VAL E 123 -3.37 21.77 -66.89
C VAL E 123 -4.58 20.99 -67.37
N GLU E 124 -5.38 20.44 -66.45
CA GLU E 124 -6.64 19.81 -66.82
C GLU E 124 -7.64 20.86 -67.30
N GLY E 125 -8.63 20.39 -68.06
CA GLY E 125 -9.31 21.26 -68.99
C GLY E 125 -8.84 20.91 -70.39
N ILE E 126 -7.89 21.66 -70.93
CA ILE E 126 -7.16 21.24 -72.11
C ILE E 126 -5.66 21.33 -71.81
N THR E 127 -4.91 20.32 -72.25
CA THR E 127 -3.46 20.30 -72.12
C THR E 127 -2.79 20.65 -73.44
N GLY E 128 -3.08 19.90 -74.50
CA GLY E 128 -2.47 20.16 -75.79
C GLY E 128 -1.03 19.68 -75.79
N ASN E 129 -0.13 20.54 -76.24
CA ASN E 129 1.30 20.29 -76.20
C ASN E 129 1.90 21.28 -75.21
N LEU E 130 2.63 20.76 -74.22
CA LEU E 130 3.11 21.64 -73.16
C LEU E 130 4.36 22.40 -73.57
N PHE E 131 5.28 21.75 -74.27
CA PHE E 131 6.61 22.33 -74.47
C PHE E 131 6.57 23.50 -75.46
N GLU E 132 6.24 23.22 -76.72
CA GLU E 132 6.34 24.22 -77.77
C GLU E 132 5.28 25.32 -77.68
N VAL E 133 4.30 25.18 -76.80
CA VAL E 133 3.25 26.18 -76.62
C VAL E 133 3.45 26.96 -75.32
N TYR E 134 3.99 26.30 -74.29
CA TYR E 134 4.11 26.88 -72.96
C TYR E 134 5.54 27.30 -72.62
N LEU E 135 6.54 26.48 -72.91
CA LEU E 135 7.90 26.75 -72.47
C LEU E 135 8.73 27.49 -73.51
N LYS E 136 8.25 27.56 -74.76
CA LYS E 136 9.04 28.23 -75.79
C LYS E 136 9.12 29.76 -75.63
N PRO E 137 8.02 30.54 -75.65
CA PRO E 137 8.20 31.99 -75.84
C PRO E 137 8.62 32.74 -74.59
N TYR E 138 8.74 32.08 -73.45
CA TYR E 138 9.08 32.72 -72.18
C TYR E 138 10.53 32.55 -71.79
N PHE E 139 11.19 31.50 -72.28
CA PHE E 139 12.56 31.18 -71.93
C PHE E 139 13.58 31.52 -73.00
N LEU E 140 13.20 31.48 -74.27
CA LEU E 140 14.15 31.68 -75.36
C LEU E 140 14.53 33.15 -75.45
N GLU E 141 15.82 33.43 -75.21
CA GLU E 141 16.41 34.76 -75.23
C GLU E 141 15.72 35.70 -74.23
N ALA E 142 15.76 35.31 -72.97
CA ALA E 142 15.18 36.13 -71.90
C ALA E 142 16.15 36.30 -70.75
N TYR E 143 16.99 35.27 -70.51
CA TYR E 143 17.95 35.20 -69.39
C TYR E 143 17.28 35.39 -68.03
N ARG E 144 16.08 34.82 -67.85
CA ARG E 144 15.29 35.09 -66.65
C ARG E 144 15.79 34.24 -65.49
N PRO E 145 16.13 34.83 -64.35
CA PRO E 145 16.68 34.05 -63.23
C PRO E 145 15.60 33.31 -62.46
N ILE E 146 15.99 32.19 -61.87
CA ILE E 146 15.11 31.39 -61.04
C ILE E 146 15.87 30.90 -59.81
N ARG E 147 15.12 30.71 -58.74
CA ARG E 147 15.59 30.00 -57.55
C ARG E 147 14.96 28.61 -57.56
N LYS E 148 15.67 27.63 -57.00
CA LYS E 148 15.19 26.26 -56.90
C LYS E 148 13.98 26.23 -55.97
N GLY E 149 12.78 26.15 -56.56
CA GLY E 149 11.56 26.16 -55.79
C GLY E 149 10.65 27.35 -56.05
N ASP E 150 10.70 27.90 -57.26
CA ASP E 150 9.87 29.04 -57.60
C ASP E 150 8.61 28.61 -58.34
N ILE E 151 7.55 29.40 -58.19
CA ILE E 151 6.29 29.19 -58.89
C ILE E 151 6.07 30.42 -59.74
N PHE E 152 6.19 30.26 -61.06
CA PHE E 152 6.07 31.36 -62.01
C PHE E 152 4.97 31.03 -63.00
N LEU E 153 4.46 32.07 -63.66
CA LEU E 153 3.28 31.97 -64.48
C LEU E 153 3.60 32.37 -65.92
N VAL E 154 3.15 31.55 -66.87
CA VAL E 154 3.33 31.78 -68.29
C VAL E 154 1.94 31.82 -68.92
N ARG E 155 1.66 32.88 -69.67
CA ARG E 155 0.39 33.00 -70.38
C ARG E 155 0.48 32.43 -71.79
N GLY E 156 0.96 31.20 -71.90
CA GLY E 156 1.06 30.53 -73.19
C GLY E 156 0.07 29.39 -73.32
N GLY E 157 -1.14 29.59 -72.80
CA GLY E 157 -2.17 28.56 -72.86
C GLY E 157 -3.58 29.09 -72.82
N MET E 158 -4.47 28.40 -72.10
CA MET E 158 -5.84 28.88 -72.02
C MET E 158 -6.01 29.94 -70.93
N ARG E 159 -5.35 29.75 -69.79
CA ARG E 159 -5.47 30.60 -68.62
C ARG E 159 -4.22 30.36 -67.77
N ALA E 160 -4.30 30.73 -66.49
CA ALA E 160 -3.12 30.71 -65.62
C ALA E 160 -2.63 29.31 -65.30
N VAL E 161 -1.59 28.87 -66.01
CA VAL E 161 -0.97 27.56 -65.82
C VAL E 161 0.44 27.79 -65.28
N GLU E 162 0.67 27.37 -64.05
CA GLU E 162 1.88 27.69 -63.31
C GLU E 162 2.87 26.54 -63.37
N PHE E 163 4.15 26.88 -63.22
CA PHE E 163 5.25 25.93 -63.34
C PHE E 163 6.09 25.94 -62.07
N LYS E 164 6.81 24.84 -61.83
CA LYS E 164 7.58 24.74 -60.59
C LYS E 164 8.93 24.09 -60.87
N VAL E 165 9.99 24.80 -60.53
CA VAL E 165 11.36 24.37 -60.80
C VAL E 165 11.86 23.56 -59.62
N VAL E 166 11.98 22.25 -59.80
CA VAL E 166 12.29 21.34 -58.71
C VAL E 166 13.74 20.88 -58.74
N GLU E 167 14.16 20.20 -59.80
CA GLU E 167 15.50 19.65 -59.90
C GLU E 167 16.38 20.61 -60.68
N THR E 168 17.46 21.07 -60.03
CA THR E 168 18.38 22.01 -60.65
C THR E 168 19.75 21.80 -60.01
N ASP E 169 20.81 21.87 -60.82
CA ASP E 169 22.16 21.69 -60.28
C ASP E 169 22.70 22.95 -59.59
N PRO E 170 22.53 24.18 -60.12
CA PRO E 170 22.81 25.34 -59.26
C PRO E 170 21.72 25.51 -58.20
N SER E 171 22.13 25.35 -56.95
CA SER E 171 21.21 25.36 -55.82
C SER E 171 20.82 26.76 -55.30
N PRO E 172 21.73 27.78 -55.11
CA PRO E 172 21.23 29.08 -54.66
C PRO E 172 20.32 29.77 -55.68
N TYR E 173 20.82 30.03 -56.89
CA TYR E 173 20.04 30.53 -58.02
C TYR E 173 20.94 30.47 -59.25
N CYS E 174 20.35 30.79 -60.40
CA CYS E 174 21.05 30.76 -61.68
C CYS E 174 20.27 31.60 -62.69
N ILE E 175 21.01 32.19 -63.62
CA ILE E 175 20.41 32.85 -64.78
C ILE E 175 20.36 31.83 -65.90
N VAL E 176 19.14 31.49 -66.32
CA VAL E 176 18.95 30.43 -67.30
C VAL E 176 19.29 30.98 -68.68
N ALA E 177 20.38 30.48 -69.26
CA ALA E 177 20.70 30.76 -70.65
C ALA E 177 19.76 29.98 -71.56
N PRO E 178 19.57 30.43 -72.80
CA PRO E 178 18.77 29.63 -73.75
C PRO E 178 19.38 28.29 -74.11
N ASP E 179 20.67 28.07 -73.86
CA ASP E 179 21.28 26.77 -74.09
C ASP E 179 21.03 25.78 -72.97
N THR E 180 20.48 26.22 -71.84
CA THR E 180 20.20 25.33 -70.71
C THR E 180 19.05 24.40 -71.07
N VAL E 181 19.23 23.11 -70.81
CA VAL E 181 18.33 22.07 -71.32
C VAL E 181 17.04 22.10 -70.51
N ILE E 182 15.92 22.28 -71.20
CA ILE E 182 14.60 22.39 -70.57
C ILE E 182 13.81 21.13 -70.88
N HIS E 183 13.26 20.51 -69.83
CA HIS E 183 12.48 19.29 -69.97
C HIS E 183 11.02 19.54 -69.61
N CYS E 184 10.16 18.64 -70.10
CA CYS E 184 8.74 18.70 -69.79
C CYS E 184 8.17 17.31 -69.54
N GLU E 185 9.01 16.30 -69.34
CA GLU E 185 8.57 14.92 -69.26
C GLU E 185 8.09 14.51 -67.87
N GLY E 186 8.28 15.36 -66.86
CA GLY E 186 8.05 14.96 -65.49
C GLY E 186 6.57 14.86 -65.14
N GLU E 187 6.33 14.71 -63.84
CA GLU E 187 4.99 14.52 -63.31
C GLU E 187 4.46 15.84 -62.75
N PRO E 188 3.19 16.16 -63.02
CA PRO E 188 2.62 17.40 -62.47
C PRO E 188 2.38 17.31 -60.97
N ILE E 189 2.16 18.48 -60.38
CA ILE E 189 2.02 18.64 -58.94
C ILE E 189 0.56 18.98 -58.64
N LYS E 190 0.06 18.53 -57.49
CA LYS E 190 -1.31 18.83 -57.10
C LYS E 190 -1.41 20.22 -56.48
N ARG E 191 -2.64 20.72 -56.38
CA ARG E 191 -2.92 21.99 -55.72
C ARG E 191 -2.78 21.88 -54.21
N GLU E 192 -3.15 20.72 -53.65
CA GLU E 192 -3.01 20.49 -52.22
C GLU E 192 -1.55 20.46 -51.78
N ASP E 193 -0.64 20.04 -52.67
CA ASP E 193 0.77 19.95 -52.31
C ASP E 193 1.39 21.32 -52.08
N GLU E 194 0.91 22.35 -52.78
CA GLU E 194 1.38 23.69 -52.48
C GLU E 194 0.57 24.34 -51.37
N GLU E 195 -0.75 24.13 -51.37
CA GLU E 195 -1.59 24.81 -50.39
C GLU E 195 -1.42 24.26 -48.98
N GLU E 196 -0.86 23.06 -48.83
CA GLU E 196 -0.50 22.58 -47.50
C GLU E 196 0.82 23.18 -47.07
N SER E 197 1.73 23.42 -48.01
CA SER E 197 3.02 24.01 -47.71
C SER E 197 2.97 25.52 -47.57
N LEU E 198 1.84 26.14 -47.88
CA LEU E 198 1.60 27.54 -47.54
C LEU E 198 1.11 27.73 -46.11
N ASN E 199 0.93 26.63 -45.38
CA ASN E 199 0.44 26.70 -44.01
C ASN E 199 1.56 26.37 -43.04
N GLU E 200 2.77 26.81 -43.35
CA GLU E 200 3.86 26.68 -42.41
C GLU E 200 3.78 27.79 -41.37
N VAL E 201 4.59 27.66 -40.33
CA VAL E 201 4.46 28.45 -39.12
C VAL E 201 5.68 29.34 -38.96
N GLY E 202 5.46 30.63 -38.71
CA GLY E 202 6.54 31.55 -38.43
C GLY E 202 6.32 32.20 -37.09
N TYR E 203 6.89 33.40 -36.91
CA TYR E 203 6.65 34.14 -35.68
C TYR E 203 5.40 34.98 -35.75
N ASP E 204 4.70 34.94 -36.88
CA ASP E 204 3.47 35.70 -37.00
C ASP E 204 2.27 34.82 -36.77
N ASP E 205 2.49 33.60 -36.31
CA ASP E 205 1.38 32.73 -35.99
C ASP E 205 1.30 32.49 -34.50
N ILE E 206 2.09 33.24 -33.73
CA ILE E 206 2.06 33.10 -32.29
C ILE E 206 1.58 34.39 -31.65
N GLY E 207 0.49 34.31 -30.92
CA GLY E 207 -0.01 35.50 -30.29
C GLY E 207 -0.06 35.37 -28.78
N GLY E 208 0.25 36.44 -28.07
CA GLY E 208 0.12 36.43 -26.64
C GLY E 208 1.34 35.99 -25.88
N CYS E 209 2.46 35.75 -26.57
CA CYS E 209 3.68 35.25 -25.96
C CYS E 209 4.90 36.04 -26.40
N ARG E 210 4.84 37.37 -26.32
CA ARG E 210 5.96 38.19 -26.77
C ARG E 210 7.13 38.11 -25.79
N LYS E 211 6.82 38.15 -24.50
CA LYS E 211 7.84 38.19 -23.48
C LYS E 211 8.62 36.89 -23.41
N GLN E 212 7.99 35.78 -23.79
CA GLN E 212 8.69 34.51 -23.77
C GLN E 212 9.45 34.26 -25.07
N LEU E 213 8.98 34.80 -26.19
CA LEU E 213 9.74 34.68 -27.42
C LEU E 213 11.02 35.48 -27.37
N ALA E 214 11.02 36.59 -26.61
CA ALA E 214 12.26 37.31 -26.36
C ALA E 214 13.30 36.43 -25.67
N GLN E 215 12.90 35.71 -24.62
CA GLN E 215 13.83 34.86 -23.88
C GLN E 215 14.31 33.70 -24.73
N ILE E 216 13.44 33.12 -25.54
CA ILE E 216 13.87 31.98 -26.34
C ILE E 216 14.82 32.41 -27.44
N LYS E 217 14.65 33.62 -27.99
CA LYS E 217 15.63 34.08 -28.98
C LYS E 217 16.95 34.47 -28.34
N GLU E 218 16.92 34.94 -27.09
CA GLU E 218 18.19 35.19 -26.40
C GLU E 218 18.90 33.89 -26.05
N MET E 219 18.17 32.81 -25.79
CA MET E 219 18.81 31.59 -25.35
C MET E 219 19.23 30.67 -26.49
N VAL E 220 18.53 30.67 -27.62
CA VAL E 220 18.71 29.63 -28.63
C VAL E 220 19.29 30.20 -29.93
N GLU E 221 18.73 31.28 -30.45
CA GLU E 221 19.20 31.80 -31.72
C GLU E 221 20.55 32.49 -31.58
N LEU E 222 20.73 33.28 -30.52
CA LEU E 222 21.96 34.04 -30.37
C LEU E 222 23.21 33.23 -30.07
N PRO E 223 23.23 32.18 -29.23
CA PRO E 223 24.46 31.41 -29.09
C PRO E 223 24.75 30.46 -30.25
N LEU E 224 23.91 30.38 -31.26
CA LEU E 224 24.21 29.58 -32.44
C LEU E 224 24.60 30.42 -33.64
N ARG E 225 24.16 31.66 -33.71
CA ARG E 225 24.59 32.51 -34.81
C ARG E 225 25.95 33.14 -34.52
N HIS E 226 26.20 33.51 -33.28
CA HIS E 226 27.42 34.22 -32.90
C HIS E 226 28.08 33.57 -31.69
N PRO E 227 28.80 32.46 -31.87
CA PRO E 227 29.53 31.88 -30.74
C PRO E 227 30.70 32.71 -30.27
N ALA E 228 31.20 33.61 -31.12
CA ALA E 228 32.38 34.40 -30.80
C ALA E 228 32.15 35.37 -29.66
N LEU E 229 30.94 35.93 -29.55
CA LEU E 229 30.63 36.85 -28.47
C LEU E 229 30.68 36.15 -27.12
N PHE E 230 30.05 34.99 -27.03
CA PHE E 230 30.01 34.24 -25.79
C PHE E 230 31.39 33.70 -25.44
N LYS E 231 32.21 33.41 -26.44
CA LYS E 231 33.57 33.02 -26.11
C LYS E 231 34.41 34.23 -25.70
N ALA E 232 34.09 35.41 -26.22
CA ALA E 232 34.91 36.58 -25.94
C ALA E 232 34.64 37.15 -24.57
N ILE E 233 33.36 37.32 -24.22
CA ILE E 233 33.03 37.91 -22.93
C ILE E 233 33.13 36.89 -21.80
N GLY E 234 33.26 35.60 -22.10
CA GLY E 234 33.57 34.58 -21.12
C GLY E 234 32.38 33.87 -20.52
N VAL E 235 31.43 33.45 -21.35
CA VAL E 235 30.15 32.95 -20.92
C VAL E 235 29.89 31.58 -21.52
N LYS E 236 29.50 30.62 -20.68
CA LYS E 236 29.11 29.43 -21.40
C LYS E 236 27.60 29.40 -21.59
N PRO E 237 27.14 29.14 -22.80
CA PRO E 237 25.73 29.17 -23.10
C PRO E 237 25.04 27.93 -22.57
N PRO E 238 23.74 27.97 -22.30
CA PRO E 238 23.09 26.83 -21.69
C PRO E 238 22.85 25.71 -22.69
N ARG E 239 22.62 24.52 -22.17
CA ARG E 239 22.47 23.34 -22.99
C ARG E 239 21.06 22.79 -22.97
N GLY E 240 20.25 23.16 -22.00
CA GLY E 240 18.90 22.64 -21.90
C GLY E 240 17.93 23.73 -21.54
N ILE E 241 16.81 23.76 -22.25
CA ILE E 241 15.73 24.69 -21.97
C ILE E 241 14.48 23.86 -21.81
N LEU E 242 13.70 24.11 -20.78
CA LEU E 242 12.49 23.36 -20.52
C LEU E 242 11.32 24.32 -20.62
N LEU E 243 10.47 24.18 -21.62
CA LEU E 243 9.23 24.92 -21.71
C LEU E 243 8.19 24.15 -20.91
N TYR E 244 7.33 24.84 -20.19
CA TYR E 244 6.24 24.16 -19.52
C TYR E 244 5.01 25.05 -19.44
N GLY E 245 3.86 24.47 -19.18
CA GLY E 245 2.63 25.21 -19.12
C GLY E 245 1.46 24.27 -18.95
N PRO E 246 0.24 24.79 -19.02
CA PRO E 246 -0.93 23.94 -19.04
C PRO E 246 -1.11 23.31 -20.40
N PRO E 247 -2.01 22.34 -20.55
CA PRO E 247 -2.26 21.80 -21.88
C PRO E 247 -2.96 22.79 -22.78
N GLY E 248 -2.50 22.87 -24.01
CA GLY E 248 -3.16 23.68 -25.00
C GLY E 248 -2.59 25.06 -25.20
N THR E 249 -1.47 25.40 -24.59
CA THR E 249 -0.98 26.76 -24.60
C THR E 249 0.06 27.03 -25.67
N GLY E 250 0.25 26.15 -26.62
CA GLY E 250 1.14 26.47 -27.72
C GLY E 250 2.61 26.24 -27.46
N LYS E 251 3.01 25.01 -27.15
CA LYS E 251 4.42 24.72 -26.97
C LYS E 251 4.99 24.03 -28.20
N THR E 252 4.23 23.11 -28.78
CA THR E 252 4.61 22.51 -30.05
C THR E 252 4.57 23.54 -31.17
N LEU E 253 3.74 24.56 -31.03
CA LEU E 253 3.70 25.63 -32.02
C LEU E 253 4.96 26.47 -32.01
N ILE E 254 5.46 26.83 -30.82
CA ILE E 254 6.73 27.53 -30.71
C ILE E 254 7.88 26.66 -31.19
N ALA E 255 7.74 25.35 -31.00
CA ALA E 255 8.71 24.40 -31.53
C ALA E 255 8.79 24.46 -33.05
N ARG E 256 7.65 24.32 -33.72
CA ARG E 256 7.64 24.38 -35.18
C ARG E 256 8.00 25.75 -35.70
N ALA E 257 7.79 26.81 -34.92
CA ALA E 257 8.19 28.14 -35.36
C ALA E 257 9.69 28.27 -35.37
N VAL E 258 10.37 27.74 -34.36
CA VAL E 258 11.82 27.78 -34.37
C VAL E 258 12.37 26.81 -35.42
N ALA E 259 11.61 25.75 -35.70
CA ALA E 259 12.01 24.77 -36.72
C ALA E 259 11.92 25.34 -38.12
N ASN E 260 11.11 26.37 -38.32
CA ASN E 260 10.99 26.95 -39.65
C ASN E 260 11.80 28.23 -39.76
N GLU E 261 12.14 28.87 -38.64
CA GLU E 261 13.05 30.00 -38.78
C GLU E 261 14.50 29.57 -38.83
N THR E 262 14.97 28.91 -37.76
CA THR E 262 16.23 29.28 -37.12
C THR E 262 17.46 29.20 -38.02
N GLY E 263 17.40 28.43 -39.10
CA GLY E 263 18.58 28.27 -39.90
C GLY E 263 19.61 27.37 -39.28
N ALA E 264 19.20 26.50 -38.37
CA ALA E 264 20.04 25.44 -37.85
C ALA E 264 19.40 24.12 -38.23
N PHE E 265 20.17 23.05 -38.10
CA PHE E 265 19.62 21.73 -38.29
C PHE E 265 18.64 21.41 -37.18
N PHE E 266 17.48 20.90 -37.52
CA PHE E 266 16.44 20.65 -36.53
C PHE E 266 16.12 19.16 -36.55
N PHE E 267 16.02 18.55 -35.38
CA PHE E 267 15.64 17.15 -35.28
C PHE E 267 14.57 17.05 -34.21
N LEU E 268 13.56 16.23 -34.44
CA LEU E 268 12.40 16.15 -33.56
C LEU E 268 12.28 14.75 -32.98
N ILE E 269 12.03 14.66 -31.68
CA ILE E 269 11.80 13.40 -31.00
C ILE E 269 10.46 13.51 -30.29
N ASN E 270 9.59 12.53 -30.50
CA ASN E 270 8.34 12.47 -29.78
C ASN E 270 8.47 11.52 -28.61
N GLY E 271 7.72 11.77 -27.54
CA GLY E 271 7.67 10.84 -26.44
C GLY E 271 7.02 9.52 -26.74
N PRO E 272 5.74 9.49 -27.16
CA PRO E 272 5.10 8.22 -27.44
C PRO E 272 5.69 7.44 -28.60
N GLU E 273 6.33 8.11 -29.55
CA GLU E 273 6.94 7.40 -30.66
C GLU E 273 8.17 6.63 -30.21
N ILE E 274 8.92 7.17 -29.25
CA ILE E 274 10.03 6.42 -28.70
C ILE E 274 9.53 5.30 -27.82
N MET E 275 8.53 5.57 -26.98
CA MET E 275 8.15 4.55 -26.00
C MET E 275 7.22 3.51 -26.60
N SER E 276 6.82 3.66 -27.85
CA SER E 276 5.91 2.67 -28.42
C SER E 276 6.66 1.54 -29.08
N LYS E 277 7.98 1.65 -29.16
CA LYS E 277 8.74 0.67 -29.90
C LYS E 277 9.26 -0.42 -28.99
N LEU E 278 9.75 -1.48 -29.61
CA LEU E 278 10.19 -2.67 -28.91
C LEU E 278 11.44 -2.35 -28.11
N ALA E 279 11.70 -3.16 -27.08
CA ALA E 279 12.82 -2.90 -26.20
C ALA E 279 14.15 -3.09 -26.92
N GLY E 280 15.03 -2.10 -26.77
CA GLY E 280 16.28 -2.12 -27.47
C GLY E 280 16.27 -1.40 -28.80
N GLU E 281 15.09 -1.07 -29.33
CA GLU E 281 15.00 -0.22 -30.49
C GLU E 281 14.82 1.24 -30.12
N SER E 282 14.31 1.52 -28.92
CA SER E 282 14.11 2.90 -28.51
C SER E 282 15.42 3.56 -28.09
N GLU E 283 16.32 2.80 -27.46
CA GLU E 283 17.63 3.36 -27.13
C GLU E 283 18.43 3.64 -28.38
N SER E 284 18.24 2.83 -29.41
CA SER E 284 18.94 3.08 -30.66
C SER E 284 18.42 4.34 -31.34
N ASN E 285 17.14 4.67 -31.17
CA ASN E 285 16.62 5.90 -31.75
C ASN E 285 17.14 7.13 -31.02
N LEU E 286 17.27 7.05 -29.68
CA LEU E 286 17.91 8.16 -28.97
C LEU E 286 19.36 8.35 -29.38
N ARG E 287 20.12 7.26 -29.49
CA ARG E 287 21.53 7.40 -29.86
C ARG E 287 21.69 7.92 -31.28
N LYS E 288 20.82 7.50 -32.20
CA LYS E 288 20.92 7.99 -33.56
C LYS E 288 20.53 9.45 -33.65
N ALA E 289 19.60 9.90 -32.81
CA ALA E 289 19.25 11.30 -32.79
C ALA E 289 20.43 12.17 -32.37
N PHE E 290 21.12 11.79 -31.30
CA PHE E 290 22.19 12.67 -30.87
C PHE E 290 23.42 12.54 -31.78
N GLU E 291 23.61 11.37 -32.41
CA GLU E 291 24.75 11.23 -33.31
C GLU E 291 24.53 12.00 -34.60
N GLU E 292 23.30 12.03 -35.13
CA GLU E 292 23.05 12.84 -36.31
C GLU E 292 23.09 14.33 -35.98
N ALA E 293 22.76 14.71 -34.75
CA ALA E 293 22.81 16.12 -34.43
C ALA E 293 24.22 16.61 -34.21
N GLU E 294 25.07 15.79 -33.58
CA GLU E 294 26.45 16.21 -33.38
C GLU E 294 27.27 16.06 -34.64
N LYS E 295 26.83 15.18 -35.55
CA LYS E 295 27.52 15.00 -36.83
C LYS E 295 27.30 16.19 -37.75
N ASN E 296 26.10 16.74 -37.75
CA ASN E 296 25.72 17.85 -38.59
C ASN E 296 26.09 19.16 -37.94
N ALA E 297 25.39 20.20 -38.39
CA ALA E 297 25.68 21.59 -38.15
C ALA E 297 25.48 21.98 -36.67
N PRO E 298 25.64 23.26 -36.32
CA PRO E 298 24.84 23.80 -35.22
C PRO E 298 23.40 23.32 -35.29
N ALA E 299 22.95 22.68 -34.22
CA ALA E 299 21.72 21.91 -34.28
C ALA E 299 20.81 22.27 -33.12
N ILE E 300 19.59 21.78 -33.18
CA ILE E 300 18.61 21.84 -32.09
C ILE E 300 17.95 20.49 -32.01
N ILE E 301 17.75 19.96 -30.82
CA ILE E 301 16.99 18.73 -30.62
C ILE E 301 15.79 19.07 -29.78
N PHE E 302 14.59 18.82 -30.29
CA PHE E 302 13.39 19.10 -29.54
C PHE E 302 12.78 17.79 -29.09
N ILE E 303 12.70 17.57 -27.78
CA ILE E 303 12.12 16.37 -27.21
C ILE E 303 10.74 16.72 -26.70
N ASP E 304 9.72 16.30 -27.43
CA ASP E 304 8.36 16.71 -27.14
C ASP E 304 7.72 15.68 -26.24
N GLU E 305 6.98 16.14 -25.24
CA GLU E 305 6.42 15.33 -24.17
C GLU E 305 7.51 14.54 -23.45
N LEU E 306 8.34 15.28 -22.72
CA LEU E 306 9.44 14.69 -21.98
C LEU E 306 8.96 13.79 -20.86
N ASP E 307 7.80 14.09 -20.28
CA ASP E 307 7.34 13.32 -19.12
C ASP E 307 6.71 12.00 -19.52
N ALA E 308 6.77 11.65 -20.80
CA ALA E 308 6.36 10.32 -21.19
C ALA E 308 7.53 9.38 -21.25
N ILE E 309 8.75 9.90 -21.45
CA ILE E 309 9.92 9.03 -21.52
C ILE E 309 10.81 9.13 -20.31
N ALA E 310 10.52 10.01 -19.36
CA ALA E 310 11.32 10.12 -18.15
C ALA E 310 10.51 10.55 -16.94
N PRO E 311 9.71 9.67 -16.36
CA PRO E 311 8.99 10.03 -15.14
C PRO E 311 9.85 9.77 -13.92
N LYS E 312 9.27 10.02 -12.75
CA LYS E 312 9.97 9.75 -11.50
C LYS E 312 10.14 8.26 -11.29
N ARG E 313 11.23 7.88 -10.65
CA ARG E 313 11.53 6.45 -10.52
C ARG E 313 10.81 5.82 -9.35
N GLU E 314 9.89 6.56 -8.72
CA GLU E 314 8.93 5.92 -7.83
C GLU E 314 7.72 5.44 -8.62
N LYS E 315 7.49 6.04 -9.79
CA LYS E 315 6.35 5.65 -10.59
C LYS E 315 6.74 4.57 -11.59
N THR E 316 8.01 4.53 -11.96
CA THR E 316 8.49 3.61 -12.97
C THR E 316 8.61 2.21 -12.41
N HIS E 317 8.04 1.23 -13.10
CA HIS E 317 8.06 -0.14 -12.62
C HIS E 317 8.92 -1.05 -13.47
N GLY E 318 9.23 -0.66 -14.69
CA GLY E 318 9.92 -1.57 -15.56
C GLY E 318 11.41 -1.56 -15.31
N GLU E 319 12.12 -2.43 -16.01
CA GLU E 319 13.56 -2.25 -16.12
C GLU E 319 13.89 -1.44 -17.37
N VAL E 320 13.09 -1.62 -18.42
CA VAL E 320 13.39 -0.97 -19.69
C VAL E 320 13.16 0.53 -19.59
N GLU E 321 12.22 0.96 -18.77
CA GLU E 321 11.95 2.39 -18.66
C GLU E 321 13.02 3.09 -17.84
N ARG E 322 13.56 2.42 -16.82
CA ARG E 322 14.69 2.98 -16.10
C ARG E 322 15.93 2.98 -16.96
N ARG E 323 16.03 2.04 -17.90
CA ARG E 323 17.16 2.06 -18.80
C ARG E 323 17.05 3.21 -19.79
N ILE E 324 15.84 3.59 -20.18
CA ILE E 324 15.70 4.73 -21.09
C ILE E 324 16.00 6.05 -20.39
N VAL E 325 15.61 6.17 -19.12
CA VAL E 325 15.95 7.38 -18.37
C VAL E 325 17.46 7.51 -18.18
N SER E 326 18.14 6.41 -17.86
CA SER E 326 19.59 6.47 -17.67
C SER E 326 20.33 6.71 -18.98
N GLN E 327 19.81 6.19 -20.09
CA GLN E 327 20.37 6.48 -21.41
C GLN E 327 20.28 7.95 -21.74
N LEU E 328 19.15 8.58 -21.44
CA LEU E 328 19.01 10.01 -21.69
C LEU E 328 19.95 10.84 -20.84
N LEU E 329 20.17 10.46 -19.58
CA LEU E 329 21.11 11.21 -18.74
C LEU E 329 22.53 11.10 -19.28
N THR E 330 22.94 9.91 -19.68
CA THR E 330 24.26 9.70 -20.27
C THR E 330 24.44 10.50 -21.56
N LEU E 331 23.40 10.59 -22.39
CA LEU E 331 23.55 11.34 -23.63
C LEU E 331 23.57 12.83 -23.40
N MET E 332 22.84 13.31 -22.39
CA MET E 332 22.88 14.74 -22.04
C MET E 332 24.24 15.15 -21.51
N ASP E 333 24.92 14.25 -20.80
CA ASP E 333 26.21 14.65 -20.25
C ASP E 333 27.32 14.64 -21.30
N GLY E 334 27.08 14.03 -22.45
CA GLY E 334 28.11 13.99 -23.48
C GLY E 334 28.23 15.26 -24.28
N LEU E 335 27.27 16.16 -24.17
CA LEU E 335 27.32 17.44 -24.86
C LEU E 335 28.43 18.31 -24.29
N LYS E 336 29.36 18.73 -25.14
CA LYS E 336 30.47 19.58 -24.75
C LYS E 336 30.34 20.93 -25.43
N GLN E 337 31.17 21.88 -24.96
CA GLN E 337 31.15 23.25 -25.48
C GLN E 337 31.55 23.29 -26.96
N ARG E 338 32.35 22.32 -27.40
CA ARG E 338 32.76 22.22 -28.79
C ARG E 338 31.59 21.90 -29.71
N ALA E 339 30.55 21.25 -29.19
CA ALA E 339 29.60 20.56 -30.05
C ALA E 339 28.61 21.49 -30.77
N HIS E 340 28.21 22.60 -30.13
CA HIS E 340 27.19 23.54 -30.63
C HIS E 340 25.83 22.87 -30.80
N VAL E 341 25.34 22.20 -29.77
CA VAL E 341 24.05 21.54 -29.81
C VAL E 341 23.24 22.05 -28.63
N ILE E 342 22.04 22.53 -28.90
CA ILE E 342 21.09 22.95 -27.89
C ILE E 342 20.00 21.90 -27.83
N VAL E 343 19.64 21.44 -26.63
CA VAL E 343 18.56 20.49 -26.45
C VAL E 343 17.44 21.23 -25.75
N MET E 344 16.24 21.18 -26.27
CA MET E 344 15.14 21.81 -25.57
C MET E 344 13.94 20.89 -25.57
N ALA E 345 13.16 20.93 -24.49
CA ALA E 345 12.13 19.95 -24.25
C ALA E 345 10.87 20.64 -23.80
N ALA E 346 9.74 19.96 -23.90
CA ALA E 346 8.47 20.56 -23.59
C ALA E 346 7.64 19.59 -22.78
N THR E 347 6.97 20.09 -21.76
CA THR E 347 6.15 19.23 -20.93
C THR E 347 5.02 20.06 -20.37
N ASN E 348 4.01 19.39 -19.83
CA ASN E 348 2.96 20.08 -19.13
C ASN E 348 2.79 19.61 -17.70
N ARG E 349 3.61 18.65 -17.28
CA ARG E 349 3.66 18.19 -15.91
C ARG E 349 5.08 18.39 -15.39
N PRO E 350 5.45 19.62 -15.04
CA PRO E 350 6.84 19.92 -14.71
C PRO E 350 7.33 19.35 -13.39
N ASN E 351 6.47 18.75 -12.60
CA ASN E 351 6.87 18.13 -11.34
C ASN E 351 6.77 16.63 -11.37
N SER E 352 6.55 16.04 -12.53
CA SER E 352 6.63 14.59 -12.66
C SER E 352 7.85 14.17 -13.42
N ILE E 353 8.68 15.09 -13.83
CA ILE E 353 9.96 14.77 -14.41
C ILE E 353 10.91 14.34 -13.30
N ASP E 354 11.69 13.31 -13.59
CA ASP E 354 12.75 12.81 -12.72
C ASP E 354 13.65 13.96 -12.29
N PRO E 355 13.89 14.15 -10.98
CA PRO E 355 14.63 15.34 -10.54
C PRO E 355 16.08 15.36 -10.93
N ALA E 356 16.63 14.25 -11.40
CA ALA E 356 18.01 14.24 -11.82
C ALA E 356 18.19 14.97 -13.14
N LEU E 357 17.11 15.14 -13.90
CA LEU E 357 17.20 15.84 -15.18
C LEU E 357 17.16 17.35 -15.00
N ARG E 358 16.69 17.84 -13.88
CA ARG E 358 16.55 19.27 -13.72
C ARG E 358 17.71 19.92 -13.00
N ARG E 359 18.88 19.28 -12.99
CA ARG E 359 20.00 19.82 -12.26
C ARG E 359 20.89 20.64 -13.16
N PHE E 360 22.05 20.99 -12.64
CA PHE E 360 22.93 21.89 -13.34
C PHE E 360 23.65 21.14 -14.44
N GLY E 361 23.64 21.72 -15.62
CA GLY E 361 24.25 21.07 -16.77
C GLY E 361 23.30 20.27 -17.62
N ARG E 362 22.06 20.06 -17.20
CA ARG E 362 21.12 19.29 -18.00
C ARG E 362 19.94 20.12 -18.49
N PHE E 363 19.02 20.51 -17.61
CA PHE E 363 17.82 21.25 -18.01
C PHE E 363 17.62 22.40 -17.04
N ASP E 364 18.66 23.20 -16.91
CA ASP E 364 18.70 24.19 -15.84
C ASP E 364 17.87 25.44 -16.13
N ARG E 365 17.73 25.83 -17.40
CA ARG E 365 16.88 26.96 -17.75
C ARG E 365 15.44 26.50 -17.87
N GLU E 366 14.49 27.34 -17.51
CA GLU E 366 13.07 27.04 -17.60
C GLU E 366 12.31 28.26 -18.07
N VAL E 367 11.45 28.09 -19.07
CA VAL E 367 10.65 29.17 -19.61
C VAL E 367 9.19 28.79 -19.42
N ASP E 368 8.43 29.66 -18.76
CA ASP E 368 7.05 29.34 -18.40
C ASP E 368 6.10 29.99 -19.40
N ILE E 369 5.61 29.20 -20.34
CA ILE E 369 4.49 29.59 -21.18
C ILE E 369 3.27 29.52 -20.30
N GLY E 370 2.43 30.54 -20.29
CA GLY E 370 1.32 30.62 -19.37
C GLY E 370 -0.02 30.85 -20.03
N ILE E 371 -1.04 30.97 -19.20
CA ILE E 371 -2.40 31.26 -19.66
C ILE E 371 -2.48 32.72 -20.09
N PRO E 372 -3.06 33.04 -21.24
CA PRO E 372 -3.01 34.42 -21.71
C PRO E 372 -4.05 35.30 -21.04
N ASP E 373 -3.77 36.60 -21.00
CA ASP E 373 -4.74 37.60 -20.58
C ASP E 373 -5.51 38.15 -21.76
N ALA E 374 -6.29 39.19 -21.52
CA ALA E 374 -7.24 39.72 -22.50
C ALA E 374 -6.57 40.27 -23.75
N THR E 375 -5.44 40.94 -23.56
CA THR E 375 -4.67 41.43 -24.69
C THR E 375 -4.11 40.27 -25.51
N GLY E 376 -3.79 39.16 -24.85
CA GLY E 376 -3.33 37.99 -25.58
C GLY E 376 -4.46 37.30 -26.32
N ARG E 377 -5.64 37.23 -25.70
CA ARG E 377 -6.76 36.54 -26.34
C ARG E 377 -7.21 37.26 -27.58
N LEU E 378 -7.13 38.59 -27.58
CA LEU E 378 -7.44 39.33 -28.79
C LEU E 378 -6.49 38.99 -29.94
N GLU E 379 -5.20 38.80 -29.64
CA GLU E 379 -4.26 38.49 -30.70
C GLU E 379 -4.44 37.08 -31.22
N ILE E 380 -4.79 36.14 -30.34
CA ILE E 380 -5.05 34.78 -30.80
C ILE E 380 -6.29 34.73 -31.67
N LEU E 381 -7.34 35.48 -31.31
CA LEU E 381 -8.54 35.52 -32.14
C LEU E 381 -8.27 36.17 -33.49
N GLN E 382 -7.45 37.21 -33.52
CA GLN E 382 -7.15 37.86 -34.79
C GLN E 382 -6.27 37.00 -35.68
N ILE E 383 -5.48 36.10 -35.08
CA ILE E 383 -4.75 35.15 -35.92
C ILE E 383 -5.68 34.09 -36.49
N HIS E 384 -6.55 33.53 -35.65
CA HIS E 384 -7.37 32.42 -36.13
C HIS E 384 -8.45 32.82 -37.10
N THR E 385 -8.95 34.05 -37.02
CA THR E 385 -9.99 34.43 -37.95
C THR E 385 -9.49 35.19 -39.16
N LYS E 386 -8.30 34.88 -39.67
CA LYS E 386 -7.79 35.63 -40.81
C LYS E 386 -8.21 34.99 -42.12
N ASN E 387 -8.82 33.80 -42.06
CA ASN E 387 -9.29 33.17 -43.29
C ASN E 387 -10.81 33.09 -43.32
N MET E 388 -11.45 33.20 -42.17
CA MET E 388 -12.89 33.29 -42.13
C MET E 388 -13.36 34.61 -42.71
N LYS E 389 -14.61 34.64 -43.15
CA LYS E 389 -15.22 35.84 -43.69
C LYS E 389 -16.20 36.38 -42.68
N LEU E 390 -15.79 37.39 -41.93
CA LEU E 390 -16.58 37.91 -40.84
C LEU E 390 -17.55 38.95 -41.39
N ALA E 391 -18.73 39.03 -40.78
CA ALA E 391 -19.63 40.13 -41.06
C ALA E 391 -19.13 41.39 -40.38
N ASP E 392 -19.76 42.52 -40.68
CA ASP E 392 -19.34 43.79 -40.11
C ASP E 392 -19.77 43.95 -38.67
N ASP E 393 -20.61 43.05 -38.19
CA ASP E 393 -21.15 43.18 -36.85
C ASP E 393 -20.13 42.73 -35.80
N VAL E 394 -19.15 41.92 -36.21
CA VAL E 394 -18.36 41.16 -35.24
C VAL E 394 -17.30 42.05 -34.62
N ASP E 395 -17.36 42.18 -33.30
CA ASP E 395 -16.41 42.95 -32.51
C ASP E 395 -15.59 41.96 -31.70
N LEU E 396 -14.32 41.80 -32.04
CA LEU E 396 -13.52 40.76 -31.40
C LEU E 396 -13.08 41.16 -30.00
N GLU E 397 -13.15 42.44 -29.66
CA GLU E 397 -12.72 42.85 -28.32
C GLU E 397 -13.76 42.47 -27.28
N GLN E 398 -15.04 42.45 -27.66
CA GLN E 398 -16.07 41.97 -26.75
C GLN E 398 -15.92 40.48 -26.49
N VAL E 399 -15.61 39.71 -27.54
CA VAL E 399 -15.39 38.28 -27.39
C VAL E 399 -14.14 38.04 -26.55
N ALA E 400 -13.10 38.84 -26.74
CA ALA E 400 -11.88 38.66 -25.98
C ALA E 400 -12.06 39.03 -24.53
N ASN E 401 -13.03 39.88 -24.22
CA ASN E 401 -13.30 40.18 -22.82
C ASN E 401 -14.18 39.11 -22.19
N GLU E 402 -15.02 38.45 -22.97
CA GLU E 402 -15.99 37.55 -22.36
C GLU E 402 -15.44 36.13 -22.17
N THR E 403 -14.33 35.80 -22.83
CA THR E 403 -13.69 34.49 -22.68
C THR E 403 -12.68 34.56 -21.54
N HIS E 404 -12.96 33.84 -20.45
CA HIS E 404 -12.23 34.08 -19.22
C HIS E 404 -11.17 33.02 -18.95
N GLY E 405 -11.55 31.74 -18.96
CA GLY E 405 -10.61 30.69 -18.68
C GLY E 405 -10.05 29.97 -19.88
N HIS E 406 -10.09 30.59 -21.04
CA HIS E 406 -9.71 29.94 -22.27
C HIS E 406 -8.22 30.01 -22.48
N VAL E 407 -7.67 29.00 -23.16
CA VAL E 407 -6.31 28.97 -23.66
C VAL E 407 -6.44 28.93 -25.17
N GLY E 408 -5.32 28.85 -25.88
CA GLY E 408 -5.33 29.03 -27.32
C GLY E 408 -6.15 28.02 -28.10
N ALA E 409 -6.11 26.76 -27.68
CA ALA E 409 -6.89 25.73 -28.38
C ALA E 409 -8.37 25.90 -28.14
N ASP E 410 -8.74 26.47 -27.00
CA ASP E 410 -10.15 26.76 -26.75
C ASP E 410 -10.66 27.88 -27.64
N LEU E 411 -9.81 28.84 -27.97
CA LEU E 411 -10.24 29.89 -28.88
C LEU E 411 -10.35 29.39 -30.31
N ALA E 412 -9.50 28.43 -30.67
CA ALA E 412 -9.65 27.77 -31.96
C ALA E 412 -10.96 27.00 -32.05
N ALA E 413 -11.32 26.28 -30.99
CA ALA E 413 -12.58 25.54 -31.00
C ALA E 413 -13.77 26.47 -30.95
N LEU E 414 -13.61 27.65 -30.36
CA LEU E 414 -14.67 28.66 -30.36
C LEU E 414 -14.97 29.16 -31.76
N CYS E 415 -13.92 29.50 -32.52
CA CYS E 415 -14.11 29.94 -33.90
C CYS E 415 -14.75 28.86 -34.77
N SER E 416 -14.33 27.60 -34.56
CA SER E 416 -14.91 26.50 -35.34
C SER E 416 -16.39 26.30 -35.04
N GLU E 417 -16.78 26.36 -33.77
CA GLU E 417 -18.17 26.17 -33.41
C GLU E 417 -19.04 27.31 -33.91
N ALA E 418 -18.49 28.53 -33.93
CA ALA E 418 -19.23 29.66 -34.49
C ALA E 418 -19.51 29.47 -35.98
N ALA E 419 -18.52 29.01 -36.75
CA ALA E 419 -18.78 28.84 -38.16
C ALA E 419 -19.71 27.67 -38.45
N LEU E 420 -19.71 26.65 -37.61
CA LEU E 420 -20.69 25.57 -37.79
C LEU E 420 -22.11 26.03 -37.48
N GLN E 421 -22.26 26.94 -36.53
CA GLN E 421 -23.58 27.55 -36.29
C GLN E 421 -24.04 28.37 -37.49
N ALA E 422 -23.09 29.07 -38.13
CA ALA E 422 -23.42 29.81 -39.35
C ALA E 422 -23.83 28.88 -40.49
N ILE E 423 -23.27 27.67 -40.51
CA ILE E 423 -23.75 26.68 -41.49
C ILE E 423 -25.16 26.22 -41.18
N ARG E 424 -25.44 25.90 -39.89
CA ARG E 424 -26.76 25.38 -39.51
C ARG E 424 -27.88 26.38 -39.76
N LYS E 425 -27.58 27.68 -39.72
CA LYS E 425 -28.63 28.62 -40.10
C LYS E 425 -28.95 28.61 -41.60
N LYS E 426 -28.10 27.99 -42.42
CA LYS E 426 -28.22 27.97 -43.87
C LYS E 426 -28.52 26.54 -44.32
N MET E 427 -29.39 25.86 -43.58
CA MET E 427 -29.53 24.42 -43.78
C MET E 427 -30.65 24.06 -44.73
N ASP E 428 -31.64 24.92 -44.91
CA ASP E 428 -32.75 24.63 -45.81
C ASP E 428 -32.36 24.62 -47.27
N LEU E 429 -31.21 25.19 -47.62
CA LEU E 429 -30.68 25.13 -48.98
C LEU E 429 -29.67 24.00 -49.15
N ILE E 430 -28.80 23.78 -48.16
CA ILE E 430 -27.78 22.75 -48.26
C ILE E 430 -28.43 21.38 -48.06
N ASP E 431 -28.16 20.47 -48.99
CA ASP E 431 -28.69 19.11 -48.90
C ASP E 431 -27.55 18.14 -48.65
N LEU E 432 -27.73 17.28 -47.65
CA LEU E 432 -26.79 16.18 -47.44
C LEU E 432 -26.95 15.11 -48.51
N GLU E 433 -28.14 15.01 -49.09
CA GLU E 433 -28.45 13.96 -50.06
C GLU E 433 -27.75 14.16 -51.40
N ASP E 434 -27.41 15.40 -51.76
CA ASP E 434 -26.98 15.69 -53.12
C ASP E 434 -25.51 15.38 -53.30
N GLU E 435 -24.94 15.83 -54.40
CA GLU E 435 -23.51 15.68 -54.66
C GLU E 435 -22.73 16.93 -54.32
N THR E 436 -23.22 18.10 -54.73
CA THR E 436 -22.45 19.33 -54.55
C THR E 436 -23.39 20.45 -54.15
N ILE E 437 -22.80 21.58 -53.78
CA ILE E 437 -23.51 22.73 -53.22
C ILE E 437 -23.39 23.88 -54.19
N ASP E 438 -24.45 24.70 -54.29
CA ASP E 438 -24.43 25.89 -55.13
C ASP E 438 -23.36 26.87 -54.68
N ALA E 439 -22.71 27.52 -55.65
CA ALA E 439 -21.61 28.42 -55.35
C ALA E 439 -22.09 29.70 -54.68
N GLU E 440 -23.34 30.10 -54.91
CA GLU E 440 -23.89 31.24 -54.18
C GLU E 440 -24.11 30.89 -52.71
N VAL E 441 -24.41 29.62 -52.42
CA VAL E 441 -24.54 29.21 -51.02
C VAL E 441 -23.17 29.19 -50.35
N MET E 442 -22.14 28.76 -51.07
CA MET E 442 -20.79 28.86 -50.53
C MET E 442 -20.28 30.29 -50.50
N ASN E 443 -20.93 31.21 -51.18
CA ASN E 443 -20.54 32.60 -51.12
C ASN E 443 -21.34 33.40 -50.11
N SER E 444 -22.52 32.90 -49.71
CA SER E 444 -23.38 33.58 -48.76
C SER E 444 -23.12 33.15 -47.32
N LEU E 445 -21.89 32.73 -47.01
CA LEU E 445 -21.51 32.34 -45.66
C LEU E 445 -20.71 33.47 -45.04
N ALA E 446 -21.23 34.03 -43.96
CA ALA E 446 -20.54 35.08 -43.24
C ALA E 446 -20.96 35.00 -41.78
N VAL E 447 -19.98 34.94 -40.90
CA VAL E 447 -20.23 34.64 -39.50
C VAL E 447 -20.54 35.94 -38.76
N THR E 448 -21.68 35.97 -38.08
CA THR E 448 -22.14 37.17 -37.39
C THR E 448 -21.94 37.03 -35.89
N MET E 449 -22.21 38.13 -35.18
CA MET E 449 -22.00 38.16 -33.75
C MET E 449 -22.98 37.27 -32.98
N ASP E 450 -24.12 36.96 -33.58
CA ASP E 450 -25.05 36.02 -32.97
C ASP E 450 -24.45 34.62 -32.90
N ASP E 451 -23.63 34.27 -33.89
CA ASP E 451 -22.94 32.99 -33.90
C ASP E 451 -21.89 32.92 -32.82
N PHE E 452 -21.12 33.99 -32.63
CA PHE E 452 -20.14 34.00 -31.56
C PHE E 452 -20.80 34.02 -30.19
N ARG E 453 -22.00 34.56 -30.06
CA ARG E 453 -22.67 34.43 -28.78
C ARG E 453 -23.21 33.03 -28.54
N TRP E 454 -23.64 32.32 -29.58
CA TRP E 454 -23.98 30.91 -29.42
C TRP E 454 -22.77 30.07 -29.02
N ALA E 455 -21.67 30.25 -29.75
CA ALA E 455 -20.47 29.45 -29.51
C ALA E 455 -19.87 29.76 -28.16
N LEU E 456 -19.99 30.99 -27.71
CA LEU E 456 -19.49 31.34 -26.40
C LEU E 456 -20.44 30.90 -25.30
N SER E 457 -21.71 30.72 -25.60
CA SER E 457 -22.62 30.13 -24.64
C SER E 457 -22.36 28.65 -24.44
N GLN E 458 -21.90 27.95 -25.47
CA GLN E 458 -21.76 26.51 -25.39
C GLN E 458 -20.41 26.02 -24.88
N SER E 459 -19.38 26.85 -24.85
CA SER E 459 -18.03 26.36 -24.66
C SER E 459 -17.73 26.12 -23.19
N ASN E 460 -17.17 24.96 -22.88
CA ASN E 460 -16.70 24.69 -21.54
C ASN E 460 -15.18 24.71 -21.58
N PRO E 461 -14.52 25.71 -21.01
CA PRO E 461 -13.08 25.83 -21.14
C PRO E 461 -12.35 24.88 -20.20
N SER E 462 -11.03 24.94 -20.26
CA SER E 462 -10.15 23.98 -19.60
C SER E 462 -9.46 24.53 -18.37
N ALA E 463 -9.10 25.82 -18.38
CA ALA E 463 -8.26 26.39 -17.35
C ALA E 463 -9.06 27.23 -16.37
N LEU E 464 -10.25 26.79 -15.99
CA LEU E 464 -11.00 27.51 -14.97
C LEU E 464 -10.43 27.28 -13.58
N ARG E 465 -9.79 26.14 -13.36
CA ARG E 465 -9.35 25.76 -12.01
C ARG E 465 -7.86 26.04 -11.82
N GLU E 466 -7.40 27.07 -12.52
CA GLU E 466 -6.02 27.52 -12.43
C GLU E 466 -6.01 28.80 -11.63
N THR E 467 -4.83 29.21 -11.17
CA THR E 467 -4.74 30.48 -10.46
C THR E 467 -4.36 31.58 -11.43
N VAL E 468 -5.11 32.68 -11.38
CA VAL E 468 -4.96 33.80 -12.30
C VAL E 468 -3.87 34.71 -11.76
N VAL E 469 -2.86 34.99 -12.57
CA VAL E 469 -1.78 35.90 -12.21
C VAL E 469 -1.80 37.02 -13.23
N GLU E 470 -2.50 38.11 -12.92
CA GLU E 470 -2.62 39.21 -13.87
C GLU E 470 -2.50 40.53 -13.13
N VAL E 471 -2.42 41.61 -13.88
CA VAL E 471 -2.59 42.95 -13.30
C VAL E 471 -4.08 43.26 -13.25
N PRO E 472 -4.62 43.70 -12.11
CA PRO E 472 -6.07 43.84 -12.01
C PRO E 472 -6.57 45.08 -12.72
N GLN E 473 -7.89 45.24 -12.72
CA GLN E 473 -8.53 46.37 -13.39
C GLN E 473 -9.21 47.33 -12.43
N VAL E 474 -9.20 47.05 -11.13
CA VAL E 474 -9.83 47.97 -10.19
C VAL E 474 -8.91 49.14 -9.94
N THR E 475 -9.37 50.34 -10.23
CA THR E 475 -8.61 51.55 -9.96
C THR E 475 -8.91 52.02 -8.54
N TRP E 476 -8.41 53.21 -8.20
CA TRP E 476 -8.80 53.82 -6.94
C TRP E 476 -10.24 54.31 -6.99
N GLU E 477 -10.73 54.57 -8.21
CA GLU E 477 -11.97 55.29 -8.40
C GLU E 477 -13.17 54.43 -8.04
N ASP E 478 -13.00 53.11 -8.03
CA ASP E 478 -14.10 52.24 -7.68
C ASP E 478 -14.36 52.23 -6.18
N ILE E 479 -13.41 52.72 -5.39
CA ILE E 479 -13.56 52.67 -3.94
C ILE E 479 -13.99 54.04 -3.44
N GLY E 480 -14.98 54.04 -2.54
CA GLY E 480 -15.39 55.27 -1.89
C GLY E 480 -14.98 55.31 -0.44
N GLY E 481 -14.43 56.43 -0.02
CA GLY E 481 -13.93 56.53 1.34
C GLY E 481 -12.56 55.91 1.44
N LEU E 482 -12.10 55.78 2.69
CA LEU E 482 -10.82 55.16 3.04
C LEU E 482 -9.66 55.84 2.33
N GLU E 483 -9.40 57.10 2.69
CA GLU E 483 -8.38 57.87 1.97
C GLU E 483 -7.07 57.89 2.74
N ASP E 484 -7.16 57.80 4.06
CA ASP E 484 -5.96 57.74 4.87
C ASP E 484 -5.21 56.44 4.64
N VAL E 485 -5.96 55.34 4.43
CA VAL E 485 -5.29 54.08 4.15
C VAL E 485 -4.76 54.06 2.72
N LYS E 486 -5.32 54.90 1.85
CA LYS E 486 -4.72 55.03 0.52
C LYS E 486 -3.37 55.69 0.64
N ARG E 487 -3.29 56.73 1.46
CA ARG E 487 -2.02 57.42 1.64
C ARG E 487 -1.01 56.52 2.36
N GLU E 488 -1.49 55.64 3.24
CA GLU E 488 -0.57 54.75 3.93
C GLU E 488 -0.10 53.61 3.04
N LEU E 489 -1.00 53.01 2.24
CA LEU E 489 -0.60 51.89 1.39
C LEU E 489 0.32 52.32 0.28
N GLN E 490 0.18 53.56 -0.21
CA GLN E 490 1.18 54.06 -1.15
C GLN E 490 2.56 54.09 -0.52
N GLU E 491 2.63 54.50 0.73
CA GLU E 491 3.93 54.65 1.40
C GLU E 491 4.51 53.29 1.78
N LEU E 492 3.66 52.28 1.96
CA LEU E 492 4.19 50.97 2.30
C LEU E 492 4.64 50.20 1.08
N VAL E 493 3.92 50.31 -0.03
CA VAL E 493 4.22 49.49 -1.20
C VAL E 493 5.09 50.22 -2.21
N GLN E 494 4.69 51.42 -2.63
CA GLN E 494 5.19 51.98 -3.87
C GLN E 494 6.61 52.52 -3.74
N TYR E 495 6.98 53.06 -2.59
CA TYR E 495 8.31 53.66 -2.48
C TYR E 495 9.50 52.69 -2.43
N PRO E 496 9.44 51.50 -1.82
CA PRO E 496 10.58 50.59 -1.98
C PRO E 496 10.77 50.06 -3.39
N VAL E 497 9.74 50.10 -4.23
CA VAL E 497 9.94 49.77 -5.64
C VAL E 497 10.55 50.96 -6.37
N GLU E 498 10.00 52.15 -6.15
CA GLU E 498 10.35 53.32 -6.95
C GLU E 498 11.62 54.01 -6.47
N HIS E 499 11.88 54.00 -5.17
CA HIS E 499 13.02 54.70 -4.59
C HIS E 499 13.79 53.73 -3.72
N PRO E 500 14.72 52.98 -4.28
CA PRO E 500 15.43 51.99 -3.48
C PRO E 500 16.46 52.64 -2.58
N ASP E 501 17.15 53.64 -3.11
CA ASP E 501 18.34 54.18 -2.47
C ASP E 501 18.02 55.06 -1.29
N LYS E 502 16.80 55.58 -1.22
CA LYS E 502 16.38 56.43 -0.13
C LYS E 502 16.19 55.63 1.16
N PHE E 503 16.08 54.31 1.06
CA PHE E 503 16.14 53.43 2.21
C PHE E 503 17.57 53.08 2.57
N LEU E 504 18.51 53.35 1.67
CA LEU E 504 19.92 53.15 1.96
C LEU E 504 20.59 54.39 2.54
N LYS E 505 20.00 55.57 2.35
CA LYS E 505 20.49 56.75 3.06
C LYS E 505 20.37 56.55 4.56
N PHE E 506 19.18 56.22 5.02
CA PHE E 506 18.98 55.83 6.41
C PHE E 506 19.26 54.34 6.52
N GLY E 507 19.04 53.77 7.69
CA GLY E 507 19.35 52.36 7.86
C GLY E 507 18.12 51.50 7.90
N MET E 508 17.05 51.92 7.24
CA MET E 508 15.78 51.24 7.37
C MET E 508 15.61 50.20 6.27
N THR E 509 15.28 48.99 6.68
CA THR E 509 14.77 47.98 5.78
C THR E 509 13.27 48.05 5.77
N PRO E 510 12.62 48.09 4.62
CA PRO E 510 11.17 48.20 4.56
C PRO E 510 10.50 46.92 5.05
N SER E 511 9.26 47.07 5.48
CA SER E 511 8.52 45.91 5.93
C SER E 511 7.87 45.22 4.73
N LYS E 512 7.32 44.04 4.98
CA LYS E 512 6.73 43.26 3.93
C LYS E 512 5.25 42.97 4.11
N GLY E 513 4.72 43.06 5.31
CA GLY E 513 3.37 42.60 5.59
C GLY E 513 2.44 43.73 5.95
N VAL E 514 1.15 43.53 5.66
CA VAL E 514 0.04 44.37 6.09
C VAL E 514 -1.07 43.41 6.46
N LEU E 515 -1.78 43.67 7.56
CA LEU E 515 -3.02 42.95 7.84
C LEU E 515 -4.15 43.97 7.88
N PHE E 516 -5.23 43.67 7.19
CA PHE E 516 -6.47 44.42 7.33
C PHE E 516 -7.45 43.58 8.12
N TYR E 517 -8.09 44.17 9.13
CA TYR E 517 -9.15 43.44 9.81
C TYR E 517 -10.27 44.41 10.17
N GLY E 518 -11.46 43.84 10.37
CA GLY E 518 -12.61 44.65 10.68
C GLY E 518 -13.92 43.89 10.54
N PRO E 519 -15.02 44.64 10.44
CA PRO E 519 -16.32 44.03 10.24
C PRO E 519 -16.47 43.55 8.81
N PRO E 520 -17.47 42.71 8.52
CA PRO E 520 -17.69 42.30 7.13
C PRO E 520 -18.16 43.43 6.25
N GLY E 521 -18.03 43.24 4.94
CA GLY E 521 -18.56 44.15 3.94
C GLY E 521 -17.91 45.51 3.84
N CYS E 522 -16.84 45.74 4.59
CA CYS E 522 -16.31 47.09 4.70
C CYS E 522 -15.43 47.51 3.52
N GLY E 523 -15.03 46.58 2.65
CA GLY E 523 -14.25 46.95 1.49
C GLY E 523 -12.77 46.67 1.53
N LYS E 524 -12.38 45.45 1.91
CA LYS E 524 -10.96 45.17 2.11
C LYS E 524 -10.30 44.63 0.85
N THR E 525 -11.04 43.88 0.02
CA THR E 525 -10.46 43.26 -1.17
C THR E 525 -10.13 44.29 -2.26
N LEU E 526 -10.96 45.32 -2.36
CA LEU E 526 -10.80 46.27 -3.44
C LEU E 526 -9.57 47.13 -3.25
N LEU E 527 -9.17 47.38 -2.01
CA LEU E 527 -7.95 48.14 -1.75
C LEU E 527 -6.73 47.38 -2.20
N ALA E 528 -6.70 46.07 -1.93
CA ALA E 528 -5.57 45.25 -2.31
C ALA E 528 -5.47 45.10 -3.80
N LYS E 529 -6.60 45.09 -4.50
CA LYS E 529 -6.50 45.10 -5.96
C LYS E 529 -6.07 46.47 -6.47
N ALA E 530 -6.49 47.54 -5.80
CA ALA E 530 -6.26 48.88 -6.31
C ALA E 530 -4.81 49.29 -6.16
N ILE E 531 -4.13 48.83 -5.10
CA ILE E 531 -2.72 49.15 -4.96
C ILE E 531 -1.89 48.41 -6.00
N ALA E 532 -2.32 47.21 -6.38
CA ALA E 532 -1.63 46.48 -7.44
C ALA E 532 -1.84 47.14 -8.78
N ASN E 533 -3.02 47.71 -9.01
CA ASN E 533 -3.22 48.48 -10.23
C ASN E 533 -2.40 49.76 -10.21
N GLU E 534 -2.20 50.35 -9.03
CA GLU E 534 -1.40 51.57 -8.93
C GLU E 534 0.07 51.32 -9.24
N CYS E 535 0.63 50.25 -8.69
CA CYS E 535 2.06 49.99 -8.85
C CYS E 535 2.41 49.21 -10.10
N GLN E 536 1.42 48.76 -10.87
CA GLN E 536 1.58 47.91 -12.05
C GLN E 536 2.32 46.61 -11.70
N ALA E 537 1.74 45.88 -10.76
CA ALA E 537 2.29 44.62 -10.28
C ALA E 537 1.30 43.50 -10.52
N ASN E 538 1.78 42.27 -10.47
CA ASN E 538 0.91 41.13 -10.61
C ASN E 538 0.10 40.95 -9.33
N PHE E 539 -0.88 40.07 -9.35
CA PHE E 539 -1.79 39.95 -8.22
C PHE E 539 -2.27 38.51 -8.13
N ILE E 540 -1.81 37.79 -7.13
CA ILE E 540 -2.25 36.44 -6.85
C ILE E 540 -3.18 36.49 -5.67
N SER E 541 -4.35 35.88 -5.78
CA SER E 541 -5.35 35.89 -4.72
C SER E 541 -5.60 34.48 -4.24
N ILE E 542 -5.58 34.29 -2.93
CA ILE E 542 -5.77 33.00 -2.29
C ILE E 542 -6.93 33.13 -1.33
N LYS E 543 -7.73 32.07 -1.21
CA LYS E 543 -8.78 32.01 -0.20
C LYS E 543 -8.61 30.76 0.64
N GLY E 544 -8.79 30.91 1.96
CA GLY E 544 -8.81 29.81 2.89
C GLY E 544 -9.69 28.63 2.54
N PRO E 545 -10.90 28.84 1.99
CA PRO E 545 -11.62 27.72 1.37
C PRO E 545 -10.85 26.99 0.29
N GLU E 546 -10.09 27.73 -0.51
CA GLU E 546 -9.33 27.13 -1.61
C GLU E 546 -8.10 26.41 -1.08
N LEU E 547 -7.73 26.66 0.18
CA LEU E 547 -6.50 26.09 0.72
C LEU E 547 -6.79 24.97 1.73
N LEU E 548 -8.03 24.90 2.19
CA LEU E 548 -8.46 23.71 2.93
C LEU E 548 -8.90 22.62 1.97
N THR E 549 -9.30 23.00 0.77
CA THR E 549 -9.45 22.05 -0.32
C THR E 549 -8.11 21.93 -1.03
N MET E 550 -7.81 20.73 -1.56
CA MET E 550 -6.54 20.40 -2.23
C MET E 550 -5.34 20.58 -1.30
N TRP E 551 -5.56 20.41 -0.01
CA TRP E 551 -4.50 20.10 0.93
C TRP E 551 -4.56 18.66 1.39
N PHE E 552 -5.76 18.12 1.61
CA PHE E 552 -5.90 16.76 2.13
C PHE E 552 -5.38 15.72 1.13
N GLY E 553 -5.35 16.06 -0.16
CA GLY E 553 -4.76 15.17 -1.14
C GLY E 553 -3.26 15.38 -1.31
N GLU E 554 -2.81 16.63 -1.30
CA GLU E 554 -1.39 16.97 -1.38
C GLU E 554 -1.00 17.75 -0.14
N SER E 555 -0.38 17.06 0.82
CA SER E 555 -0.35 17.57 2.18
C SER E 555 0.74 18.61 2.38
N GLU E 556 1.75 18.66 1.52
CA GLU E 556 2.85 19.59 1.73
C GLU E 556 3.14 20.51 0.56
N ALA E 557 2.64 20.22 -0.63
CA ALA E 557 3.16 20.89 -1.82
C ALA E 557 2.47 22.21 -2.07
N ASN E 558 1.23 22.38 -1.59
CA ASN E 558 0.36 23.43 -2.07
C ASN E 558 0.86 24.82 -1.71
N VAL E 559 1.26 25.02 -0.45
CA VAL E 559 1.64 26.35 -0.02
C VAL E 559 3.06 26.67 -0.50
N ARG E 560 3.89 25.65 -0.73
CA ARG E 560 5.15 25.90 -1.40
C ARG E 560 4.96 26.30 -2.85
N GLU E 561 3.96 25.73 -3.53
CA GLU E 561 3.72 26.08 -4.92
C GLU E 561 3.24 27.51 -5.07
N ILE E 562 2.39 27.96 -4.14
CA ILE E 562 1.91 29.34 -4.19
C ILE E 562 3.04 30.33 -4.03
N PHE E 563 3.91 30.12 -3.03
CA PHE E 563 5.00 31.07 -2.82
C PHE E 563 6.06 30.99 -3.89
N ASP E 564 6.26 29.82 -4.49
CA ASP E 564 7.19 29.74 -5.62
C ASP E 564 6.65 30.47 -6.83
N LYS E 565 5.35 30.40 -7.05
CA LYS E 565 4.75 31.09 -8.18
C LYS E 565 4.75 32.59 -7.97
N ALA E 566 4.60 33.02 -6.73
CA ALA E 566 4.68 34.44 -6.43
C ALA E 566 6.11 34.95 -6.52
N ARG E 567 7.09 34.12 -6.18
CA ARG E 567 8.48 34.53 -6.34
C ARG E 567 8.86 34.59 -7.80
N GLN E 568 8.31 33.70 -8.61
CA GLN E 568 8.62 33.68 -10.03
C GLN E 568 8.02 34.88 -10.74
N ALA E 569 6.82 35.31 -10.34
CA ALA E 569 6.17 36.41 -11.03
C ALA E 569 6.39 37.76 -10.35
N ALA E 570 7.56 38.01 -9.76
CA ALA E 570 7.78 39.25 -9.02
C ALA E 570 7.92 40.43 -9.99
N PRO E 571 7.53 41.65 -9.59
CA PRO E 571 6.90 42.12 -8.36
C PRO E 571 5.41 41.84 -8.28
N CYS E 572 4.92 41.31 -7.17
CA CYS E 572 3.50 41.05 -7.06
C CYS E 572 3.07 41.20 -5.62
N VAL E 573 1.80 41.51 -5.43
CA VAL E 573 1.19 41.49 -4.11
C VAL E 573 0.48 40.15 -3.97
N LEU E 574 0.80 39.43 -2.92
CA LEU E 574 0.24 38.12 -2.69
C LEU E 574 -0.82 38.24 -1.61
N PHE E 575 -2.07 38.17 -2.02
CA PHE E 575 -3.18 38.54 -1.16
C PHE E 575 -3.83 37.29 -0.60
N PHE E 576 -3.59 37.02 0.67
CA PHE E 576 -4.32 36.02 1.42
C PHE E 576 -5.63 36.65 1.84
N ASP E 577 -6.63 35.82 2.07
CA ASP E 577 -7.96 36.31 2.31
C ASP E 577 -8.75 35.24 3.03
N GLU E 578 -9.77 35.66 3.77
CA GLU E 578 -10.71 34.79 4.48
C GLU E 578 -10.00 33.87 5.47
N LEU E 579 -9.19 34.46 6.36
CA LEU E 579 -8.39 33.66 7.27
C LEU E 579 -9.24 33.01 8.36
N ASP E 580 -10.47 33.47 8.52
CA ASP E 580 -11.33 32.93 9.55
C ASP E 580 -11.75 31.49 9.27
N SER E 581 -11.76 31.07 8.00
CA SER E 581 -12.13 29.69 7.71
C SER E 581 -11.06 28.71 8.17
N ILE E 582 -9.79 29.07 7.99
CA ILE E 582 -8.70 28.28 8.55
C ILE E 582 -8.73 28.34 10.06
N ALA E 583 -8.99 29.52 10.61
CA ALA E 583 -8.95 29.68 12.05
C ALA E 583 -10.15 29.02 12.73
N LYS E 584 -11.22 28.78 11.99
CA LYS E 584 -12.44 28.28 12.61
C LYS E 584 -12.66 26.81 12.26
N ALA E 585 -11.94 26.31 11.26
CA ALA E 585 -11.92 24.87 10.99
C ALA E 585 -10.80 24.19 11.75
N ARG E 586 -9.80 24.94 12.18
CA ARG E 586 -8.73 24.33 12.95
C ARG E 586 -8.63 24.88 14.37
N GLY E 587 -8.78 26.20 14.53
CA GLY E 587 -8.67 26.79 15.86
C GLY E 587 -9.97 26.78 16.65
N GLY E 588 -11.11 26.78 15.96
CA GLY E 588 -12.37 26.54 16.66
C GLY E 588 -13.10 27.81 17.05
N ASN E 589 -14.36 27.64 17.45
CA ASN E 589 -15.22 28.78 17.77
C ASN E 589 -14.95 29.32 19.17
N ILE E 590 -15.26 28.52 20.20
CA ILE E 590 -15.02 28.90 21.59
C ILE E 590 -13.71 28.32 22.10
N GLY E 591 -12.83 27.90 21.20
CA GLY E 591 -11.70 27.08 21.57
C GLY E 591 -12.07 25.61 21.66
N ASP E 592 -11.08 24.78 21.41
CA ASP E 592 -11.25 23.33 21.43
C ASP E 592 -9.89 22.71 21.70
N GLY E 593 -9.78 21.42 21.39
CA GLY E 593 -8.51 20.74 21.55
C GLY E 593 -7.45 21.18 20.55
N GLY E 594 -7.89 21.79 19.45
CA GLY E 594 -6.93 22.33 18.50
C GLY E 594 -6.27 23.58 19.03
N GLY E 595 -5.19 24.01 18.37
CA GLY E 595 -4.43 25.14 18.84
C GLY E 595 -4.94 26.47 18.28
N ALA E 596 -4.38 27.56 18.82
CA ALA E 596 -4.50 28.85 18.15
C ALA E 596 -3.59 28.90 16.94
N ALA E 597 -2.52 28.12 16.94
CA ALA E 597 -1.75 27.90 15.74
C ALA E 597 -2.37 26.78 14.92
N ASP E 598 -2.43 26.98 13.61
CA ASP E 598 -3.09 26.07 12.69
C ASP E 598 -2.07 25.56 11.68
N ARG E 599 -2.27 24.32 11.21
CA ARG E 599 -1.27 23.63 10.39
C ARG E 599 -0.98 24.38 9.09
N VAL E 600 -2.03 24.83 8.41
CA VAL E 600 -1.86 25.61 7.21
C VAL E 600 -1.20 26.93 7.51
N ILE E 601 -1.63 27.58 8.60
CA ILE E 601 -1.04 28.87 8.92
C ILE E 601 0.38 28.68 9.48
N ASN E 602 0.68 27.48 9.97
CA ASN E 602 2.03 27.15 10.38
C ASN E 602 2.96 27.10 9.18
N GLN E 603 2.56 26.37 8.15
CA GLN E 603 3.39 26.27 6.95
C GLN E 603 3.46 27.60 6.21
N ILE E 604 2.43 28.45 6.36
CA ILE E 604 2.49 29.81 5.83
C ILE E 604 3.55 30.63 6.55
N LEU E 605 3.65 30.49 7.87
CA LEU E 605 4.68 31.23 8.60
C LEU E 605 6.08 30.76 8.23
N THR E 606 6.25 29.45 8.06
CA THR E 606 7.53 28.91 7.62
C THR E 606 7.93 29.43 6.26
N GLU E 607 6.98 29.51 5.32
CA GLU E 607 7.30 30.03 3.99
C GLU E 607 7.54 31.52 4.02
N MET E 608 6.95 32.22 4.98
CA MET E 608 7.09 33.68 4.99
C MET E 608 8.40 34.09 5.63
N ASP E 609 8.96 33.24 6.50
CA ASP E 609 10.27 33.55 7.06
C ASP E 609 11.37 33.47 6.02
N GLY E 610 11.45 32.37 5.28
CA GLY E 610 12.51 32.20 4.32
C GLY E 610 12.26 32.89 3.00
N MET E 611 12.10 34.20 3.03
CA MET E 611 11.83 34.99 1.85
C MET E 611 12.78 36.17 1.78
N SER E 612 13.58 36.21 0.72
CA SER E 612 14.66 37.19 0.61
C SER E 612 14.14 38.57 0.22
N THR E 613 14.74 39.59 0.82
CA THR E 613 14.26 40.96 0.65
C THR E 613 14.64 41.57 -0.70
N LYS E 614 15.56 40.93 -1.44
CA LYS E 614 15.88 41.39 -2.78
C LYS E 614 14.70 41.26 -3.72
N LYS E 615 13.85 40.27 -3.48
CA LYS E 615 12.58 40.18 -4.16
C LYS E 615 11.65 41.30 -3.73
N ASN E 616 10.67 41.58 -4.58
CA ASN E 616 9.66 42.57 -4.26
C ASN E 616 8.30 41.93 -4.12
N VAL E 617 8.23 40.83 -3.41
CA VAL E 617 6.95 40.19 -3.12
C VAL E 617 6.42 40.77 -1.82
N PHE E 618 5.19 41.26 -1.87
CA PHE E 618 4.57 41.96 -0.76
C PHE E 618 3.32 41.20 -0.36
N ILE E 619 3.13 40.96 0.93
CA ILE E 619 2.07 40.08 1.42
C ILE E 619 1.03 40.88 2.17
N ILE E 620 -0.24 40.66 1.87
CA ILE E 620 -1.36 41.37 2.47
C ILE E 620 -2.36 40.35 2.98
N GLY E 621 -2.84 40.52 4.21
CA GLY E 621 -3.83 39.60 4.73
C GLY E 621 -5.17 40.25 5.00
N ALA E 622 -6.18 39.47 5.34
CA ALA E 622 -7.50 39.98 5.66
C ALA E 622 -8.27 38.96 6.48
N THR E 623 -8.90 39.40 7.56
CA THR E 623 -9.81 38.57 8.32
C THR E 623 -10.87 39.45 8.96
N ASN E 624 -12.03 38.85 9.22
CA ASN E 624 -13.10 39.55 9.93
C ASN E 624 -13.47 38.87 11.23
N ARG E 625 -12.64 37.96 11.72
CA ARG E 625 -12.78 37.35 13.03
C ARG E 625 -11.44 37.49 13.76
N PRO E 626 -11.13 38.69 14.27
CA PRO E 626 -9.77 38.90 14.78
C PRO E 626 -9.47 38.29 16.15
N ASP E 627 -10.39 37.53 16.73
CA ASP E 627 -10.15 37.00 18.07
C ASP E 627 -9.48 35.65 18.03
N ILE E 628 -9.88 34.77 17.10
CA ILE E 628 -9.30 33.44 17.00
C ILE E 628 -8.08 33.41 16.09
N ILE E 629 -7.53 34.57 15.76
CA ILE E 629 -6.34 34.63 14.92
C ILE E 629 -5.16 34.02 15.67
N ASP E 630 -4.22 33.46 14.93
CA ASP E 630 -3.00 32.91 15.52
C ASP E 630 -2.16 34.05 16.07
N PRO E 631 -1.64 33.94 17.29
CA PRO E 631 -0.68 34.96 17.75
C PRO E 631 0.63 34.92 17.01
N ALA E 632 0.98 33.76 16.44
CA ALA E 632 2.30 33.59 15.85
C ALA E 632 2.40 34.27 14.49
N ILE E 633 1.26 34.62 13.89
CA ILE E 633 1.26 35.43 12.67
C ILE E 633 1.84 36.79 12.95
N LEU E 634 1.44 37.40 14.05
CA LEU E 634 1.83 38.75 14.36
C LEU E 634 3.12 38.69 15.17
N ARG E 635 4.22 39.07 14.52
CA ARG E 635 5.56 39.23 15.13
C ARG E 635 6.41 40.04 14.14
N PRO E 636 7.39 40.88 14.54
CA PRO E 636 8.21 41.59 13.54
C PRO E 636 8.92 40.65 12.57
N GLY E 637 8.94 41.04 11.30
CA GLY E 637 9.44 40.19 10.24
C GLY E 637 8.38 39.36 9.56
N ARG E 638 7.12 39.61 9.86
CA ARG E 638 5.94 38.93 9.33
C ARG E 638 4.92 40.03 9.13
N LEU E 639 3.64 39.67 9.13
CA LEU E 639 2.55 40.65 8.98
C LEU E 639 2.61 41.62 10.15
N ASP E 640 3.12 42.82 9.89
CA ASP E 640 3.39 43.81 10.93
C ASP E 640 2.32 44.89 11.03
N GLN E 641 2.09 45.61 9.95
CA GLN E 641 1.35 46.85 10.01
C GLN E 641 -0.15 46.62 10.16
N LEU E 642 -0.63 46.45 11.39
CA LEU E 642 -2.06 46.21 11.60
C LEU E 642 -2.86 47.45 11.24
N ILE E 643 -3.84 47.29 10.35
CA ILE E 643 -4.77 48.36 9.99
C ILE E 643 -6.19 47.86 10.20
N TYR E 644 -6.92 48.53 11.10
CA TYR E 644 -8.33 48.26 11.31
C TYR E 644 -9.14 49.09 10.31
N ILE E 645 -10.03 48.42 9.56
CA ILE E 645 -10.87 49.11 8.59
C ILE E 645 -12.29 49.17 9.15
N PRO E 646 -12.82 50.37 9.43
CA PRO E 646 -14.06 50.49 10.19
C PRO E 646 -15.29 50.54 9.30
N LEU E 647 -16.45 50.72 9.93
CA LEU E 647 -17.66 50.99 9.17
C LEU E 647 -17.58 52.39 8.57
N PRO E 648 -18.15 52.62 7.39
CA PRO E 648 -17.96 53.92 6.74
C PRO E 648 -18.82 55.00 7.36
N ASP E 649 -18.35 56.23 7.30
CA ASP E 649 -19.11 57.39 7.75
C ASP E 649 -20.09 57.83 6.68
N GLU E 650 -20.85 58.89 6.95
CA GLU E 650 -21.95 59.24 6.05
C GLU E 650 -21.45 59.87 4.75
N LYS E 651 -20.33 60.60 4.80
CA LYS E 651 -19.73 61.06 3.54
C LYS E 651 -19.04 59.92 2.82
N SER E 652 -18.52 58.96 3.59
CA SER E 652 -18.05 57.72 2.98
C SER E 652 -19.20 56.94 2.36
N ARG E 653 -20.39 57.00 2.96
CA ARG E 653 -21.54 56.31 2.38
C ARG E 653 -22.02 57.02 1.12
N VAL E 654 -21.92 58.34 1.07
CA VAL E 654 -22.23 59.06 -0.16
C VAL E 654 -21.23 58.71 -1.26
N ALA E 655 -19.95 58.55 -0.89
CA ALA E 655 -18.95 58.18 -1.88
C ALA E 655 -19.15 56.75 -2.40
N ILE E 656 -19.54 55.83 -1.52
CA ILE E 656 -19.87 54.45 -1.91
C ILE E 656 -21.05 54.43 -2.88
N LEU E 657 -22.12 55.18 -2.57
CA LEU E 657 -23.29 55.19 -3.44
C LEU E 657 -23.01 55.89 -4.76
N LYS E 658 -22.09 56.86 -4.77
CA LYS E 658 -21.64 57.39 -6.06
C LYS E 658 -20.82 56.37 -6.82
N ALA E 659 -20.14 55.47 -6.09
CA ALA E 659 -19.29 54.49 -6.76
C ALA E 659 -20.11 53.39 -7.42
N ASN E 660 -21.15 52.88 -6.75
CA ASN E 660 -21.89 51.75 -7.32
C ASN E 660 -22.75 52.17 -8.50
N LEU E 661 -23.15 53.45 -8.56
CA LEU E 661 -24.16 53.92 -9.50
C LEU E 661 -23.61 54.44 -10.80
N ARG E 662 -22.41 54.06 -11.21
CA ARG E 662 -21.81 54.67 -12.39
C ARG E 662 -22.20 53.92 -13.66
N LYS E 663 -22.50 52.64 -13.54
CA LYS E 663 -22.85 51.88 -14.73
C LYS E 663 -24.28 52.15 -15.15
N SER E 664 -25.17 52.34 -14.20
CA SER E 664 -26.56 52.52 -14.60
C SER E 664 -26.91 54.00 -14.67
N PRO E 665 -27.74 54.41 -15.62
CA PRO E 665 -28.16 55.81 -15.68
C PRO E 665 -29.31 56.07 -14.70
N VAL E 666 -29.16 57.11 -13.89
CA VAL E 666 -30.21 57.55 -12.98
C VAL E 666 -30.56 58.99 -13.31
N ALA E 667 -31.66 59.46 -12.72
CA ALA E 667 -32.22 60.76 -13.02
C ALA E 667 -31.66 61.81 -12.05
N LYS E 668 -32.17 63.02 -12.21
CA LYS E 668 -31.73 64.17 -11.41
C LYS E 668 -32.64 64.39 -10.21
N ASP E 669 -33.65 63.56 -10.01
CA ASP E 669 -34.59 63.69 -8.90
C ASP E 669 -34.08 63.00 -7.63
N VAL E 670 -33.01 62.26 -7.72
CA VAL E 670 -32.54 61.43 -6.63
C VAL E 670 -31.61 62.25 -5.73
N ASP E 671 -31.70 62.02 -4.42
CA ASP E 671 -30.82 62.62 -3.43
C ASP E 671 -30.07 61.51 -2.71
N LEU E 672 -28.74 61.55 -2.79
CA LEU E 672 -27.94 60.54 -2.15
C LEU E 672 -27.59 60.88 -0.71
N GLU E 673 -27.65 62.16 -0.35
CA GLU E 673 -27.26 62.58 0.99
C GLU E 673 -28.29 62.13 2.03
N PHE E 674 -29.57 62.34 1.73
CA PHE E 674 -30.64 61.83 2.57
C PHE E 674 -30.61 60.31 2.64
N LEU E 675 -30.27 59.67 1.53
CA LEU E 675 -30.27 58.22 1.47
C LEU E 675 -29.12 57.64 2.29
N ALA E 676 -28.01 58.37 2.42
CA ALA E 676 -26.97 57.95 3.36
C ALA E 676 -27.28 58.34 4.80
N LYS E 677 -28.07 59.40 5.00
CA LYS E 677 -28.49 59.77 6.35
C LYS E 677 -29.56 58.85 6.91
N MET E 678 -30.21 58.05 6.05
CA MET E 678 -31.12 57.02 6.57
C MET E 678 -30.36 55.80 7.10
N THR E 679 -29.29 55.39 6.44
CA THR E 679 -28.53 54.20 6.82
C THR E 679 -27.57 54.55 7.96
N ASN E 680 -27.49 53.68 8.98
CA ASN E 680 -26.62 53.93 10.13
C ASN E 680 -25.47 52.94 10.25
N GLY E 681 -25.77 51.65 10.41
CA GLY E 681 -24.76 50.60 10.49
C GLY E 681 -24.57 49.85 9.19
N PHE E 682 -24.97 50.45 8.08
CA PHE E 682 -24.99 49.77 6.79
C PHE E 682 -23.64 49.87 6.11
N SER E 683 -23.12 48.74 5.66
CA SER E 683 -21.81 48.60 5.04
C SER E 683 -21.88 48.98 3.56
N GLY E 684 -20.81 48.66 2.84
CA GLY E 684 -20.83 48.87 1.39
C GLY E 684 -21.63 47.80 0.68
N ALA E 685 -21.65 46.59 1.24
CA ALA E 685 -22.44 45.51 0.66
C ALA E 685 -23.92 45.80 0.76
N ASP E 686 -24.35 46.45 1.83
CA ASP E 686 -25.75 46.79 2.00
C ASP E 686 -26.18 47.90 1.04
N LEU E 687 -25.31 48.87 0.83
CA LEU E 687 -25.63 49.94 -0.11
C LEU E 687 -25.64 49.43 -1.55
N THR E 688 -24.79 48.44 -1.83
CA THR E 688 -24.83 47.82 -3.15
C THR E 688 -26.09 46.98 -3.32
N GLU E 689 -26.54 46.36 -2.22
CA GLU E 689 -27.81 45.63 -2.22
C GLU E 689 -28.99 46.54 -2.53
N ILE E 690 -28.99 47.75 -1.95
CA ILE E 690 -30.04 48.74 -2.21
C ILE E 690 -30.05 49.16 -3.68
N CYS E 691 -28.88 49.48 -4.24
CA CYS E 691 -28.82 49.86 -5.65
C CYS E 691 -29.26 48.73 -6.57
N GLN E 692 -28.91 47.49 -6.22
CA GLN E 692 -29.28 46.35 -7.04
C GLN E 692 -30.78 46.08 -6.98
N ARG E 693 -31.38 46.28 -5.79
CA ARG E 693 -32.83 46.20 -5.64
C ARG E 693 -33.55 47.23 -6.49
N ALA E 694 -33.01 48.45 -6.56
CA ALA E 694 -33.62 49.49 -7.36
C ALA E 694 -33.57 49.17 -8.86
N CYS E 695 -32.44 48.63 -9.31
CA CYS E 695 -32.34 48.27 -10.72
C CYS E 695 -33.28 47.12 -11.07
N LYS E 696 -33.50 46.21 -10.12
CA LYS E 696 -34.40 45.10 -10.40
C LYS E 696 -35.85 45.58 -10.49
N LEU E 697 -36.23 46.56 -9.66
CA LEU E 697 -37.58 47.13 -9.75
C LEU E 697 -37.80 47.85 -11.08
N ALA E 698 -36.77 48.57 -11.55
CA ALA E 698 -36.90 49.25 -12.83
C ALA E 698 -37.06 48.25 -13.98
N ILE E 699 -36.37 47.12 -13.92
CA ILE E 699 -36.50 46.13 -14.99
C ILE E 699 -37.87 45.47 -14.96
N ARG E 700 -38.43 45.29 -13.76
CA ARG E 700 -39.80 44.78 -13.67
C ARG E 700 -40.81 45.70 -14.35
N GLU E 701 -40.73 47.01 -14.06
CA GLU E 701 -41.64 47.96 -14.70
C GLU E 701 -41.45 48.00 -16.21
N SER E 702 -40.20 47.87 -16.69
CA SER E 702 -39.98 47.90 -18.13
C SER E 702 -40.61 46.70 -18.84
N ILE E 703 -40.49 45.51 -18.24
CA ILE E 703 -41.04 44.33 -18.91
C ILE E 703 -42.56 44.34 -18.85
N GLU E 704 -43.14 44.79 -17.74
CA GLU E 704 -44.59 44.89 -17.63
C GLU E 704 -45.17 45.92 -18.61
N SER E 705 -44.45 47.02 -18.84
CA SER E 705 -44.89 48.01 -19.82
C SER E 705 -44.85 47.46 -21.23
N GLU E 706 -43.79 46.70 -21.58
CA GLU E 706 -43.75 46.10 -22.91
C GLU E 706 -44.85 45.07 -23.11
N ILE E 707 -45.24 44.37 -22.05
CA ILE E 707 -46.34 43.40 -22.17
C ILE E 707 -47.66 44.12 -22.42
N ARG E 708 -47.89 45.26 -21.75
CA ARG E 708 -49.12 46.02 -22.03
C ARG E 708 -49.14 46.56 -23.45
N ARG E 709 -47.98 47.00 -23.97
CA ARG E 709 -47.94 47.48 -25.36
C ARG E 709 -48.22 46.36 -26.36
N GLU E 710 -47.64 45.18 -26.14
CA GLU E 710 -47.86 44.08 -27.06
C GLU E 710 -49.29 43.56 -27.00
N ARG E 711 -49.91 43.59 -25.82
CA ARG E 711 -51.31 43.18 -25.74
C ARG E 711 -52.24 44.21 -26.37
N GLU E 712 -51.89 45.50 -26.28
CA GLU E 712 -52.68 46.53 -26.95
C GLU E 712 -52.55 46.42 -28.47
N ARG E 713 -51.36 46.10 -28.97
CA ARG E 713 -51.20 45.84 -30.41
C ARG E 713 -51.93 44.58 -30.84
N GLN E 714 -52.04 43.58 -29.94
CA GLN E 714 -52.84 42.40 -30.25
C GLN E 714 -54.33 42.74 -30.26
N THR E 715 -54.75 43.74 -29.49
CA THR E 715 -56.17 44.09 -29.40
C THR E 715 -56.69 44.67 -30.70
N ASN E 716 -55.93 45.57 -31.33
CA ASN E 716 -56.31 46.17 -32.60
C ASN E 716 -55.19 45.97 -33.62
N PRO E 717 -55.04 44.75 -34.17
CA PRO E 717 -53.91 44.51 -35.07
C PRO E 717 -54.19 44.97 -36.49
N SER E 718 -55.38 45.51 -36.73
CA SER E 718 -55.74 46.02 -38.04
C SER E 718 -54.97 47.28 -38.40
N ALA E 719 -54.67 48.15 -37.44
CA ALA E 719 -53.90 49.36 -37.71
C ALA E 719 -52.42 49.17 -37.41
N MET E 720 -52.10 48.90 -36.13
CA MET E 720 -50.73 48.79 -35.60
C MET E 720 -49.89 50.01 -36.00
N GLU E 721 -50.28 51.16 -35.46
CA GLU E 721 -49.76 52.45 -35.93
C GLU E 721 -49.17 53.32 -34.83
N VAL E 722 -48.80 52.77 -33.68
CA VAL E 722 -48.31 53.61 -32.60
C VAL E 722 -46.88 54.08 -32.85
N GLU E 723 -45.98 53.16 -33.20
CA GLU E 723 -44.55 53.40 -33.45
C GLU E 723 -43.90 54.13 -32.27
N GLU E 724 -44.01 53.50 -31.10
CA GLU E 724 -43.64 54.16 -29.86
C GLU E 724 -42.13 54.25 -29.70
N ASP E 725 -41.72 55.09 -28.76
CA ASP E 725 -40.34 55.23 -28.33
C ASP E 725 -40.14 54.46 -27.03
N ASP E 726 -38.98 54.65 -26.42
CA ASP E 726 -38.61 53.88 -25.24
C ASP E 726 -39.32 54.44 -24.01
N PRO E 727 -40.12 53.65 -23.32
CA PRO E 727 -40.93 54.21 -22.22
C PRO E 727 -40.13 54.49 -20.96
N VAL E 728 -38.96 53.87 -20.80
CA VAL E 728 -38.15 54.10 -19.61
C VAL E 728 -36.66 53.95 -19.94
N PRO E 729 -35.89 55.04 -19.94
CA PRO E 729 -34.43 54.93 -20.11
C PRO E 729 -33.62 54.97 -18.83
N GLU E 730 -34.21 55.37 -17.69
CA GLU E 730 -33.44 55.62 -16.48
C GLU E 730 -34.26 55.26 -15.26
N ILE E 731 -33.63 55.35 -14.10
CA ILE E 731 -34.31 55.26 -12.81
C ILE E 731 -34.65 56.67 -12.38
N ARG E 732 -35.94 56.94 -12.17
CA ARG E 732 -36.38 58.31 -11.89
C ARG E 732 -36.21 58.69 -10.40
N ARG E 733 -36.89 58.01 -9.49
CA ARG E 733 -36.90 58.17 -8.04
C ARG E 733 -37.84 57.05 -7.58
N ASP E 734 -37.97 56.90 -6.26
CA ASP E 734 -39.03 56.17 -5.56
C ASP E 734 -38.91 54.66 -5.68
N HIS E 735 -38.00 54.19 -6.53
CA HIS E 735 -37.55 52.81 -6.38
C HIS E 735 -36.64 52.71 -5.18
N PHE E 736 -35.93 53.80 -4.89
CA PHE E 736 -35.05 53.85 -3.73
C PHE E 736 -35.84 53.87 -2.44
N GLU E 737 -37.08 54.33 -2.46
CA GLU E 737 -37.91 54.31 -1.25
C GLU E 737 -38.37 52.90 -0.91
N GLU E 738 -38.78 52.13 -1.93
CA GLU E 738 -39.16 50.75 -1.69
C GLU E 738 -37.94 49.92 -1.32
N ALA E 739 -36.79 50.22 -1.94
CA ALA E 739 -35.54 49.55 -1.58
C ALA E 739 -35.10 49.91 -0.17
N MET E 740 -35.36 51.15 0.25
CA MET E 740 -35.12 51.56 1.62
C MET E 740 -36.01 50.81 2.59
N ARG E 741 -37.23 50.49 2.14
CA ARG E 741 -38.12 49.70 2.98
C ARG E 741 -37.65 48.26 3.12
N PHE E 742 -37.04 47.71 2.06
CA PHE E 742 -36.62 46.30 2.13
C PHE E 742 -35.42 46.09 3.04
N ALA E 743 -34.60 47.12 3.23
CA ALA E 743 -33.24 46.94 3.74
C ALA E 743 -33.21 46.48 5.19
N ARG E 744 -32.27 45.58 5.50
CA ARG E 744 -32.01 45.14 6.87
C ARG E 744 -30.54 45.30 7.18
N ARG E 745 -30.23 45.54 8.45
CA ARG E 745 -28.87 45.83 8.89
C ARG E 745 -28.05 44.55 8.94
N SER E 746 -26.75 44.67 8.72
CA SER E 746 -25.90 43.49 8.63
C SER E 746 -25.12 43.23 9.92
N VAL E 747 -24.68 44.29 10.61
CA VAL E 747 -23.85 44.15 11.79
C VAL E 747 -24.54 44.84 12.96
N SER E 748 -24.74 44.11 14.06
CA SER E 748 -25.38 44.69 15.23
C SER E 748 -24.39 45.55 16.02
N ASP E 749 -24.90 46.29 17.01
CA ASP E 749 -24.07 47.27 17.70
C ASP E 749 -23.18 46.64 18.76
N ASN E 750 -23.60 45.50 19.32
CA ASN E 750 -22.74 44.73 20.20
C ASN E 750 -21.48 44.27 19.48
N ASP E 751 -21.64 43.85 18.23
CA ASP E 751 -20.51 43.46 17.43
C ASP E 751 -19.63 44.66 17.11
N ILE E 752 -20.22 45.85 16.96
CA ILE E 752 -19.43 47.02 16.63
C ILE E 752 -18.57 47.44 17.81
N ARG E 753 -19.10 47.35 19.03
CA ARG E 753 -18.25 47.68 20.18
C ARG E 753 -17.22 46.58 20.44
N LYS E 754 -17.52 45.33 20.09
CA LYS E 754 -16.51 44.28 20.18
C LYS E 754 -15.38 44.51 19.18
N TYR E 755 -15.72 44.96 17.97
CA TYR E 755 -14.66 45.27 17.01
C TYR E 755 -13.88 46.51 17.41
N GLU E 756 -14.50 47.44 18.13
CA GLU E 756 -13.73 48.57 18.66
C GLU E 756 -12.73 48.12 19.72
N MET E 757 -13.13 47.17 20.56
CA MET E 757 -12.25 46.70 21.61
C MET E 757 -11.13 45.83 21.07
N PHE E 758 -11.35 45.15 19.94
CA PHE E 758 -10.23 44.50 19.27
C PHE E 758 -9.45 45.48 18.41
N ALA E 759 -10.05 46.61 18.06
CA ALA E 759 -9.38 47.58 17.22
C ALA E 759 -8.31 48.30 18.01
N GLN E 760 -8.56 48.57 19.28
CA GLN E 760 -7.56 49.29 20.06
C GLN E 760 -6.38 48.39 20.42
N THR E 761 -6.64 47.19 20.93
CA THR E 761 -5.60 46.33 21.50
C THR E 761 -5.75 44.89 20.98
N LEU E 762 -5.13 44.61 19.84
CA LEU E 762 -4.96 43.25 19.33
C LEU E 762 -3.52 42.78 19.45
N GLN E 763 -2.56 43.69 19.43
CA GLN E 763 -1.15 43.37 19.56
C GLN E 763 -0.80 42.74 20.90
N GLN E 764 -1.61 42.94 21.93
CA GLN E 764 -1.37 42.36 23.24
C GLN E 764 -1.78 40.90 23.34
N SER E 765 -2.19 40.27 22.24
CA SER E 765 -2.69 38.90 22.30
C SER E 765 -1.58 37.87 22.22
N ARG E 766 -0.34 38.35 22.06
CA ARG E 766 0.85 37.48 21.87
C ARG E 766 1.18 36.63 23.11
N GLY E 767 1.08 37.22 24.30
CA GLY E 767 1.48 36.58 25.54
C GLY E 767 0.45 35.57 26.01
N PHE E 768 0.02 35.73 27.26
CA PHE E 768 -1.06 34.90 27.77
C PHE E 768 -2.40 35.33 27.17
N GLY E 769 -3.31 34.38 27.05
CA GLY E 769 -4.66 34.68 26.61
C GLY E 769 -4.80 35.01 25.14
N LEU F 12 -33.17 24.86 -34.24
CA LEU F 12 -32.33 24.46 -35.36
C LEU F 12 -31.25 23.49 -34.93
N SER F 13 -31.35 23.04 -33.68
CA SER F 13 -30.34 22.13 -33.14
C SER F 13 -30.47 20.75 -33.76
N THR F 14 -31.68 20.37 -34.16
CA THR F 14 -31.92 19.11 -34.86
C THR F 14 -32.36 19.32 -36.30
N ALA F 15 -31.84 20.37 -36.95
CA ALA F 15 -32.28 20.70 -38.30
C ALA F 15 -31.71 19.78 -39.35
N ILE F 16 -30.68 18.99 -39.04
CA ILE F 16 -30.11 18.10 -40.05
C ILE F 16 -30.93 16.83 -40.21
N LEU F 17 -31.88 16.57 -39.31
CA LEU F 17 -32.74 15.40 -39.39
C LEU F 17 -34.05 15.67 -40.13
N LYS F 18 -34.11 16.73 -40.91
CA LYS F 18 -35.31 17.03 -41.68
C LYS F 18 -35.19 16.42 -43.07
N GLN F 19 -36.33 15.93 -43.59
CA GLN F 19 -36.26 15.11 -44.80
C GLN F 19 -36.21 15.91 -46.08
N LYS F 20 -36.64 17.18 -46.05
CA LYS F 20 -36.53 18.13 -47.18
C LYS F 20 -37.26 17.63 -48.43
N ASN F 21 -38.59 17.66 -48.37
CA ASN F 21 -39.41 17.18 -49.48
C ASN F 21 -39.21 18.03 -50.73
N ARG F 22 -39.06 17.35 -51.86
CA ARG F 22 -38.68 17.86 -53.17
C ARG F 22 -39.65 17.33 -54.21
N PRO F 23 -39.68 17.95 -55.44
CA PRO F 23 -40.57 17.42 -56.50
C PRO F 23 -40.32 16.00 -56.95
N ASN F 24 -39.12 15.45 -56.73
CA ASN F 24 -38.83 14.07 -57.09
C ASN F 24 -39.01 13.10 -55.94
N ARG F 25 -39.79 13.48 -54.92
CA ARG F 25 -40.07 12.61 -53.79
C ARG F 25 -41.38 11.87 -54.04
N LEU F 26 -41.36 10.56 -53.81
CA LEU F 26 -42.48 9.69 -54.15
C LEU F 26 -42.80 8.82 -52.94
N ILE F 27 -44.01 8.97 -52.41
CA ILE F 27 -44.48 8.18 -51.29
C ILE F 27 -45.09 6.90 -51.83
N VAL F 28 -44.82 5.78 -51.16
CA VAL F 28 -45.31 4.50 -51.67
C VAL F 28 -46.80 4.37 -51.40
N ASP F 29 -47.43 3.47 -52.17
CA ASP F 29 -48.83 3.11 -51.98
C ASP F 29 -49.01 1.72 -52.60
N GLU F 30 -50.17 1.13 -52.36
CA GLU F 30 -50.44 -0.22 -52.85
C GLU F 30 -50.71 -0.20 -54.35
N ALA F 31 -50.16 -1.18 -55.06
CA ALA F 31 -50.37 -1.33 -56.50
C ALA F 31 -51.13 -2.61 -56.80
N ILE F 32 -52.00 -2.53 -57.83
CA ILE F 32 -52.85 -3.67 -58.18
C ILE F 32 -52.28 -4.53 -59.30
N ASN F 33 -51.10 -4.19 -59.81
CA ASN F 33 -50.47 -5.00 -60.85
C ASN F 33 -49.60 -6.08 -60.21
N GLU F 34 -49.85 -7.34 -60.60
CA GLU F 34 -49.04 -8.44 -60.11
C GLU F 34 -47.68 -8.54 -60.78
N ASP F 35 -47.44 -7.74 -61.82
CA ASP F 35 -46.14 -7.72 -62.45
C ASP F 35 -45.13 -7.03 -61.53
N ASN F 36 -43.92 -7.60 -61.49
CA ASN F 36 -42.89 -7.18 -60.55
C ASN F 36 -41.89 -6.23 -61.17
N SER F 37 -42.31 -5.44 -62.16
CA SER F 37 -41.47 -4.41 -62.75
C SER F 37 -42.27 -3.16 -63.05
N VAL F 38 -43.33 -2.90 -62.30
CA VAL F 38 -44.26 -1.82 -62.57
C VAL F 38 -44.01 -0.69 -61.57
N VAL F 39 -44.15 0.55 -62.05
CA VAL F 39 -44.36 1.70 -61.20
C VAL F 39 -45.59 2.43 -61.72
N SER F 40 -46.15 3.28 -60.87
CA SER F 40 -47.31 4.08 -61.22
C SER F 40 -46.93 5.55 -61.12
N LEU F 41 -46.77 6.21 -62.26
CA LEU F 41 -46.49 7.64 -62.28
C LEU F 41 -47.51 8.36 -63.14
N SER F 42 -47.83 9.58 -62.71
CA SER F 42 -48.74 10.45 -63.42
C SER F 42 -48.04 11.10 -64.60
N GLN F 43 -48.84 11.60 -65.54
CA GLN F 43 -48.34 12.25 -66.75
C GLN F 43 -47.59 13.55 -66.49
N PRO F 44 -48.02 14.47 -65.60
CA PRO F 44 -47.13 15.62 -65.31
C PRO F 44 -45.86 15.23 -64.59
N LYS F 45 -45.83 14.08 -63.90
CA LYS F 45 -44.59 13.63 -63.30
C LYS F 45 -43.60 13.17 -64.36
N MET F 46 -44.07 12.45 -65.38
CA MET F 46 -43.18 12.01 -66.44
C MET F 46 -42.79 13.14 -67.38
N ASP F 47 -43.69 14.10 -67.61
CA ASP F 47 -43.33 15.31 -68.34
C ASP F 47 -42.52 16.29 -67.49
N GLU F 48 -42.46 16.07 -66.17
CA GLU F 48 -41.75 16.95 -65.26
C GLU F 48 -40.27 16.61 -65.21
N LEU F 49 -39.95 15.35 -64.91
CA LEU F 49 -38.58 14.87 -64.86
C LEU F 49 -38.07 14.40 -66.22
N GLN F 50 -38.82 14.70 -67.29
CA GLN F 50 -38.50 14.29 -68.67
C GLN F 50 -38.40 12.78 -68.79
N LEU F 51 -39.25 12.07 -68.05
CA LEU F 51 -39.28 10.61 -68.08
C LEU F 51 -40.11 10.19 -69.28
N PHE F 52 -39.45 9.72 -70.32
CA PHE F 52 -40.15 9.22 -71.48
C PHE F 52 -40.61 7.79 -71.19
N ARG F 53 -41.62 7.34 -71.92
CA ARG F 53 -42.23 6.04 -71.64
C ARG F 53 -41.28 4.91 -71.97
N GLY F 54 -40.99 4.07 -70.98
CA GLY F 54 -40.05 3.00 -71.13
C GLY F 54 -38.68 3.25 -70.55
N ASP F 55 -38.49 4.36 -69.84
CA ASP F 55 -37.23 4.65 -69.18
C ASP F 55 -37.03 3.75 -67.97
N THR F 56 -35.77 3.66 -67.56
CA THR F 56 -35.37 2.91 -66.38
C THR F 56 -34.82 3.91 -65.37
N VAL F 57 -35.54 4.08 -64.27
CA VAL F 57 -35.14 5.05 -63.26
C VAL F 57 -34.37 4.32 -62.17
N LEU F 58 -33.64 5.09 -61.37
CA LEU F 58 -32.83 4.57 -60.28
C LEU F 58 -33.51 4.93 -58.97
N LEU F 59 -34.12 3.94 -58.32
CA LEU F 59 -34.88 4.15 -57.10
C LEU F 59 -33.97 3.91 -55.90
N LYS F 60 -34.04 4.81 -54.92
CA LYS F 60 -33.19 4.74 -53.74
C LYS F 60 -34.05 4.63 -52.50
N GLY F 61 -33.81 3.61 -51.69
CA GLY F 61 -34.57 3.41 -50.47
C GLY F 61 -33.76 3.65 -49.21
N LYS F 62 -33.87 2.74 -48.26
CA LYS F 62 -33.23 2.85 -46.96
C LYS F 62 -32.14 1.81 -46.83
N LYS F 63 -31.15 2.12 -45.98
CA LYS F 63 -29.98 1.27 -45.71
C LYS F 63 -29.20 0.94 -46.98
N ARG F 64 -29.11 1.92 -47.88
CA ARG F 64 -28.37 1.89 -49.14
C ARG F 64 -28.85 0.83 -50.12
N ARG F 65 -30.05 0.29 -49.93
CA ARG F 65 -30.64 -0.60 -50.91
C ARG F 65 -31.19 0.22 -52.06
N GLU F 66 -31.01 -0.28 -53.28
CA GLU F 66 -31.55 0.37 -54.46
C GLU F 66 -32.36 -0.62 -55.30
N ALA F 67 -33.02 -0.07 -56.31
CA ALA F 67 -33.82 -0.87 -57.23
C ALA F 67 -33.99 -0.10 -58.53
N VAL F 68 -34.24 -0.84 -59.60
CA VAL F 68 -34.54 -0.28 -60.91
C VAL F 68 -35.79 -0.96 -61.47
N CYS F 69 -36.66 -0.17 -62.09
CA CYS F 69 -37.84 -0.67 -62.77
C CYS F 69 -38.07 0.16 -64.02
N ILE F 70 -38.67 -0.46 -65.02
CA ILE F 70 -39.09 0.26 -66.22
C ILE F 70 -40.38 1.01 -65.91
N VAL F 71 -40.47 2.24 -66.41
CA VAL F 71 -41.52 3.17 -65.99
C VAL F 71 -42.72 3.01 -66.92
N LEU F 72 -43.92 3.16 -66.35
CA LEU F 72 -45.16 3.16 -67.09
C LEU F 72 -45.95 4.41 -66.74
N SER F 73 -46.89 4.77 -67.62
CA SER F 73 -47.71 5.97 -67.43
C SER F 73 -49.08 5.56 -66.88
N ASP F 74 -49.12 5.33 -65.57
CA ASP F 74 -50.37 5.01 -64.89
C ASP F 74 -50.99 6.32 -64.44
N ASP F 75 -51.94 6.84 -65.22
CA ASP F 75 -52.46 8.18 -65.04
C ASP F 75 -53.49 8.30 -63.92
N THR F 76 -53.96 7.20 -63.36
CA THR F 76 -54.83 7.25 -62.19
C THR F 76 -54.04 7.37 -60.89
N CYS F 77 -52.71 7.43 -60.97
CA CYS F 77 -51.88 7.72 -59.80
C CYS F 77 -51.90 9.20 -59.48
N SER F 78 -51.58 9.52 -58.22
CA SER F 78 -51.54 10.90 -57.80
C SER F 78 -50.14 11.48 -58.01
N ASP F 79 -50.07 12.82 -58.05
CA ASP F 79 -48.82 13.52 -58.30
C ASP F 79 -47.84 13.44 -57.14
N GLU F 80 -48.30 13.04 -55.95
CA GLU F 80 -47.50 13.03 -54.74
C GLU F 80 -47.15 11.63 -54.27
N LYS F 81 -47.60 10.58 -54.95
CA LYS F 81 -47.38 9.22 -54.50
C LYS F 81 -46.88 8.35 -55.64
N ILE F 82 -46.61 7.09 -55.32
CA ILE F 82 -46.25 6.06 -56.29
C ILE F 82 -46.78 4.74 -55.76
N ARG F 83 -47.04 3.79 -56.66
CA ARG F 83 -47.64 2.52 -56.30
C ARG F 83 -46.75 1.38 -56.79
N MET F 84 -46.45 0.45 -55.88
CA MET F 84 -45.58 -0.69 -56.15
C MET F 84 -46.05 -1.87 -55.31
N ASN F 85 -45.51 -3.04 -55.61
CA ASN F 85 -45.91 -4.28 -54.95
C ASN F 85 -45.06 -4.53 -53.71
N ARG F 86 -45.15 -5.74 -53.16
CA ARG F 86 -44.34 -6.10 -51.99
C ARG F 86 -42.91 -6.45 -52.37
N VAL F 87 -42.69 -6.81 -53.63
CA VAL F 87 -41.35 -7.25 -54.06
C VAL F 87 -40.39 -6.07 -54.06
N VAL F 88 -40.83 -4.93 -54.60
CA VAL F 88 -39.97 -3.75 -54.63
C VAL F 88 -39.84 -3.16 -53.22
N ARG F 89 -40.92 -3.21 -52.44
CA ARG F 89 -40.88 -2.71 -51.07
C ARG F 89 -40.10 -3.59 -50.12
N ASN F 90 -39.83 -4.84 -50.47
CA ASN F 90 -38.83 -5.61 -49.74
C ASN F 90 -37.45 -5.49 -50.36
N ASN F 91 -37.34 -5.09 -51.61
CA ASN F 91 -36.02 -4.80 -52.16
C ASN F 91 -35.53 -3.40 -51.82
N LEU F 92 -36.39 -2.55 -51.27
CA LEU F 92 -36.01 -1.19 -50.88
C LEU F 92 -36.17 -0.93 -49.39
N ARG F 93 -36.61 -1.92 -48.62
CA ARG F 93 -36.62 -1.92 -47.15
C ARG F 93 -37.48 -0.78 -46.59
N VAL F 94 -38.61 -0.49 -47.23
CA VAL F 94 -39.49 0.58 -46.79
C VAL F 94 -40.82 -0.01 -46.33
N ARG F 95 -41.51 0.76 -45.51
CA ARG F 95 -42.85 0.42 -45.07
C ARG F 95 -43.87 1.19 -45.92
N LEU F 96 -45.13 1.09 -45.56
CA LEU F 96 -46.19 1.81 -46.25
C LEU F 96 -46.29 3.21 -45.68
N GLY F 97 -45.85 4.20 -46.45
CA GLY F 97 -45.82 5.57 -45.97
C GLY F 97 -44.41 6.07 -45.72
N ASP F 98 -43.47 5.73 -46.60
CA ASP F 98 -42.09 6.19 -46.53
C ASP F 98 -41.65 6.72 -47.89
N VAL F 99 -40.86 7.79 -47.87
CA VAL F 99 -40.43 8.44 -49.10
C VAL F 99 -39.31 7.66 -49.77
N ILE F 100 -39.27 7.73 -51.10
CA ILE F 100 -38.25 7.06 -51.91
C ILE F 100 -37.85 8.01 -53.03
N SER F 101 -36.55 8.29 -53.12
CA SER F 101 -36.03 9.15 -54.18
C SER F 101 -36.08 8.42 -55.53
N ILE F 102 -36.26 9.18 -56.59
CA ILE F 102 -36.22 8.67 -57.95
C ILE F 102 -35.14 9.43 -58.71
N GLN F 103 -34.45 8.72 -59.58
CA GLN F 103 -33.40 9.36 -60.37
C GLN F 103 -33.43 8.82 -61.81
N PRO F 104 -33.58 9.68 -62.81
CA PRO F 104 -33.52 9.21 -64.20
C PRO F 104 -32.09 8.85 -64.59
N CYS F 105 -31.83 7.55 -64.68
CA CYS F 105 -30.51 7.02 -65.03
C CYS F 105 -30.66 6.10 -66.22
N PRO F 106 -30.62 6.65 -67.45
CA PRO F 106 -30.80 5.81 -68.64
C PRO F 106 -29.50 5.21 -69.16
N ASP F 107 -28.46 5.21 -68.33
CA ASP F 107 -27.15 4.67 -68.72
C ASP F 107 -27.26 3.15 -68.77
N VAL F 108 -27.71 2.66 -69.91
CA VAL F 108 -28.01 1.24 -70.09
C VAL F 108 -26.86 0.57 -70.82
N LYS F 109 -26.26 -0.42 -70.17
CA LYS F 109 -25.36 -1.35 -70.83
C LYS F 109 -25.80 -2.78 -70.50
N TYR F 110 -25.63 -3.66 -71.47
CA TYR F 110 -26.09 -5.03 -71.33
C TYR F 110 -25.11 -5.87 -70.51
N GLY F 111 -25.61 -6.98 -69.97
CA GLY F 111 -24.81 -7.88 -69.20
C GLY F 111 -24.23 -9.00 -70.04
N LYS F 112 -23.10 -9.54 -69.57
CA LYS F 112 -22.45 -10.67 -70.21
C LYS F 112 -22.97 -12.00 -69.68
N ARG F 113 -22.83 -12.22 -68.37
CA ARG F 113 -23.39 -13.37 -67.69
C ARG F 113 -24.08 -12.92 -66.42
N ILE F 114 -25.27 -13.44 -66.18
CA ILE F 114 -25.95 -13.29 -64.91
C ILE F 114 -25.96 -14.64 -64.22
N HIS F 115 -26.27 -14.63 -62.92
CA HIS F 115 -26.22 -15.88 -62.14
C HIS F 115 -27.27 -15.79 -61.04
N VAL F 116 -28.41 -16.43 -61.27
CA VAL F 116 -29.46 -16.51 -60.27
C VAL F 116 -29.18 -17.70 -59.37
N LEU F 117 -29.79 -17.71 -58.19
CA LEU F 117 -29.70 -18.77 -57.21
C LEU F 117 -31.04 -18.87 -56.49
N PRO F 118 -31.62 -20.07 -56.41
CA PRO F 118 -32.90 -20.21 -55.72
C PRO F 118 -32.73 -20.25 -54.21
N ILE F 119 -33.88 -20.27 -53.52
CA ILE F 119 -33.92 -20.45 -52.08
C ILE F 119 -34.55 -21.82 -51.79
N ASP F 120 -33.85 -22.62 -50.99
CA ASP F 120 -34.04 -24.08 -51.00
C ASP F 120 -35.33 -24.56 -50.36
N ASP F 121 -35.85 -23.84 -49.35
CA ASP F 121 -37.03 -24.31 -48.62
C ASP F 121 -38.29 -24.31 -49.47
N THR F 122 -38.39 -23.38 -50.42
CA THR F 122 -39.46 -23.40 -51.40
C THR F 122 -39.17 -24.37 -52.54
N VAL F 123 -37.89 -24.65 -52.81
CA VAL F 123 -37.54 -25.63 -53.82
C VAL F 123 -37.80 -27.05 -53.31
N GLU F 124 -37.60 -27.30 -52.02
CA GLU F 124 -37.98 -28.59 -51.44
C GLU F 124 -39.49 -28.72 -51.40
N GLY F 125 -39.95 -29.96 -51.30
CA GLY F 125 -41.27 -30.32 -51.77
C GLY F 125 -41.12 -31.07 -53.07
N ILE F 126 -41.29 -30.38 -54.20
CA ILE F 126 -40.87 -30.92 -55.48
C ILE F 126 -39.97 -29.89 -56.17
N THR F 127 -38.89 -30.39 -56.78
CA THR F 127 -37.98 -29.56 -57.55
C THR F 127 -38.22 -29.72 -59.05
N GLY F 128 -38.14 -30.94 -59.56
CA GLY F 128 -38.34 -31.18 -60.97
C GLY F 128 -37.13 -30.72 -61.76
N ASN F 129 -37.38 -29.94 -62.81
CA ASN F 129 -36.32 -29.31 -63.61
C ASN F 129 -36.42 -27.81 -63.37
N LEU F 130 -35.32 -27.20 -62.95
CA LEU F 130 -35.40 -25.80 -62.57
C LEU F 130 -35.35 -24.87 -63.78
N PHE F 131 -34.51 -25.18 -64.77
CA PHE F 131 -34.22 -24.23 -65.83
C PHE F 131 -35.40 -24.06 -66.79
N GLU F 132 -35.76 -25.13 -67.51
CA GLU F 132 -36.75 -25.02 -68.57
C GLU F 132 -38.18 -24.85 -68.06
N VAL F 133 -38.40 -24.97 -66.76
CA VAL F 133 -39.72 -24.79 -66.17
C VAL F 133 -39.82 -23.46 -65.42
N TYR F 134 -38.71 -23.02 -64.82
CA TYR F 134 -38.69 -21.82 -63.98
C TYR F 134 -38.07 -20.60 -64.64
N LEU F 135 -36.94 -20.76 -65.33
CA LEU F 135 -36.21 -19.62 -65.86
C LEU F 135 -36.57 -19.29 -67.30
N LYS F 136 -37.27 -20.19 -67.98
CA LYS F 136 -37.61 -19.93 -69.39
C LYS F 136 -38.66 -18.83 -69.58
N PRO F 137 -39.90 -18.94 -69.08
CA PRO F 137 -40.95 -18.04 -69.59
C PRO F 137 -40.90 -16.63 -69.01
N TYR F 138 -40.00 -16.35 -68.07
CA TYR F 138 -39.94 -15.05 -67.42
C TYR F 138 -38.83 -14.16 -67.96
N PHE F 139 -37.79 -14.75 -68.55
CA PHE F 139 -36.63 -14.01 -69.05
C PHE F 139 -36.59 -13.86 -70.56
N LEU F 140 -37.14 -14.82 -71.31
CA LEU F 140 -37.06 -14.79 -72.76
C LEU F 140 -37.96 -13.71 -73.33
N GLU F 141 -37.34 -12.71 -73.97
CA GLU F 141 -37.99 -11.55 -74.58
C GLU F 141 -38.84 -10.78 -73.56
N ALA F 142 -38.15 -10.30 -72.53
CA ALA F 142 -38.80 -9.48 -71.50
C ALA F 142 -38.03 -8.20 -71.21
N TYR F 143 -36.69 -8.28 -71.36
CA TYR F 143 -35.75 -7.18 -71.06
C TYR F 143 -35.90 -6.66 -69.62
N ARG F 144 -36.13 -7.56 -68.67
CA ARG F 144 -36.45 -7.13 -67.30
C ARG F 144 -35.18 -6.75 -66.55
N PRO F 145 -35.10 -5.55 -65.97
CA PRO F 145 -33.87 -5.13 -65.30
C PRO F 145 -33.73 -5.74 -63.92
N ILE F 146 -32.48 -5.90 -63.50
CA ILE F 146 -32.16 -6.42 -62.18
C ILE F 146 -31.01 -5.63 -61.59
N ARG F 147 -30.98 -5.54 -60.26
CA ARG F 147 -29.83 -5.08 -59.51
C ARG F 147 -29.16 -6.30 -58.87
N LYS F 148 -27.84 -6.22 -58.71
CA LYS F 148 -27.08 -7.30 -58.08
C LYS F 148 -27.50 -7.43 -56.62
N GLY F 149 -28.31 -8.45 -56.34
CA GLY F 149 -28.83 -8.67 -55.01
C GLY F 149 -30.34 -8.54 -54.88
N ASP F 150 -31.07 -8.86 -55.94
CA ASP F 150 -32.52 -8.76 -55.92
C ASP F 150 -33.15 -10.12 -55.65
N ILE F 151 -34.33 -10.10 -55.04
CA ILE F 151 -35.12 -11.30 -54.78
C ILE F 151 -36.43 -11.12 -55.53
N PHE F 152 -36.61 -11.90 -56.59
CA PHE F 152 -37.77 -11.80 -57.45
C PHE F 152 -38.46 -13.15 -57.51
N LEU F 153 -39.73 -13.12 -57.89
CA LEU F 153 -40.60 -14.29 -57.80
C LEU F 153 -41.12 -14.66 -59.19
N VAL F 154 -41.04 -15.96 -59.50
CA VAL F 154 -41.50 -16.53 -60.76
C VAL F 154 -42.53 -17.59 -60.42
N ARG F 155 -43.72 -17.48 -61.01
CA ARG F 155 -44.77 -18.49 -60.81
C ARG F 155 -44.69 -19.60 -61.86
N GLY F 156 -43.51 -20.17 -62.02
CA GLY F 156 -43.32 -21.27 -62.95
C GLY F 156 -43.09 -22.59 -62.25
N GLY F 157 -43.80 -22.83 -61.16
CA GLY F 157 -43.64 -24.06 -60.40
C GLY F 157 -44.88 -24.44 -59.61
N MET F 158 -44.68 -24.95 -58.39
CA MET F 158 -45.82 -25.35 -57.58
C MET F 158 -46.42 -24.15 -56.82
N ARG F 159 -45.56 -23.29 -56.31
CA ARG F 159 -45.93 -22.14 -55.49
C ARG F 159 -44.77 -21.16 -55.52
N ALA F 160 -44.72 -20.25 -54.56
CA ALA F 160 -43.77 -19.14 -54.58
C ALA F 160 -42.32 -19.59 -54.39
N VAL F 161 -41.58 -19.70 -55.49
CA VAL F 161 -40.17 -20.10 -55.48
C VAL F 161 -39.36 -18.91 -55.95
N GLU F 162 -38.54 -18.35 -55.05
CA GLU F 162 -37.86 -17.09 -55.28
C GLU F 162 -36.42 -17.32 -55.71
N PHE F 163 -35.88 -16.33 -56.43
CA PHE F 163 -34.54 -16.41 -57.02
C PHE F 163 -33.70 -15.25 -56.54
N LYS F 164 -32.38 -15.42 -56.59
CA LYS F 164 -31.49 -14.40 -56.08
C LYS F 164 -30.28 -14.24 -56.99
N VAL F 165 -30.09 -13.03 -57.50
CA VAL F 165 -29.03 -12.72 -58.46
C VAL F 165 -27.79 -12.30 -57.70
N VAL F 166 -26.79 -13.17 -57.68
CA VAL F 166 -25.60 -12.97 -56.86
C VAL F 166 -24.40 -12.51 -57.67
N GLU F 167 -23.95 -13.31 -58.62
CA GLU F 167 -22.76 -13.00 -59.42
C GLU F 167 -23.19 -12.34 -60.72
N THR F 168 -22.71 -11.13 -60.96
CA THR F 168 -23.06 -10.38 -62.16
C THR F 168 -21.90 -9.43 -62.45
N ASP F 169 -21.56 -9.27 -63.74
CA ASP F 169 -20.46 -8.36 -64.09
C ASP F 169 -20.90 -6.89 -64.12
N PRO F 170 -22.08 -6.51 -64.65
CA PRO F 170 -22.55 -5.14 -64.36
C PRO F 170 -23.01 -5.02 -62.92
N SER F 171 -22.29 -4.19 -62.15
CA SER F 171 -22.52 -4.04 -60.72
C SER F 171 -23.65 -3.08 -60.33
N PRO F 172 -23.82 -1.83 -60.93
CA PRO F 172 -24.99 -1.03 -60.51
C PRO F 172 -26.33 -1.65 -60.87
N TYR F 173 -26.58 -1.90 -62.16
CA TYR F 173 -27.74 -2.63 -62.66
C TYR F 173 -27.51 -2.89 -64.14
N CYS F 174 -28.44 -3.64 -64.74
CA CYS F 174 -28.36 -4.00 -66.15
C CYS F 174 -29.73 -4.46 -66.62
N ILE F 175 -30.03 -4.21 -67.88
CA ILE F 175 -31.20 -4.76 -68.55
C ILE F 175 -30.78 -6.07 -69.20
N VAL F 176 -31.36 -7.17 -68.74
CA VAL F 176 -30.96 -8.50 -69.19
C VAL F 176 -31.57 -8.75 -70.55
N ALA F 177 -30.72 -8.80 -71.57
CA ALA F 177 -31.14 -9.22 -72.90
C ALA F 177 -31.36 -10.73 -72.89
N PRO F 178 -32.18 -11.25 -73.83
CA PRO F 178 -32.31 -12.72 -73.94
C PRO F 178 -31.05 -13.44 -74.34
N ASP F 179 -30.05 -12.75 -74.89
CA ASP F 179 -28.78 -13.38 -75.21
C ASP F 179 -27.84 -13.50 -74.00
N THR F 180 -28.18 -12.89 -72.86
CA THR F 180 -27.35 -12.97 -71.67
C THR F 180 -27.44 -14.37 -71.09
N VAL F 181 -26.29 -14.95 -70.76
CA VAL F 181 -26.18 -16.37 -70.42
C VAL F 181 -26.73 -16.58 -69.02
N ILE F 182 -27.73 -17.45 -68.90
CA ILE F 182 -28.41 -17.73 -67.65
C ILE F 182 -28.02 -19.12 -67.18
N HIS F 183 -27.58 -19.23 -65.92
CA HIS F 183 -27.16 -20.48 -65.34
C HIS F 183 -28.12 -20.90 -64.23
N CYS F 184 -28.09 -22.21 -63.92
CA CYS F 184 -28.88 -22.76 -62.84
C CYS F 184 -28.10 -23.81 -62.04
N GLU F 185 -26.79 -23.87 -62.23
CA GLU F 185 -25.97 -24.94 -61.64
C GLU F 185 -25.57 -24.67 -60.19
N GLY F 186 -25.81 -23.47 -59.68
CA GLY F 186 -25.25 -23.08 -58.40
C GLY F 186 -25.94 -23.72 -57.22
N GLU F 187 -25.59 -23.22 -56.04
CA GLU F 187 -26.11 -23.76 -54.79
C GLU F 187 -27.24 -22.90 -54.27
N PRO F 188 -28.32 -23.51 -53.76
CA PRO F 188 -29.44 -22.73 -53.23
C PRO F 188 -29.08 -22.07 -51.90
N ILE F 189 -29.92 -21.11 -51.52
CA ILE F 189 -29.71 -20.28 -50.34
C ILE F 189 -30.75 -20.67 -49.29
N LYS F 190 -30.37 -20.58 -48.01
CA LYS F 190 -31.30 -20.90 -46.94
C LYS F 190 -32.23 -19.72 -46.64
N ARG F 191 -33.31 -20.01 -45.91
CA ARG F 191 -34.24 -18.98 -45.45
C ARG F 191 -33.63 -18.13 -44.35
N GLU F 192 -32.83 -18.75 -43.48
CA GLU F 192 -32.15 -18.02 -42.41
C GLU F 192 -31.15 -17.01 -42.96
N ASP F 193 -30.55 -17.29 -44.12
CA ASP F 193 -29.55 -16.39 -44.68
C ASP F 193 -30.14 -15.06 -45.12
N GLU F 194 -31.40 -15.06 -45.55
CA GLU F 194 -32.04 -13.80 -45.85
C GLU F 194 -32.70 -13.20 -44.60
N GLU F 195 -33.33 -14.03 -43.77
CA GLU F 195 -34.06 -13.49 -42.63
C GLU F 195 -33.14 -12.96 -41.54
N GLU F 196 -31.86 -13.35 -41.54
CA GLU F 196 -30.90 -12.71 -40.65
C GLU F 196 -30.45 -11.37 -41.22
N SER F 197 -30.36 -11.27 -42.54
CA SER F 197 -29.94 -10.04 -43.18
C SER F 197 -31.08 -9.04 -43.32
N LEU F 198 -32.31 -9.42 -42.99
CA LEU F 198 -33.39 -8.47 -42.84
C LEU F 198 -33.42 -7.82 -41.46
N ASN F 199 -32.50 -8.19 -40.59
CA ASN F 199 -32.45 -7.63 -39.24
C ASN F 199 -31.25 -6.70 -39.11
N GLU F 200 -30.97 -5.95 -40.17
CA GLU F 200 -29.95 -4.93 -40.07
C GLU F 200 -30.53 -3.69 -39.41
N VAL F 201 -29.66 -2.75 -39.07
CA VAL F 201 -29.99 -1.64 -38.19
C VAL F 201 -29.88 -0.34 -38.96
N GLY F 202 -30.91 0.51 -38.87
CA GLY F 202 -30.89 1.81 -39.47
C GLY F 202 -31.13 2.88 -38.41
N TYR F 203 -31.65 4.03 -38.85
CA TYR F 203 -31.98 5.06 -37.87
C TYR F 203 -33.38 4.88 -37.32
N ASP F 204 -34.09 3.85 -37.77
CA ASP F 204 -35.43 3.61 -37.26
C ASP F 204 -35.41 2.54 -36.20
N ASP F 205 -34.22 2.15 -35.75
CA ASP F 205 -34.13 1.19 -34.67
C ASP F 205 -33.57 1.82 -33.43
N ILE F 206 -33.46 3.15 -33.43
CA ILE F 206 -32.94 3.86 -32.28
C ILE F 206 -34.02 4.78 -31.73
N GLY F 207 -34.40 4.55 -30.49
CA GLY F 207 -35.42 5.41 -29.90
C GLY F 207 -34.91 6.13 -28.69
N GLY F 208 -35.33 7.38 -28.51
CA GLY F 208 -34.99 8.11 -27.32
C GLY F 208 -33.72 8.91 -27.39
N CYS F 209 -33.07 8.96 -28.56
CA CYS F 209 -31.80 9.64 -28.74
C CYS F 209 -31.81 10.55 -29.95
N ARG F 210 -32.82 11.40 -30.10
CA ARG F 210 -32.90 12.26 -31.26
C ARG F 210 -31.87 13.38 -31.20
N LYS F 211 -31.71 13.97 -30.02
CA LYS F 211 -30.84 15.12 -29.85
C LYS F 211 -29.38 14.75 -30.03
N GLN F 212 -29.03 13.49 -29.75
CA GLN F 212 -27.65 13.07 -29.93
C GLN F 212 -27.38 12.59 -31.35
N LEU F 213 -28.40 12.05 -32.03
CA LEU F 213 -28.20 11.69 -33.42
C LEU F 213 -28.03 12.91 -34.30
N ALA F 214 -28.65 14.03 -33.91
CA ALA F 214 -28.38 15.29 -34.60
C ALA F 214 -26.91 15.68 -34.53
N GLN F 215 -26.31 15.60 -33.35
CA GLN F 215 -24.91 15.97 -33.19
C GLN F 215 -23.99 15.01 -33.92
N ILE F 216 -24.30 13.73 -33.92
CA ILE F 216 -23.41 12.79 -34.59
C ILE F 216 -23.49 12.95 -36.11
N LYS F 217 -24.66 13.31 -36.64
CA LYS F 217 -24.71 13.57 -38.09
C LYS F 217 -24.03 14.88 -38.45
N GLU F 218 -24.04 15.87 -37.56
CA GLU F 218 -23.28 17.09 -37.83
C GLU F 218 -21.79 16.85 -37.75
N MET F 219 -21.34 15.92 -36.92
CA MET F 219 -19.91 15.73 -36.74
C MET F 219 -19.29 14.74 -37.71
N VAL F 220 -20.03 13.72 -38.17
CA VAL F 220 -19.43 12.61 -38.88
C VAL F 220 -19.89 12.53 -40.33
N GLU F 221 -21.18 12.64 -40.59
CA GLU F 221 -21.66 12.49 -41.97
C GLU F 221 -21.34 13.74 -42.79
N LEU F 222 -21.53 14.92 -42.22
CA LEU F 222 -21.33 16.14 -42.98
C LEU F 222 -19.89 16.46 -43.37
N PRO F 223 -18.86 16.28 -42.53
CA PRO F 223 -17.50 16.52 -43.04
C PRO F 223 -16.95 15.44 -43.93
N LEU F 224 -17.68 14.37 -44.20
CA LEU F 224 -17.23 13.37 -45.15
C LEU F 224 -17.96 13.43 -46.47
N ARG F 225 -19.20 13.93 -46.48
CA ARG F 225 -19.89 14.09 -47.75
C ARG F 225 -19.48 15.36 -48.45
N HIS F 226 -19.25 16.44 -47.70
CA HIS F 226 -18.96 17.75 -48.28
C HIS F 226 -17.73 18.36 -47.62
N PRO F 227 -16.52 17.95 -48.00
CA PRO F 227 -15.33 18.60 -47.45
C PRO F 227 -15.13 20.02 -47.95
N ALA F 228 -15.75 20.38 -49.08
CA ALA F 228 -15.55 21.69 -49.68
C ALA F 228 -16.10 22.81 -48.83
N LEU F 229 -17.20 22.59 -48.12
CA LEU F 229 -17.77 23.62 -47.25
C LEU F 229 -16.84 23.95 -46.11
N PHE F 230 -16.30 22.93 -45.45
CA PHE F 230 -15.40 23.14 -44.34
C PHE F 230 -14.07 23.72 -44.79
N LYS F 231 -13.66 23.42 -46.02
CA LYS F 231 -12.47 24.08 -46.52
C LYS F 231 -12.76 25.53 -46.92
N ALA F 232 -13.99 25.81 -47.34
CA ALA F 232 -14.31 27.14 -47.84
C ALA F 232 -14.50 28.13 -46.70
N ILE F 233 -15.29 27.75 -45.69
CA ILE F 233 -15.55 28.68 -44.60
C ILE F 233 -14.41 28.72 -43.59
N GLY F 234 -13.45 27.80 -43.68
CA GLY F 234 -12.21 27.88 -42.92
C GLY F 234 -12.21 27.13 -41.61
N VAL F 235 -12.70 25.89 -41.61
CA VAL F 235 -12.96 25.12 -40.40
C VAL F 235 -12.25 23.80 -40.47
N LYS F 236 -11.52 23.45 -39.41
CA LYS F 236 -11.05 22.08 -39.51
C LYS F 236 -11.98 21.15 -38.74
N PRO F 237 -12.40 20.05 -39.37
CA PRO F 237 -13.35 19.15 -38.74
C PRO F 237 -12.66 18.30 -37.70
N PRO F 238 -13.39 17.79 -36.71
CA PRO F 238 -12.74 17.05 -35.63
C PRO F 238 -12.33 15.67 -36.07
N ARG F 239 -11.41 15.09 -35.31
CA ARG F 239 -10.85 13.79 -35.64
C ARG F 239 -11.27 12.71 -34.67
N GLY F 240 -11.75 13.05 -33.51
CA GLY F 240 -12.12 12.07 -32.51
C GLY F 240 -13.43 12.44 -31.84
N ILE F 241 -14.31 11.46 -31.73
CA ILE F 241 -15.56 11.63 -31.02
C ILE F 241 -15.64 10.51 -29.99
N LEU F 242 -16.00 10.85 -28.77
CA LEU F 242 -16.07 9.87 -27.70
C LEU F 242 -17.52 9.81 -27.23
N LEU F 243 -18.19 8.69 -27.48
CA LEU F 243 -19.52 8.45 -26.93
C LEU F 243 -19.33 7.86 -25.55
N TYR F 244 -20.14 8.24 -24.59
CA TYR F 244 -20.10 7.60 -23.28
C TYR F 244 -21.46 7.56 -22.65
N GLY F 245 -21.63 6.73 -21.65
CA GLY F 245 -22.90 6.57 -20.99
C GLY F 245 -22.84 5.45 -19.98
N PRO F 246 -23.97 5.09 -19.39
CA PRO F 246 -24.02 3.92 -18.54
C PRO F 246 -24.05 2.66 -19.37
N PRO F 247 -23.90 1.48 -18.77
CA PRO F 247 -24.02 0.25 -19.55
C PRO F 247 -25.43 0.00 -20.00
N GLY F 248 -25.57 -0.39 -21.26
CA GLY F 248 -26.86 -0.79 -21.78
C GLY F 248 -27.62 0.27 -22.52
N THR F 249 -27.04 1.43 -22.78
CA THR F 249 -27.78 2.55 -23.34
C THR F 249 -27.67 2.68 -24.84
N GLY F 250 -27.16 1.68 -25.55
CA GLY F 250 -27.19 1.74 -26.99
C GLY F 250 -26.08 2.53 -27.63
N LYS F 251 -24.82 2.14 -27.41
CA LYS F 251 -23.71 2.80 -28.07
C LYS F 251 -23.22 1.99 -29.24
N THR F 252 -23.14 0.67 -29.08
CA THR F 252 -22.83 -0.23 -30.18
C THR F 252 -23.94 -0.23 -31.21
N LEU F 253 -25.16 0.07 -30.79
CA LEU F 253 -26.28 0.15 -31.71
C LEU F 253 -26.16 1.37 -32.62
N ILE F 254 -25.79 2.53 -32.06
CA ILE F 254 -25.55 3.72 -32.88
C ILE F 254 -24.35 3.50 -33.78
N ALA F 255 -23.38 2.71 -33.31
CA ALA F 255 -22.24 2.33 -34.14
C ALA F 255 -22.67 1.55 -35.37
N ARG F 256 -23.44 0.48 -35.18
CA ARG F 256 -23.91 -0.31 -36.32
C ARG F 256 -24.87 0.47 -37.20
N ALA F 257 -25.57 1.46 -36.65
CA ALA F 257 -26.46 2.27 -37.47
C ALA F 257 -25.67 3.14 -38.42
N VAL F 258 -24.58 3.74 -37.94
CA VAL F 258 -23.76 4.53 -38.84
C VAL F 258 -23.00 3.62 -39.80
N ALA F 259 -22.74 2.38 -39.38
CA ALA F 259 -22.06 1.40 -40.23
C ALA F 259 -22.94 0.94 -41.37
N ASN F 260 -24.25 1.04 -41.22
CA ASN F 260 -25.14 0.60 -42.28
C ASN F 260 -25.65 1.78 -43.09
N GLU F 261 -25.62 2.99 -42.55
CA GLU F 261 -25.98 4.11 -43.41
C GLU F 261 -24.80 4.59 -44.23
N THR F 262 -23.72 5.02 -43.58
CA THR F 262 -23.07 6.29 -43.90
C THR F 262 -22.54 6.38 -45.34
N GLY F 263 -22.31 5.26 -45.99
CA GLY F 263 -21.71 5.34 -47.30
C GLY F 263 -20.24 5.67 -47.29
N ALA F 264 -19.57 5.41 -46.17
CA ALA F 264 -18.13 5.48 -46.07
C ALA F 264 -17.62 4.08 -45.76
N PHE F 265 -16.32 3.89 -45.92
CA PHE F 265 -15.70 2.65 -45.50
C PHE F 265 -15.73 2.57 -43.99
N PHE F 266 -16.12 1.42 -43.45
CA PHE F 266 -16.27 1.26 -42.01
C PHE F 266 -15.34 0.16 -41.58
N PHE F 267 -14.60 0.37 -40.50
CA PHE F 267 -13.76 -0.66 -39.93
C PHE F 267 -14.01 -0.70 -38.44
N LEU F 268 -14.05 -1.88 -37.86
CA LEU F 268 -14.42 -2.06 -36.46
C LEU F 268 -13.27 -2.68 -35.70
N ILE F 269 -12.99 -2.15 -34.51
CA ILE F 269 -11.98 -2.68 -33.61
C ILE F 269 -12.65 -2.94 -32.29
N ASN F 270 -12.48 -4.13 -31.75
CA ASN F 270 -12.98 -4.44 -30.41
C ASN F 270 -11.84 -4.31 -29.42
N GLY F 271 -12.17 -3.94 -28.18
CA GLY F 271 -11.19 -3.95 -27.12
C GLY F 271 -10.66 -5.29 -26.72
N PRO F 272 -11.52 -6.23 -26.27
CA PRO F 272 -11.02 -7.55 -25.87
C PRO F 272 -10.41 -8.36 -27.00
N GLU F 273 -10.82 -8.13 -28.24
CA GLU F 273 -10.24 -8.88 -29.33
C GLU F 273 -8.80 -8.47 -29.59
N ILE F 274 -8.49 -7.19 -29.40
CA ILE F 274 -7.11 -6.75 -29.50
C ILE F 274 -6.30 -7.24 -28.32
N MET F 275 -6.86 -7.12 -27.12
CA MET F 275 -6.04 -7.42 -25.94
C MET F 275 -5.97 -8.91 -25.65
N SER F 276 -6.68 -9.74 -26.40
CA SER F 276 -6.63 -11.16 -26.13
C SER F 276 -5.53 -11.84 -26.89
N LYS F 277 -4.85 -11.12 -27.77
CA LYS F 277 -3.88 -11.75 -28.63
C LYS F 277 -2.49 -11.65 -28.03
N LEU F 278 -1.58 -12.41 -28.62
CA LEU F 278 -0.22 -12.53 -28.13
C LEU F 278 0.51 -11.21 -28.32
N ALA F 279 1.57 -11.01 -27.54
CA ALA F 279 2.29 -9.75 -27.57
C ALA F 279 3.00 -9.56 -28.90
N GLY F 280 2.82 -8.39 -29.50
CA GLY F 280 3.38 -8.12 -30.80
C GLY F 280 2.44 -8.43 -31.95
N GLU F 281 1.36 -9.14 -31.70
CA GLU F 281 0.32 -9.31 -32.71
C GLU F 281 -0.78 -8.27 -32.57
N SER F 282 -0.94 -7.69 -31.38
CA SER F 282 -1.98 -6.69 -31.19
C SER F 282 -1.59 -5.34 -31.78
N GLU F 283 -0.30 -4.99 -31.70
CA GLU F 283 0.15 -3.75 -32.33
C GLU F 283 0.06 -3.85 -33.84
N SER F 284 0.25 -5.05 -34.38
CA SER F 284 0.11 -5.21 -35.81
C SER F 284 -1.33 -5.08 -36.25
N ASN F 285 -2.29 -5.47 -35.41
CA ASN F 285 -3.69 -5.28 -35.77
C ASN F 285 -4.10 -3.81 -35.72
N LEU F 286 -3.58 -3.04 -34.76
CA LEU F 286 -3.83 -1.60 -34.78
C LEU F 286 -3.23 -0.93 -36.02
N ARG F 287 -1.98 -1.28 -36.38
CA ARG F 287 -1.37 -0.66 -37.53
C ARG F 287 -2.07 -1.03 -38.82
N LYS F 288 -2.52 -2.28 -38.94
CA LYS F 288 -3.23 -2.68 -40.15
C LYS F 288 -4.59 -2.02 -40.25
N ALA F 289 -5.24 -1.76 -39.11
CA ALA F 289 -6.50 -1.04 -39.14
C ALA F 289 -6.32 0.36 -39.68
N PHE F 290 -5.33 1.09 -39.18
CA PHE F 290 -5.24 2.47 -39.67
C PHE F 290 -4.67 2.53 -41.09
N GLU F 291 -3.85 1.54 -41.48
CA GLU F 291 -3.34 1.55 -42.85
C GLU F 291 -4.42 1.20 -43.86
N GLU F 292 -5.31 0.27 -43.53
CA GLU F 292 -6.41 -0.02 -44.44
C GLU F 292 -7.41 1.12 -44.48
N ALA F 293 -7.54 1.88 -43.39
CA ALA F 293 -8.50 2.98 -43.42
C ALA F 293 -7.95 4.17 -44.19
N GLU F 294 -6.66 4.45 -44.08
CA GLU F 294 -6.09 5.57 -44.82
C GLU F 294 -5.87 5.20 -46.28
N LYS F 295 -5.72 3.90 -46.56
CA LYS F 295 -5.55 3.43 -47.93
C LYS F 295 -6.83 3.55 -48.73
N ASN F 296 -7.95 3.25 -48.10
CA ASN F 296 -9.26 3.28 -48.73
C ASN F 296 -9.84 4.69 -48.68
N ALA F 297 -11.16 4.71 -48.80
CA ALA F 297 -11.97 5.89 -49.03
C ALA F 297 -11.96 6.86 -47.83
N PRO F 298 -12.73 7.94 -47.89
CA PRO F 298 -13.30 8.48 -46.65
C PRO F 298 -13.82 7.37 -45.75
N ALA F 299 -13.30 7.32 -44.53
CA ALA F 299 -13.46 6.15 -43.69
C ALA F 299 -13.93 6.54 -42.31
N ILE F 300 -14.30 5.54 -41.52
CA ILE F 300 -14.62 5.68 -40.11
C ILE F 300 -13.96 4.51 -39.40
N ILE F 301 -13.34 4.73 -38.25
CA ILE F 301 -12.81 3.68 -37.43
C ILE F 301 -13.54 3.71 -36.11
N PHE F 302 -14.20 2.63 -35.73
CA PHE F 302 -14.91 2.59 -34.47
C PHE F 302 -14.15 1.68 -33.51
N ILE F 303 -13.66 2.24 -32.42
CA ILE F 303 -12.93 1.50 -31.40
C ILE F 303 -13.87 1.27 -30.24
N ASP F 304 -14.37 0.05 -30.12
CA ASP F 304 -15.40 -0.25 -29.14
C ASP F 304 -14.74 -0.75 -27.87
N GLU F 305 -15.26 -0.29 -26.73
CA GLU F 305 -14.66 -0.49 -25.42
C GLU F 305 -13.21 -0.02 -25.37
N LEU F 306 -13.07 1.31 -25.43
CA LEU F 306 -11.76 1.94 -25.43
C LEU F 306 -11.05 1.75 -24.10
N ASP F 307 -11.79 1.64 -23.01
CA ASP F 307 -11.16 1.57 -21.69
C ASP F 307 -10.64 0.17 -21.38
N ALA F 308 -10.71 -0.74 -22.34
CA ALA F 308 -10.06 -2.03 -22.16
C ALA F 308 -8.67 -2.03 -22.75
N ILE F 309 -8.41 -1.16 -23.73
CA ILE F 309 -7.08 -1.13 -24.34
C ILE F 309 -6.29 0.09 -23.96
N ALA F 310 -6.85 1.03 -23.20
CA ALA F 310 -6.11 2.22 -22.77
C ALA F 310 -6.57 2.72 -21.42
N PRO F 311 -6.21 2.07 -20.32
CA PRO F 311 -6.56 2.59 -19.00
C PRO F 311 -5.50 3.57 -18.53
N LYS F 312 -5.71 4.08 -17.32
CA LYS F 312 -4.73 4.99 -16.73
C LYS F 312 -3.45 4.24 -16.38
N ARG F 313 -2.32 4.95 -16.49
CA ARG F 313 -1.03 4.28 -16.32
C ARG F 313 -0.65 4.16 -14.85
N GLU F 314 -1.57 4.49 -13.94
CA GLU F 314 -1.41 4.07 -12.56
C GLU F 314 -1.99 2.68 -12.36
N LYS F 315 -2.91 2.28 -13.23
CA LYS F 315 -3.53 0.96 -13.09
C LYS F 315 -2.77 -0.07 -13.91
N THR F 316 -2.09 0.39 -14.95
CA THR F 316 -1.40 -0.52 -15.86
C THR F 316 -0.12 -1.02 -15.24
N HIS F 317 0.08 -2.34 -15.27
CA HIS F 317 1.27 -2.92 -14.65
C HIS F 317 2.22 -3.51 -15.67
N GLY F 318 1.76 -3.78 -16.88
CA GLY F 318 2.61 -4.48 -17.81
C GLY F 318 3.55 -3.55 -18.51
N GLU F 319 4.44 -4.10 -19.33
CA GLU F 319 5.12 -3.29 -20.32
C GLU F 319 4.35 -3.30 -21.63
N VAL F 320 3.70 -4.43 -21.94
CA VAL F 320 3.02 -4.56 -23.22
C VAL F 320 1.79 -3.68 -23.28
N GLU F 321 1.14 -3.47 -22.13
CA GLU F 321 -0.05 -2.64 -22.15
C GLU F 321 0.28 -1.16 -22.28
N ARG F 322 1.39 -0.73 -21.70
CA ARG F 322 1.85 0.63 -21.93
C ARG F 322 2.33 0.81 -23.34
N ARG F 323 2.84 -0.25 -23.95
CA ARG F 323 3.23 -0.15 -25.35
C ARG F 323 2.02 -0.03 -26.26
N ILE F 324 0.91 -0.65 -25.90
CA ILE F 324 -0.30 -0.52 -26.72
C ILE F 324 -0.91 0.86 -26.59
N VAL F 325 -0.87 1.45 -25.40
CA VAL F 325 -1.37 2.82 -25.25
C VAL F 325 -0.52 3.81 -26.03
N SER F 326 0.81 3.65 -26.00
CA SER F 326 1.67 4.57 -26.74
C SER F 326 1.56 4.39 -28.24
N GLN F 327 1.32 3.15 -28.69
CA GLN F 327 1.06 2.90 -30.11
C GLN F 327 -0.20 3.59 -30.57
N LEU F 328 -1.26 3.56 -29.76
CA LEU F 328 -2.49 4.24 -30.14
C LEU F 328 -2.32 5.75 -30.20
N LEU F 329 -1.54 6.34 -29.28
CA LEU F 329 -1.30 7.78 -29.34
C LEU F 329 -0.54 8.17 -30.60
N THR F 330 0.49 7.41 -30.94
CA THR F 330 1.26 7.66 -32.16
C THR F 330 0.39 7.53 -33.41
N LEU F 331 -0.52 6.55 -33.44
CA LEU F 331 -1.36 6.41 -34.63
C LEU F 331 -2.41 7.51 -34.73
N MET F 332 -2.91 7.98 -33.59
CA MET F 332 -3.86 9.10 -33.61
C MET F 332 -3.21 10.39 -34.08
N ASP F 333 -1.92 10.58 -33.80
CA ASP F 333 -1.30 11.84 -34.21
C ASP F 333 -0.94 11.82 -35.69
N GLY F 334 -0.95 10.67 -36.34
CA GLY F 334 -0.61 10.61 -37.74
C GLY F 334 -1.72 11.03 -38.67
N LEU F 335 -2.94 11.15 -38.16
CA LEU F 335 -4.07 11.59 -38.96
C LEU F 335 -3.91 13.06 -39.35
N LYS F 336 -3.92 13.33 -40.65
CA LYS F 336 -3.78 14.68 -41.17
C LYS F 336 -5.07 15.10 -41.86
N GLN F 337 -5.17 16.40 -42.16
CA GLN F 337 -6.36 16.96 -42.80
C GLN F 337 -6.58 16.38 -44.19
N ARG F 338 -5.50 15.95 -44.85
CA ARG F 338 -5.58 15.32 -46.15
C ARG F 338 -6.29 13.97 -46.10
N ALA F 339 -6.27 13.29 -44.96
CA ALA F 339 -6.56 11.86 -44.92
C ALA F 339 -8.04 11.53 -45.05
N HIS F 340 -8.94 12.37 -44.52
CA HIS F 340 -10.40 12.15 -44.46
C HIS F 340 -10.75 10.90 -43.65
N VAL F 341 -10.23 10.79 -42.42
CA VAL F 341 -10.51 9.67 -41.56
C VAL F 341 -11.04 10.22 -40.25
N ILE F 342 -12.19 9.73 -39.82
CA ILE F 342 -12.78 10.06 -38.53
C ILE F 342 -12.61 8.84 -37.65
N VAL F 343 -12.14 9.03 -36.42
CA VAL F 343 -12.01 7.96 -35.45
C VAL F 343 -13.03 8.23 -34.37
N MET F 344 -13.86 7.26 -34.04
CA MET F 344 -14.78 7.47 -32.94
C MET F 344 -14.79 6.25 -32.03
N ALA F 345 -14.98 6.47 -30.75
CA ALA F 345 -14.78 5.42 -29.76
C ALA F 345 -15.92 5.45 -28.77
N ALA F 346 -16.10 4.36 -28.05
CA ALA F 346 -17.21 4.23 -27.14
C ALA F 346 -16.75 3.63 -25.84
N THR F 347 -17.23 4.17 -24.73
CA THR F 347 -16.83 3.65 -23.45
C THR F 347 -17.96 3.88 -22.47
N ASN F 348 -17.89 3.23 -21.33
CA ASN F 348 -18.85 3.50 -20.27
C ASN F 348 -18.17 3.91 -18.97
N ARG F 349 -16.85 3.98 -18.96
CA ARG F 349 -16.08 4.48 -17.84
C ARG F 349 -15.24 5.66 -18.35
N PRO F 350 -15.84 6.83 -18.52
CA PRO F 350 -15.15 7.94 -19.16
C PRO F 350 -14.06 8.59 -18.32
N ASN F 351 -13.89 8.19 -17.08
CA ASN F 351 -12.84 8.73 -16.24
C ASN F 351 -11.77 7.70 -15.93
N SER F 352 -11.78 6.56 -16.58
CA SER F 352 -10.69 5.62 -16.47
C SER F 352 -9.85 5.58 -17.73
N ILE F 353 -10.19 6.37 -18.71
CA ILE F 353 -9.34 6.52 -19.88
C ILE F 353 -8.15 7.38 -19.51
N ASP F 354 -6.98 6.99 -20.02
CA ASP F 354 -5.73 7.72 -19.89
C ASP F 354 -5.94 9.17 -20.32
N PRO F 355 -5.56 10.15 -19.48
CA PRO F 355 -5.91 11.54 -19.80
C PRO F 355 -5.17 12.12 -20.97
N ALA F 356 -4.15 11.43 -21.48
CA ALA F 356 -3.44 11.94 -22.64
C ALA F 356 -4.26 11.75 -23.90
N LEU F 357 -5.25 10.86 -23.87
CA LEU F 357 -6.09 10.64 -25.04
C LEU F 357 -7.19 11.66 -25.16
N ARG F 358 -7.53 12.35 -24.09
CA ARG F 358 -8.65 13.27 -24.14
C ARG F 358 -8.23 14.70 -24.40
N ARG F 359 -7.06 14.93 -24.97
CA ARG F 359 -6.59 16.28 -25.18
C ARG F 359 -6.94 16.76 -26.56
N PHE F 360 -6.36 17.89 -26.93
CA PHE F 360 -6.72 18.54 -28.16
C PHE F 360 -6.05 17.84 -29.32
N GLY F 361 -6.83 17.54 -30.35
CA GLY F 361 -6.31 16.80 -31.48
C GLY F 361 -6.51 15.31 -31.42
N ARG F 362 -6.96 14.76 -30.30
CA ARG F 362 -7.17 13.32 -30.22
C ARG F 362 -8.63 12.93 -30.03
N PHE F 363 -9.23 13.19 -28.87
CA PHE F 363 -10.61 12.79 -28.58
C PHE F 363 -11.31 13.95 -27.92
N ASP F 364 -11.27 15.10 -28.59
CA ASP F 364 -11.68 16.34 -27.96
C ASP F 364 -13.20 16.52 -27.92
N ARG F 365 -13.93 15.98 -28.88
CA ARG F 365 -15.39 16.06 -28.84
C ARG F 365 -15.93 14.92 -27.99
N GLU F 366 -17.03 15.16 -27.28
CA GLU F 366 -17.66 14.14 -26.45
C GLU F 366 -19.17 14.26 -26.56
N VAL F 367 -19.83 13.13 -26.79
CA VAL F 367 -21.28 13.07 -26.92
C VAL F 367 -21.80 12.17 -25.82
N ASP F 368 -22.71 12.67 -25.01
CA ASP F 368 -23.19 11.95 -23.84
C ASP F 368 -24.53 11.29 -24.14
N ILE F 369 -24.50 10.00 -24.45
CA ILE F 369 -25.70 9.18 -24.50
C ILE F 369 -26.11 8.98 -23.05
N GLY F 370 -27.38 9.18 -22.73
CA GLY F 370 -27.82 9.16 -21.36
C GLY F 370 -28.97 8.21 -21.11
N ILE F 371 -29.43 8.22 -19.86
CA ILE F 371 -30.59 7.41 -19.46
C ILE F 371 -31.85 8.05 -20.00
N PRO F 372 -32.77 7.30 -20.60
CA PRO F 372 -33.93 7.93 -21.24
C PRO F 372 -35.01 8.32 -20.25
N ASP F 373 -35.81 9.31 -20.63
CA ASP F 373 -37.01 9.66 -19.89
C ASP F 373 -38.22 8.93 -20.45
N ALA F 374 -39.40 9.30 -19.97
CA ALA F 374 -40.64 8.58 -20.25
C ALA F 374 -41.02 8.58 -21.73
N THR F 375 -40.80 9.72 -22.39
CA THR F 375 -41.03 9.81 -23.82
C THR F 375 -40.07 8.91 -24.58
N GLY F 376 -38.85 8.76 -24.07
CA GLY F 376 -37.92 7.84 -24.70
C GLY F 376 -38.26 6.39 -24.46
N ARG F 377 -38.74 6.06 -23.26
CA ARG F 377 -39.06 4.67 -22.95
C ARG F 377 -40.23 4.19 -23.76
N LEU F 378 -41.18 5.08 -24.07
CA LEU F 378 -42.27 4.69 -24.94
C LEU F 378 -41.78 4.35 -26.35
N GLU F 379 -40.79 5.08 -26.86
CA GLU F 379 -40.29 4.79 -28.20
C GLU F 379 -39.49 3.51 -28.24
N ILE F 380 -38.74 3.22 -27.17
CA ILE F 380 -38.00 1.97 -27.12
C ILE F 380 -38.94 0.78 -27.04
N LEU F 381 -40.02 0.90 -26.27
CA LEU F 381 -41.00 -0.18 -26.19
C LEU F 381 -41.73 -0.38 -27.52
N GLN F 382 -42.03 0.70 -28.22
CA GLN F 382 -42.71 0.56 -29.51
C GLN F 382 -41.79 -0.03 -30.57
N ILE F 383 -40.47 0.16 -30.43
CA ILE F 383 -39.57 -0.51 -31.36
C ILE F 383 -39.48 -2.00 -31.04
N HIS F 384 -39.34 -2.35 -29.76
CA HIS F 384 -39.11 -3.75 -29.44
C HIS F 384 -40.34 -4.63 -29.62
N THR F 385 -41.54 -4.07 -29.47
CA THR F 385 -42.72 -4.90 -29.63
C THR F 385 -43.33 -4.83 -31.01
N LYS F 386 -42.53 -4.68 -32.07
CA LYS F 386 -43.13 -4.59 -33.40
C LYS F 386 -43.26 -5.95 -34.05
N ASN F 387 -42.72 -6.99 -33.41
CA ASN F 387 -42.87 -8.33 -33.97
C ASN F 387 -43.72 -9.20 -33.07
N MET F 388 -43.86 -8.82 -31.80
CA MET F 388 -44.77 -9.53 -30.91
C MET F 388 -46.21 -9.26 -31.32
N LYS F 389 -47.09 -10.15 -30.90
CA LYS F 389 -48.51 -10.02 -31.18
C LYS F 389 -49.21 -9.64 -29.90
N LEU F 390 -49.50 -8.36 -29.75
CA LEU F 390 -50.07 -7.84 -28.52
C LEU F 390 -51.57 -8.01 -28.54
N ALA F 391 -52.15 -8.25 -27.38
CA ALA F 391 -53.60 -8.19 -27.25
C ALA F 391 -54.06 -6.74 -27.24
N ASP F 392 -55.37 -6.54 -27.31
CA ASP F 392 -55.92 -5.18 -27.35
C ASP F 392 -55.88 -4.50 -25.99
N ASP F 393 -55.56 -5.25 -24.94
CA ASP F 393 -55.58 -4.70 -23.60
C ASP F 393 -54.35 -3.86 -23.34
N VAL F 394 -53.28 -4.08 -24.10
CA VAL F 394 -51.97 -3.59 -23.69
C VAL F 394 -51.82 -2.11 -24.01
N ASP F 395 -51.58 -1.32 -22.97
CA ASP F 395 -51.36 0.11 -23.07
C ASP F 395 -49.90 0.37 -22.75
N LEU F 396 -49.14 0.76 -23.77
CA LEU F 396 -47.70 0.90 -23.55
C LEU F 396 -47.34 2.17 -22.81
N GLU F 397 -48.25 3.13 -22.72
CA GLU F 397 -47.91 4.37 -22.02
C GLU F 397 -47.94 4.16 -20.51
N GLN F 398 -48.79 3.26 -20.03
CA GLN F 398 -48.78 2.92 -18.63
C GLN F 398 -47.50 2.20 -18.25
N VAL F 399 -47.03 1.28 -19.10
CA VAL F 399 -45.78 0.59 -18.87
C VAL F 399 -44.62 1.57 -18.93
N ALA F 400 -44.67 2.52 -19.85
CA ALA F 400 -43.59 3.49 -19.97
C ALA F 400 -43.56 4.44 -18.79
N ASN F 401 -44.68 4.62 -18.12
CA ASN F 401 -44.67 5.46 -16.93
C ASN F 401 -44.21 4.68 -15.71
N GLU F 402 -44.43 3.37 -15.69
CA GLU F 402 -44.14 2.62 -14.46
C GLU F 402 -42.69 2.13 -14.40
N THR F 403 -41.98 2.15 -15.51
CA THR F 403 -40.58 1.74 -15.55
C THR F 403 -39.70 2.96 -15.30
N HIS F 404 -39.02 2.96 -14.15
CA HIS F 404 -38.41 4.21 -13.68
C HIS F 404 -36.91 4.24 -13.92
N GLY F 405 -36.17 3.23 -13.47
CA GLY F 405 -34.74 3.23 -13.61
C GLY F 405 -34.21 2.40 -14.76
N HIS F 406 -35.03 2.11 -15.74
CA HIS F 406 -34.67 1.20 -16.82
C HIS F 406 -33.89 1.94 -17.90
N VAL F 407 -33.01 1.20 -18.57
CA VAL F 407 -32.33 1.63 -19.79
C VAL F 407 -32.80 0.68 -20.87
N GLY F 408 -32.28 0.85 -22.08
CA GLY F 408 -32.83 0.14 -23.23
C GLY F 408 -32.79 -1.38 -23.15
N ALA F 409 -31.70 -1.92 -22.62
CA ALA F 409 -31.58 -3.37 -22.51
C ALA F 409 -32.51 -3.92 -21.45
N ASP F 410 -32.85 -3.12 -20.45
CA ASP F 410 -33.81 -3.54 -19.46
C ASP F 410 -35.21 -3.61 -20.05
N LEU F 411 -35.54 -2.74 -21.00
CA LEU F 411 -36.84 -2.81 -21.63
C LEU F 411 -36.93 -3.99 -22.58
N ALA F 412 -35.81 -4.35 -23.20
CA ALA F 412 -35.78 -5.58 -23.98
C ALA F 412 -36.00 -6.81 -23.12
N ALA F 413 -35.36 -6.86 -21.96
CA ALA F 413 -35.55 -8.01 -21.07
C ALA F 413 -36.96 -8.03 -20.48
N LEU F 414 -37.58 -6.85 -20.33
CA LEU F 414 -38.97 -6.78 -19.87
C LEU F 414 -39.91 -7.41 -20.88
N CYS F 415 -39.75 -7.07 -22.16
CA CYS F 415 -40.61 -7.67 -23.18
C CYS F 415 -40.42 -9.18 -23.28
N SER F 416 -39.16 -9.64 -23.15
CA SER F 416 -38.90 -11.08 -23.21
C SER F 416 -39.54 -11.84 -22.04
N GLU F 417 -39.44 -11.28 -20.83
CA GLU F 417 -40.03 -11.95 -19.67
C GLU F 417 -41.55 -11.96 -19.74
N ALA F 418 -42.15 -10.91 -20.31
CA ALA F 418 -43.59 -10.92 -20.51
C ALA F 418 -44.04 -12.01 -21.45
N ALA F 419 -43.33 -12.20 -22.56
CA ALA F 419 -43.77 -13.25 -23.48
C ALA F 419 -43.52 -14.64 -22.93
N LEU F 420 -42.50 -14.82 -22.09
CA LEU F 420 -42.32 -16.13 -21.46
C LEU F 420 -43.42 -16.42 -20.44
N GLN F 421 -43.93 -15.38 -19.77
CA GLN F 421 -45.09 -15.57 -18.89
C GLN F 421 -46.32 -15.97 -19.70
N ALA F 422 -46.48 -15.39 -20.88
CA ALA F 422 -47.58 -15.78 -21.76
C ALA F 422 -47.44 -17.22 -22.24
N ILE F 423 -46.22 -17.71 -22.37
CA ILE F 423 -46.02 -19.13 -22.67
C ILE F 423 -46.42 -20.00 -21.49
N ARG F 424 -45.99 -19.64 -20.27
CA ARG F 424 -46.27 -20.44 -19.09
C ARG F 424 -47.75 -20.56 -18.79
N LYS F 425 -48.55 -19.56 -19.15
CA LYS F 425 -50.00 -19.73 -19.00
C LYS F 425 -50.58 -20.75 -19.96
N LYS F 426 -49.85 -21.13 -21.00
CA LYS F 426 -50.32 -22.03 -22.05
C LYS F 426 -49.56 -23.35 -21.96
N MET F 427 -49.34 -23.84 -20.75
CA MET F 427 -48.41 -24.92 -20.54
C MET F 427 -49.06 -26.29 -20.55
N ASP F 428 -50.35 -26.38 -20.23
CA ASP F 428 -51.05 -27.65 -20.21
C ASP F 428 -51.24 -28.27 -21.59
N LEU F 429 -51.09 -27.49 -22.66
CA LEU F 429 -51.11 -28.02 -24.02
C LEU F 429 -49.71 -28.30 -24.55
N ILE F 430 -48.75 -27.41 -24.27
CA ILE F 430 -47.39 -27.58 -24.77
C ILE F 430 -46.69 -28.67 -23.99
N ASP F 431 -46.11 -29.63 -24.70
CA ASP F 431 -45.37 -30.73 -24.08
C ASP F 431 -43.90 -30.58 -24.39
N LEU F 432 -43.07 -30.66 -23.36
CA LEU F 432 -41.63 -30.74 -23.57
C LEU F 432 -41.21 -32.11 -24.10
N GLU F 433 -42.02 -33.13 -23.82
CA GLU F 433 -41.68 -34.50 -24.19
C GLU F 433 -41.80 -34.75 -25.69
N ASP F 434 -42.63 -33.99 -26.40
CA ASP F 434 -43.00 -34.33 -27.77
C ASP F 434 -41.94 -33.85 -28.74
N GLU F 435 -42.26 -33.89 -30.02
CA GLU F 435 -41.38 -33.36 -31.06
C GLU F 435 -41.76 -31.97 -31.49
N THR F 436 -43.04 -31.71 -31.73
CA THR F 436 -43.46 -30.43 -32.27
C THR F 436 -44.75 -30.00 -31.59
N ILE F 437 -45.14 -28.76 -31.87
CA ILE F 437 -46.26 -28.09 -31.21
C ILE F 437 -47.35 -27.84 -32.25
N ASP F 438 -48.61 -27.95 -31.83
CA ASP F 438 -49.74 -27.67 -32.70
C ASP F 438 -49.71 -26.21 -33.18
N ALA F 439 -50.10 -26.01 -34.44
CA ALA F 439 -50.04 -24.68 -35.04
C ALA F 439 -51.09 -23.74 -34.45
N GLU F 440 -52.20 -24.29 -33.95
CA GLU F 440 -53.18 -23.46 -33.27
C GLU F 440 -52.64 -22.96 -31.92
N VAL F 441 -51.77 -23.75 -31.28
CA VAL F 441 -51.13 -23.31 -30.05
C VAL F 441 -50.11 -22.22 -30.35
N MET F 442 -49.39 -22.35 -31.46
CA MET F 442 -48.52 -21.25 -31.87
C MET F 442 -49.27 -20.06 -32.42
N ASN F 443 -50.56 -20.21 -32.71
CA ASN F 443 -51.34 -19.07 -33.15
C ASN F 443 -52.13 -18.44 -32.02
N SER F 444 -52.34 -19.16 -30.92
CA SER F 444 -53.08 -18.65 -29.78
C SER F 444 -52.19 -17.98 -28.75
N LEU F 445 -51.07 -17.42 -29.17
CA LEU F 445 -50.16 -16.70 -28.28
C LEU F 445 -50.35 -15.21 -28.48
N ALA F 446 -50.79 -14.52 -27.43
CA ALA F 446 -50.96 -13.08 -27.48
C ALA F 446 -50.73 -12.55 -26.08
N VAL F 447 -49.86 -11.56 -25.97
CA VAL F 447 -49.36 -11.10 -24.68
C VAL F 447 -50.32 -10.04 -24.15
N THR F 448 -50.83 -10.23 -22.94
CA THR F 448 -51.81 -9.34 -22.35
C THR F 448 -51.16 -8.48 -21.29
N MET F 449 -51.93 -7.53 -20.76
CA MET F 449 -51.42 -6.58 -19.77
C MET F 449 -51.12 -7.24 -18.44
N ASP F 450 -51.73 -8.38 -18.15
CA ASP F 450 -51.39 -9.13 -16.95
C ASP F 450 -49.96 -9.66 -17.01
N ASP F 451 -49.50 -10.00 -18.21
CA ASP F 451 -48.13 -10.45 -18.40
C ASP F 451 -47.14 -9.32 -18.18
N PHE F 452 -47.44 -8.13 -18.70
CA PHE F 452 -46.57 -6.99 -18.46
C PHE F 452 -46.57 -6.57 -17.01
N ARG F 453 -47.66 -6.80 -16.28
CA ARG F 453 -47.59 -6.52 -14.85
C ARG F 453 -46.78 -7.55 -14.08
N TRP F 454 -46.80 -8.82 -14.51
CA TRP F 454 -45.89 -9.80 -13.91
C TRP F 454 -44.44 -9.45 -14.19
N ALA F 455 -44.12 -9.17 -15.46
CA ALA F 455 -42.75 -8.90 -15.85
C ALA F 455 -42.24 -7.62 -15.22
N LEU F 456 -43.11 -6.66 -15.03
CA LEU F 456 -42.71 -5.43 -14.36
C LEU F 456 -42.61 -5.60 -12.86
N SER F 457 -43.32 -6.58 -12.30
CA SER F 457 -43.13 -6.88 -10.89
C SER F 457 -41.81 -7.57 -10.63
N GLN F 458 -41.30 -8.34 -11.59
CA GLN F 458 -40.11 -9.13 -11.34
C GLN F 458 -38.80 -8.43 -11.68
N SER F 459 -38.82 -7.34 -12.43
CA SER F 459 -37.58 -6.84 -13.00
C SER F 459 -36.81 -5.99 -12.00
N ASN F 460 -35.52 -6.26 -11.89
CA ASN F 460 -34.64 -5.42 -11.09
C ASN F 460 -33.76 -4.62 -12.04
N PRO F 461 -33.97 -3.33 -12.18
CA PRO F 461 -33.24 -2.55 -13.17
C PRO F 461 -31.83 -2.23 -12.70
N SER F 462 -31.10 -1.52 -13.56
CA SER F 462 -29.68 -1.30 -13.41
C SER F 462 -29.34 0.11 -12.97
N ALA F 463 -30.09 1.11 -13.43
CA ALA F 463 -29.73 2.50 -13.24
C ALA F 463 -30.55 3.16 -12.15
N LEU F 464 -30.82 2.46 -11.05
CA LEU F 464 -31.51 3.09 -9.93
C LEU F 464 -30.60 4.03 -9.15
N ARG F 465 -29.30 3.78 -9.18
CA ARG F 465 -28.37 4.52 -8.33
C ARG F 465 -27.65 5.60 -9.14
N GLU F 466 -28.35 6.11 -10.13
CA GLU F 466 -27.85 7.18 -10.98
C GLU F 466 -28.57 8.45 -10.59
N THR F 467 -28.05 9.59 -11.02
CA THR F 467 -28.75 10.84 -10.75
C THR F 467 -29.63 11.19 -11.94
N VAL F 468 -30.89 11.52 -11.65
CA VAL F 468 -31.91 11.79 -12.65
C VAL F 468 -31.79 13.25 -13.05
N VAL F 469 -31.65 13.51 -14.34
CA VAL F 469 -31.59 14.86 -14.87
C VAL F 469 -32.74 14.99 -15.86
N GLU F 470 -33.89 15.48 -15.39
CA GLU F 470 -35.06 15.57 -16.25
C GLU F 470 -35.76 16.89 -15.99
N VAL F 471 -36.74 17.19 -16.81
CA VAL F 471 -37.68 18.28 -16.51
C VAL F 471 -38.79 17.71 -15.62
N PRO F 472 -39.12 18.34 -14.50
CA PRO F 472 -40.05 17.71 -13.56
C PRO F 472 -41.49 17.84 -14.02
N GLN F 473 -42.39 17.23 -13.26
CA GLN F 473 -43.80 17.22 -13.60
C GLN F 473 -44.66 18.01 -12.62
N VAL F 474 -44.08 18.56 -11.56
CA VAL F 474 -44.86 19.34 -10.62
C VAL F 474 -45.12 20.71 -11.19
N THR F 475 -46.39 21.06 -11.36
CA THR F 475 -46.77 22.38 -11.82
C THR F 475 -46.90 23.31 -10.63
N TRP F 476 -47.40 24.53 -10.88
CA TRP F 476 -47.74 25.41 -9.76
C TRP F 476 -48.97 24.93 -9.04
N GLU F 477 -49.80 24.15 -9.73
CA GLU F 477 -51.13 23.83 -9.24
C GLU F 477 -51.10 22.85 -8.10
N ASP F 478 -50.00 22.11 -7.95
CA ASP F 478 -49.89 21.17 -6.85
C ASP F 478 -49.61 21.86 -5.54
N ILE F 479 -49.19 23.13 -5.58
CA ILE F 479 -48.83 23.84 -4.36
C ILE F 479 -49.97 24.76 -3.95
N GLY F 480 -50.30 24.73 -2.67
CA GLY F 480 -51.28 25.65 -2.13
C GLY F 480 -50.66 26.71 -1.26
N GLY F 481 -51.06 27.96 -1.46
CA GLY F 481 -50.44 29.04 -0.73
C GLY F 481 -49.13 29.43 -1.37
N LEU F 482 -48.41 30.30 -0.65
CA LEU F 482 -47.08 30.79 -1.04
C LEU F 482 -47.11 31.44 -2.42
N GLU F 483 -47.80 32.57 -2.53
CA GLU F 483 -47.99 33.21 -3.83
C GLU F 483 -47.01 34.34 -4.04
N ASP F 484 -46.61 34.99 -2.93
CA ASP F 484 -45.62 36.06 -3.02
C ASP F 484 -44.26 35.50 -3.41
N VAL F 485 -43.94 34.29 -2.94
CA VAL F 485 -42.67 33.68 -3.33
C VAL F 485 -42.77 33.15 -4.75
N LYS F 486 -43.97 32.89 -5.25
CA LYS F 486 -44.09 32.55 -6.65
C LYS F 486 -43.76 33.75 -7.51
N ARG F 487 -44.25 34.91 -7.10
CA ARG F 487 -43.97 36.13 -7.86
C ARG F 487 -42.50 36.50 -7.76
N GLU F 488 -41.87 36.18 -6.62
CA GLU F 488 -40.45 36.49 -6.47
C GLU F 488 -39.57 35.53 -7.25
N LEU F 489 -39.88 34.22 -7.21
CA LEU F 489 -39.04 33.24 -7.91
C LEU F 489 -39.14 33.39 -9.41
N GLN F 490 -40.29 33.82 -9.93
CA GLN F 490 -40.35 34.14 -11.35
C GLN F 490 -39.37 35.24 -11.70
N GLU F 491 -39.27 36.25 -10.85
CA GLU F 491 -38.43 37.40 -11.13
C GLU F 491 -36.96 37.07 -10.96
N LEU F 492 -36.65 36.08 -10.12
CA LEU F 492 -35.25 35.74 -9.93
C LEU F 492 -34.76 34.79 -11.01
N VAL F 493 -35.59 33.85 -11.46
CA VAL F 493 -35.13 32.84 -12.40
C VAL F 493 -35.45 33.20 -13.84
N GLN F 494 -36.70 33.51 -14.14
CA GLN F 494 -37.18 33.43 -15.51
C GLN F 494 -36.71 34.61 -16.36
N TYR F 495 -36.58 35.79 -15.79
CA TYR F 495 -36.21 36.94 -16.62
C TYR F 495 -34.77 36.99 -17.13
N PRO F 496 -33.72 36.54 -16.40
CA PRO F 496 -32.41 36.49 -17.05
C PRO F 496 -32.30 35.47 -18.16
N VAL F 497 -33.18 34.47 -18.20
CA VAL F 497 -33.22 33.58 -19.35
C VAL F 497 -33.96 34.25 -20.51
N GLU F 498 -35.13 34.83 -20.22
CA GLU F 498 -36.02 35.30 -21.26
C GLU F 498 -35.65 36.69 -21.78
N HIS F 499 -35.12 37.55 -20.92
CA HIS F 499 -34.80 38.93 -21.30
C HIS F 499 -33.37 39.21 -20.90
N PRO F 500 -32.42 38.92 -21.76
CA PRO F 500 -31.02 39.12 -21.39
C PRO F 500 -30.63 40.59 -21.44
N ASP F 501 -31.14 41.29 -22.45
CA ASP F 501 -30.66 42.62 -22.77
C ASP F 501 -31.17 43.68 -21.81
N LYS F 502 -32.27 43.38 -21.11
CA LYS F 502 -32.84 44.32 -20.16
C LYS F 502 -31.99 44.44 -18.91
N PHE F 503 -31.09 43.49 -18.68
CA PHE F 503 -30.06 43.61 -17.66
C PHE F 503 -28.84 44.34 -18.18
N LEU F 504 -28.75 44.53 -19.50
CA LEU F 504 -27.68 45.30 -20.10
C LEU F 504 -28.04 46.76 -20.28
N LYS F 505 -29.34 47.10 -20.27
CA LYS F 505 -29.73 48.50 -20.23
C LYS F 505 -29.22 49.16 -18.96
N PHE F 506 -29.55 48.58 -17.83
CA PHE F 506 -28.98 49.01 -16.56
C PHE F 506 -27.66 48.27 -16.37
N GLY F 507 -27.03 48.44 -15.23
CA GLY F 507 -25.74 47.82 -15.03
C GLY F 507 -25.79 46.63 -14.10
N MET F 508 -26.94 45.96 -14.04
CA MET F 508 -27.14 44.93 -13.05
C MET F 508 -26.77 43.56 -13.61
N THR F 509 -25.94 42.84 -12.89
CA THR F 509 -25.74 41.42 -13.10
C THR F 509 -26.69 40.67 -12.20
N PRO F 510 -27.43 39.71 -12.72
CA PRO F 510 -28.38 38.97 -11.89
C PRO F 510 -27.68 38.08 -10.88
N SER F 511 -28.40 37.75 -9.82
CA SER F 511 -27.84 36.87 -8.82
C SER F 511 -28.05 35.43 -9.24
N LYS F 512 -27.41 34.52 -8.50
CA LYS F 512 -27.47 33.11 -8.82
C LYS F 512 -28.07 32.25 -7.74
N GLY F 513 -28.11 32.70 -6.50
CA GLY F 513 -28.49 31.85 -5.39
C GLY F 513 -29.79 32.27 -4.73
N VAL F 514 -30.48 31.29 -4.16
CA VAL F 514 -31.64 31.47 -3.30
C VAL F 514 -31.48 30.47 -2.16
N LEU F 515 -31.77 30.88 -0.93
CA LEU F 515 -31.89 29.92 0.16
C LEU F 515 -33.31 29.99 0.70
N PHE F 516 -33.93 28.83 0.87
CA PHE F 516 -35.19 28.73 1.58
C PHE F 516 -34.91 28.12 2.95
N TYR F 517 -35.44 28.72 4.01
CA TYR F 517 -35.32 28.07 5.31
C TYR F 517 -36.62 28.28 6.09
N GLY F 518 -36.84 27.42 7.07
CA GLY F 518 -38.03 27.48 7.86
C GLY F 518 -38.29 26.23 8.68
N PRO F 519 -39.52 26.06 9.13
CA PRO F 519 -39.90 24.86 9.87
C PRO F 519 -40.03 23.67 8.94
N PRO F 520 -40.07 22.45 9.46
CA PRO F 520 -40.29 21.29 8.59
C PRO F 520 -41.67 21.26 7.99
N GLY F 521 -41.83 20.47 6.94
CA GLY F 521 -43.11 20.21 6.32
C GLY F 521 -43.78 21.36 5.60
N CYS F 522 -43.12 22.49 5.48
CA CYS F 522 -43.77 23.69 5.01
C CYS F 522 -43.91 23.77 3.50
N GLY F 523 -43.22 22.91 2.75
CA GLY F 523 -43.37 22.90 1.30
C GLY F 523 -42.27 23.54 0.49
N LYS F 524 -41.02 23.18 0.76
CA LYS F 524 -39.91 23.87 0.12
C LYS F 524 -39.46 23.17 -1.17
N THR F 525 -39.57 21.85 -1.23
CA THR F 525 -39.10 21.09 -2.39
C THR F 525 -40.00 21.31 -3.61
N LEU F 526 -41.29 21.46 -3.38
CA LEU F 526 -42.23 21.53 -4.48
C LEU F 526 -42.09 22.84 -5.25
N LEU F 527 -41.69 23.91 -4.56
CA LEU F 527 -41.47 25.19 -5.23
C LEU F 527 -40.29 25.11 -6.19
N ALA F 528 -39.22 24.44 -5.75
CA ALA F 528 -38.04 24.32 -6.58
C ALA F 528 -38.30 23.43 -7.77
N LYS F 529 -39.16 22.44 -7.64
CA LYS F 529 -39.52 21.68 -8.83
C LYS F 529 -40.45 22.48 -9.73
N ALA F 530 -41.31 23.31 -9.15
CA ALA F 530 -42.33 24.00 -9.93
C ALA F 530 -41.74 25.12 -10.77
N ILE F 531 -40.69 25.78 -10.27
CA ILE F 531 -40.06 26.83 -11.07
C ILE F 531 -39.30 26.21 -12.25
N ALA F 532 -38.75 25.01 -12.06
CA ALA F 532 -38.09 24.32 -13.17
C ALA F 532 -39.10 23.87 -14.21
N ASN F 533 -40.30 23.48 -13.77
CA ASN F 533 -41.35 23.17 -14.73
C ASN F 533 -41.82 24.43 -15.45
N GLU F 534 -41.80 25.57 -14.76
CA GLU F 534 -42.24 26.82 -15.39
C GLU F 534 -41.26 27.27 -16.46
N CYS F 535 -39.96 27.20 -16.19
CA CYS F 535 -38.97 27.71 -17.12
C CYS F 535 -38.52 26.70 -18.17
N GLN F 536 -39.01 25.45 -18.08
CA GLN F 536 -38.60 24.33 -18.95
C GLN F 536 -37.09 24.11 -18.89
N ALA F 537 -36.60 23.87 -17.68
CA ALA F 537 -35.19 23.64 -17.41
C ALA F 537 -35.01 22.26 -16.80
N ASN F 538 -33.77 21.77 -16.83
CA ASN F 538 -33.48 20.50 -16.19
C ASN F 538 -33.45 20.68 -14.68
N PHE F 539 -33.38 19.58 -13.95
CA PHE F 539 -33.50 19.65 -12.51
C PHE F 539 -32.68 18.55 -11.89
N ILE F 540 -31.57 18.90 -11.25
CA ILE F 540 -30.73 17.96 -10.54
C ILE F 540 -30.98 18.16 -9.05
N SER F 541 -31.26 17.09 -8.34
CA SER F 541 -31.55 17.16 -6.91
C SER F 541 -30.49 16.40 -6.13
N ILE F 542 -29.97 17.03 -5.09
CA ILE F 542 -28.91 16.47 -4.25
C ILE F 542 -29.43 16.47 -2.83
N LYS F 543 -29.08 15.46 -2.06
CA LYS F 543 -29.36 15.42 -0.63
C LYS F 543 -28.08 15.19 0.14
N GLY F 544 -27.92 15.93 1.25
CA GLY F 544 -26.84 15.74 2.19
C GLY F 544 -26.57 14.34 2.66
N PRO F 545 -27.60 13.51 2.93
CA PRO F 545 -27.36 12.06 3.08
C PRO F 545 -26.68 11.41 1.91
N GLU F 546 -27.00 11.84 0.69
CA GLU F 546 -26.42 11.24 -0.50
C GLU F 546 -24.99 11.74 -0.71
N LEU F 547 -24.60 12.80 0.00
CA LEU F 547 -23.29 13.40 -0.23
C LEU F 547 -22.33 13.10 0.93
N LEU F 548 -22.87 12.66 2.06
CA LEU F 548 -22.02 12.10 3.10
C LEU F 548 -21.73 10.64 2.82
N THR F 549 -22.61 9.99 2.06
CA THR F 549 -22.29 8.69 1.48
C THR F 549 -21.61 8.93 0.13
N MET F 550 -20.68 8.03 -0.24
CA MET F 550 -19.86 8.14 -1.47
C MET F 550 -19.03 9.41 -1.50
N TRP F 551 -18.66 9.91 -0.34
CA TRP F 551 -17.53 10.80 -0.19
C TRP F 551 -16.34 10.11 0.46
N PHE F 552 -16.60 9.25 1.45
CA PHE F 552 -15.51 8.61 2.19
C PHE F 552 -14.69 7.68 1.29
N GLY F 553 -15.31 7.18 0.20
CA GLY F 553 -14.57 6.38 -0.76
C GLY F 553 -13.89 7.22 -1.83
N GLU F 554 -14.56 8.25 -2.32
CA GLU F 554 -14.00 9.17 -3.31
C GLU F 554 -14.00 10.58 -2.71
N SER F 555 -12.84 11.01 -2.22
CA SER F 555 -12.81 12.12 -1.27
C SER F 555 -12.89 13.48 -1.96
N GLU F 556 -12.57 13.55 -3.25
CA GLU F 556 -12.56 14.85 -3.92
C GLU F 556 -13.43 14.92 -5.17
N ALA F 557 -13.85 13.81 -5.74
CA ALA F 557 -14.37 13.84 -7.09
C ALA F 557 -15.86 14.17 -7.12
N ASN F 558 -16.57 13.88 -6.03
CA ASN F 558 -18.04 13.81 -6.05
C ASN F 558 -18.67 15.17 -6.34
N VAL F 559 -18.22 16.20 -5.63
CA VAL F 559 -18.87 17.49 -5.77
C VAL F 559 -18.42 18.18 -7.05
N ARG F 560 -17.22 17.84 -7.55
CA ARG F 560 -16.86 18.30 -8.88
C ARG F 560 -17.69 17.64 -9.96
N GLU F 561 -18.04 16.37 -9.78
CA GLU F 561 -18.85 15.67 -10.78
C GLU F 561 -20.24 16.25 -10.86
N ILE F 562 -20.83 16.61 -9.71
CA ILE F 562 -22.17 17.19 -9.70
C ILE F 562 -22.19 18.51 -10.44
N PHE F 563 -21.24 19.40 -10.16
CA PHE F 563 -21.25 20.70 -10.81
C PHE F 563 -20.87 20.60 -12.28
N ASP F 564 -20.04 19.64 -12.65
CA ASP F 564 -19.75 19.46 -14.07
C ASP F 564 -20.96 18.95 -14.82
N LYS F 565 -21.74 18.09 -14.19
CA LYS F 565 -22.94 17.56 -14.83
C LYS F 565 -24.01 18.63 -14.94
N ALA F 566 -24.07 19.52 -13.96
CA ALA F 566 -25.00 20.64 -14.03
C ALA F 566 -24.58 21.66 -15.06
N ARG F 567 -23.26 21.85 -15.24
CA ARG F 567 -22.80 22.76 -16.27
C ARG F 567 -23.04 22.18 -17.65
N GLN F 568 -22.92 20.87 -17.78
CA GLN F 568 -23.14 20.23 -19.07
C GLN F 568 -24.60 20.27 -19.47
N ALA F 569 -25.51 20.12 -18.52
CA ALA F 569 -26.92 20.09 -18.86
C ALA F 569 -27.62 21.44 -18.72
N ALA F 570 -26.94 22.55 -18.99
CA ALA F 570 -27.54 23.87 -18.79
C ALA F 570 -28.61 24.14 -19.83
N PRO F 571 -29.66 24.93 -19.50
CA PRO F 571 -30.03 25.59 -18.25
C PRO F 571 -30.68 24.66 -17.25
N CYS F 572 -30.26 24.69 -15.99
CA CYS F 572 -30.87 23.83 -15.00
C CYS F 572 -30.83 24.51 -13.65
N VAL F 573 -31.76 24.13 -12.78
CA VAL F 573 -31.71 24.53 -11.39
C VAL F 573 -31.09 23.39 -10.61
N LEU F 574 -30.05 23.69 -9.87
CA LEU F 574 -29.34 22.69 -9.10
C LEU F 574 -29.75 22.81 -7.66
N PHE F 575 -30.56 21.88 -7.21
CA PHE F 575 -31.24 22.00 -5.93
C PHE F 575 -30.52 21.17 -4.88
N PHE F 576 -29.81 21.84 -4.00
CA PHE F 576 -29.28 21.24 -2.78
C PHE F 576 -30.40 21.18 -1.77
N ASP F 577 -30.31 20.25 -0.85
CA ASP F 577 -31.40 19.98 0.05
C ASP F 577 -30.85 19.29 1.28
N GLU F 578 -31.56 19.44 2.39
CA GLU F 578 -31.27 18.78 3.67
C GLU F 578 -29.87 19.13 4.18
N LEU F 579 -29.58 20.43 4.27
CA LEU F 579 -28.23 20.87 4.63
C LEU F 579 -27.94 20.63 6.12
N ASP F 580 -28.97 20.32 6.90
CA ASP F 580 -28.78 20.11 8.32
C ASP F 580 -28.01 18.83 8.61
N SER F 581 -28.06 17.84 7.70
CA SER F 581 -27.33 16.60 7.96
C SER F 581 -25.83 16.81 7.84
N ILE F 582 -25.40 17.63 6.88
CA ILE F 582 -24.00 18.02 6.79
C ILE F 582 -23.63 18.88 7.98
N ALA F 583 -24.52 19.81 8.33
CA ALA F 583 -24.21 20.73 9.41
C ALA F 583 -24.22 20.06 10.77
N LYS F 584 -24.87 18.92 10.89
CA LYS F 584 -25.05 18.31 12.20
C LYS F 584 -24.18 17.05 12.33
N ALA F 585 -23.65 16.57 11.20
CA ALA F 585 -22.64 15.51 11.24
C ALA F 585 -21.25 16.10 11.27
N ARG F 586 -21.10 17.36 10.87
CA ARG F 586 -19.78 17.97 10.94
C ARG F 586 -19.74 19.18 11.88
N GLY F 587 -20.76 20.03 11.86
CA GLY F 587 -20.77 21.20 12.71
C GLY F 587 -21.30 20.94 14.12
N GLY F 588 -22.17 19.96 14.27
CA GLY F 588 -22.55 19.51 15.61
C GLY F 588 -23.82 20.16 16.13
N ASN F 589 -24.32 19.59 17.24
CA ASN F 589 -25.60 20.04 17.79
C ASN F 589 -25.45 21.30 18.62
N ILE F 590 -24.73 21.22 19.74
CA ILE F 590 -24.47 22.36 20.61
C ILE F 590 -23.12 22.98 20.33
N GLY F 591 -22.54 22.68 19.18
CA GLY F 591 -21.15 22.98 18.92
C GLY F 591 -20.24 21.89 19.47
N ASP F 592 -19.09 21.76 18.84
CA ASP F 592 -18.09 20.76 19.22
C ASP F 592 -16.74 21.23 18.72
N GLY F 593 -15.79 20.31 18.64
CA GLY F 593 -14.48 20.65 18.13
C GLY F 593 -14.48 20.93 16.63
N GLY F 594 -15.52 20.47 15.93
CA GLY F 594 -15.63 20.78 14.52
C GLY F 594 -16.03 22.23 14.31
N GLY F 595 -15.89 22.70 13.06
CA GLY F 595 -16.17 24.09 12.76
C GLY F 595 -17.62 24.33 12.39
N ALA F 596 -17.95 25.62 12.28
CA ALA F 596 -19.18 26.01 11.60
C ALA F 596 -19.04 25.85 10.09
N ALA F 597 -17.81 25.93 9.60
CA ALA F 597 -17.54 25.52 8.23
C ALA F 597 -17.31 24.02 8.17
N ASP F 598 -17.87 23.38 7.16
CA ASP F 598 -17.83 21.94 7.01
C ASP F 598 -17.13 21.59 5.70
N ARG F 599 -16.45 20.43 5.68
CA ARG F 599 -15.57 20.07 4.57
C ARG F 599 -16.34 19.96 3.24
N VAL F 600 -17.48 19.31 3.28
CA VAL F 600 -18.33 19.21 2.09
C VAL F 600 -18.84 20.58 1.70
N ILE F 601 -19.27 21.38 2.68
CA ILE F 601 -19.80 22.69 2.34
C ILE F 601 -18.66 23.63 1.96
N ASN F 602 -17.43 23.31 2.37
CA ASN F 602 -16.27 24.05 1.93
C ASN F 602 -16.03 23.85 0.45
N GLN F 603 -16.01 22.59 0.02
CA GLN F 603 -15.79 22.29 -1.39
C GLN F 603 -16.96 22.76 -2.25
N ILE F 604 -18.16 22.82 -1.67
CA ILE F 604 -19.30 23.42 -2.36
C ILE F 604 -19.09 24.90 -2.60
N LEU F 605 -18.55 25.62 -1.61
CA LEU F 605 -18.28 27.05 -1.80
C LEU F 605 -17.21 27.28 -2.83
N THR F 606 -16.18 26.44 -2.84
CA THR F 606 -15.12 26.55 -3.85
C THR F 606 -15.69 26.32 -5.24
N GLU F 607 -16.58 25.34 -5.41
CA GLU F 607 -17.14 25.10 -6.72
C GLU F 607 -18.13 26.17 -7.13
N MET F 608 -18.72 26.85 -6.15
CA MET F 608 -19.73 27.85 -6.49
C MET F 608 -19.08 29.17 -6.85
N ASP F 609 -17.87 29.41 -6.37
CA ASP F 609 -17.17 30.63 -6.78
C ASP F 609 -16.75 30.58 -8.24
N GLY F 610 -16.09 29.51 -8.65
CA GLY F 610 -15.60 29.42 -10.02
C GLY F 610 -16.65 28.99 -11.01
N MET F 611 -17.73 29.75 -11.13
CA MET F 611 -18.82 29.44 -12.03
C MET F 611 -19.16 30.66 -12.87
N SER F 612 -19.03 30.53 -14.18
CA SER F 612 -19.15 31.65 -15.09
C SER F 612 -20.61 32.02 -15.33
N THR F 613 -20.86 33.32 -15.42
CA THR F 613 -22.22 33.84 -15.51
C THR F 613 -22.83 33.67 -16.89
N LYS F 614 -22.03 33.34 -17.90
CA LYS F 614 -22.56 33.05 -19.23
C LYS F 614 -23.44 31.82 -19.21
N LYS F 615 -23.13 30.87 -18.33
CA LYS F 615 -24.00 29.75 -18.08
C LYS F 615 -25.27 30.20 -17.38
N ASN F 616 -26.31 29.38 -17.49
CA ASN F 616 -27.57 29.65 -16.82
C ASN F 616 -27.85 28.60 -15.77
N VAL F 617 -26.86 28.26 -14.98
CA VAL F 617 -27.05 27.34 -13.87
C VAL F 617 -27.42 28.14 -12.65
N PHE F 618 -28.53 27.78 -12.03
CA PHE F 618 -29.12 28.51 -10.92
C PHE F 618 -29.16 27.58 -9.71
N ILE F 619 -28.73 28.06 -8.56
CA ILE F 619 -28.55 27.21 -7.38
C ILE F 619 -29.55 27.60 -6.31
N ILE F 620 -30.22 26.60 -5.73
CA ILE F 620 -31.26 26.80 -4.72
C ILE F 620 -30.94 25.90 -3.54
N GLY F 621 -31.00 26.44 -2.33
CA GLY F 621 -30.74 25.63 -1.15
C GLY F 621 -31.94 25.48 -0.26
N ALA F 622 -31.85 24.64 0.76
CA ALA F 622 -32.93 24.43 1.72
C ALA F 622 -32.38 23.83 2.99
N THR F 623 -32.78 24.39 4.14
CA THR F 623 -32.47 23.81 5.43
C THR F 623 -33.58 24.15 6.41
N ASN F 624 -33.74 23.30 7.42
CA ASN F 624 -34.70 23.57 8.48
C ASN F 624 -34.04 23.67 9.85
N ARG F 625 -32.72 23.83 9.89
CA ARG F 625 -31.96 24.09 11.10
C ARG F 625 -31.08 25.31 10.84
N PRO F 626 -31.64 26.52 10.82
CA PRO F 626 -30.84 27.67 10.35
C PRO F 626 -29.82 28.20 11.35
N ASP F 627 -29.62 27.55 12.49
CA ASP F 627 -28.70 28.11 13.48
C ASP F 627 -27.29 27.59 13.29
N ILE F 628 -27.15 26.30 12.96
CA ILE F 628 -25.82 25.71 12.79
C ILE F 628 -25.34 25.82 11.34
N ILE F 629 -25.98 26.67 10.54
CA ILE F 629 -25.56 26.87 9.16
C ILE F 629 -24.19 27.54 9.14
N ASP F 630 -23.42 27.26 8.09
CA ASP F 630 -22.12 27.89 7.92
C ASP F 630 -22.32 29.38 7.64
N PRO F 631 -21.58 30.27 8.29
CA PRO F 631 -21.65 31.67 7.88
C PRO F 631 -21.05 31.94 6.52
N ALA F 632 -20.14 31.08 6.07
CA ALA F 632 -19.40 31.34 4.85
C ALA F 632 -20.24 31.06 3.61
N ILE F 633 -21.36 30.34 3.77
CA ILE F 633 -22.30 30.16 2.68
C ILE F 633 -22.92 31.50 2.30
N LEU F 634 -23.29 32.28 3.29
CA LEU F 634 -23.99 33.52 3.05
C LEU F 634 -22.95 34.62 2.91
N ARG F 635 -22.78 35.09 1.68
CA ARG F 635 -21.89 36.23 1.30
C ARG F 635 -22.28 36.65 -0.12
N PRO F 636 -22.26 37.93 -0.55
CA PRO F 636 -22.59 38.25 -1.95
C PRO F 636 -21.74 37.49 -2.97
N GLY F 637 -22.39 37.03 -4.04
CA GLY F 637 -21.75 36.17 -5.01
C GLY F 637 -21.94 34.70 -4.75
N ARG F 638 -22.79 34.35 -3.79
CA ARG F 638 -23.12 33.01 -3.37
C ARG F 638 -24.62 33.03 -3.10
N LEU F 639 -25.11 32.12 -2.27
CA LEU F 639 -26.53 32.08 -1.90
C LEU F 639 -26.90 33.38 -1.21
N ASP F 640 -27.57 34.27 -1.93
CA ASP F 640 -27.87 35.62 -1.45
C ASP F 640 -29.28 35.80 -0.94
N GLN F 641 -30.26 35.52 -1.77
CA GLN F 641 -31.63 35.95 -1.50
C GLN F 641 -32.29 35.09 -0.44
N LEU F 642 -32.10 35.40 0.84
CA LEU F 642 -32.71 34.61 1.91
C LEU F 642 -34.21 34.76 1.90
N ILE F 643 -34.93 33.65 1.84
CA ILE F 643 -36.38 33.63 1.92
C ILE F 643 -36.80 32.67 3.03
N TYR F 644 -37.47 33.20 4.04
CA TYR F 644 -38.05 32.41 5.11
C TYR F 644 -39.43 31.93 4.68
N ILE F 645 -39.67 30.63 4.74
CA ILE F 645 -40.96 30.05 4.38
C ILE F 645 -41.69 29.65 5.66
N PRO F 646 -42.82 30.28 5.99
CA PRO F 646 -43.42 30.12 7.31
C PRO F 646 -44.45 29.00 7.34
N LEU F 647 -45.10 28.85 8.50
CA LEU F 647 -46.24 27.95 8.60
C LEU F 647 -47.42 28.54 7.83
N PRO F 648 -48.26 27.72 7.21
CA PRO F 648 -49.31 28.27 6.36
C PRO F 648 -50.46 28.85 7.18
N ASP F 649 -51.14 29.85 6.61
CA ASP F 649 -52.32 30.43 7.22
C ASP F 649 -53.54 29.58 6.90
N GLU F 650 -54.71 30.01 7.37
CA GLU F 650 -55.89 29.13 7.28
C GLU F 650 -56.43 29.06 5.86
N LYS F 651 -56.30 30.15 5.09
CA LYS F 651 -56.66 30.06 3.68
C LYS F 651 -55.60 29.30 2.91
N SER F 652 -54.35 29.40 3.34
CA SER F 652 -53.30 28.52 2.82
C SER F 652 -53.57 27.07 3.17
N ARG F 653 -54.15 26.81 4.35
CA ARG F 653 -54.49 25.44 4.71
C ARG F 653 -55.66 24.92 3.90
N VAL F 654 -56.61 25.78 3.56
CA VAL F 654 -57.69 25.38 2.66
C VAL F 654 -57.14 25.07 1.27
N ALA F 655 -56.18 25.86 0.80
CA ALA F 655 -55.57 25.60 -0.50
C ALA F 655 -54.78 24.30 -0.51
N ILE F 656 -54.05 24.00 0.57
CA ILE F 656 -53.33 22.74 0.71
C ILE F 656 -54.29 21.55 0.68
N LEU F 657 -55.39 21.64 1.42
CA LEU F 657 -56.34 20.52 1.46
C LEU F 657 -57.10 20.38 0.14
N LYS F 658 -57.27 21.46 -0.61
CA LYS F 658 -57.78 21.33 -1.97
C LYS F 658 -56.73 20.69 -2.87
N ALA F 659 -55.45 20.89 -2.55
CA ALA F 659 -54.40 20.34 -3.40
C ALA F 659 -54.23 18.84 -3.23
N ASN F 660 -54.28 18.34 -2.00
CA ASN F 660 -54.03 16.92 -1.79
C ASN F 660 -55.20 16.06 -2.26
N LEU F 661 -56.41 16.62 -2.29
CA LEU F 661 -57.63 15.85 -2.49
C LEU F 661 -58.08 15.74 -3.94
N ARG F 662 -57.19 15.91 -4.90
CA ARG F 662 -57.64 15.95 -6.29
C ARG F 662 -57.67 14.56 -6.92
N LYS F 663 -56.83 13.65 -6.41
CA LYS F 663 -56.82 12.32 -6.98
C LYS F 663 -57.99 11.49 -6.50
N SER F 664 -58.40 11.67 -5.24
CA SER F 664 -59.46 10.81 -4.75
C SER F 664 -60.81 11.53 -4.85
N PRO F 665 -61.88 10.80 -5.17
CA PRO F 665 -63.20 11.44 -5.20
C PRO F 665 -63.78 11.54 -3.80
N VAL F 666 -64.25 12.73 -3.45
CA VAL F 666 -64.95 12.96 -2.19
C VAL F 666 -66.34 13.50 -2.49
N ALA F 667 -67.17 13.55 -1.46
CA ALA F 667 -68.57 13.91 -1.59
C ALA F 667 -68.75 15.41 -1.37
N LYS F 668 -70.01 15.82 -1.39
CA LYS F 668 -70.39 17.21 -1.25
C LYS F 668 -70.74 17.56 0.19
N ASP F 669 -70.66 16.60 1.11
CA ASP F 669 -71.00 16.81 2.52
C ASP F 669 -69.82 17.35 3.32
N VAL F 670 -68.66 17.40 2.73
CA VAL F 670 -67.44 17.75 3.45
C VAL F 670 -67.24 19.27 3.43
N ASP F 671 -66.75 19.80 4.56
CA ASP F 671 -66.40 21.21 4.69
C ASP F 671 -64.91 21.32 4.98
N LEU F 672 -64.19 22.00 4.11
CA LEU F 672 -62.75 22.15 4.30
C LEU F 672 -62.40 23.36 5.15
N GLU F 673 -63.29 24.34 5.23
CA GLU F 673 -62.99 25.57 5.97
C GLU F 673 -62.96 25.32 7.46
N PHE F 674 -63.97 24.60 7.97
CA PHE F 674 -63.98 24.18 9.38
C PHE F 674 -62.80 23.27 9.69
N LEU F 675 -62.43 22.43 8.73
CA LEU F 675 -61.34 21.48 8.94
C LEU F 675 -60.00 22.18 8.99
N ALA F 676 -59.85 23.30 8.28
CA ALA F 676 -58.66 24.13 8.46
C ALA F 676 -58.72 25.02 9.69
N LYS F 677 -59.93 25.37 10.14
CA LYS F 677 -60.07 26.15 11.37
C LYS F 677 -59.86 25.30 12.62
N MET F 678 -59.87 23.97 12.49
CA MET F 678 -59.50 23.13 13.62
C MET F 678 -57.97 23.06 13.81
N THR F 679 -57.21 23.00 12.71
CA THR F 679 -55.76 22.87 12.77
C THR F 679 -55.14 24.23 13.00
N ASN F 680 -54.14 24.30 13.89
CA ASN F 680 -53.48 25.57 14.22
C ASN F 680 -52.01 25.63 13.80
N GLY F 681 -51.18 24.74 14.34
CA GLY F 681 -49.78 24.66 13.98
C GLY F 681 -49.46 23.56 12.99
N PHE F 682 -50.47 23.09 12.26
CA PHE F 682 -50.33 21.93 11.41
C PHE F 682 -49.81 22.33 10.03
N SER F 683 -48.78 21.64 9.58
CA SER F 683 -48.08 21.91 8.33
C SER F 683 -48.82 21.28 7.16
N GLY F 684 -48.17 21.24 6.00
CA GLY F 684 -48.74 20.55 4.87
C GLY F 684 -48.62 19.05 4.98
N ALA F 685 -47.55 18.58 5.64
CA ALA F 685 -47.37 17.16 5.87
C ALA F 685 -48.44 16.60 6.78
N ASP F 686 -48.88 17.39 7.76
CA ASP F 686 -49.92 16.95 8.67
C ASP F 686 -51.28 16.89 8.00
N LEU F 687 -51.57 17.85 7.13
CA LEU F 687 -52.82 17.83 6.40
C LEU F 687 -52.85 16.68 5.39
N THR F 688 -51.68 16.35 4.82
CA THR F 688 -51.62 15.20 3.93
C THR F 688 -51.77 13.90 4.73
N GLU F 689 -51.27 13.88 5.96
CA GLU F 689 -51.47 12.75 6.85
C GLU F 689 -52.94 12.54 7.16
N ILE F 690 -53.68 13.62 7.39
CA ILE F 690 -55.12 13.54 7.65
C ILE F 690 -55.86 12.97 6.44
N CYS F 691 -55.58 13.48 5.24
CA CYS F 691 -56.24 12.96 4.04
C CYS F 691 -55.91 11.49 3.79
N GLN F 692 -54.67 11.09 4.08
CA GLN F 692 -54.26 9.70 3.87
C GLN F 692 -54.93 8.78 4.87
N ARG F 693 -55.09 9.24 6.12
CA ARG F 693 -55.84 8.51 7.13
C ARG F 693 -57.29 8.30 6.71
N ALA F 694 -57.91 9.32 6.13
CA ALA F 694 -59.30 9.20 5.68
C ALA F 694 -59.44 8.20 4.55
N CYS F 695 -58.49 8.20 3.61
CA CYS F 695 -58.57 7.22 2.52
C CYS F 695 -58.36 5.81 3.02
N LYS F 696 -57.53 5.64 4.05
CA LYS F 696 -57.32 4.31 4.58
C LYS F 696 -58.56 3.78 5.30
N LEU F 697 -59.28 4.67 6.00
CA LEU F 697 -60.54 4.26 6.64
C LEU F 697 -61.59 3.86 5.62
N ALA F 698 -61.66 4.59 4.50
CA ALA F 698 -62.61 4.23 3.46
C ALA F 698 -62.29 2.87 2.84
N ILE F 699 -61.01 2.56 2.68
CA ILE F 699 -60.64 1.26 2.10
C ILE F 699 -60.95 0.13 3.07
N ARG F 700 -60.81 0.39 4.38
CA ARG F 700 -61.20 -0.61 5.37
C ARG F 700 -62.68 -0.95 5.28
N GLU F 701 -63.54 0.08 5.22
CA GLU F 701 -64.98 -0.16 5.10
C GLU F 701 -65.34 -0.88 3.80
N SER F 702 -64.63 -0.57 2.71
CA SER F 702 -64.93 -1.24 1.45
C SER F 702 -64.61 -2.73 1.50
N ILE F 703 -63.47 -3.09 2.10
CA ILE F 703 -63.10 -4.50 2.13
C ILE F 703 -63.99 -5.29 3.08
N GLU F 704 -64.35 -4.67 4.22
CA GLU F 704 -65.25 -5.33 5.16
C GLU F 704 -66.66 -5.53 4.57
N SER F 705 -67.12 -4.57 3.76
CA SER F 705 -68.41 -4.74 3.09
C SER F 705 -68.38 -5.86 2.06
N GLU F 706 -67.28 -5.96 1.30
CA GLU F 706 -67.19 -7.07 0.34
C GLU F 706 -67.12 -8.42 1.04
N ILE F 707 -66.50 -8.48 2.23
CA ILE F 707 -66.47 -9.74 2.97
C ILE F 707 -67.86 -10.13 3.45
N ARG F 708 -68.67 -9.17 3.90
CA ARG F 708 -70.05 -9.49 4.28
C ARG F 708 -70.88 -9.96 3.09
N ARG F 709 -70.68 -9.36 1.91
CA ARG F 709 -71.40 -9.81 0.72
C ARG F 709 -71.01 -11.23 0.31
N GLU F 710 -69.72 -11.54 0.35
CA GLU F 710 -69.28 -12.88 -0.04
C GLU F 710 -69.72 -13.94 0.97
N ARG F 711 -69.77 -13.59 2.26
CA ARG F 711 -70.27 -14.55 3.24
C ARG F 711 -71.78 -14.74 3.12
N GLU F 712 -72.52 -13.68 2.76
CA GLU F 712 -73.95 -13.84 2.52
C GLU F 712 -74.23 -14.69 1.29
N ARG F 713 -73.43 -14.54 0.23
CA ARG F 713 -73.55 -15.43 -0.92
C ARG F 713 -73.15 -16.85 -0.59
N GLN F 714 -72.21 -17.04 0.35
CA GLN F 714 -71.88 -18.38 0.80
C GLN F 714 -73.02 -18.97 1.63
N THR F 715 -73.80 -18.13 2.31
CA THR F 715 -74.87 -18.61 3.18
C THR F 715 -75.99 -19.25 2.37
N ASN F 716 -76.40 -18.63 1.26
CA ASN F 716 -77.45 -19.18 0.40
C ASN F 716 -76.92 -19.27 -1.04
N PRO F 717 -76.07 -20.28 -1.33
CA PRO F 717 -75.48 -20.33 -2.67
C PRO F 717 -76.40 -20.98 -3.69
N SER F 718 -77.58 -21.41 -3.25
CA SER F 718 -78.55 -22.01 -4.15
C SER F 718 -79.14 -21.02 -5.12
N ALA F 719 -79.36 -19.77 -4.71
CA ALA F 719 -79.89 -18.74 -5.59
C ALA F 719 -78.78 -17.90 -6.22
N MET F 720 -78.01 -17.18 -5.39
CA MET F 720 -76.97 -16.22 -5.79
C MET F 720 -77.51 -15.22 -6.82
N GLU F 721 -78.45 -14.41 -6.36
CA GLU F 721 -79.24 -13.59 -7.27
C GLU F 721 -79.25 -12.10 -6.94
N VAL F 722 -78.28 -11.60 -6.17
CA VAL F 722 -78.31 -10.20 -5.77
C VAL F 722 -77.89 -9.28 -6.92
N GLU F 723 -76.76 -9.58 -7.57
CA GLU F 723 -76.17 -8.80 -8.67
C GLU F 723 -76.00 -7.33 -8.28
N GLU F 724 -75.26 -7.13 -7.19
CA GLU F 724 -75.18 -5.82 -6.56
C GLU F 724 -74.30 -4.87 -7.37
N ASP F 725 -74.43 -3.59 -7.05
CA ASP F 725 -73.60 -2.53 -7.57
C ASP F 725 -72.53 -2.17 -6.54
N ASP F 726 -71.80 -1.10 -6.80
CA ASP F 726 -70.67 -0.73 -5.97
C ASP F 726 -71.16 -0.05 -4.69
N PRO F 727 -70.83 -0.60 -3.52
CA PRO F 727 -71.42 -0.05 -2.28
C PRO F 727 -70.80 1.25 -1.85
N VAL F 728 -69.59 1.58 -2.31
CA VAL F 728 -68.94 2.83 -1.92
C VAL F 728 -68.05 3.33 -3.05
N PRO F 729 -68.41 4.43 -3.71
CA PRO F 729 -67.52 5.05 -4.70
C PRO F 729 -66.70 6.23 -4.20
N GLU F 730 -67.02 6.81 -3.05
CA GLU F 730 -66.42 8.06 -2.61
C GLU F 730 -66.28 8.07 -1.10
N ILE F 731 -65.64 9.12 -0.59
CA ILE F 731 -65.60 9.42 0.82
C ILE F 731 -66.75 10.38 1.10
N ARG F 732 -67.66 9.99 2.01
CA ARG F 732 -68.86 10.77 2.25
C ARG F 732 -68.62 11.93 3.22
N ARG F 733 -68.25 11.65 4.47
CA ARG F 733 -67.97 12.56 5.58
C ARG F 733 -67.55 11.62 6.69
N ASP F 734 -67.13 12.19 7.83
CA ASP F 734 -67.02 11.56 9.14
C ASP F 734 -65.83 10.60 9.25
N HIS F 735 -65.18 10.32 8.12
CA HIS F 735 -63.84 9.76 8.22
C HIS F 735 -62.87 10.85 8.62
N PHE F 736 -63.19 12.09 8.22
CA PHE F 736 -62.37 13.24 8.58
C PHE F 736 -62.48 13.56 10.06
N GLU F 737 -63.59 13.16 10.71
CA GLU F 737 -63.71 13.40 12.14
C GLU F 737 -62.82 12.45 12.94
N GLU F 738 -62.78 11.18 12.54
CA GLU F 738 -61.90 10.24 13.20
C GLU F 738 -60.44 10.57 12.90
N ALA F 739 -60.17 11.02 11.68
CA ALA F 739 -58.82 11.47 11.32
C ALA F 739 -58.42 12.72 12.09
N MET F 740 -59.38 13.61 12.34
CA MET F 740 -59.16 14.77 13.19
C MET F 740 -58.84 14.34 14.61
N ARG F 741 -59.45 13.26 15.06
CA ARG F 741 -59.15 12.74 16.39
C ARG F 741 -57.74 12.17 16.47
N PHE F 742 -57.27 11.55 15.38
CA PHE F 742 -55.94 10.91 15.44
C PHE F 742 -54.81 11.94 15.45
N ALA F 743 -55.05 13.14 14.92
CA ALA F 743 -53.96 14.04 14.52
C ALA F 743 -53.18 14.57 15.71
N ARG F 744 -51.86 14.68 15.55
CA ARG F 744 -50.99 15.31 16.54
C ARG F 744 -50.14 16.37 15.86
N ARG F 745 -49.77 17.40 16.62
CA ARG F 745 -49.07 18.55 16.08
C ARG F 745 -47.60 18.20 15.86
N SER F 746 -46.98 18.86 14.87
CA SER F 746 -45.62 18.50 14.51
C SER F 746 -44.60 19.49 15.08
N VAL F 747 -44.93 20.76 15.16
CA VAL F 747 -43.99 21.80 15.60
C VAL F 747 -44.59 22.53 16.80
N SER F 748 -43.85 22.58 17.91
CA SER F 748 -44.32 23.26 19.11
C SER F 748 -44.16 24.77 18.96
N ASP F 749 -44.73 25.52 19.91
CA ASP F 749 -44.79 26.98 19.76
C ASP F 749 -43.48 27.65 20.16
N ASN F 750 -42.72 27.01 21.06
CA ASN F 750 -41.36 27.49 21.36
C ASN F 750 -40.48 27.45 20.12
N ASP F 751 -40.62 26.40 19.32
CA ASP F 751 -39.88 26.31 18.08
C ASP F 751 -40.36 27.36 17.09
N ILE F 752 -41.65 27.71 17.11
CA ILE F 752 -42.15 28.69 16.16
C ILE F 752 -41.62 30.08 16.49
N ARG F 753 -41.53 30.41 17.77
CA ARG F 753 -40.94 31.72 18.09
C ARG F 753 -39.43 31.73 17.86
N LYS F 754 -38.77 30.57 18.01
CA LYS F 754 -37.35 30.51 17.66
C LYS F 754 -37.14 30.69 16.15
N TYR F 755 -38.03 30.12 15.33
CA TYR F 755 -37.91 30.33 13.89
C TYR F 755 -38.26 31.77 13.52
N GLU F 756 -39.13 32.42 14.28
CA GLU F 756 -39.37 33.84 14.02
C GLU F 756 -38.13 34.69 14.32
N MET F 757 -37.42 34.35 15.39
CA MET F 757 -36.24 35.11 15.76
C MET F 757 -35.07 34.85 14.81
N PHE F 758 -35.02 33.67 14.19
CA PHE F 758 -34.05 33.48 13.10
C PHE F 758 -34.58 34.03 11.79
N ALA F 759 -35.89 34.23 11.69
CA ALA F 759 -36.46 34.73 10.46
C ALA F 759 -36.14 36.20 10.30
N GLN F 760 -36.14 36.95 11.38
CA GLN F 760 -35.85 38.38 11.25
C GLN F 760 -34.37 38.64 10.97
N THR F 761 -33.49 38.03 11.75
CA THR F 761 -32.06 38.36 11.71
C THR F 761 -31.21 37.08 11.66
N LEU F 762 -30.96 36.59 10.45
CA LEU F 762 -29.98 35.53 10.20
C LEU F 762 -28.74 36.06 9.51
N GLN F 763 -28.86 37.15 8.76
CA GLN F 763 -27.75 37.77 8.05
C GLN F 763 -26.68 38.31 9.00
N GLN F 764 -27.02 38.59 10.26
CA GLN F 764 -26.06 39.09 11.23
C GLN F 764 -25.18 38.00 11.82
N SER F 765 -25.26 36.76 11.31
CA SER F 765 -24.51 35.66 11.92
C SER F 765 -23.10 35.56 11.38
N ARG F 766 -22.77 36.42 10.40
CA ARG F 766 -21.44 36.38 9.71
C ARG F 766 -20.28 36.73 10.64
N GLY F 767 -20.44 37.74 11.49
CA GLY F 767 -19.36 38.24 12.33
C GLY F 767 -19.09 37.32 13.49
N PHE F 768 -19.09 37.89 14.70
CA PHE F 768 -18.96 37.07 15.90
C PHE F 768 -20.25 36.30 16.16
N GLY F 769 -20.11 35.14 16.79
CA GLY F 769 -21.26 34.36 17.22
C GLY F 769 -22.01 33.67 16.09
PG AGS G . -18.65 -26.01 -4.31
S1G AGS G . -17.42 -26.54 -2.92
O2G AGS G . -18.25 -26.65 -5.65
O3G AGS G . -18.58 -24.48 -4.43
PB AGS G . -20.80 -27.56 -4.79
O1B AGS G . -19.95 -28.07 -5.85
O2B AGS G . -22.11 -26.92 -5.26
O3B AGS G . -20.10 -26.42 -3.98
PA AGS G . -21.27 -30.16 -4.36
O1A AGS G . -19.92 -30.64 -4.45
O2A AGS G . -22.08 -30.24 -5.63
O3A AGS G . -21.31 -28.69 -3.87
O5' AGS G . -21.96 -30.98 -3.25
C5' AGS G . -21.23 -31.92 -2.49
C4' AGS G . -22.16 -33.04 -2.11
O4' AGS G . -23.25 -32.50 -1.35
C3' AGS G . -22.83 -33.72 -3.28
O3' AGS G . -21.99 -34.78 -3.74
C2' AGS G . -24.09 -34.30 -2.66
O2' AGS G . -23.73 -35.54 -2.06
C1' AGS G . -24.40 -33.29 -1.55
N9 AGS G . -25.51 -32.38 -1.82
C8 AGS G . -25.43 -31.02 -1.81
N7 AGS G . -26.57 -30.43 -2.05
C5 AGS G . -27.46 -31.46 -2.23
C6 AGS G . -28.83 -31.49 -2.53
N6 AGS G . -29.57 -30.39 -2.69
N1 AGS G . -29.41 -32.69 -2.64
C2 AGS G . -28.68 -33.79 -2.48
N3 AGS G . -27.39 -33.88 -2.19
C4 AGS G . -26.82 -32.67 -2.09
MG MG H . -18.42 -27.65 -7.49
PG AGS I . -35.28 -6.87 24.52
S1G AGS I . -35.11 -7.66 26.28
O2G AGS I . -34.93 -7.94 23.46
O3G AGS I . -34.32 -5.66 24.38
PB AGS I . -37.61 -7.09 23.23
O1B AGS I . -36.85 -7.30 21.99
O2B AGS I . -38.88 -6.26 23.10
O3B AGS I . -36.72 -6.34 24.26
PA AGS I . -38.52 -9.60 22.88
O1A AGS I . -37.43 -10.12 22.07
O2A AGS I . -39.68 -9.01 22.09
O3A AGS I . -38.05 -8.47 23.83
O5' AGS I . -38.97 -10.74 23.84
C5' AGS I . -38.17 -11.09 24.97
C4' AGS I . -38.93 -12.05 25.86
O4' AGS I . -40.20 -11.48 26.21
C3' AGS I . -39.22 -13.42 25.25
O3' AGS I . -38.99 -14.44 26.22
C2' AGS I . -40.70 -13.36 24.92
O2' AGS I . -41.28 -14.64 25.02
C1' AGS I . -41.22 -12.44 26.02
N9 AGS I . -42.44 -11.73 25.72
C8 AGS I . -42.61 -10.37 25.72
N7 AGS I . -43.82 -9.98 25.42
C5 AGS I . -44.51 -11.15 25.21
C6 AGS I . -45.84 -11.42 24.84
N6 AGS I . -46.74 -10.46 24.64
N1 AGS I . -46.21 -12.71 24.69
C2 AGS I . -45.29 -13.67 24.90
N3 AGS I . -44.01 -13.53 25.25
C4 AGS I . -43.68 -12.24 25.38
MG MG J . -35.42 -8.32 20.46
PG AGS K . 7.33 -28.81 12.64
S1G AGS K . 8.85 -27.71 13.06
O2G AGS K . 7.66 -29.75 11.46
O3G AGS K . 6.18 -27.87 12.21
PB AGS K . 7.08 -31.20 13.84
O1B AGS K . 7.67 -31.67 12.60
O2B AGS K . 5.70 -31.76 14.14
O3B AGS K . 6.87 -29.66 13.83
PA AGS K . 8.89 -32.85 14.92
O1A AGS K . 10.02 -32.49 14.13
O2A AGS K . 8.10 -34.05 14.44
O3A AGS K . 7.90 -31.67 15.07
O5' AGS K . 9.41 -33.11 16.35
C5' AGS K . 10.78 -32.89 16.67
C4' AGS K . 11.18 -33.88 17.72
O4' AGS K . 10.34 -33.69 18.88
C3' AGS K . 10.96 -35.32 17.34
O3' AGS K . 12.12 -35.80 16.68
C2' AGS K . 10.82 -36.01 18.69
O2' AGS K . 12.13 -36.27 19.16
C1' AGS K . 10.19 -34.93 19.56
N9 AGS K . 8.78 -35.09 19.86
C8 AGS K . 7.80 -34.18 19.57
N7 AGS K . 6.61 -34.54 19.95
C5 AGS K . 6.81 -35.78 20.55
C6 AGS K . 5.94 -36.69 21.15
N6 AGS K . 4.62 -36.49 21.27
N1 AGS K . 6.46 -37.83 21.63
C2 AGS K . 7.78 -38.04 21.51
N3 AGS K . 8.69 -37.25 20.97
C4 AGS K . 8.14 -36.13 20.50
MG MG L . 7.79 -31.51 10.31
PG AGS M . -8.71 -9.36 41.58
S1G AGS M . -7.51 -8.78 42.99
O2G AGS M . -7.99 -10.46 40.75
O3G AGS M . -9.08 -8.16 40.68
PB AGS M . -10.28 -11.47 42.04
O1B AGS M . -10.04 -11.90 40.66
O2B AGS M . -11.70 -11.69 42.55
O3B AGS M . -10.03 -9.94 42.16
PA AGS M . -9.04 -13.73 42.76
O1A AGS M . -8.23 -13.94 41.58
O2A AGS M . -10.40 -14.42 42.75
O3A AGS M . -9.33 -12.22 43.02
O5' AGS M . -8.17 -14.16 43.99
C5' AGS M . -7.11 -13.32 44.46
C4' AGS M . -6.58 -13.83 45.77
O4' AGS M . -7.66 -13.95 46.71
C3' AGS M . -5.89 -15.18 45.72
O3' AGS M . -4.71 -15.16 46.52
C2' AGS M . -6.92 -16.13 46.34
O2' AGS M . -6.27 -17.19 47.00
C1' AGS M . -7.59 -15.20 47.35
N9 AGS M . -8.95 -15.58 47.73
C8 AGS M . -10.06 -14.80 47.58
N7 AGS M . -11.16 -15.36 48.01
C5 AGS M . -10.75 -16.60 48.47
C6 AGS M . -11.44 -17.68 49.04
N6 AGS M . -12.75 -17.68 49.26
N1 AGS M . -10.73 -18.78 49.38
C2 AGS M . -9.41 -18.78 49.16
N3 AGS M . -8.65 -17.82 48.64
C4 AGS M . -9.38 -16.74 48.31
MG MG N . -8.86 -12.63 38.78
PG AGS O . 29.66 -7.20 10.58
S1G AGS O . 29.85 -5.44 9.79
O2G AGS O . 30.23 -8.28 9.64
O3G AGS O . 28.15 -7.45 10.77
PB AGS O . 31.66 -8.16 12.10
O1B AGS O . 32.00 -8.84 10.85
O2B AGS O . 31.34 -9.08 13.26
O3B AGS O . 30.38 -7.31 11.95
PA AGS O . 34.28 -7.63 12.14
O1A AGS O . 34.45 -7.25 10.77
O2A AGS O . 34.58 -9.08 12.46
O3A AGS O . 32.85 -7.33 12.64
O5' AGS O . 35.20 -6.71 12.97
C5' AGS O . 35.92 -5.67 12.36
C4' AGS O . 37.21 -5.48 13.11
O4' AGS O . 36.91 -5.17 14.48
C3' AGS O . 38.06 -6.73 13.22
O3' AGS O . 38.92 -6.79 12.08
C2' AGS O . 38.88 -6.47 14.47
O2' AGS O . 39.99 -5.68 14.09
C1' AGS O . 37.94 -5.64 15.33
N9 AGS O . 37.31 -6.33 16.44
C8 AGS O . 35.97 -6.43 16.65
N7 AGS O . 35.65 -7.09 17.74
C5 AGS O . 36.86 -7.43 18.29
C6 AGS O . 37.21 -8.13 19.45
N6 AGS O . 36.31 -8.63 20.30
N1 AGS O . 38.52 -8.30 19.72
C2 AGS O . 39.41 -7.80 18.87
N3 AGS O . 39.21 -7.11 17.75
C4 AGS O . 37.90 -6.97 17.51
MG MG P . 31.30 -9.95 8.98
PG AGS Q . 13.77 12.83 39.22
S1G AGS Q . 14.45 14.63 39.48
O2G AGS Q . 14.79 12.05 38.34
O3G AGS Q . 12.39 12.88 38.54
PB AGS Q . 14.56 10.91 40.91
O1B AGS Q . 14.63 9.99 39.76
O2B AGS Q . 14.04 10.31 42.19
O3B AGS Q . 13.59 12.09 40.57
PA AGS Q . 17.21 10.55 41.13
O1A AGS Q . 17.51 10.19 39.75
O2A AGS Q . 16.92 9.39 42.06
O3A AGS Q . 15.97 11.49 41.23
O5' AGS Q . 18.40 11.43 41.63
C5' AGS Q . 18.52 12.79 41.20
C4' AGS Q . 19.60 13.49 41.99
O4' AGS Q . 19.32 13.38 43.39
C3' AGS Q . 21.02 12.98 41.78
O3' AGS Q . 21.92 14.07 41.68
C2' AGS Q . 21.29 12.19 43.05
O2' AGS Q . 22.68 12.23 43.36
C1' AGS Q . 20.49 12.97 44.07
N9 AGS Q . 20.08 12.23 45.26
C8 AGS Q . 18.79 12.04 45.68
N7 AGS Q . 18.68 11.34 46.77
C5 AGS Q . 19.99 11.04 47.10
C6 AGS Q . 20.57 10.31 48.16
N6 AGS Q . 19.84 9.73 49.13
N1 AGS Q . 21.91 10.19 48.19
C2 AGS Q . 22.62 10.77 47.22
N3 AGS Q . 22.20 11.48 46.19
C4 AGS Q . 20.86 11.58 46.18
MG MG R . 15.35 9.11 37.73
PG AGS S . 26.00 17.21 -8.41
S1G AGS S . 24.57 17.98 -9.46
O2G AGS S . 26.89 16.31 -9.30
O3G AGS S . 25.36 16.36 -7.31
PB AGS S . 28.34 18.52 -8.28
O1B AGS S . 28.72 17.58 -9.32
O2B AGS S . 29.19 18.43 -7.01
O3B AGS S . 26.89 18.29 -7.77
PA AGS S . 29.51 20.28 -9.92
O1A AGS S . 28.93 19.84 -11.15
O2A AGS S . 30.87 19.71 -9.59
O3A AGS S . 28.58 19.98 -8.72
O5' AGS S . 29.61 21.82 -9.99
C5' AGS S . 29.07 22.52 -11.09
C4' AGS S . 29.91 23.75 -11.33
O4' AGS S . 29.88 24.55 -10.13
C3' AGS S . 31.38 23.47 -11.53
O3' AGS S . 31.61 23.25 -12.92
C2' AGS S . 32.04 24.78 -11.10
O2' AGS S . 31.98 25.66 -12.22
C1' AGS S . 31.09 25.28 -10.02
N9 AGS S . 31.56 25.14 -8.65
C8 AGS S . 30.90 24.47 -7.66
N7 AGS S . 31.51 24.50 -6.51
C5 AGS S . 32.64 25.25 -6.74
C6 AGS S . 33.71 25.64 -5.93
N6 AGS S . 33.80 25.32 -4.63
N1 AGS S . 34.68 26.38 -6.48
C2 AGS S . 34.60 26.70 -7.78
N3 AGS S . 33.64 26.39 -8.64
C4 AGS S . 32.69 25.65 -8.06
MG MG T . 28.60 15.45 -10.15
PG AGS U . 9.69 37.51 19.79
S1G AGS U . 8.81 39.16 19.25
O2G AGS U . 10.62 37.06 18.63
O3G AGS U . 8.64 36.42 20.08
PB AGS U . 12.08 37.67 20.97
O1B AGS U . 12.49 36.48 20.20
O2B AGS U . 12.60 37.73 22.40
O3B AGS U . 10.53 37.71 21.08
PA AGS U . 13.99 38.98 19.60
O1A AGS U . 14.04 38.13 18.43
O2A AGS U . 14.96 38.61 20.71
O3A AGS U . 12.58 38.97 20.26
O5' AGS U . 14.17 40.45 19.12
C5' AGS U . 13.09 41.13 18.45
C4' AGS U . 13.43 42.59 18.30
O4' AGS U . 13.75 43.16 19.57
C3' AGS U . 14.60 42.91 17.37
O3' AGS U . 14.29 44.02 16.55
C2' AGS U . 15.72 43.26 18.34
O2' AGS U . 16.59 44.21 17.73
C1' AGS U . 14.94 43.91 19.47
N9 AGS U . 15.60 43.88 20.77
C8 AGS U . 15.10 43.32 21.91
N7 AGS U . 15.88 43.44 22.95
C5 AGS U . 16.97 44.13 22.47
C6 AGS U . 18.16 44.56 23.08
N6 AGS U . 18.45 44.36 24.36
N1 AGS U . 19.06 45.22 22.31
C2 AGS U . 18.77 45.43 21.02
N3 AGS U . 17.68 45.07 20.34
C4 AGS U . 16.82 44.42 21.13
MG MG V . 13.01 35.16 18.35
PG AGS W . 0.02 20.01 -25.34
S1G AGS W . -1.70 19.15 -25.43
O2G AGS W . 0.98 19.41 -26.40
O3G AGS W . 0.60 19.76 -23.94
PB AGS W . 0.46 22.17 -26.89
O1B AGS W . 1.09 21.18 -27.75
O2B AGS W . 1.40 23.27 -26.41
O3B AGS W . -0.09 21.53 -25.58
PA AGS W . -0.65 22.97 -29.19
O1A AGS W . -1.02 21.69 -29.71
O2A AGS W . 0.69 23.52 -29.65
O3A AGS W . -0.62 22.97 -27.64
O5' AGS W . -1.76 23.96 -29.57
C5' AGS W . -2.93 23.49 -30.24
C4' AGS W . -3.43 24.59 -31.14
O4' AGS W . -3.72 25.75 -30.35
C3' AGS W . -2.40 25.07 -32.15
O3' AGS W . -2.51 24.27 -33.32
C2' AGS W . -2.88 26.48 -32.45
O2' AGS W . -3.89 26.39 -33.43
C1' AGS W . -3.51 26.91 -31.13
N9 AGS W . -2.73 27.85 -30.32
C8 AGS W . -2.34 27.63 -29.03
N7 AGS W . -1.67 28.62 -28.51
C5 AGS W . -1.62 29.57 -29.52
C6 AGS W . -1.06 30.84 -29.60
N6 AGS W . -0.39 31.42 -28.60
N1 AGS W . -1.19 31.52 -30.76
C2 AGS W . -1.86 30.95 -31.76
N3 AGS W . -2.44 29.75 -31.80
C4 AGS W . -2.28 29.10 -30.64
MG MG X . 2.39 19.30 -27.94
PG AGS Y . -16.87 40.04 2.71
S1G AGS Y . -18.78 40.30 2.55
O2G AGS Y . -16.31 39.60 1.35
O3G AGS Y . -16.59 38.95 3.78
PB AGS Y . -15.24 42.07 2.16
O1B AGS Y . -14.32 41.10 1.54
O2B AGS Y . -14.57 43.19 2.94
O3B AGS Y . -16.15 41.33 3.17
PA AGS Y . -15.49 43.14 -0.29
O1A AGS Y . -15.15 41.97 -1.09
O2A AGS Y . -14.32 44.06 0.05
O3A AGS Y . -16.12 42.76 1.08
O5' AGS Y . -16.62 43.90 -1.05
C5' AGS Y . -17.96 43.38 -1.03
C4' AGS Y . -18.92 44.39 -1.62
O4' AGS Y . -18.79 45.65 -0.93
C3' AGS Y . -18.72 44.69 -3.11
O3' AGS Y . -19.99 44.77 -3.76
C2' AGS Y . -18.05 46.06 -3.10
O2' AGS Y . -18.42 46.78 -4.27
C1' AGS Y . -18.67 46.70 -1.87
N9 AGS Y . -17.89 47.77 -1.26
C8 AGS Y . -17.44 47.78 0.04
N7 AGS Y . -16.77 48.86 0.36
C5 AGS Y . -16.78 49.60 -0.81
C6 AGS Y . -16.23 50.85 -1.14
N6 AGS Y . -15.54 51.60 -0.28
N1 AGS Y . -16.42 51.32 -2.39
C2 AGS Y . -17.11 50.57 -3.25
N3 AGS Y . -17.68 49.38 -3.06
C4 AGS Y . -17.47 48.95 -1.80
MG MG Z . -13.55 39.50 0.02
PG AGS AA . -22.31 -1.60 -23.30
S1G AGS AA . -22.70 -3.12 -22.17
O2G AGS AA . -21.60 -2.07 -24.59
O3G AGS AA . -21.37 -0.67 -22.51
PB AGS AA . -24.12 -0.87 -25.16
O1B AGS AA . -23.24 -1.65 -26.02
O2B AGS AA . -24.25 0.59 -25.54
O3B AGS AA . -23.59 -0.83 -23.70
PA AGS AA . -26.04 -2.25 -26.42
O1A AGS AA . -25.44 -3.55 -26.37
O2A AGS AA . -25.79 -1.45 -27.68
O3A AGS AA . -25.58 -1.38 -25.22
O5' AGS AA . -27.55 -2.45 -26.21
C5' AGS AA . -28.08 -3.73 -25.94
C4' AGS AA . -29.45 -3.81 -26.55
O4' AGS AA . -30.28 -2.78 -25.97
C3' AGS AA . -29.51 -3.52 -28.03
O3' AGS AA . -29.30 -4.74 -28.74
C2' AGS AA . -30.93 -3.05 -28.22
O2' AGS AA . -31.75 -4.20 -28.37
C1' AGS AA . -31.26 -2.37 -26.90
N9 AGS AA . -31.26 -0.91 -26.92
C8 AGS AA . -30.50 -0.12 -26.11
N7 AGS AA . -30.71 1.17 -26.30
C5 AGS AA . -31.68 1.22 -27.27
C6 AGS AA . -32.32 2.28 -27.91
N6 AGS AA . -32.08 3.56 -27.63
N1 AGS AA . -33.25 1.98 -28.84
C2 AGS AA . -33.49 0.71 -29.12
N3 AGS AA . -32.95 -0.38 -28.58
C4 AGS AA . -32.04 -0.06 -27.66
MG MG BA . -21.11 -2.25 -26.62
PG AGS CA . -39.36 17.82 5.08
S1G AGS CA . -40.75 16.87 6.06
O2G AGS CA . -39.10 17.06 3.75
O3G AGS CA . -38.07 17.88 5.93
PB AGS CA . -40.09 19.66 3.29
O1B AGS CA . -39.00 19.19 2.43
O2B AGS CA . -40.31 21.16 3.30
O3B AGS CA . -39.78 19.27 4.77
PA AGS CA . -41.74 18.83 1.35
O1A AGS CA . -40.90 17.82 0.75
O2A AGS CA . -41.64 20.22 0.75
O3A AGS CA . -41.44 19.02 2.87
O5' AGS CA . -43.21 18.28 1.32
C5' AGS CA . -43.60 17.25 2.23
C4' AGS CA . -45.10 17.05 2.17
O4' AGS CA . -45.77 18.30 2.40
C3' AGS CA . -45.63 16.51 0.84
O3' AGS CA . -46.63 15.52 1.09
C2' AGS CA . -46.27 17.73 0.20
O2' AGS CA . -47.36 17.34 -0.62
C1' AGS CA . -46.76 18.49 1.42
N9 AGS CA . -46.93 19.93 1.23
C8 AGS CA . -46.30 20.91 1.95
N7 AGS CA . -46.63 22.13 1.59
C5 AGS CA . -47.52 21.94 0.57
C6 AGS CA . -48.24 22.84 -0.24
N6 AGS CA . -48.14 24.17 -0.13
N1 AGS CA . -49.06 22.33 -1.19
C2 AGS CA . -49.14 20.99 -1.30
N3 AGS CA . -48.53 20.05 -0.59
C4 AGS CA . -47.73 20.59 0.34
MG MG DA . -37.77 17.73 1.08
#